data_6U59
#
_entry.id   6U59
#
loop_
_entity.id
_entity.type
_entity.pdbx_description
1 polymer 'SOSIP.664 gp120,SOSIP.664 gp120'
2 polymer 'SOSIP.664 gp41'
3 polymer 'rabbit antibody 13B Fragment antigen binding light chain'
4 polymer 'rabbit antibody 13B Fragment antigen binding heavy chain'
5 branched 2-acetamido-2-deoxy-beta-D-glucopyranose-(1-4)-2-acetamido-2-deoxy-beta-D-glucopyranose
6 branched beta-D-mannopyranose-(1-4)-2-acetamido-2-deoxy-beta-D-glucopyranose-(1-4)-2-acetamido-2-deoxy-beta-D-glucopyranose
7 branched alpha-D-mannopyranose-(1-3)-beta-D-mannopyranose-(1-4)-2-acetamido-2-deoxy-beta-D-glucopyranose-(1-4)-2-acetamido-2-deoxy-beta-D-glucopyranose
8 non-polymer 2-acetamido-2-deoxy-beta-D-glucopyranose
#
loop_
_entity_poly.entity_id
_entity_poly.type
_entity_poly.pdbx_seq_one_letter_code
_entity_poly.pdbx_strand_id
1 'polypeptide(L)'
;MDAMKRGLCCVLLLCGAVFVSPSQEIHARFRRGARAAKKWVTVYYGVPVWKEATTTLFCASDAKAYDTEVHNVWATHACV
PTDPNPQEIVLGNVTENFNMWKNNMVEQMHEDIISLWDQSLKPCVKLTPLCVTLNCNNVNTNNTNNSTNATISDWEKMET
GEMKNCSFNVTTSIRDKIKKEYALFYKLDVVPLENKNNINNTNITNYRLINCNTSVITQACPKVSFEPIPIHYCAPAGFA
ILKCNSKTFNGSGPCTNVSTVQCTHGIRPVVSTQLLLNGSLAEEEIVIRSENITDNAKTIIVQLNEAVEINCTRPNNNTR
KSIHIGPGRAFYATGDIIGNIRQAHCNISKARWNETLGQIVAKLEEQFPNKTIIFNHSSGGDPEIVTHSFNCGGEFFYCN
TTPLFNSTWNNTRTDDYPTGGEQNITLQCRIKQIINMWQGVGKAMYAPPIRGQIRCSSNITGLLLTRDGGRDQNGTETFR
PGGGNMRDNWRSELYKYKVVKIEPLGIAPTACKRRVVQRRRRRR
;
A,C,G
2 'polypeptide(L)'
;AVGLGAFILGFLGAAGSTMGAASMALTVQARLLLSGIVQQQNNLLRAPEAQQHMLQLTVWGIKQLQARVLAVERYLRDQQ
LLGIWGCSGKIICCTNVPWNDSWSNKTINEIWDNMTWMQWEKEIDNYTQHIYTLLEVSQIQQEKNEQELLELD
;
B,D,I
3 'polypeptide(L)'
;DIVMTQTPASVSEPVGGTVTINCQASQSRGNNYLSWYQQKPGQSPSLLIYRTSTLASGVPSRFKGSGSGTQFTLTISDLE
CADAATYYCLYGYYSSRNPDFAFGGGTEVVVK
;
L,E,J
4 'polypeptide(L)'
;LEESGGGLVQPEGSLTLTCKASGFDFSDYHVQWVRQSPGKGLEFIGGIAYTGNIYYASWAKGRFTISKTSSTTVTLQMTT
LTAADTATYFCARAYGYASAPYAQYFNLWGPGTLVTVSS
;
H,F,K
#
loop_
_chem_comp.id
_chem_comp.type
_chem_comp.name
_chem_comp.formula
BMA D-saccharide, beta linking beta-D-mannopyranose 'C6 H12 O6'
MAN D-saccharide, alpha linking alpha-D-mannopyranose 'C6 H12 O6'
NAG D-saccharide, beta linking 2-acetamido-2-deoxy-beta-D-glucopyranose 'C8 H15 N O6'
#
# COMPACT_ATOMS: atom_id res chain seq x y z
N ALA A 36 33.73 -10.44 43.15
CA ALA A 36 34.90 -10.84 42.39
C ALA A 36 34.83 -10.27 40.99
N ALA A 37 33.64 -9.84 40.63
CA ALA A 37 33.38 -9.26 39.32
C ALA A 37 32.22 -8.29 39.39
N LYS A 38 32.21 -7.34 38.49
CA LYS A 38 31.08 -6.45 38.41
C LYS A 38 30.11 -7.00 37.40
N LYS A 39 28.84 -6.72 37.60
CA LYS A 39 27.87 -7.10 36.60
C LYS A 39 27.75 -5.94 35.62
N TRP A 40 27.62 -6.28 34.35
CA TRP A 40 27.49 -5.35 33.23
C TRP A 40 26.20 -5.60 32.46
N VAL A 41 25.67 -4.57 31.82
CA VAL A 41 24.45 -4.78 31.02
C VAL A 41 24.79 -5.29 29.64
N THR A 42 24.19 -6.41 29.24
CA THR A 42 24.41 -6.94 27.89
C THR A 42 23.11 -7.14 27.15
N VAL A 43 23.20 -7.06 25.83
CA VAL A 43 22.01 -7.18 25.01
C VAL A 43 21.99 -8.47 24.23
N TYR A 44 20.90 -9.19 24.37
CA TYR A 44 20.72 -10.43 23.64
C TYR A 44 19.67 -10.28 22.57
N TYR A 45 19.98 -10.70 21.36
CA TYR A 45 18.97 -10.62 20.32
C TYR A 45 18.59 -12.01 19.87
N GLY A 46 17.29 -12.29 19.87
CA GLY A 46 16.77 -13.60 19.54
C GLY A 46 16.21 -14.21 20.81
N VAL A 47 15.82 -13.33 21.72
CA VAL A 47 15.26 -13.69 23.00
C VAL A 47 13.82 -14.23 22.86
N PRO A 48 13.54 -15.42 23.36
CA PRO A 48 12.29 -16.13 23.24
C PRO A 48 11.18 -15.64 24.13
N VAL A 49 10.75 -14.40 23.95
CA VAL A 49 9.68 -13.88 24.77
C VAL A 49 8.59 -13.29 23.92
N TRP A 50 7.40 -13.18 24.49
CA TRP A 50 6.28 -12.64 23.77
C TRP A 50 5.23 -12.02 24.65
N LYS A 51 4.37 -11.26 24.02
CA LYS A 51 3.23 -10.64 24.67
C LYS A 51 1.99 -10.79 23.82
N GLU A 52 0.83 -10.86 24.45
CA GLU A 52 -0.40 -10.95 23.69
C GLU A 52 -0.59 -9.73 22.82
N ALA A 53 -0.99 -9.94 21.58
CA ALA A 53 -1.20 -8.81 20.68
C ALA A 53 -2.21 -9.13 19.61
N THR A 54 -2.89 -8.11 19.12
CA THR A 54 -3.80 -8.33 18.01
C THR A 54 -3.29 -7.60 16.80
N THR A 55 -3.20 -8.33 15.71
CA THR A 55 -2.75 -7.77 14.45
C THR A 55 -3.58 -8.25 13.31
N THR A 56 -3.23 -7.79 12.13
CA THR A 56 -3.90 -8.19 10.90
C THR A 56 -3.29 -9.48 10.42
N LEU A 57 -4.11 -10.47 10.16
CA LEU A 57 -3.63 -11.74 9.67
C LEU A 57 -3.86 -11.81 8.18
N PHE A 58 -3.10 -12.63 7.49
CA PHE A 58 -3.32 -12.78 6.05
C PHE A 58 -3.65 -14.22 5.78
N CYS A 59 -4.25 -14.50 4.65
CA CYS A 59 -4.64 -15.86 4.37
C CYS A 59 -3.74 -16.61 3.43
N ALA A 60 -3.80 -17.92 3.55
CA ALA A 60 -3.10 -18.79 2.64
C ALA A 60 -3.92 -20.02 2.27
N SER A 61 -3.67 -20.55 1.07
CA SER A 61 -4.33 -21.74 0.55
C SER A 61 -3.43 -22.96 0.48
N THR A 68 -9.76 -24.72 -12.27
CA THR A 68 -9.94 -24.14 -10.95
C THR A 68 -10.43 -22.72 -11.09
N GLU A 69 -10.78 -22.35 -12.30
CA GLU A 69 -11.24 -20.99 -12.58
C GLU A 69 -12.71 -20.85 -12.25
N VAL A 70 -13.00 -20.93 -10.96
CA VAL A 70 -14.36 -20.88 -10.45
C VAL A 70 -14.58 -19.66 -9.56
N HIS A 71 -13.57 -18.80 -9.49
CA HIS A 71 -13.70 -17.57 -8.72
C HIS A 71 -14.22 -17.82 -7.33
N ASN A 72 -13.63 -18.76 -6.61
CA ASN A 72 -14.19 -19.04 -5.32
C ASN A 72 -14.15 -17.77 -4.50
N VAL A 73 -15.27 -17.47 -3.88
CA VAL A 73 -15.36 -16.23 -3.12
C VAL A 73 -14.63 -16.24 -1.81
N TRP A 74 -14.46 -17.39 -1.18
CA TRP A 74 -13.85 -17.35 0.12
C TRP A 74 -12.36 -17.51 -0.01
N ALA A 75 -11.97 -18.28 -1.01
CA ALA A 75 -10.58 -18.62 -1.20
C ALA A 75 -10.17 -18.22 -2.58
N THR A 76 -9.89 -16.94 -2.69
CA THR A 76 -9.64 -16.28 -3.93
C THR A 76 -8.23 -16.57 -4.39
N HIS A 77 -7.92 -16.18 -5.61
CA HIS A 77 -6.61 -16.39 -6.18
C HIS A 77 -5.56 -15.51 -5.52
N ALA A 78 -6.02 -14.56 -4.71
CA ALA A 78 -5.18 -13.62 -4.00
C ALA A 78 -4.56 -14.23 -2.76
N CYS A 79 -4.97 -15.44 -2.39
CA CYS A 79 -4.44 -16.09 -1.21
C CYS A 79 -3.02 -16.51 -1.54
N VAL A 80 -2.11 -16.47 -0.58
CA VAL A 80 -0.78 -16.94 -0.92
C VAL A 80 -0.86 -18.45 -0.76
N PRO A 81 0.01 -19.24 -1.36
CA PRO A 81 0.07 -20.66 -1.14
C PRO A 81 0.64 -20.93 0.23
N THR A 82 0.25 -22.03 0.83
CA THR A 82 0.85 -22.44 2.08
C THR A 82 2.17 -23.12 1.89
N ASP A 83 2.88 -23.19 3.00
CA ASP A 83 4.15 -23.88 3.16
C ASP A 83 3.89 -25.39 3.15
N PRO A 84 4.45 -26.18 2.22
CA PRO A 84 4.31 -27.61 2.16
C PRO A 84 4.84 -28.30 3.42
N ASN A 85 5.72 -27.62 4.18
CA ASN A 85 6.28 -28.20 5.38
C ASN A 85 6.24 -27.20 6.54
N PRO A 86 5.06 -26.85 7.05
CA PRO A 86 4.81 -25.81 8.02
C PRO A 86 5.22 -26.27 9.41
N GLN A 87 6.51 -26.47 9.59
CA GLN A 87 7.00 -27.03 10.82
C GLN A 87 6.51 -26.30 12.05
N GLU A 88 5.95 -27.09 12.95
CA GLU A 88 5.46 -26.65 14.24
C GLU A 88 6.57 -26.67 15.28
N ILE A 89 6.64 -25.63 16.08
CA ILE A 89 7.65 -25.56 17.12
C ILE A 89 7.03 -25.82 18.47
N VAL A 90 7.52 -26.82 19.15
CA VAL A 90 6.98 -27.19 20.44
C VAL A 90 7.67 -26.42 21.54
N LEU A 91 6.89 -25.81 22.44
CA LEU A 91 7.51 -25.03 23.49
C LEU A 91 7.83 -25.93 24.66
N GLY A 92 8.67 -25.45 25.56
CA GLY A 92 9.10 -26.23 26.70
C GLY A 92 8.19 -26.03 27.88
N ASN A 93 8.73 -25.92 29.06
CA ASN A 93 7.83 -25.81 30.18
C ASN A 93 7.29 -24.39 30.29
N VAL A 94 6.21 -24.19 29.59
CA VAL A 94 5.56 -22.91 29.51
C VAL A 94 4.13 -23.11 29.83
N THR A 95 3.46 -22.05 30.18
CA THR A 95 2.04 -22.09 30.34
C THR A 95 1.53 -20.89 29.61
N GLU A 96 0.29 -20.94 29.21
CA GLU A 96 -0.33 -19.79 28.58
C GLU A 96 -1.81 -19.77 28.90
N ASN A 97 -2.41 -18.59 28.84
CA ASN A 97 -3.84 -18.45 29.11
C ASN A 97 -4.64 -18.13 27.87
N PHE A 98 -5.50 -19.06 27.51
CA PHE A 98 -6.29 -18.94 26.31
C PHE A 98 -7.74 -18.71 26.68
N ASN A 99 -8.44 -18.01 25.82
CA ASN A 99 -9.86 -17.80 26.06
C ASN A 99 -10.57 -17.65 24.73
N MET A 100 -11.28 -18.68 24.32
CA MET A 100 -11.91 -18.67 23.02
C MET A 100 -13.01 -17.63 22.93
N TRP A 101 -13.51 -17.18 24.07
CA TRP A 101 -14.63 -16.27 24.10
C TRP A 101 -14.18 -14.83 23.98
N LYS A 102 -12.87 -14.61 24.05
CA LYS A 102 -12.28 -13.27 24.00
C LYS A 102 -11.25 -13.22 22.89
N ASN A 103 -11.36 -14.15 21.97
CA ASN A 103 -10.40 -14.30 20.90
C ASN A 103 -10.63 -13.39 19.68
N ASN A 104 -9.72 -12.45 19.49
CA ASN A 104 -9.86 -11.48 18.41
C ASN A 104 -9.69 -12.11 17.04
N MET A 105 -9.18 -13.34 16.98
CA MET A 105 -9.07 -14.00 15.70
C MET A 105 -10.46 -14.32 15.20
N VAL A 106 -11.40 -14.55 16.12
CA VAL A 106 -12.74 -14.91 15.73
C VAL A 106 -13.38 -13.69 15.18
N GLU A 107 -13.17 -12.57 15.86
CA GLU A 107 -13.78 -11.37 15.39
C GLU A 107 -13.19 -10.95 14.05
N GLN A 108 -11.89 -11.12 13.87
CA GLN A 108 -11.32 -10.74 12.59
C GLN A 108 -11.87 -11.63 11.49
N MET A 109 -12.01 -12.94 11.75
CA MET A 109 -12.57 -13.81 10.73
C MET A 109 -13.97 -13.42 10.40
N HIS A 110 -14.75 -13.03 11.39
CA HIS A 110 -16.11 -12.65 11.15
C HIS A 110 -16.15 -11.53 10.12
N GLU A 111 -15.32 -10.52 10.32
CA GLU A 111 -15.33 -9.43 9.38
C GLU A 111 -14.82 -9.89 8.01
N ASP A 112 -13.84 -10.78 7.95
CA ASP A 112 -13.35 -11.22 6.65
C ASP A 112 -14.40 -11.98 5.88
N ILE A 113 -15.18 -12.81 6.53
CA ILE A 113 -16.17 -13.58 5.81
C ILE A 113 -17.19 -12.63 5.23
N ILE A 114 -17.60 -11.63 6.00
CA ILE A 114 -18.56 -10.67 5.49
C ILE A 114 -18.01 -9.90 4.31
N SER A 115 -16.77 -9.44 4.41
CA SER A 115 -16.17 -8.68 3.32
C SER A 115 -16.02 -9.52 2.07
N LEU A 116 -15.68 -10.80 2.21
CA LEU A 116 -15.54 -11.70 1.07
C LEU A 116 -16.87 -12.02 0.42
N TRP A 117 -17.91 -12.16 1.23
CA TRP A 117 -19.25 -12.40 0.70
C TRP A 117 -19.62 -11.20 -0.14
N ASP A 118 -19.45 -10.04 0.46
CA ASP A 118 -19.74 -8.83 -0.22
C ASP A 118 -18.54 -8.66 -1.09
N GLN A 119 -18.46 -7.63 -1.89
CA GLN A 119 -17.35 -7.46 -2.84
C GLN A 119 -17.46 -8.48 -3.97
N SER A 120 -17.44 -9.76 -3.67
CA SER A 120 -17.58 -10.81 -4.66
C SER A 120 -18.91 -10.69 -5.36
N LEU A 121 -19.93 -10.28 -4.63
CA LEU A 121 -21.26 -10.08 -5.18
C LEU A 121 -21.47 -8.68 -5.72
N LYS A 122 -20.48 -7.82 -5.64
CA LYS A 122 -20.69 -6.46 -6.06
C LYS A 122 -20.90 -6.26 -7.56
N PRO A 123 -20.02 -6.73 -8.47
CA PRO A 123 -20.12 -6.48 -9.89
C PRO A 123 -21.13 -7.40 -10.54
N CYS A 124 -22.37 -7.32 -10.11
CA CYS A 124 -23.40 -8.23 -10.58
C CYS A 124 -24.74 -7.50 -10.75
N VAL A 125 -25.75 -8.18 -11.25
CA VAL A 125 -27.06 -7.57 -11.51
C VAL A 125 -27.82 -7.31 -10.22
N LYS A 126 -28.33 -6.08 -10.04
CA LYS A 126 -29.01 -5.73 -8.80
C LYS A 126 -30.50 -6.05 -8.68
N LEU A 127 -31.10 -6.47 -9.76
CA LEU A 127 -32.51 -6.88 -9.84
C LEU A 127 -33.58 -5.87 -9.41
N THR A 128 -33.24 -4.59 -9.33
CA THR A 128 -34.24 -3.59 -8.95
C THR A 128 -35.51 -3.66 -9.82
N PRO A 129 -35.42 -3.81 -11.16
CA PRO A 129 -36.54 -3.88 -12.08
C PRO A 129 -37.52 -5.01 -11.81
N LEU A 130 -37.17 -5.96 -10.94
CA LEU A 130 -38.12 -7.02 -10.69
C LEU A 130 -39.07 -6.67 -9.56
N CYS A 131 -38.88 -5.52 -8.92
CA CYS A 131 -39.76 -5.14 -7.83
C CYS A 131 -41.04 -4.50 -8.34
N VAL A 132 -41.83 -5.31 -8.98
CA VAL A 132 -43.08 -4.93 -9.59
C VAL A 132 -44.15 -5.87 -9.14
N THR A 133 -45.38 -5.53 -9.38
CA THR A 133 -46.44 -6.42 -8.99
C THR A 133 -46.29 -7.76 -9.70
N LEU A 134 -46.39 -8.83 -8.93
CA LEU A 134 -46.33 -10.17 -9.48
C LEU A 134 -47.74 -10.75 -9.45
N ASN A 135 -48.20 -11.22 -10.58
CA ASN A 135 -49.53 -11.82 -10.68
C ASN A 135 -49.34 -13.32 -10.53
N CYS A 136 -49.65 -13.89 -9.36
CA CYS A 136 -49.26 -15.27 -9.15
C CYS A 136 -50.44 -16.23 -8.96
N ASN A 137 -50.17 -17.48 -9.29
CA ASN A 137 -51.09 -18.58 -9.07
C ASN A 137 -50.28 -19.81 -8.65
N ASN A 138 -50.94 -20.91 -8.38
CA ASN A 138 -50.26 -22.11 -7.94
C ASN A 138 -49.91 -23.01 -9.11
N VAL A 139 -49.25 -24.13 -8.82
CA VAL A 139 -48.89 -25.08 -9.86
C VAL A 139 -49.44 -26.43 -9.47
N ASN A 140 -49.58 -27.33 -10.43
CA ASN A 140 -50.10 -28.64 -10.11
C ASN A 140 -49.02 -29.61 -9.70
N THR A 141 -48.99 -29.94 -8.42
CA THR A 141 -47.98 -30.83 -7.89
C THR A 141 -48.47 -32.26 -7.98
N ASN A 142 -49.74 -32.44 -8.32
CA ASN A 142 -50.32 -33.77 -8.42
C ASN A 142 -50.07 -34.32 -9.81
N ASN A 143 -48.82 -34.64 -10.05
CA ASN A 143 -48.38 -35.12 -11.35
C ASN A 143 -48.97 -36.49 -11.63
N SER A 153 -47.08 -40.87 -4.78
CA SER A 153 -46.76 -41.74 -3.65
C SER A 153 -45.38 -41.41 -3.13
N ASP A 154 -44.92 -40.24 -3.51
CA ASP A 154 -43.60 -39.78 -3.11
C ASP A 154 -43.64 -39.19 -1.72
N TRP A 155 -43.81 -40.06 -0.76
CA TRP A 155 -43.99 -39.63 0.61
C TRP A 155 -42.72 -39.10 1.17
N GLU A 156 -42.88 -38.05 1.98
CA GLU A 156 -41.80 -37.26 2.59
C GLU A 156 -41.19 -36.33 1.55
N LYS A 157 -41.68 -36.38 0.30
CA LYS A 157 -41.17 -35.56 -0.77
C LYS A 157 -42.26 -34.71 -1.47
N MET A 158 -43.48 -34.66 -0.95
CA MET A 158 -44.54 -33.92 -1.65
C MET A 158 -44.57 -32.42 -1.37
N GLU A 159 -44.82 -31.64 -2.42
CA GLU A 159 -45.00 -30.18 -2.29
C GLU A 159 -46.46 -29.89 -1.95
N THR A 160 -46.69 -28.86 -1.14
CA THR A 160 -48.06 -28.50 -0.76
C THR A 160 -48.41 -27.02 -0.89
N GLY A 161 -48.77 -26.54 -2.09
CA GLY A 161 -49.13 -25.14 -2.28
C GLY A 161 -47.97 -24.13 -2.41
N GLU A 162 -46.80 -24.58 -2.79
CA GLU A 162 -45.62 -23.73 -2.95
C GLU A 162 -45.22 -23.75 -4.41
N MET A 163 -44.16 -23.01 -4.79
CA MET A 163 -43.73 -22.94 -6.19
C MET A 163 -44.78 -22.25 -7.03
N LYS A 164 -44.97 -20.99 -6.70
CA LYS A 164 -45.98 -20.18 -7.33
C LYS A 164 -45.56 -19.73 -8.70
N ASN A 165 -46.51 -19.72 -9.59
CA ASN A 165 -46.28 -19.29 -10.96
C ASN A 165 -46.62 -17.84 -11.13
N CYS A 166 -45.59 -17.02 -11.26
CA CYS A 166 -45.84 -15.61 -11.29
C CYS A 166 -45.50 -14.99 -12.60
N SER A 167 -46.37 -14.09 -13.05
CA SER A 167 -46.07 -13.34 -14.25
C SER A 167 -45.74 -11.94 -13.83
N PHE A 168 -44.94 -11.28 -14.64
CA PHE A 168 -44.63 -9.91 -14.33
C PHE A 168 -44.28 -9.07 -15.54
N ASN A 169 -44.45 -7.76 -15.39
CA ASN A 169 -44.15 -6.80 -16.44
C ASN A 169 -42.80 -6.16 -16.24
N VAL A 170 -41.82 -6.56 -17.03
CA VAL A 170 -40.49 -6.03 -16.80
C VAL A 170 -39.94 -5.32 -18.02
N THR A 171 -39.34 -4.17 -17.76
CA THR A 171 -38.73 -3.39 -18.82
C THR A 171 -37.62 -4.24 -19.40
N THR A 172 -37.58 -4.32 -20.70
CA THR A 172 -36.60 -5.14 -21.41
C THR A 172 -35.32 -4.36 -21.53
N SER A 173 -34.35 -4.91 -22.25
CA SER A 173 -33.07 -4.24 -22.40
C SER A 173 -33.26 -2.91 -23.12
N ILE A 174 -34.35 -2.75 -23.85
CA ILE A 174 -34.65 -1.50 -24.54
C ILE A 174 -35.64 -0.80 -23.63
N ARG A 175 -35.32 0.43 -23.25
CA ARG A 175 -36.03 1.15 -22.22
C ARG A 175 -37.48 1.51 -22.50
N ASP A 176 -37.91 1.58 -23.75
CA ASP A 176 -39.28 1.88 -24.04
C ASP A 176 -40.10 0.63 -24.37
N LYS A 177 -39.56 -0.57 -24.11
CA LYS A 177 -40.29 -1.79 -24.40
C LYS A 177 -40.47 -2.63 -23.13
N ILE A 178 -41.70 -3.07 -22.90
CA ILE A 178 -42.05 -3.89 -21.74
C ILE A 178 -42.58 -5.23 -22.17
N LYS A 179 -42.04 -6.29 -21.57
CA LYS A 179 -42.47 -7.64 -21.91
C LYS A 179 -43.00 -8.39 -20.71
N LYS A 180 -43.96 -9.28 -20.95
CA LYS A 180 -44.46 -10.13 -19.90
C LYS A 180 -43.60 -11.37 -19.80
N GLU A 181 -43.12 -11.64 -18.60
CA GLU A 181 -42.25 -12.76 -18.31
C GLU A 181 -42.82 -13.64 -17.22
N TYR A 182 -42.40 -14.90 -17.21
CA TYR A 182 -42.84 -15.87 -16.19
C TYR A 182 -41.70 -16.54 -15.44
N ALA A 183 -41.91 -16.77 -14.15
CA ALA A 183 -40.94 -17.48 -13.31
C ALA A 183 -41.63 -18.18 -12.15
N LEU A 184 -41.01 -19.23 -11.62
CA LEU A 184 -41.60 -19.89 -10.46
C LEU A 184 -40.92 -19.47 -9.20
N PHE A 185 -41.67 -19.21 -8.16
CA PHE A 185 -41.02 -18.83 -6.92
C PHE A 185 -41.37 -19.69 -5.74
N TYR A 186 -40.38 -19.84 -4.90
CA TYR A 186 -40.56 -20.58 -3.69
C TYR A 186 -41.44 -19.74 -2.81
N LYS A 187 -42.28 -20.36 -2.01
CA LYS A 187 -43.18 -19.58 -1.17
C LYS A 187 -42.45 -18.62 -0.28
N LEU A 188 -41.31 -19.02 0.20
CA LEU A 188 -40.54 -18.24 1.15
C LEU A 188 -39.87 -17.02 0.51
N ASP A 189 -39.91 -16.93 -0.83
CA ASP A 189 -39.33 -15.79 -1.51
C ASP A 189 -40.33 -14.71 -1.86
N VAL A 190 -41.61 -14.91 -1.60
CA VAL A 190 -42.58 -13.87 -1.96
C VAL A 190 -43.52 -13.56 -0.84
N VAL A 191 -44.09 -12.37 -0.89
CA VAL A 191 -45.12 -12.04 0.07
C VAL A 191 -46.31 -11.47 -0.67
N PRO A 192 -47.52 -11.69 -0.20
CA PRO A 192 -48.74 -11.17 -0.75
C PRO A 192 -48.89 -9.71 -0.42
N LEU A 193 -49.69 -9.02 -1.20
CA LEU A 193 -50.02 -7.63 -0.95
C LEU A 193 -51.43 -7.53 -0.37
N THR A 205 -54.23 -13.02 -6.94
CA THR A 205 -53.52 -12.48 -5.81
C THR A 205 -52.19 -11.86 -6.23
N ASN A 206 -51.97 -10.65 -5.74
CA ASN A 206 -50.76 -9.91 -6.02
C ASN A 206 -49.69 -10.20 -4.99
N TYR A 207 -48.48 -10.40 -5.50
CA TYR A 207 -47.27 -10.66 -4.74
C TYR A 207 -46.12 -9.74 -5.12
N ARG A 208 -45.18 -9.61 -4.20
CA ARG A 208 -43.94 -8.92 -4.47
C ARG A 208 -42.81 -9.78 -3.96
N LEU A 209 -41.60 -9.53 -4.42
CA LEU A 209 -40.50 -10.30 -3.90
C LEU A 209 -40.27 -9.91 -2.47
N ILE A 210 -39.99 -10.89 -1.64
CA ILE A 210 -39.78 -10.63 -0.25
C ILE A 210 -38.53 -9.82 -0.11
N ASN A 211 -38.59 -8.85 0.77
CA ASN A 211 -37.54 -7.92 1.09
C ASN A 211 -37.24 -6.93 -0.01
N CYS A 212 -38.07 -6.84 -1.04
CA CYS A 212 -37.80 -5.78 -1.98
C CYS A 212 -37.92 -4.45 -1.28
N ASN A 213 -39.02 -4.22 -0.60
CA ASN A 213 -39.05 -2.97 0.09
C ASN A 213 -37.98 -3.03 1.16
N THR A 214 -37.26 -1.94 1.31
CA THR A 214 -36.18 -1.72 2.26
C THR A 214 -34.82 -2.32 1.87
N SER A 215 -34.69 -3.08 0.78
CA SER A 215 -33.34 -3.59 0.52
C SER A 215 -33.04 -3.89 -0.95
N VAL A 216 -31.77 -4.04 -1.27
CA VAL A 216 -31.40 -4.39 -2.62
C VAL A 216 -30.91 -5.81 -2.69
N ILE A 217 -31.57 -6.61 -3.51
CA ILE A 217 -31.24 -8.00 -3.63
C ILE A 217 -30.40 -8.18 -4.86
N THR A 218 -29.16 -8.59 -4.68
CA THR A 218 -28.26 -8.70 -5.81
C THR A 218 -28.07 -10.13 -6.24
N GLN A 219 -28.16 -10.38 -7.54
CA GLN A 219 -27.98 -11.71 -8.08
C GLN A 219 -26.53 -12.06 -8.12
N ALA A 220 -26.20 -13.24 -7.61
CA ALA A 220 -24.82 -13.65 -7.65
C ALA A 220 -24.40 -13.86 -9.08
N CYS A 221 -23.18 -13.49 -9.42
CA CYS A 221 -22.74 -13.73 -10.77
C CYS A 221 -22.67 -15.25 -10.97
N PRO A 222 -23.36 -15.81 -11.98
CA PRO A 222 -23.54 -17.25 -12.21
C PRO A 222 -22.35 -17.94 -12.81
N LYS A 223 -21.24 -17.84 -12.13
CA LYS A 223 -20.02 -18.49 -12.52
C LYS A 223 -19.22 -18.67 -11.27
N VAL A 224 -19.63 -17.94 -10.25
CA VAL A 224 -18.92 -17.89 -8.99
C VAL A 224 -19.33 -18.97 -8.02
N SER A 225 -18.35 -19.72 -7.55
CA SER A 225 -18.59 -20.77 -6.57
C SER A 225 -18.51 -20.31 -5.12
N PHE A 226 -19.40 -20.89 -4.32
CA PHE A 226 -19.46 -20.63 -2.89
C PHE A 226 -18.96 -21.81 -2.07
N GLU A 227 -18.42 -22.82 -2.75
CA GLU A 227 -17.94 -24.00 -2.06
C GLU A 227 -16.89 -23.58 -1.05
N PRO A 228 -16.96 -23.99 0.20
CA PRO A 228 -15.95 -23.65 1.15
C PRO A 228 -14.67 -24.38 0.80
N ILE A 229 -13.57 -23.67 0.84
CA ILE A 229 -12.23 -24.19 0.62
C ILE A 229 -11.45 -23.80 1.84
N PRO A 230 -10.70 -24.68 2.50
CA PRO A 230 -9.97 -24.34 3.70
C PRO A 230 -9.08 -23.14 3.52
N ILE A 231 -9.13 -22.25 4.50
CA ILE A 231 -8.34 -21.04 4.56
C ILE A 231 -7.44 -21.10 5.77
N HIS A 232 -6.16 -20.87 5.58
CA HIS A 232 -5.24 -20.88 6.70
C HIS A 232 -4.99 -19.46 7.13
N TYR A 233 -4.90 -19.19 8.43
CA TYR A 233 -4.56 -17.84 8.83
C TYR A 233 -3.12 -17.78 9.18
N CYS A 234 -2.45 -16.77 8.68
CA CYS A 234 -1.03 -16.65 8.92
C CYS A 234 -0.66 -15.33 9.57
N ALA A 235 0.23 -15.42 10.54
CA ALA A 235 0.72 -14.25 11.20
C ALA A 235 1.74 -13.57 10.30
N PRO A 236 1.89 -12.23 10.35
CA PRO A 236 2.95 -11.48 9.72
C PRO A 236 4.24 -11.88 10.38
N ALA A 237 5.35 -11.77 9.68
CA ALA A 237 6.58 -12.07 10.35
C ALA A 237 6.71 -11.11 11.52
N GLY A 238 7.22 -11.61 12.64
CA GLY A 238 7.40 -10.82 13.84
C GLY A 238 6.32 -11.16 14.85
N PHE A 239 5.35 -11.92 14.38
CA PHE A 239 4.22 -12.43 15.14
C PHE A 239 4.15 -13.93 15.00
N ALA A 240 3.44 -14.56 15.90
CA ALA A 240 3.25 -15.99 15.83
C ALA A 240 1.93 -16.36 16.44
N ILE A 241 1.43 -17.53 16.09
CA ILE A 241 0.19 -17.98 16.66
C ILE A 241 0.47 -19.14 17.59
N LEU A 242 -0.01 -19.03 18.82
CA LEU A 242 0.20 -20.10 19.77
C LEU A 242 -1.02 -20.95 19.77
N LYS A 243 -0.85 -22.24 19.97
CA LYS A 243 -2.03 -23.07 20.07
C LYS A 243 -1.96 -23.97 21.27
N CYS A 244 -3.12 -24.19 21.86
CA CYS A 244 -3.23 -25.09 22.99
C CYS A 244 -3.63 -26.47 22.55
N ASN A 245 -2.80 -27.45 22.88
CA ASN A 245 -3.05 -28.80 22.45
C ASN A 245 -3.54 -29.66 23.59
N SER A 246 -3.78 -29.06 24.73
CA SER A 246 -4.16 -29.88 25.87
C SER A 246 -5.49 -30.55 25.71
N LYS A 247 -5.55 -31.78 26.17
CA LYS A 247 -6.76 -32.59 26.08
C LYS A 247 -7.80 -32.11 27.07
N THR A 248 -7.34 -31.30 28.03
CA THR A 248 -8.09 -30.72 29.12
C THR A 248 -8.40 -29.25 28.93
N PHE A 249 -8.10 -28.70 27.77
CA PHE A 249 -8.28 -27.28 27.58
C PHE A 249 -9.70 -26.72 27.68
N ASN A 250 -10.65 -27.29 26.98
CA ASN A 250 -12.06 -26.87 27.03
C ASN A 250 -12.33 -25.46 26.54
N GLY A 251 -11.38 -24.85 25.87
CA GLY A 251 -11.58 -23.51 25.35
C GLY A 251 -11.22 -22.36 26.30
N SER A 252 -10.81 -22.66 27.53
CA SER A 252 -10.49 -21.54 28.40
C SER A 252 -9.50 -21.83 29.50
N GLY A 253 -8.85 -20.79 29.98
CA GLY A 253 -8.00 -20.94 31.14
C GLY A 253 -6.61 -21.38 30.73
N PRO A 254 -5.81 -21.86 31.68
CA PRO A 254 -4.44 -22.19 31.47
C PRO A 254 -4.31 -23.42 30.61
N CYS A 255 -3.22 -23.45 29.87
CA CYS A 255 -2.85 -24.57 29.04
C CYS A 255 -1.38 -24.83 29.18
N THR A 256 -1.02 -26.10 29.38
CA THR A 256 0.37 -26.47 29.55
C THR A 256 1.01 -27.09 28.31
N ASN A 257 0.21 -27.56 27.38
CA ASN A 257 0.79 -28.12 26.17
C ASN A 257 0.71 -27.09 25.07
N VAL A 258 1.76 -26.31 24.91
CA VAL A 258 1.65 -25.20 23.99
C VAL A 258 2.70 -25.30 22.93
N SER A 259 2.27 -25.06 21.71
CA SER A 259 3.19 -25.07 20.58
C SER A 259 2.86 -23.90 19.68
N THR A 260 3.76 -23.57 18.77
CA THR A 260 3.48 -22.44 17.91
C THR A 260 3.71 -22.66 16.44
N VAL A 261 2.91 -21.95 15.66
CA VAL A 261 2.98 -22.02 14.22
C VAL A 261 2.98 -20.64 13.57
N GLN A 262 3.46 -20.57 12.33
CA GLN A 262 3.33 -19.32 11.60
C GLN A 262 1.90 -19.20 11.08
N CYS A 263 1.32 -20.35 10.72
CA CYS A 263 -0.03 -20.43 10.16
C CYS A 263 -0.88 -21.48 10.86
N THR A 264 -2.17 -21.23 10.94
CA THR A 264 -3.15 -22.15 11.52
C THR A 264 -3.45 -23.22 10.50
N HIS A 265 -4.17 -24.23 10.94
CA HIS A 265 -4.61 -25.28 10.04
C HIS A 265 -5.66 -24.64 9.18
N GLY A 266 -6.03 -25.28 8.09
CA GLY A 266 -7.03 -24.64 7.27
C GLY A 266 -8.40 -24.80 7.88
N ILE A 267 -9.20 -23.76 7.81
CA ILE A 267 -10.56 -23.77 8.26
C ILE A 267 -11.51 -23.60 7.13
N ARG A 268 -12.46 -24.49 7.00
CA ARG A 268 -13.42 -24.32 5.95
C ARG A 268 -14.37 -23.22 6.39
N PRO A 269 -14.62 -22.18 5.60
CA PRO A 269 -15.50 -21.07 5.90
C PRO A 269 -16.93 -21.49 5.69
N VAL A 270 -17.36 -22.43 6.49
CA VAL A 270 -18.69 -22.97 6.38
C VAL A 270 -19.66 -22.13 7.12
N VAL A 271 -20.79 -21.90 6.48
CA VAL A 271 -21.86 -21.18 7.10
C VAL A 271 -23.03 -22.07 7.31
N SER A 272 -23.48 -22.13 8.54
CA SER A 272 -24.60 -22.96 8.87
C SER A 272 -25.28 -22.50 10.14
N THR A 273 -26.45 -23.06 10.35
CA THR A 273 -27.17 -22.85 11.59
C THR A 273 -27.46 -24.20 12.20
N GLN A 274 -27.59 -24.19 13.52
CA GLN A 274 -27.93 -25.34 14.38
C GLN A 274 -26.83 -26.40 14.41
N LEU A 275 -26.54 -26.97 13.25
CA LEU A 275 -25.51 -27.98 13.15
C LEU A 275 -24.29 -27.42 12.46
N LEU A 276 -23.14 -27.69 13.04
CA LEU A 276 -21.86 -27.29 12.52
C LEU A 276 -21.42 -28.36 11.56
N LEU A 277 -21.05 -27.95 10.37
CA LEU A 277 -20.67 -28.92 9.36
C LEU A 277 -19.22 -28.79 8.92
N ASN A 278 -18.61 -29.94 8.69
CA ASN A 278 -17.27 -30.10 8.15
C ASN A 278 -16.21 -29.34 8.94
N GLY A 279 -16.32 -29.29 10.25
CA GLY A 279 -15.29 -28.65 11.05
C GLY A 279 -14.39 -29.73 11.55
N SER A 280 -13.59 -29.45 12.56
CA SER A 280 -12.72 -30.49 13.08
C SER A 280 -13.47 -31.33 14.08
N LEU A 281 -13.01 -32.56 14.26
CA LEU A 281 -13.54 -33.41 15.29
C LEU A 281 -12.68 -33.32 16.50
N ALA A 282 -13.27 -33.63 17.64
CA ALA A 282 -12.57 -33.68 18.90
C ALA A 282 -11.55 -34.78 18.77
N GLU A 283 -10.42 -34.65 19.42
CA GLU A 283 -9.38 -35.64 19.25
C GLU A 283 -9.76 -37.03 19.71
N GLU A 284 -10.45 -37.12 20.83
CA GLU A 284 -10.82 -38.43 21.35
C GLU A 284 -12.23 -38.51 21.89
N GLU A 285 -12.63 -37.51 22.66
CA GLU A 285 -13.89 -37.55 23.40
C GLU A 285 -14.65 -36.26 23.20
N ILE A 286 -15.97 -36.34 23.29
CA ILE A 286 -16.79 -35.16 23.05
C ILE A 286 -16.56 -34.10 24.11
N VAL A 287 -16.36 -32.89 23.64
CA VAL A 287 -16.10 -31.77 24.52
C VAL A 287 -17.19 -30.73 24.48
N ILE A 288 -17.72 -30.38 25.65
CA ILE A 288 -18.74 -29.36 25.69
C ILE A 288 -18.15 -28.07 26.17
N ARG A 289 -18.21 -27.06 25.34
CA ARG A 289 -17.59 -25.79 25.69
C ARG A 289 -18.61 -24.70 25.90
N SER A 290 -18.36 -23.87 26.89
CA SER A 290 -19.19 -22.70 27.14
C SER A 290 -18.42 -21.64 27.86
N GLU A 291 -18.79 -20.39 27.61
CA GLU A 291 -18.25 -19.28 28.34
C GLU A 291 -18.68 -19.42 29.79
N ASN A 292 -19.88 -19.94 29.94
CA ASN A 292 -20.56 -20.14 31.21
C ASN A 292 -21.62 -21.22 31.09
N ILE A 293 -21.51 -22.27 31.90
CA ILE A 293 -22.49 -23.36 31.89
C ILE A 293 -23.82 -22.99 32.52
N THR A 294 -23.76 -22.31 33.65
CA THR A 294 -24.89 -21.84 34.42
C THR A 294 -25.73 -20.80 33.67
N ASP A 295 -25.08 -19.92 32.92
CA ASP A 295 -25.78 -18.87 32.19
C ASP A 295 -26.46 -19.45 30.96
N ASN A 296 -27.78 -19.42 30.96
CA ASN A 296 -28.56 -20.10 29.94
C ASN A 296 -28.56 -19.33 28.64
N ALA A 297 -28.11 -18.08 28.72
CA ALA A 297 -28.06 -17.18 27.59
C ALA A 297 -26.83 -17.39 26.74
N LYS A 298 -25.90 -18.22 27.19
CA LYS A 298 -24.70 -18.42 26.40
C LYS A 298 -24.86 -19.63 25.51
N THR A 299 -24.13 -19.66 24.41
CA THR A 299 -24.19 -20.80 23.53
C THR A 299 -23.30 -21.89 24.03
N ILE A 300 -23.80 -23.10 24.01
CA ILE A 300 -23.05 -24.27 24.37
C ILE A 300 -22.62 -24.95 23.09
N ILE A 301 -21.33 -25.11 22.92
CA ILE A 301 -20.82 -25.70 21.70
C ILE A 301 -20.42 -27.12 21.95
N VAL A 302 -21.03 -28.05 21.24
CA VAL A 302 -20.70 -29.43 21.47
C VAL A 302 -19.89 -29.95 20.32
N GLN A 303 -18.64 -30.32 20.57
CA GLN A 303 -17.77 -30.80 19.51
C GLN A 303 -17.69 -32.32 19.55
N LEU A 304 -18.11 -32.93 18.46
CA LEU A 304 -18.16 -34.37 18.40
C LEU A 304 -16.80 -34.95 18.13
N ASN A 305 -16.55 -36.17 18.59
CA ASN A 305 -15.31 -36.87 18.30
C ASN A 305 -15.45 -37.84 17.12
N GLU A 306 -16.64 -37.90 16.58
CA GLU A 306 -16.97 -38.71 15.43
C GLU A 306 -17.92 -37.92 14.59
N ALA A 307 -17.83 -38.03 13.27
CA ALA A 307 -18.79 -37.33 12.46
C ALA A 307 -20.05 -38.15 12.27
N VAL A 308 -21.15 -37.46 12.03
CA VAL A 308 -22.40 -38.12 11.66
C VAL A 308 -22.77 -37.68 10.24
N GLU A 309 -23.00 -38.64 9.35
CA GLU A 309 -23.29 -38.27 7.99
C GLU A 309 -24.68 -37.69 7.82
N ILE A 310 -24.76 -36.63 7.02
CA ILE A 310 -26.03 -36.07 6.60
C ILE A 310 -26.04 -35.96 5.09
N ASN A 311 -27.06 -36.54 4.46
CA ASN A 311 -27.19 -36.58 3.01
C ASN A 311 -28.40 -35.82 2.51
N CYS A 312 -28.17 -34.78 1.73
CA CYS A 312 -29.28 -33.93 1.30
C CYS A 312 -29.49 -33.97 -0.21
N THR A 313 -30.76 -34.05 -0.59
CA THR A 313 -31.17 -34.12 -1.98
C THR A 313 -32.27 -33.12 -2.36
N ARG A 314 -32.11 -32.52 -3.54
CA ARG A 314 -33.10 -31.65 -4.17
C ARG A 314 -33.40 -32.27 -5.55
N PRO A 315 -34.24 -33.32 -5.57
CA PRO A 315 -34.46 -34.26 -6.67
C PRO A 315 -35.41 -33.77 -7.76
N ASN A 316 -35.10 -32.63 -8.34
CA ASN A 316 -35.91 -32.05 -9.40
C ASN A 316 -35.09 -31.70 -10.60
N ASN A 317 -35.66 -31.86 -11.77
CA ASN A 317 -34.97 -31.40 -12.96
C ASN A 317 -35.32 -29.94 -13.23
N ASN A 318 -34.74 -29.07 -12.44
CA ASN A 318 -35.05 -27.65 -12.51
C ASN A 318 -34.21 -26.92 -13.54
N THR A 319 -34.85 -26.55 -14.65
CA THR A 319 -34.16 -25.91 -15.77
C THR A 319 -34.42 -24.42 -15.77
N ARG A 320 -33.33 -23.66 -15.77
CA ARG A 320 -33.37 -22.20 -15.66
C ARG A 320 -33.72 -21.48 -16.95
N LYS A 321 -34.11 -20.22 -16.79
CA LYS A 321 -34.45 -19.31 -17.87
C LYS A 321 -33.70 -17.98 -17.76
N SER A 322 -33.22 -17.45 -18.89
CA SER A 322 -32.53 -16.16 -18.88
C SER A 322 -33.39 -15.00 -19.39
N ILE A 323 -33.59 -14.01 -18.52
CA ILE A 323 -34.42 -12.85 -18.82
C ILE A 323 -33.61 -11.56 -18.87
N HIS A 324 -33.73 -10.83 -19.96
CA HIS A 324 -32.99 -9.58 -20.07
C HIS A 324 -33.80 -8.46 -19.48
N ILE A 325 -33.26 -7.82 -18.44
CA ILE A 325 -34.00 -6.75 -17.76
C ILE A 325 -33.25 -5.42 -17.86
N GLY A 326 -32.22 -5.43 -18.72
CA GLY A 326 -31.38 -4.27 -18.92
C GLY A 326 -30.23 -4.60 -19.87
N PRO A 327 -29.36 -3.63 -20.13
CA PRO A 327 -28.26 -3.67 -21.07
C PRO A 327 -27.12 -4.54 -20.63
N GLY A 328 -27.32 -5.85 -20.71
CA GLY A 328 -26.31 -6.79 -20.25
C GLY A 328 -26.65 -7.29 -18.87
N ARG A 329 -27.87 -7.02 -18.45
CA ARG A 329 -28.30 -7.45 -17.15
C ARG A 329 -29.27 -8.60 -17.26
N ALA A 330 -28.77 -9.81 -17.08
CA ALA A 330 -29.63 -10.97 -17.21
C ALA A 330 -29.98 -11.53 -15.87
N PHE A 331 -31.26 -11.72 -15.68
CA PHE A 331 -31.85 -12.33 -14.53
C PHE A 331 -32.01 -13.80 -14.76
N TYR A 332 -31.58 -14.60 -13.81
CA TYR A 332 -31.75 -16.01 -13.99
C TYR A 332 -32.89 -16.51 -13.16
N ALA A 333 -33.93 -16.87 -13.87
CA ALA A 333 -35.15 -17.32 -13.31
C ALA A 333 -35.12 -18.81 -13.17
N THR A 334 -35.98 -19.30 -12.32
CA THR A 334 -36.17 -20.72 -12.06
C THR A 334 -36.72 -21.49 -13.22
N GLY A 335 -37.24 -20.80 -14.22
CA GLY A 335 -37.73 -21.51 -15.37
C GLY A 335 -38.87 -22.44 -15.00
N ASP A 336 -38.68 -23.72 -15.29
CA ASP A 336 -39.72 -24.70 -15.00
C ASP A 336 -39.15 -26.06 -14.62
N ILE A 337 -40.02 -27.01 -14.30
CA ILE A 337 -39.58 -28.32 -13.86
C ILE A 337 -39.92 -29.41 -14.85
N ILE A 338 -38.94 -30.21 -15.19
CA ILE A 338 -39.21 -31.31 -16.08
C ILE A 338 -39.43 -32.54 -15.21
N GLY A 339 -40.58 -33.16 -15.36
CA GLY A 339 -40.93 -34.32 -14.56
C GLY A 339 -41.74 -33.95 -13.33
N ASN A 340 -41.77 -34.85 -12.36
CA ASN A 340 -42.57 -34.71 -11.16
C ASN A 340 -41.87 -33.86 -10.14
N ILE A 341 -42.49 -32.76 -9.71
CA ILE A 341 -41.87 -31.86 -8.76
C ILE A 341 -41.90 -32.45 -7.34
N ARG A 342 -40.78 -32.37 -6.63
CA ARG A 342 -40.67 -32.85 -5.24
C ARG A 342 -39.98 -31.84 -4.32
N GLN A 343 -40.28 -31.90 -3.03
CA GLN A 343 -39.59 -31.03 -2.07
C GLN A 343 -38.24 -31.63 -1.73
N ALA A 344 -37.33 -30.79 -1.28
CA ALA A 344 -36.01 -31.23 -0.85
C ALA A 344 -36.06 -31.90 0.50
N HIS A 345 -35.09 -32.77 0.77
CA HIS A 345 -35.01 -33.42 2.07
C HIS A 345 -33.59 -33.85 2.43
N CYS A 346 -33.38 -34.02 3.74
CA CYS A 346 -32.11 -34.54 4.23
C CYS A 346 -32.30 -35.77 5.08
N ASN A 347 -31.38 -36.72 4.92
CA ASN A 347 -31.40 -37.95 5.70
C ASN A 347 -30.17 -38.08 6.59
N ILE A 348 -30.38 -38.61 7.81
CA ILE A 348 -29.23 -38.96 8.64
C ILE A 348 -29.40 -40.40 9.10
N SER A 349 -28.33 -41.04 9.52
CA SER A 349 -28.46 -42.41 10.03
C SER A 349 -28.97 -42.43 11.46
N LYS A 350 -30.07 -43.13 11.68
CA LYS A 350 -30.71 -43.19 12.99
C LYS A 350 -29.80 -43.74 14.05
N ALA A 351 -29.07 -44.78 13.72
CA ALA A 351 -28.19 -45.41 14.67
C ALA A 351 -27.10 -44.46 15.12
N ARG A 352 -26.62 -43.63 14.22
CA ARG A 352 -25.55 -42.74 14.55
C ARG A 352 -26.08 -41.63 15.39
N TRP A 353 -27.28 -41.18 15.09
CA TRP A 353 -27.85 -40.10 15.85
C TRP A 353 -28.07 -40.58 17.27
N ASN A 354 -28.56 -41.82 17.42
CA ASN A 354 -28.85 -42.37 18.74
C ASN A 354 -27.59 -42.49 19.58
N GLU A 355 -26.49 -42.92 18.97
CA GLU A 355 -25.26 -43.05 19.73
C GLU A 355 -24.74 -41.69 20.11
N THR A 356 -24.85 -40.74 19.20
CA THR A 356 -24.35 -39.41 19.42
C THR A 356 -25.08 -38.77 20.57
N LEU A 357 -26.40 -38.89 20.58
CA LEU A 357 -27.15 -38.26 21.63
C LEU A 357 -26.95 -38.95 22.96
N GLY A 358 -26.73 -40.27 22.96
CA GLY A 358 -26.46 -40.94 24.22
C GLY A 358 -25.19 -40.38 24.85
N GLN A 359 -24.17 -40.17 24.03
CA GLN A 359 -22.96 -39.62 24.59
C GLN A 359 -23.15 -38.16 25.03
N ILE A 360 -23.92 -37.39 24.28
CA ILE A 360 -24.12 -36.01 24.64
C ILE A 360 -24.88 -35.91 25.95
N VAL A 361 -25.93 -36.71 26.13
CA VAL A 361 -26.61 -36.61 27.40
C VAL A 361 -25.71 -36.98 28.54
N ALA A 362 -24.83 -37.96 28.40
CA ALA A 362 -24.01 -38.25 29.54
C ALA A 362 -23.21 -37.03 29.94
N LYS A 363 -22.75 -36.29 28.94
CA LYS A 363 -21.96 -35.14 29.22
C LYS A 363 -22.77 -33.96 29.76
N LEU A 364 -23.97 -33.76 29.23
CA LEU A 364 -24.78 -32.68 29.76
C LEU A 364 -25.27 -33.03 31.14
N GLU A 365 -25.54 -34.30 31.40
CA GLU A 365 -26.02 -34.71 32.72
C GLU A 365 -24.97 -34.41 33.75
N GLU A 366 -23.69 -34.61 33.47
CA GLU A 366 -22.74 -34.25 34.50
C GLU A 366 -22.79 -32.77 34.80
N GLN A 367 -22.95 -31.94 33.77
CA GLN A 367 -23.01 -30.52 34.03
C GLN A 367 -24.29 -30.15 34.79
N PHE A 368 -25.36 -30.89 34.52
CA PHE A 368 -26.65 -30.69 35.13
C PHE A 368 -27.18 -32.00 35.72
N PRO A 369 -26.63 -32.48 36.83
CA PRO A 369 -26.85 -33.80 37.39
C PRO A 369 -28.26 -34.03 37.89
N ASN A 370 -28.71 -35.29 37.81
CA ASN A 370 -30.01 -35.78 38.30
C ASN A 370 -31.17 -35.39 37.38
N LYS A 371 -31.17 -34.15 36.95
CA LYS A 371 -32.25 -33.57 36.16
C LYS A 371 -32.47 -34.26 34.82
N THR A 372 -33.73 -34.25 34.40
CA THR A 372 -34.19 -34.86 33.14
C THR A 372 -33.58 -34.14 31.96
N ILE A 373 -33.09 -34.88 30.96
CA ILE A 373 -32.57 -34.14 29.83
C ILE A 373 -33.69 -33.99 28.81
N ILE A 374 -33.98 -32.78 28.40
CA ILE A 374 -35.00 -32.56 27.39
C ILE A 374 -34.43 -31.88 26.18
N PHE A 375 -34.58 -32.48 25.02
CA PHE A 375 -34.18 -31.77 23.85
C PHE A 375 -35.46 -31.31 23.23
N ASN A 376 -35.44 -30.17 22.61
CA ASN A 376 -36.64 -29.68 21.96
C ASN A 376 -36.30 -28.98 20.65
N HIS A 377 -37.31 -28.63 19.91
CA HIS A 377 -37.15 -27.96 18.64
C HIS A 377 -36.89 -26.49 18.85
N SER A 378 -36.70 -25.73 17.80
CA SER A 378 -36.40 -24.33 18.02
C SER A 378 -37.61 -23.65 18.60
N SER A 379 -37.42 -22.47 19.18
CA SER A 379 -38.49 -21.73 19.84
C SER A 379 -39.57 -21.17 18.92
N GLY A 380 -39.28 -21.11 17.63
CA GLY A 380 -40.22 -20.59 16.64
C GLY A 380 -39.81 -19.21 16.18
N GLY A 381 -40.18 -18.87 14.95
CA GLY A 381 -39.81 -17.58 14.41
C GLY A 381 -39.50 -17.72 12.93
N ASP A 382 -38.89 -16.69 12.37
CA ASP A 382 -38.57 -16.65 10.96
C ASP A 382 -37.70 -17.85 10.54
N PRO A 383 -38.09 -18.63 9.51
CA PRO A 383 -37.40 -19.81 9.01
C PRO A 383 -36.24 -19.39 8.15
N GLU A 384 -35.36 -18.65 8.77
CA GLU A 384 -34.17 -18.12 8.21
C GLU A 384 -33.16 -18.36 9.29
N ILE A 385 -33.67 -18.23 10.51
CA ILE A 385 -32.83 -18.36 11.69
C ILE A 385 -33.29 -19.42 12.70
N VAL A 386 -34.50 -19.97 12.54
CA VAL A 386 -34.97 -20.94 13.52
C VAL A 386 -34.95 -22.36 12.97
N THR A 387 -34.35 -22.51 11.81
CA THR A 387 -34.22 -23.79 11.14
C THR A 387 -32.76 -24.04 10.84
N HIS A 388 -32.46 -25.26 10.42
CA HIS A 388 -31.13 -25.68 10.02
C HIS A 388 -30.80 -25.04 8.72
N SER A 389 -29.55 -24.66 8.52
CA SER A 389 -29.23 -24.05 7.24
C SER A 389 -27.89 -24.41 6.70
N PHE A 390 -27.84 -24.65 5.39
CA PHE A 390 -26.60 -24.96 4.67
C PHE A 390 -26.70 -24.63 3.19
N ASN A 391 -25.56 -24.65 2.51
CA ASN A 391 -25.50 -24.36 1.08
C ASN A 391 -24.78 -25.41 0.24
N CYS A 392 -25.50 -25.96 -0.74
CA CYS A 392 -24.93 -26.95 -1.64
C CYS A 392 -24.96 -26.49 -3.09
N GLY A 393 -23.83 -25.98 -3.54
CA GLY A 393 -23.68 -25.53 -4.92
C GLY A 393 -24.40 -24.25 -5.27
N GLY A 394 -24.78 -23.46 -4.28
CA GLY A 394 -25.55 -22.27 -4.55
C GLY A 394 -27.03 -22.44 -4.17
N GLU A 395 -27.50 -23.66 -3.89
CA GLU A 395 -28.89 -23.80 -3.47
C GLU A 395 -28.91 -23.69 -1.95
N PHE A 396 -29.74 -22.80 -1.43
CA PHE A 396 -29.83 -22.60 0.00
C PHE A 396 -30.96 -23.37 0.61
N PHE A 397 -30.60 -24.26 1.52
CA PHE A 397 -31.55 -25.14 2.15
C PHE A 397 -31.87 -24.73 3.56
N TYR A 398 -33.17 -24.78 3.87
CA TYR A 398 -33.66 -24.53 5.21
C TYR A 398 -34.39 -25.77 5.67
N CYS A 399 -33.92 -26.38 6.75
CA CYS A 399 -34.51 -27.66 7.10
C CYS A 399 -35.08 -27.73 8.52
N ASN A 400 -36.16 -28.49 8.60
CA ASN A 400 -36.87 -28.76 9.83
C ASN A 400 -36.18 -29.85 10.63
N THR A 401 -35.68 -29.49 11.81
CA THR A 401 -34.93 -30.38 12.66
C THR A 401 -35.70 -30.86 13.84
N THR A 402 -37.01 -30.66 13.81
CA THR A 402 -37.83 -31.13 14.89
C THR A 402 -37.51 -32.60 15.20
N PRO A 403 -37.40 -33.52 14.21
CA PRO A 403 -37.09 -34.92 14.41
C PRO A 403 -35.73 -35.19 15.04
N LEU A 404 -34.82 -34.22 15.06
CA LEU A 404 -33.51 -34.50 15.63
C LEU A 404 -33.49 -34.21 17.12
N PHE A 405 -34.29 -33.25 17.53
CA PHE A 405 -34.34 -32.81 18.91
C PHE A 405 -35.74 -33.11 19.38
N ASN A 406 -36.11 -34.34 19.08
CA ASN A 406 -37.43 -34.91 19.24
C ASN A 406 -37.85 -35.19 20.67
N SER A 407 -36.91 -35.54 21.58
CA SER A 407 -37.41 -35.97 22.87
C SER A 407 -36.51 -35.84 24.09
N THR A 408 -37.00 -36.43 25.17
CA THR A 408 -36.44 -36.38 26.51
C THR A 408 -36.22 -37.73 27.17
N TRP A 409 -35.25 -37.80 28.08
CA TRP A 409 -34.98 -39.04 28.77
C TRP A 409 -34.28 -39.02 30.14
N ASN A 410 -34.40 -40.18 30.80
CA ASN A 410 -33.84 -40.47 32.10
C ASN A 410 -32.40 -40.94 31.99
N ASN A 411 -31.68 -40.77 33.09
CA ASN A 411 -30.32 -41.19 33.21
C ASN A 411 -29.58 -40.65 32.01
N THR A 412 -28.83 -41.52 31.34
CA THR A 412 -28.10 -41.17 30.16
C THR A 412 -28.55 -42.10 29.05
N ARG A 413 -29.72 -42.68 29.23
CA ARG A 413 -30.28 -43.66 28.32
C ARG A 413 -31.22 -43.00 27.36
N THR A 414 -30.94 -43.02 26.06
CA THR A 414 -31.84 -42.31 25.20
C THR A 414 -33.10 -43.09 25.15
N ASP A 415 -34.18 -42.44 24.78
CA ASP A 415 -35.43 -43.12 24.72
C ASP A 415 -36.35 -42.42 23.76
N ASP A 416 -37.53 -42.98 23.60
CA ASP A 416 -38.59 -42.47 22.76
C ASP A 416 -38.19 -42.36 21.27
N TYR A 417 -37.42 -43.32 20.80
CA TYR A 417 -37.02 -43.49 19.41
C TYR A 417 -37.26 -44.94 19.10
N PRO A 418 -38.49 -45.38 18.91
CA PRO A 418 -38.87 -46.76 18.87
C PRO A 418 -38.10 -47.55 17.83
N THR A 419 -37.79 -48.79 18.18
CA THR A 419 -37.09 -49.71 17.32
C THR A 419 -38.05 -50.06 16.20
N GLY A 420 -37.57 -50.07 14.98
CA GLY A 420 -38.41 -50.40 13.84
C GLY A 420 -37.58 -50.46 12.59
N GLY A 421 -38.22 -50.56 11.44
CA GLY A 421 -37.49 -50.68 10.18
C GLY A 421 -36.84 -49.38 9.72
N GLU A 422 -37.24 -48.26 10.30
CA GLU A 422 -36.69 -46.98 9.91
C GLU A 422 -35.19 -46.96 10.12
N GLN A 423 -34.45 -46.58 9.09
CA GLN A 423 -33.01 -46.48 9.22
C GLN A 423 -32.56 -45.05 9.09
N ASN A 424 -33.34 -44.29 8.36
CA ASN A 424 -32.98 -42.95 7.99
C ASN A 424 -33.97 -41.93 8.53
N ILE A 425 -33.46 -41.02 9.34
CA ILE A 425 -34.31 -40.00 9.91
C ILE A 425 -34.44 -38.95 8.84
N THR A 426 -35.66 -38.54 8.52
CA THR A 426 -35.81 -37.54 7.48
C THR A 426 -36.13 -36.19 8.02
N LEU A 427 -35.56 -35.20 7.36
CA LEU A 427 -35.79 -33.81 7.66
C LEU A 427 -36.38 -33.17 6.42
N GLN A 428 -37.53 -32.54 6.55
CA GLN A 428 -38.13 -31.92 5.38
C GLN A 428 -37.46 -30.57 5.17
N CYS A 429 -37.17 -30.22 3.93
CA CYS A 429 -36.51 -28.97 3.64
C CYS A 429 -37.22 -28.09 2.64
N ARG A 430 -36.93 -26.81 2.72
CA ARG A 430 -37.40 -25.82 1.77
C ARG A 430 -36.23 -25.11 1.15
N ILE A 431 -36.44 -24.59 -0.03
CA ILE A 431 -35.39 -23.89 -0.73
C ILE A 431 -35.72 -22.42 -0.85
N LYS A 432 -34.75 -21.57 -0.57
CA LYS A 432 -34.97 -20.14 -0.77
C LYS A 432 -33.96 -19.60 -1.73
N GLN A 433 -34.37 -18.67 -2.58
CA GLN A 433 -33.42 -18.01 -3.43
C GLN A 433 -33.03 -16.67 -2.89
N ILE A 434 -33.89 -16.03 -2.09
CA ILE A 434 -33.52 -14.72 -1.56
C ILE A 434 -33.07 -14.91 -0.15
N ILE A 435 -31.81 -14.68 0.10
CA ILE A 435 -31.28 -14.96 1.42
C ILE A 435 -30.57 -13.78 2.05
N ASN A 436 -30.39 -13.85 3.37
CA ASN A 436 -29.74 -12.78 4.12
C ASN A 436 -28.71 -13.26 5.10
N MET A 437 -27.50 -13.44 4.64
CA MET A 437 -26.51 -13.91 5.57
C MET A 437 -26.31 -12.75 6.49
N TRP A 438 -26.20 -13.01 7.77
CA TRP A 438 -26.02 -11.99 8.79
C TRP A 438 -27.18 -11.01 8.88
N GLN A 439 -28.35 -11.40 8.40
CA GLN A 439 -29.52 -10.57 8.54
C GLN A 439 -29.31 -9.17 7.98
N GLY A 440 -28.97 -8.22 8.87
CA GLY A 440 -28.85 -6.82 8.48
C GLY A 440 -27.46 -6.37 8.04
N VAL A 441 -26.49 -7.28 8.02
CA VAL A 441 -25.15 -6.88 7.63
C VAL A 441 -24.77 -7.41 6.25
N GLY A 442 -24.45 -6.52 5.35
CA GLY A 442 -24.15 -6.91 3.99
C GLY A 442 -25.43 -6.75 3.19
N LYS A 443 -25.52 -7.38 2.02
CA LYS A 443 -26.68 -7.17 1.18
C LYS A 443 -27.43 -8.46 0.94
N ALA A 444 -28.73 -8.35 0.67
CA ALA A 444 -29.54 -9.51 0.33
C ALA A 444 -29.02 -10.08 -0.97
N MET A 445 -29.07 -11.40 -1.11
CA MET A 445 -28.56 -11.99 -2.33
C MET A 445 -29.57 -12.93 -2.97
N TYR A 446 -29.61 -12.92 -4.30
CA TYR A 446 -30.47 -13.82 -5.05
C TYR A 446 -29.67 -14.94 -5.66
N ALA A 447 -29.97 -16.15 -5.21
CA ALA A 447 -29.27 -17.33 -5.66
C ALA A 447 -29.85 -17.84 -6.96
N PRO A 448 -29.09 -17.93 -8.05
CA PRO A 448 -29.56 -18.46 -9.30
C PRO A 448 -29.86 -19.91 -9.05
N PRO A 449 -30.76 -20.53 -9.80
CA PRO A 449 -31.05 -21.95 -9.78
C PRO A 449 -29.85 -22.65 -10.43
N ILE A 450 -29.56 -23.89 -10.06
CA ILE A 450 -28.41 -24.56 -10.68
C ILE A 450 -28.62 -25.84 -11.53
N ARG A 451 -29.67 -25.85 -12.34
CA ARG A 451 -29.99 -26.91 -13.33
C ARG A 451 -30.50 -28.28 -12.87
N GLY A 452 -30.78 -28.47 -11.59
CA GLY A 452 -31.44 -29.70 -11.15
C GLY A 452 -30.57 -30.87 -10.68
N GLN A 453 -31.25 -31.83 -10.04
CA GLN A 453 -30.66 -33.05 -9.49
C GLN A 453 -29.49 -32.76 -8.59
N ILE A 454 -29.72 -31.96 -7.56
CA ILE A 454 -28.63 -31.57 -6.71
C ILE A 454 -28.52 -32.43 -5.49
N ARG A 455 -27.34 -33.00 -5.30
CA ARG A 455 -27.07 -33.87 -4.18
C ARG A 455 -25.78 -33.48 -3.54
N CYS A 456 -25.77 -33.55 -2.23
CA CYS A 456 -24.58 -33.28 -1.46
C CYS A 456 -24.65 -34.00 -0.14
N SER A 457 -23.54 -34.08 0.55
CA SER A 457 -23.51 -34.68 1.85
C SER A 457 -22.48 -33.98 2.68
N SER A 458 -22.62 -34.07 3.97
CA SER A 458 -21.68 -33.41 4.85
C SER A 458 -21.52 -34.12 6.18
N ASN A 459 -20.50 -33.67 6.90
CA ASN A 459 -20.15 -34.21 8.21
C ASN A 459 -20.67 -33.38 9.36
N ILE A 460 -21.56 -33.93 10.17
CA ILE A 460 -21.99 -33.15 11.30
C ILE A 460 -20.85 -33.30 12.25
N THR A 461 -20.26 -32.19 12.64
CA THR A 461 -19.11 -32.20 13.55
C THR A 461 -19.45 -31.62 14.89
N GLY A 462 -20.58 -30.93 14.96
CA GLY A 462 -20.96 -30.38 16.25
C GLY A 462 -22.30 -29.70 16.24
N LEU A 463 -22.77 -29.41 17.43
CA LEU A 463 -24.08 -28.79 17.61
C LEU A 463 -24.00 -27.48 18.37
N LEU A 464 -24.89 -26.55 18.06
CA LEU A 464 -24.98 -25.37 18.90
C LEU A 464 -26.25 -25.43 19.72
N LEU A 465 -26.10 -25.51 21.02
CA LEU A 465 -27.26 -25.61 21.89
C LEU A 465 -27.38 -24.43 22.85
N THR A 466 -28.59 -24.06 23.19
CA THR A 466 -28.82 -23.04 24.22
C THR A 466 -29.77 -23.60 25.24
N ARG A 467 -29.82 -23.00 26.44
CA ARG A 467 -30.76 -23.52 27.43
C ARG A 467 -32.04 -22.74 27.39
N ASP A 468 -33.15 -23.43 27.51
CA ASP A 468 -34.45 -22.79 27.39
C ASP A 468 -34.88 -22.16 28.69
N GLY A 469 -34.26 -21.03 29.01
CA GLY A 469 -34.56 -20.28 30.22
C GLY A 469 -33.87 -20.83 31.44
N GLY A 470 -34.11 -22.13 31.67
CA GLY A 470 -33.57 -22.89 32.80
C GLY A 470 -34.34 -22.58 34.07
N ARG A 471 -35.64 -22.27 33.91
CA ARG A 471 -36.52 -21.91 35.00
C ARG A 471 -37.57 -22.98 35.27
N ASP A 472 -37.39 -24.15 34.71
CA ASP A 472 -38.32 -25.26 34.88
C ASP A 472 -38.15 -25.78 36.30
N GLN A 473 -39.22 -25.78 37.05
CA GLN A 473 -39.19 -26.12 38.48
C GLN A 473 -39.41 -27.61 38.72
N ASN A 474 -39.47 -28.38 37.65
CA ASN A 474 -39.73 -29.81 37.73
C ASN A 474 -38.50 -30.72 37.70
N GLY A 475 -37.29 -30.19 37.91
CA GLY A 475 -36.12 -31.07 37.92
C GLY A 475 -35.69 -31.52 36.52
N THR A 476 -35.85 -30.63 35.57
CA THR A 476 -35.52 -30.88 34.18
C THR A 476 -34.66 -29.78 33.61
N GLU A 477 -33.96 -30.07 32.52
CA GLU A 477 -33.24 -29.05 31.77
C GLU A 477 -33.56 -29.18 30.29
N THR A 478 -33.85 -28.06 29.65
CA THR A 478 -34.21 -28.11 28.25
C THR A 478 -33.21 -27.42 27.35
N PHE A 479 -32.81 -28.15 26.32
CA PHE A 479 -31.87 -27.68 25.34
C PHE A 479 -32.51 -27.58 23.98
N ARG A 480 -32.18 -26.52 23.28
CA ARG A 480 -32.70 -26.30 21.94
C ARG A 480 -31.59 -26.00 20.98
N PRO A 481 -31.74 -26.30 19.68
CA PRO A 481 -30.81 -26.01 18.62
C PRO A 481 -30.87 -24.55 18.24
N GLY A 482 -30.45 -23.73 19.17
CA GLY A 482 -30.42 -22.30 19.06
C GLY A 482 -29.01 -21.85 18.74
N GLY A 483 -28.65 -20.68 19.23
CA GLY A 483 -27.33 -20.14 18.95
C GLY A 483 -27.49 -18.70 18.55
N GLY A 484 -26.39 -18.00 18.41
CA GLY A 484 -26.43 -16.60 18.06
C GLY A 484 -25.89 -16.36 16.66
N ASN A 485 -25.08 -15.34 16.60
CA ASN A 485 -24.41 -14.84 15.42
C ASN A 485 -23.44 -15.88 14.90
N MET A 486 -23.09 -15.82 13.60
CA MET A 486 -22.16 -16.79 12.99
C MET A 486 -20.80 -16.82 13.68
N ARG A 487 -20.52 -15.83 14.53
CA ARG A 487 -19.29 -15.83 15.29
C ARG A 487 -19.20 -17.15 16.05
N ASP A 488 -20.34 -17.71 16.49
CA ASP A 488 -20.32 -18.96 17.22
C ASP A 488 -19.74 -20.09 16.39
N ASN A 489 -19.96 -20.08 15.07
CA ASN A 489 -19.48 -21.17 14.28
C ASN A 489 -17.99 -21.10 14.15
N TRP A 490 -17.49 -19.90 13.95
CA TRP A 490 -16.07 -19.78 13.75
C TRP A 490 -15.32 -19.89 15.04
N ARG A 491 -15.95 -19.48 16.13
CA ARG A 491 -15.35 -19.59 17.42
C ARG A 491 -15.08 -21.04 17.73
N SER A 492 -15.98 -21.93 17.31
CA SER A 492 -15.85 -23.35 17.59
C SER A 492 -14.65 -24.00 16.89
N GLU A 493 -14.07 -23.33 15.89
CA GLU A 493 -12.94 -23.92 15.18
C GLU A 493 -11.62 -23.26 15.58
N LEU A 494 -11.65 -21.96 15.85
CA LEU A 494 -10.47 -21.16 16.22
C LEU A 494 -10.18 -21.12 17.70
N TYR A 495 -10.94 -21.87 18.46
CA TYR A 495 -10.89 -21.89 19.91
C TYR A 495 -9.54 -22.20 20.52
N LYS A 496 -8.68 -22.88 19.79
CA LYS A 496 -7.39 -23.25 20.33
C LYS A 496 -6.28 -22.25 20.04
N TYR A 497 -6.56 -21.19 19.29
CA TYR A 497 -5.47 -20.29 18.91
C TYR A 497 -5.43 -18.94 19.63
N LYS A 498 -4.21 -18.43 19.82
CA LYS A 498 -3.96 -17.10 20.37
C LYS A 498 -2.87 -16.37 19.58
N VAL A 499 -3.04 -15.08 19.33
CA VAL A 499 -1.99 -14.34 18.62
C VAL A 499 -1.12 -13.56 19.56
N VAL A 500 0.19 -13.71 19.39
CA VAL A 500 1.13 -13.00 20.21
C VAL A 500 2.15 -12.29 19.34
N LYS A 501 2.83 -11.31 19.90
CA LYS A 501 3.90 -10.64 19.18
C LYS A 501 5.20 -11.06 19.79
N ILE A 502 6.22 -11.10 18.97
CA ILE A 502 7.55 -11.50 19.40
C ILE A 502 8.40 -10.29 19.66
N GLU A 503 9.06 -10.29 20.81
CA GLU A 503 9.95 -9.20 21.18
C GLU A 503 11.34 -9.75 21.44
N PRO A 504 12.14 -9.97 20.38
CA PRO A 504 13.40 -10.67 20.38
C PRO A 504 14.55 -9.93 21.04
N LEU A 505 14.40 -8.66 21.36
CA LEU A 505 15.53 -7.98 21.96
C LEU A 505 15.33 -7.96 23.46
N GLY A 506 16.30 -8.48 24.21
CA GLY A 506 16.16 -8.50 25.66
C GLY A 506 17.44 -8.06 26.37
N ILE A 507 17.30 -7.87 27.67
CA ILE A 507 18.39 -7.38 28.51
C ILE A 507 18.72 -8.30 29.66
N ALA A 508 20.00 -8.50 29.93
CA ALA A 508 20.41 -9.33 31.05
C ALA A 508 21.77 -8.88 31.57
N PRO A 509 22.13 -9.15 32.82
CA PRO A 509 23.44 -8.91 33.36
C PRO A 509 24.44 -9.93 32.85
N THR A 510 25.67 -9.49 32.71
CA THR A 510 26.83 -10.30 32.39
C THR A 510 28.07 -9.97 33.13
N ALA A 511 29.10 -10.78 32.92
CA ALA A 511 30.40 -10.51 33.52
C ALA A 511 31.41 -9.96 32.49
N CYS A 512 30.96 -9.70 31.25
CA CYS A 512 31.88 -9.18 30.23
C CYS A 512 31.95 -7.67 30.26
N LYS A 513 33.03 -7.14 29.71
CA LYS A 513 33.11 -5.68 29.53
C LYS A 513 33.75 -5.35 28.16
N ARG A 514 33.16 -4.39 27.45
CA ARG A 514 33.61 -3.96 26.12
C ARG A 514 34.95 -3.22 26.17
N ARG A 515 35.84 -3.50 25.23
CA ARG A 515 37.08 -2.74 25.19
C ARG A 515 36.85 -1.28 24.81
N ALA B 14 25.70 -22.41 25.82
CA ALA B 14 24.48 -22.63 26.59
C ALA B 14 23.78 -21.31 26.82
N ALA B 15 24.23 -20.29 26.12
CA ALA B 15 23.64 -18.96 26.27
C ALA B 15 22.15 -18.98 25.98
N GLY B 16 21.70 -19.81 25.04
CA GLY B 16 20.28 -19.89 24.71
C GLY B 16 19.54 -20.99 25.49
N SER B 17 20.26 -21.68 26.39
CA SER B 17 19.68 -22.77 27.17
C SER B 17 19.65 -22.45 28.66
N THR B 18 20.50 -21.52 29.08
CA THR B 18 20.64 -21.18 30.49
C THR B 18 19.39 -20.48 31.02
N MET B 19 18.85 -19.54 30.24
CA MET B 19 17.69 -18.73 30.65
C MET B 19 16.35 -19.42 30.50
N GLY B 20 16.23 -20.52 31.22
CA GLY B 20 15.06 -21.37 31.28
C GLY B 20 15.11 -22.47 30.26
N ALA B 21 14.48 -23.59 30.58
CA ALA B 21 14.41 -24.69 29.64
C ALA B 21 13.53 -24.27 28.47
N ALA B 22 12.53 -23.44 28.77
CA ALA B 22 11.57 -23.02 27.80
C ALA B 22 12.05 -21.86 26.94
N SER B 23 13.08 -22.11 26.15
CA SER B 23 13.69 -21.12 25.24
C SER B 23 13.31 -21.46 23.80
N MET B 24 12.41 -22.40 23.69
CA MET B 24 11.96 -22.99 22.45
C MET B 24 11.10 -22.16 21.53
N ALA B 25 10.87 -20.90 21.83
CA ALA B 25 10.20 -20.06 20.84
C ALA B 25 11.15 -19.91 19.65
N LEU B 26 12.45 -20.08 19.92
CA LEU B 26 13.51 -20.00 18.95
C LEU B 26 13.43 -18.72 18.13
N THR B 27 13.47 -18.88 16.81
CA THR B 27 13.43 -17.75 15.92
C THR B 27 12.41 -17.94 14.81
N VAL B 28 11.14 -18.14 15.17
CA VAL B 28 10.10 -18.31 14.16
C VAL B 28 10.00 -17.02 13.33
N GLN B 29 10.35 -15.90 13.94
CA GLN B 29 10.37 -14.61 13.26
C GLN B 29 11.46 -14.54 12.19
N ALA B 30 12.49 -15.40 12.26
CA ALA B 30 13.55 -15.40 11.28
C ALA B 30 13.10 -16.22 10.09
N ARG B 31 12.26 -17.22 10.37
CA ARG B 31 11.71 -18.07 9.33
C ARG B 31 10.77 -17.22 8.49
N LEU B 32 10.11 -16.29 9.18
CA LEU B 32 9.18 -15.29 8.67
C LEU B 32 7.78 -15.85 8.52
N HIS B 53 3.50 -12.24 -8.27
CA HIS B 53 2.09 -11.91 -8.16
C HIS B 53 1.87 -10.41 -7.97
N MET B 54 0.75 -9.93 -8.53
CA MET B 54 0.37 -8.53 -8.51
C MET B 54 -0.31 -8.08 -7.21
N LEU B 55 0.00 -6.86 -6.81
CA LEU B 55 -0.63 -6.25 -5.66
C LEU B 55 -2.02 -5.76 -5.94
N GLN B 56 -2.94 -6.69 -5.98
CA GLN B 56 -4.32 -6.34 -6.23
C GLN B 56 -4.93 -5.91 -4.90
N LEU B 57 -5.69 -4.83 -4.89
CA LEU B 57 -6.25 -4.37 -3.63
C LEU B 57 -7.61 -4.98 -3.34
N THR B 58 -7.57 -6.26 -3.06
CA THR B 58 -8.73 -7.10 -2.82
C THR B 58 -8.92 -7.31 -1.32
N VAL B 59 -9.99 -7.99 -0.93
CA VAL B 59 -10.19 -8.17 0.50
C VAL B 59 -9.02 -8.88 1.14
N TRP B 60 -8.52 -9.94 0.52
CA TRP B 60 -7.36 -10.55 1.11
C TRP B 60 -6.08 -9.80 0.75
N GLY B 61 -6.05 -9.18 -0.42
CA GLY B 61 -4.86 -8.50 -0.90
C GLY B 61 -4.41 -7.32 -0.03
N ILE B 62 -5.35 -6.58 0.51
CA ILE B 62 -5.00 -5.44 1.34
C ILE B 62 -4.36 -5.96 2.60
N LYS B 63 -4.93 -7.00 3.18
CA LYS B 63 -4.34 -7.57 4.37
C LYS B 63 -2.94 -8.11 4.08
N GLN B 64 -2.72 -8.68 2.90
CA GLN B 64 -1.39 -9.19 2.58
C GLN B 64 -0.40 -8.04 2.52
N LEU B 65 -0.83 -6.90 1.98
CA LEU B 65 0.05 -5.76 1.92
C LEU B 65 0.40 -5.30 3.30
N GLN B 66 -0.60 -5.19 4.17
CA GLN B 66 -0.29 -4.71 5.49
C GLN B 66 0.69 -5.63 6.17
N ALA B 67 0.53 -6.94 6.00
CA ALA B 67 1.42 -7.88 6.64
C ALA B 67 2.86 -7.67 6.20
N ARG B 68 3.07 -7.39 4.92
CA ARG B 68 4.43 -7.19 4.43
C ARG B 68 5.03 -5.89 4.93
N VAL B 69 4.23 -4.83 4.96
CA VAL B 69 4.73 -3.55 5.39
C VAL B 69 5.08 -3.62 6.86
N LEU B 70 4.22 -4.25 7.65
CA LEU B 70 4.44 -4.38 9.07
C LEU B 70 5.67 -5.22 9.37
N ALA B 71 5.86 -6.33 8.65
CA ALA B 71 7.03 -7.14 8.93
C ALA B 71 8.30 -6.31 8.74
N VAL B 72 8.31 -5.45 7.73
CA VAL B 72 9.46 -4.61 7.53
C VAL B 72 9.63 -3.63 8.66
N GLU B 73 8.56 -2.98 9.06
CA GLU B 73 8.67 -2.02 10.13
C GLU B 73 9.17 -2.64 11.42
N ARG B 74 8.68 -3.83 11.79
CA ARG B 74 9.15 -4.40 13.03
C ARG B 74 10.62 -4.78 12.94
N TYR B 75 11.03 -5.34 11.81
CA TYR B 75 12.43 -5.70 11.65
C TYR B 75 13.30 -4.51 11.84
N LEU B 76 12.97 -3.41 11.17
CA LEU B 76 13.82 -2.26 11.25
C LEU B 76 13.79 -1.65 12.63
N ARG B 77 12.68 -1.63 13.34
CA ARG B 77 12.76 -1.03 14.67
C ARG B 77 13.80 -1.76 15.53
N ASP B 78 13.89 -3.08 15.44
CA ASP B 78 14.89 -3.74 16.25
C ASP B 78 16.28 -3.50 15.71
N GLN B 79 16.43 -3.52 14.40
CA GLN B 79 17.75 -3.37 13.84
C GLN B 79 18.30 -1.98 14.10
N GLN B 80 17.45 -0.97 14.04
CA GLN B 80 17.91 0.38 14.28
C GLN B 80 18.36 0.54 15.70
N LEU B 81 17.64 -0.04 16.66
CA LEU B 81 18.05 0.13 18.03
C LEU B 81 19.39 -0.55 18.29
N LEU B 82 19.60 -1.73 17.70
CA LEU B 82 20.88 -2.39 17.87
C LEU B 82 21.95 -1.56 17.21
N GLY B 83 21.64 -0.94 16.08
CA GLY B 83 22.61 -0.09 15.41
C GLY B 83 23.03 1.06 16.31
N ILE B 84 22.07 1.68 16.98
CA ILE B 84 22.35 2.80 17.85
C ILE B 84 23.29 2.42 18.95
N TRP B 85 23.11 1.27 19.55
CA TRP B 85 23.97 0.83 20.64
C TRP B 85 25.33 0.27 20.21
N GLY B 86 25.55 0.14 18.91
CA GLY B 86 26.77 -0.48 18.43
C GLY B 86 26.71 -2.00 18.49
N CYS B 87 25.50 -2.55 18.42
CA CYS B 87 25.27 -3.98 18.50
C CYS B 87 24.65 -4.51 17.21
N SER B 88 24.85 -3.80 16.10
CA SER B 88 24.23 -4.09 14.81
C SER B 88 24.56 -5.42 14.18
N GLY B 89 25.76 -5.90 14.44
CA GLY B 89 26.27 -7.14 13.89
C GLY B 89 26.36 -8.21 14.96
N LYS B 90 25.70 -7.99 16.08
CA LYS B 90 25.86 -8.91 17.17
C LYS B 90 24.63 -9.74 17.47
N ILE B 91 24.89 -10.89 18.06
CA ILE B 91 23.84 -11.73 18.59
C ILE B 91 23.78 -11.38 20.05
N ILE B 92 24.97 -11.31 20.63
CA ILE B 92 25.10 -10.94 22.01
C ILE B 92 26.10 -9.80 22.01
N CYS B 93 25.75 -8.63 22.51
CA CYS B 93 26.80 -7.61 22.51
C CYS B 93 27.18 -7.25 23.91
N CYS B 94 28.45 -7.00 24.07
CA CYS B 94 29.03 -6.62 25.33
C CYS B 94 29.13 -5.11 25.32
N THR B 95 28.84 -4.46 26.45
CA THR B 95 28.80 -3.00 26.61
C THR B 95 29.75 -2.53 27.72
N ASN B 96 29.81 -1.21 27.97
CA ASN B 96 30.59 -0.62 29.04
C ASN B 96 29.70 0.01 30.10
N VAL B 97 28.45 -0.41 30.18
CA VAL B 97 27.54 0.15 31.17
C VAL B 97 27.28 -0.87 32.25
N PRO B 98 27.56 -0.56 33.52
CA PRO B 98 27.45 -1.44 34.65
C PRO B 98 26.01 -1.75 34.90
N TRP B 99 25.76 -2.86 35.56
CA TRP B 99 24.42 -3.34 35.87
C TRP B 99 23.59 -2.46 36.80
N ASN B 100 24.21 -1.56 37.58
CA ASN B 100 23.51 -0.65 38.49
C ASN B 100 23.00 -1.33 39.77
N ASP B 101 22.30 -2.44 39.63
CA ASP B 101 21.69 -3.25 40.70
C ASP B 101 20.47 -2.68 41.39
N SER B 102 19.93 -1.55 40.94
CA SER B 102 18.68 -1.14 41.57
C SER B 102 17.54 -1.81 40.83
N TRP B 103 17.80 -2.12 39.56
CA TRP B 103 16.82 -2.72 38.67
C TRP B 103 16.47 -4.10 39.19
N SER B 104 17.51 -4.80 39.60
CA SER B 104 17.47 -6.12 40.19
C SER B 104 18.76 -6.36 40.90
N ASN B 105 18.67 -6.80 42.14
CA ASN B 105 19.86 -7.03 42.95
C ASN B 105 20.21 -8.50 43.07
N LYS B 106 19.66 -9.31 42.19
CA LYS B 106 19.98 -10.73 42.16
C LYS B 106 21.31 -10.92 41.43
N THR B 107 22.00 -12.02 41.69
CA THR B 107 23.28 -12.26 41.01
C THR B 107 23.20 -13.07 39.73
N ILE B 108 24.34 -13.32 39.13
CA ILE B 108 24.37 -14.00 37.85
C ILE B 108 23.73 -15.37 37.92
N ASN B 109 23.99 -16.10 38.97
CA ASN B 109 23.45 -17.44 39.05
C ASN B 109 22.01 -17.48 39.56
N GLU B 110 21.44 -16.30 39.83
CA GLU B 110 20.06 -16.16 40.26
C GLU B 110 19.22 -15.59 39.13
N ILE B 111 19.87 -14.79 38.26
CA ILE B 111 19.22 -14.18 37.12
C ILE B 111 19.50 -14.88 35.84
N TRP B 112 20.77 -15.10 35.56
CA TRP B 112 21.11 -15.69 34.31
C TRP B 112 20.71 -17.13 34.42
N ASP B 113 21.18 -17.79 35.47
CA ASP B 113 20.71 -19.14 35.59
C ASP B 113 19.47 -19.12 36.47
N ASN B 114 18.87 -20.27 36.67
CA ASN B 114 17.70 -20.45 37.52
C ASN B 114 16.57 -19.48 37.20
N MET B 115 16.33 -19.19 35.92
CA MET B 115 15.29 -18.25 35.54
C MET B 115 14.93 -18.42 34.08
N THR B 116 13.69 -18.12 33.71
CA THR B 116 13.26 -18.15 32.31
C THR B 116 13.23 -16.75 31.75
N TRP B 117 13.65 -16.58 30.49
CA TRP B 117 13.64 -15.24 29.88
C TRP B 117 12.34 -14.47 30.04
N MET B 118 11.19 -15.12 29.95
CA MET B 118 9.98 -14.32 30.07
C MET B 118 9.84 -13.75 31.48
N GLN B 119 10.29 -14.49 32.49
CA GLN B 119 10.16 -14.04 33.85
C GLN B 119 11.07 -12.87 34.05
N TRP B 120 12.23 -12.98 33.46
CA TRP B 120 13.23 -11.96 33.57
C TRP B 120 12.80 -10.65 32.95
N GLU B 121 12.24 -10.72 31.75
CA GLU B 121 11.83 -9.48 31.14
C GLU B 121 10.76 -8.83 32.00
N LYS B 122 9.88 -9.63 32.63
CA LYS B 122 8.91 -9.00 33.50
C LYS B 122 9.59 -8.37 34.72
N GLU B 123 10.58 -9.05 35.31
CA GLU B 123 11.25 -8.55 36.52
C GLU B 123 11.88 -7.18 36.34
N ILE B 124 12.44 -6.91 35.18
CA ILE B 124 13.06 -5.60 34.95
C ILE B 124 12.33 -4.76 33.91
N ASP B 125 11.04 -5.00 33.72
CA ASP B 125 10.28 -4.27 32.71
C ASP B 125 10.27 -2.75 32.92
N ASN B 126 10.28 -2.30 34.17
CA ASN B 126 10.16 -0.87 34.47
C ASN B 126 11.45 -0.13 34.22
N TYR B 127 12.50 -0.85 33.88
CA TYR B 127 13.76 -0.19 33.70
C TYR B 127 14.12 -0.20 32.24
N THR B 128 13.18 -0.59 31.38
CA THR B 128 13.49 -0.70 29.97
C THR B 128 14.01 0.58 29.38
N GLN B 129 13.37 1.70 29.68
CA GLN B 129 13.77 2.96 29.09
C GLN B 129 15.04 3.48 29.73
N HIS B 130 15.19 3.21 31.02
CA HIS B 130 16.37 3.68 31.72
C HIS B 130 17.58 2.99 31.11
N ILE B 131 17.47 1.68 30.95
CA ILE B 131 18.55 0.89 30.41
C ILE B 131 18.81 1.25 28.98
N TYR B 132 17.78 1.39 28.15
CA TYR B 132 18.02 1.72 26.77
C TYR B 132 18.71 3.06 26.67
N THR B 133 18.30 4.01 27.51
CA THR B 133 18.92 5.31 27.48
C THR B 133 20.37 5.17 27.82
N LEU B 134 20.71 4.39 28.85
CA LEU B 134 22.10 4.20 29.22
C LEU B 134 22.89 3.48 28.16
N LEU B 135 22.28 2.54 27.46
CA LEU B 135 22.99 1.82 26.41
C LEU B 135 23.44 2.76 25.30
N GLU B 136 22.66 3.81 25.01
CA GLU B 136 23.09 4.78 24.02
C GLU B 136 23.92 5.93 24.60
N VAL B 137 23.38 6.56 25.61
CA VAL B 137 24.00 7.75 26.09
C VAL B 137 25.31 7.44 26.70
N SER B 138 26.32 8.16 26.26
CA SER B 138 27.71 7.95 26.67
C SER B 138 28.27 6.63 26.10
N GLN B 139 27.59 5.52 26.32
CA GLN B 139 28.09 4.24 25.87
C GLN B 139 28.38 4.19 24.40
N ILE B 140 27.54 4.78 23.56
CA ILE B 140 27.91 4.81 22.18
C ILE B 140 28.46 6.19 21.88
N GLN B 141 27.81 7.20 22.43
CA GLN B 141 28.18 8.57 22.08
C GLN B 141 29.58 8.99 22.51
N GLN B 142 29.97 8.62 23.70
CA GLN B 142 31.26 9.00 24.24
C GLN B 142 32.25 8.06 23.68
N GLU B 143 31.91 6.79 23.63
CA GLU B 143 32.87 5.85 23.10
C GLU B 143 33.29 6.29 21.72
N LYS B 144 32.36 6.72 20.88
CA LYS B 144 32.76 7.14 19.57
C LYS B 144 33.51 8.47 19.58
N ASN B 145 33.13 9.43 20.43
CA ASN B 145 33.87 10.69 20.43
C ASN B 145 35.30 10.50 20.97
N GLU B 146 35.49 9.61 21.94
CA GLU B 146 36.81 9.37 22.45
C GLU B 146 37.64 8.69 21.38
N GLN B 147 37.04 7.80 20.61
CA GLN B 147 37.79 7.19 19.54
C GLN B 147 38.17 8.25 18.51
N GLU B 148 37.27 9.19 18.21
CA GLU B 148 37.61 10.22 17.25
C GLU B 148 38.87 10.93 17.69
N LEU B 149 39.00 11.21 18.99
CA LEU B 149 40.19 11.87 19.47
C LEU B 149 41.44 10.96 19.40
N LEU B 150 41.28 9.69 19.73
CA LEU B 150 42.41 8.76 19.70
C LEU B 150 42.92 8.50 18.30
N GLU B 151 42.04 8.57 17.34
CA GLU B 151 42.36 8.30 15.95
C GLU B 151 43.05 9.49 15.29
N LEU B 152 43.26 10.58 16.04
CA LEU B 152 43.91 11.76 15.49
C LEU B 152 45.41 11.64 15.65
N ASP B 153 45.83 10.61 16.39
CA ASP B 153 47.24 10.40 16.65
C ASP B 153 47.91 9.45 15.65
N ASP C 1 -20.59 -51.63 41.89
CA ASP C 1 -19.36 -51.77 41.14
C ASP C 1 -19.54 -52.55 39.85
N ILE C 2 -18.45 -52.66 39.11
CA ILE C 2 -18.39 -53.40 37.87
C ILE C 2 -17.56 -54.61 38.12
N VAL C 3 -18.02 -55.76 37.69
CA VAL C 3 -17.24 -56.96 37.87
C VAL C 3 -16.87 -57.52 36.52
N MET C 4 -15.58 -57.61 36.28
CA MET C 4 -15.08 -58.11 35.02
C MET C 4 -14.69 -59.57 35.16
N THR C 5 -15.11 -60.37 34.20
CA THR C 5 -14.77 -61.80 34.14
C THR C 5 -14.04 -62.12 32.85
N GLN C 6 -12.95 -62.88 32.97
CA GLN C 6 -12.21 -63.26 31.77
C GLN C 6 -12.16 -64.75 31.62
N THR C 7 -12.19 -65.21 30.38
CA THR C 7 -12.12 -66.61 30.05
C THR C 7 -11.71 -66.77 28.58
N PRO C 8 -11.06 -67.86 28.20
CA PRO C 8 -10.51 -68.97 28.96
C PRO C 8 -9.26 -68.53 29.68
N ALA C 9 -8.98 -69.19 30.79
CA ALA C 9 -7.74 -69.00 31.53
C ALA C 9 -6.77 -70.09 31.15
N SER C 10 -5.48 -69.90 31.46
CA SER C 10 -4.47 -70.92 31.20
C SER C 10 -4.49 -71.40 29.76
N VAL C 11 -4.42 -70.44 28.85
CA VAL C 11 -4.47 -70.72 27.45
C VAL C 11 -3.12 -71.11 26.94
N SER C 12 -3.05 -72.22 26.22
CA SER C 12 -1.78 -72.64 25.67
C SER C 12 -1.98 -73.16 24.28
N GLU C 13 -1.29 -72.52 23.35
CA GLU C 13 -1.38 -72.78 21.93
C GLU C 13 0.02 -72.85 21.34
N PRO C 14 0.22 -73.55 20.21
CA PRO C 14 1.48 -73.63 19.50
C PRO C 14 1.84 -72.34 18.83
N VAL C 15 3.12 -72.12 18.73
CA VAL C 15 3.63 -70.96 18.06
C VAL C 15 3.16 -71.00 16.62
N GLY C 16 2.70 -69.85 16.17
CA GLY C 16 2.19 -69.68 14.82
C GLY C 16 0.66 -69.79 14.72
N GLY C 17 -0.01 -70.17 15.80
CA GLY C 17 -1.46 -70.29 15.82
C GLY C 17 -2.07 -68.96 16.23
N THR C 18 -3.35 -68.99 16.67
CA THR C 18 -4.05 -67.78 17.11
C THR C 18 -4.79 -68.00 18.42
N VAL C 19 -5.03 -66.91 19.15
CA VAL C 19 -5.77 -66.88 20.44
C VAL C 19 -6.81 -65.81 20.59
N THR C 20 -7.92 -66.17 21.21
CA THR C 20 -8.88 -65.14 21.53
C THR C 20 -9.15 -65.15 23.03
N ILE C 21 -9.43 -63.97 23.57
CA ILE C 21 -9.79 -63.84 24.98
C ILE C 21 -11.17 -63.24 25.10
N ASN C 22 -12.06 -63.90 25.83
CA ASN C 22 -13.44 -63.51 26.06
C ASN C 22 -13.70 -62.80 27.39
N CYS C 23 -14.06 -61.52 27.32
CA CYS C 23 -14.31 -60.75 28.53
C CYS C 23 -15.74 -60.29 28.70
N GLN C 24 -16.22 -60.45 29.92
CA GLN C 24 -17.58 -60.08 30.25
C GLN C 24 -17.65 -58.99 31.30
N ALA C 25 -18.53 -58.01 31.09
CA ALA C 25 -18.74 -56.98 32.12
C ALA C 25 -20.12 -56.40 32.05
N SER C 26 -20.82 -56.38 33.17
CA SER C 26 -22.15 -55.81 33.20
C SER C 26 -22.09 -54.30 33.25
N GLN C 27 -23.24 -53.69 32.98
CA GLN C 27 -23.39 -52.24 33.05
C GLN C 27 -22.39 -51.47 32.21
N SER C 28 -22.14 -51.93 31.00
CA SER C 28 -21.24 -51.19 30.14
C SER C 28 -21.84 -49.84 29.81
N ARG C 29 -20.99 -48.83 29.77
CA ARG C 29 -21.41 -47.50 29.43
C ARG C 29 -20.95 -47.13 28.03
N GLY C 30 -20.48 -48.13 27.30
CA GLY C 30 -19.99 -47.93 25.94
C GLY C 30 -18.72 -48.72 25.69
N ASN C 31 -18.28 -48.75 24.43
CA ASN C 31 -17.11 -49.52 24.07
C ASN C 31 -15.81 -48.70 24.14
N ASN C 32 -15.98 -47.44 24.51
CA ASN C 32 -14.88 -46.49 24.59
C ASN C 32 -14.31 -46.40 25.98
N TYR C 33 -14.82 -47.24 26.86
CA TYR C 33 -14.45 -47.28 28.27
C TYR C 33 -13.68 -48.53 28.63
N LEU C 34 -13.27 -49.26 27.62
CA LEU C 34 -12.56 -50.50 27.83
C LEU C 34 -11.24 -50.54 27.07
N SER C 35 -10.23 -51.08 27.73
CA SER C 35 -8.85 -51.22 27.25
C SER C 35 -8.21 -52.56 27.63
N TRP C 36 -7.05 -52.85 27.03
CA TRP C 36 -6.31 -54.10 27.32
C TRP C 36 -4.83 -53.84 27.61
N TYR C 37 -4.26 -54.67 28.49
CA TYR C 37 -2.84 -54.57 28.83
C TYR C 37 -2.09 -55.88 28.65
N GLN C 38 -0.81 -55.78 28.26
CA GLN C 38 0.06 -56.95 28.12
C GLN C 38 1.14 -56.97 29.19
N GLN C 39 1.09 -57.94 30.10
CA GLN C 39 2.08 -58.02 31.16
C GLN C 39 2.94 -59.26 31.07
N LYS C 40 4.22 -59.08 30.85
CA LYS C 40 5.10 -60.21 30.79
C LYS C 40 5.55 -60.45 32.23
N PRO C 41 5.82 -61.68 32.66
CA PRO C 41 6.24 -61.98 34.00
C PRO C 41 7.46 -61.18 34.38
N GLY C 42 7.39 -60.59 35.58
CA GLY C 42 8.45 -59.80 36.17
C GLY C 42 8.38 -58.30 35.90
N GLN C 43 7.50 -57.85 35.00
CA GLN C 43 7.47 -56.41 34.72
C GLN C 43 6.11 -55.77 34.99
N SER C 44 6.05 -54.47 34.76
CA SER C 44 4.81 -53.74 34.86
C SER C 44 4.00 -54.10 33.62
N PRO C 45 2.69 -53.96 33.62
CA PRO C 45 1.84 -54.16 32.46
C PRO C 45 2.06 -53.04 31.49
N SER C 46 1.88 -53.30 30.20
CA SER C 46 1.98 -52.26 29.20
C SER C 46 0.69 -52.08 28.40
N LEU C 47 0.38 -50.84 28.06
CA LEU C 47 -0.83 -50.60 27.29
C LEU C 47 -0.79 -51.25 25.95
N LEU C 48 -1.82 -52.01 25.64
CA LEU C 48 -1.85 -52.71 24.39
C LEU C 48 -2.93 -52.07 23.52
N ILE C 49 -4.12 -51.98 24.09
CA ILE C 49 -5.33 -51.50 23.43
C ILE C 49 -5.91 -50.40 24.28
N TYR C 50 -6.38 -49.30 23.71
CA TYR C 50 -6.93 -48.26 24.61
C TYR C 50 -8.41 -47.95 24.44
N ARG C 51 -8.99 -48.42 23.35
CA ARG C 51 -10.43 -48.28 23.09
C ARG C 51 -10.76 -49.67 22.66
N THR C 52 -11.98 -50.14 22.76
CA THR C 52 -12.17 -51.53 22.37
C THR C 52 -11.59 -51.86 21.00
N SER C 53 -11.78 -51.00 20.01
CA SER C 53 -11.27 -51.28 18.68
C SER C 53 -9.95 -50.59 18.31
N THR C 54 -9.32 -49.88 19.23
CA THR C 54 -8.10 -49.14 18.88
C THR C 54 -6.88 -49.53 19.68
N LEU C 55 -5.81 -49.86 18.95
CA LEU C 55 -4.56 -50.27 19.57
C LEU C 55 -3.64 -49.11 19.87
N ALA C 56 -2.77 -49.33 20.85
CA ALA C 56 -1.77 -48.37 21.25
C ALA C 56 -0.63 -48.31 20.25
N SER C 57 -0.02 -47.15 20.11
CA SER C 57 1.12 -47.04 19.21
C SER C 57 2.21 -48.01 19.64
N GLY C 58 2.82 -48.65 18.66
CA GLY C 58 3.90 -49.59 18.89
C GLY C 58 3.42 -51.04 18.91
N VAL C 59 2.11 -51.22 18.96
CA VAL C 59 1.52 -52.55 18.98
C VAL C 59 1.35 -53.07 17.53
N PRO C 60 1.83 -54.29 17.23
CA PRO C 60 1.78 -54.95 15.93
C PRO C 60 0.36 -55.37 15.56
N SER C 61 0.15 -55.75 14.30
CA SER C 61 -1.18 -56.12 13.80
C SER C 61 -1.69 -57.50 14.24
N ARG C 62 -1.96 -57.54 15.53
CA ARG C 62 -2.45 -58.67 16.28
C ARG C 62 -3.08 -57.99 17.47
N PHE C 63 -3.81 -58.69 18.32
CA PHE C 63 -4.46 -58.07 19.46
C PHE C 63 -5.55 -57.15 18.94
N LYS C 64 -6.27 -57.60 17.94
CA LYS C 64 -7.34 -56.78 17.45
C LYS C 64 -8.45 -56.83 18.47
N GLY C 65 -8.96 -55.68 18.86
CA GLY C 65 -10.05 -55.71 19.82
C GLY C 65 -11.38 -55.54 19.12
N SER C 66 -12.42 -56.11 19.71
CA SER C 66 -13.76 -55.97 19.20
C SER C 66 -14.76 -56.15 20.32
N GLY C 67 -16.00 -55.73 20.08
CA GLY C 67 -17.00 -55.94 21.10
C GLY C 67 -18.27 -55.13 20.90
N SER C 68 -19.18 -55.34 21.81
CA SER C 68 -20.49 -54.72 21.89
C SER C 68 -20.79 -54.56 23.37
N GLY C 69 -21.86 -53.88 23.73
CA GLY C 69 -22.04 -53.67 25.16
C GLY C 69 -22.00 -54.98 25.94
N THR C 70 -21.15 -54.98 26.97
CA THR C 70 -20.84 -56.07 27.91
C THR C 70 -20.03 -57.24 27.32
N GLN C 71 -19.88 -57.28 26.01
CA GLN C 71 -19.20 -58.38 25.31
C GLN C 71 -17.90 -58.01 24.62
N PHE C 72 -16.76 -58.42 25.18
CA PHE C 72 -15.51 -57.98 24.56
C PHE C 72 -14.56 -59.11 24.22
N THR C 73 -13.89 -58.97 23.08
CA THR C 73 -12.91 -59.97 22.66
C THR C 73 -11.59 -59.37 22.19
N LEU C 74 -10.49 -60.04 22.57
CA LEU C 74 -9.19 -59.65 22.02
C LEU C 74 -8.72 -60.79 21.14
N THR C 75 -8.25 -60.49 19.92
CA THR C 75 -7.73 -61.55 19.05
C THR C 75 -6.24 -61.41 18.71
N ILE C 76 -5.50 -62.47 18.97
CA ILE C 76 -4.10 -62.48 18.66
C ILE C 76 -3.96 -63.24 17.36
N SER C 77 -3.67 -62.51 16.30
CA SER C 77 -3.60 -62.97 14.92
C SER C 77 -2.35 -63.78 14.60
N ASP C 78 -1.35 -63.65 15.44
CA ASP C 78 -0.07 -64.28 15.22
C ASP C 78 0.62 -64.64 16.53
N LEU C 79 0.59 -65.90 16.92
CA LEU C 79 1.20 -66.27 18.19
C LEU C 79 2.69 -66.45 18.13
N GLU C 80 3.37 -65.33 18.11
CA GLU C 80 4.82 -65.26 18.17
C GLU C 80 5.14 -65.50 19.63
N CYS C 81 6.21 -66.22 19.96
CA CYS C 81 6.49 -66.49 21.39
C CYS C 81 6.78 -65.24 22.20
N ALA C 82 7.09 -64.17 21.49
CA ALA C 82 7.38 -62.86 22.01
C ALA C 82 6.19 -62.30 22.77
N ASP C 83 4.99 -62.78 22.43
CA ASP C 83 3.76 -62.32 23.02
C ASP C 83 3.25 -63.23 24.12
N ALA C 84 4.04 -64.20 24.55
CA ALA C 84 3.50 -64.95 25.67
C ALA C 84 3.43 -63.94 26.80
N ALA C 85 2.27 -63.83 27.42
CA ALA C 85 2.05 -62.80 28.44
C ALA C 85 0.73 -63.03 29.14
N THR C 86 0.50 -62.32 30.23
CA THR C 86 -0.83 -62.32 30.82
C THR C 86 -1.53 -61.08 30.31
N TYR C 87 -2.69 -61.27 29.74
CA TYR C 87 -3.40 -60.15 29.19
C TYR C 87 -4.52 -59.71 30.11
N TYR C 88 -4.65 -58.43 30.31
CA TYR C 88 -5.70 -57.96 31.20
C TYR C 88 -6.71 -57.13 30.52
N CYS C 89 -7.95 -57.32 30.93
CA CYS C 89 -8.99 -56.50 30.38
C CYS C 89 -9.45 -55.51 31.44
N LEU C 90 -9.40 -54.23 31.09
CA LEU C 90 -9.75 -53.13 31.98
C LEU C 90 -10.96 -52.33 31.60
N TYR C 91 -11.79 -52.07 32.58
CA TYR C 91 -12.91 -51.21 32.39
C TYR C 91 -12.84 -50.03 33.37
N GLY C 92 -13.21 -48.84 32.91
CA GLY C 92 -13.32 -47.73 33.87
C GLY C 92 -14.08 -46.57 33.27
N TYR C 93 -14.56 -45.70 34.12
CA TYR C 93 -15.34 -44.57 33.69
C TYR C 93 -15.12 -43.44 34.65
N TYR C 94 -14.23 -42.53 34.35
CA TYR C 94 -14.04 -41.53 35.38
C TYR C 94 -15.32 -40.81 35.51
N SER C 95 -15.70 -40.59 36.73
CA SER C 95 -16.87 -39.85 37.08
C SER C 95 -16.68 -39.21 38.40
N SER C 96 -17.29 -38.07 38.57
CA SER C 96 -17.25 -37.34 39.81
C SER C 96 -18.02 -38.08 40.89
N ARG C 97 -18.88 -39.01 40.47
CA ARG C 97 -19.67 -39.79 41.40
C ARG C 97 -19.42 -41.30 41.30
N ASN C 98 -19.12 -41.80 40.09
CA ASN C 98 -19.00 -43.25 39.89
C ASN C 98 -17.82 -43.71 39.02
N PRO C 99 -16.57 -43.68 39.50
CA PRO C 99 -15.36 -44.07 38.75
C PRO C 99 -15.47 -45.45 38.06
N ASP C 100 -16.17 -46.39 38.71
CA ASP C 100 -16.39 -47.71 38.16
C ASP C 100 -15.16 -48.45 37.64
N PHE C 101 -14.03 -48.41 38.34
CA PHE C 101 -12.87 -49.12 37.83
C PHE C 101 -12.81 -50.58 38.20
N ALA C 102 -12.48 -51.40 37.21
CA ALA C 102 -12.30 -52.82 37.44
C ALA C 102 -11.37 -53.45 36.41
N PHE C 103 -10.63 -54.44 36.86
CA PHE C 103 -9.84 -55.24 35.96
C PHE C 103 -10.35 -56.63 36.11
N GLY C 104 -10.20 -57.42 35.08
CA GLY C 104 -10.53 -58.82 35.19
C GLY C 104 -9.35 -59.48 35.85
N GLY C 105 -9.35 -60.79 35.98
CA GLY C 105 -8.26 -61.44 36.67
C GLY C 105 -7.02 -61.66 35.80
N GLY C 106 -7.13 -61.36 34.52
CA GLY C 106 -6.04 -61.58 33.59
C GLY C 106 -6.12 -62.95 32.96
N THR C 107 -5.66 -63.04 31.73
CA THR C 107 -5.62 -64.30 31.04
C THR C 107 -4.22 -64.65 30.63
N GLU C 108 -3.74 -65.76 31.12
CA GLU C 108 -2.41 -66.16 30.77
C GLU C 108 -2.44 -66.85 29.44
N VAL C 109 -1.59 -66.39 28.52
CA VAL C 109 -1.47 -67.01 27.22
C VAL C 109 -0.03 -67.46 27.01
N VAL C 110 0.11 -68.76 26.81
CA VAL C 110 1.37 -69.42 26.60
C VAL C 110 1.55 -69.80 25.15
N VAL C 111 2.68 -69.44 24.59
CA VAL C 111 2.93 -69.76 23.21
C VAL C 111 4.08 -70.75 23.14
N LYS C 112 3.78 -71.95 22.64
CA LYS C 112 4.77 -73.03 22.58
C LYS C 112 5.32 -73.24 21.18
N LEU D 1 7.73 -42.84 34.98
CA LEU D 1 7.42 -42.61 36.38
C LEU D 1 8.03 -43.66 37.23
N GLU D 2 8.40 -43.27 38.44
CA GLU D 2 8.96 -44.24 39.37
C GLU D 2 8.34 -44.15 40.74
N GLU D 3 8.14 -45.29 41.36
CA GLU D 3 7.62 -45.35 42.71
C GLU D 3 8.78 -45.38 43.69
N SER D 4 8.46 -45.39 44.98
CA SER D 4 9.46 -45.41 46.03
C SER D 4 8.84 -45.71 47.38
N GLY D 5 9.68 -46.02 48.37
CA GLY D 5 9.18 -46.17 49.75
C GLY D 5 8.70 -47.55 50.17
N GLY D 6 9.09 -48.59 49.46
CA GLY D 6 8.64 -49.93 49.83
C GLY D 6 9.52 -50.49 50.92
N GLY D 7 9.35 -51.77 51.18
CA GLY D 7 10.09 -52.43 52.25
C GLY D 7 9.16 -53.28 53.10
N LEU D 8 9.67 -53.72 54.24
CA LEU D 8 8.92 -54.58 55.13
C LEU D 8 8.31 -53.75 56.24
N VAL D 9 7.06 -54.03 56.53
CA VAL D 9 6.31 -53.40 57.59
C VAL D 9 5.78 -54.49 58.49
N GLN D 10 5.57 -54.20 59.76
CA GLN D 10 5.03 -55.19 60.64
C GLN D 10 3.51 -55.31 60.46
N PRO D 11 2.83 -56.24 61.14
CA PRO D 11 1.39 -56.36 61.12
C PRO D 11 0.78 -55.10 61.70
N GLU D 12 -0.26 -54.62 61.04
CA GLU D 12 -1.00 -53.43 61.39
C GLU D 12 -0.15 -52.17 61.33
N GLY D 13 0.95 -52.21 60.59
CA GLY D 13 1.77 -51.03 60.44
C GLY D 13 1.29 -50.24 59.23
N SER D 14 2.12 -49.29 58.79
CA SER D 14 1.75 -48.43 57.67
C SER D 14 2.97 -48.00 56.85
N LEU D 15 2.70 -47.64 55.59
CA LEU D 15 3.69 -47.12 54.66
C LEU D 15 3.19 -45.94 53.88
N THR D 16 4.10 -45.11 53.41
CA THR D 16 3.71 -44.11 52.42
C THR D 16 4.58 -44.32 51.20
N LEU D 17 3.96 -44.52 50.05
CA LEU D 17 4.73 -44.72 48.83
C LEU D 17 4.69 -43.45 48.02
N THR D 18 5.77 -43.16 47.31
CA THR D 18 5.76 -41.96 46.48
C THR D 18 6.09 -42.21 45.03
N CYS D 19 5.21 -41.69 44.17
CA CYS D 19 5.36 -41.74 42.72
C CYS D 19 5.85 -40.40 42.19
N LYS D 20 6.99 -40.44 41.52
CA LYS D 20 7.62 -39.23 41.01
C LYS D 20 7.50 -39.05 39.50
N ALA D 21 7.04 -37.87 39.10
CA ALA D 21 6.88 -37.54 37.71
C ALA D 21 8.16 -37.11 37.05
N SER D 22 9.03 -38.06 36.80
CA SER D 22 10.36 -37.76 36.29
C SER D 22 10.35 -37.30 34.84
N GLY D 23 9.91 -36.04 34.65
CA GLY D 23 9.75 -35.43 33.34
C GLY D 23 8.35 -35.60 32.80
N PHE D 24 7.40 -35.96 33.67
CA PHE D 24 6.03 -36.17 33.22
C PHE D 24 5.06 -35.41 34.09
N ASP D 25 5.10 -34.10 34.06
CA ASP D 25 4.34 -33.33 35.04
C ASP D 25 2.88 -33.70 35.07
N PHE D 26 2.37 -33.92 36.27
CA PHE D 26 0.99 -34.31 36.45
C PHE D 26 0.09 -33.09 36.44
N SER D 27 0.04 -32.41 35.31
CA SER D 27 -0.74 -31.19 35.19
C SER D 27 -2.07 -31.39 34.45
N ASP D 28 -2.09 -32.39 33.60
CA ASP D 28 -3.21 -32.75 32.75
C ASP D 28 -3.43 -34.24 32.74
N TYR D 29 -2.79 -34.88 33.69
CA TYR D 29 -2.82 -36.32 33.84
C TYR D 29 -3.47 -36.74 35.10
N HIS D 30 -4.08 -37.91 35.06
CA HIS D 30 -4.60 -38.50 36.26
C HIS D 30 -3.55 -39.44 36.75
N VAL D 31 -3.45 -39.56 38.06
CA VAL D 31 -2.49 -40.48 38.63
C VAL D 31 -3.24 -41.52 39.39
N GLN D 32 -3.03 -42.76 39.04
CA GLN D 32 -3.79 -43.80 39.68
C GLN D 32 -2.92 -44.86 40.31
N TRP D 33 -3.44 -45.44 41.37
CA TRP D 33 -2.76 -46.50 42.06
C TRP D 33 -3.46 -47.82 41.88
N VAL D 34 -2.65 -48.84 41.62
CA VAL D 34 -3.12 -50.21 41.50
C VAL D 34 -2.27 -51.15 42.34
N ARG D 35 -2.80 -52.35 42.57
CA ARG D 35 -2.07 -53.35 43.33
C ARG D 35 -2.07 -54.73 42.69
N GLN D 36 -0.93 -55.41 42.77
CA GLN D 36 -0.90 -56.79 42.30
C GLN D 36 -0.16 -57.71 43.25
N SER D 37 -0.91 -58.50 44.02
CA SER D 37 -0.29 -59.39 44.99
C SER D 37 0.29 -60.56 44.19
N PRO D 38 1.23 -61.34 44.74
CA PRO D 38 1.83 -62.45 44.03
C PRO D 38 0.79 -63.44 43.56
N GLY D 39 0.87 -63.83 42.29
CA GLY D 39 -0.02 -64.81 41.71
C GLY D 39 -1.38 -64.25 41.28
N LYS D 40 -1.58 -62.96 41.47
CA LYS D 40 -2.86 -62.32 41.17
C LYS D 40 -2.80 -61.34 40.02
N GLY D 41 -3.98 -60.88 39.62
CA GLY D 41 -4.15 -59.87 38.59
C GLY D 41 -4.16 -58.51 39.25
N LEU D 42 -4.72 -57.51 38.61
CA LEU D 42 -4.64 -56.19 39.18
C LEU D 42 -5.90 -55.71 39.86
N GLU D 43 -5.72 -55.19 41.06
CA GLU D 43 -6.77 -54.60 41.84
C GLU D 43 -6.63 -53.10 41.68
N PHE D 44 -7.72 -52.37 41.73
CA PHE D 44 -7.62 -50.93 41.61
C PHE D 44 -7.70 -50.28 42.98
N ILE D 45 -6.83 -49.33 43.31
CA ILE D 45 -6.90 -48.70 44.63
C ILE D 45 -7.63 -47.37 44.59
N GLY D 46 -7.31 -46.55 43.62
CA GLY D 46 -7.91 -45.21 43.53
C GLY D 46 -7.00 -44.27 42.76
N GLY D 47 -7.28 -42.97 42.83
CA GLY D 47 -6.47 -42.01 42.09
C GLY D 47 -6.88 -40.54 42.19
N ILE D 48 -6.08 -39.71 41.54
CA ILE D 48 -6.31 -38.28 41.58
C ILE D 48 -6.54 -37.75 40.19
N ALA D 49 -7.62 -37.01 40.06
CA ALA D 49 -8.01 -36.38 38.81
C ALA D 49 -7.13 -35.18 38.53
N TYR D 50 -7.03 -34.77 37.27
CA TYR D 50 -6.18 -33.61 36.96
C TYR D 50 -6.73 -32.35 37.64
N THR D 51 -8.02 -32.41 37.96
CA THR D 51 -8.80 -31.36 38.55
C THR D 51 -8.61 -31.28 40.06
N GLY D 52 -7.95 -32.27 40.63
CA GLY D 52 -7.74 -32.36 42.06
C GLY D 52 -8.72 -33.29 42.76
N ASN D 53 -9.77 -33.70 42.08
CA ASN D 53 -10.71 -34.63 42.71
C ASN D 53 -10.05 -35.95 43.07
N ILE D 54 -10.25 -36.41 44.30
CA ILE D 54 -9.64 -37.67 44.69
C ILE D 54 -10.71 -38.72 44.88
N TYR D 55 -10.50 -39.86 44.25
CA TYR D 55 -11.47 -40.93 44.33
C TYR D 55 -10.82 -42.23 44.78
N TYR D 56 -11.62 -43.10 45.38
CA TYR D 56 -11.12 -44.36 45.89
C TYR D 56 -11.89 -45.57 45.47
N ALA D 57 -11.19 -46.69 45.43
CA ALA D 57 -11.78 -47.99 45.17
C ALA D 57 -12.44 -48.58 46.39
N SER D 58 -13.42 -49.43 46.13
CA SER D 58 -14.10 -50.22 47.14
C SER D 58 -13.16 -51.27 47.74
N TRP D 59 -12.02 -51.47 47.07
CA TRP D 59 -10.95 -52.35 47.50
C TRP D 59 -10.20 -51.79 48.70
N ALA D 60 -10.09 -50.46 48.76
CA ALA D 60 -9.34 -49.80 49.80
C ALA D 60 -10.16 -49.75 51.07
N LYS D 61 -11.44 -49.47 50.91
CA LYS D 61 -12.37 -49.40 52.04
C LYS D 61 -11.88 -48.46 53.14
N GLY D 62 -11.29 -47.33 52.77
CA GLY D 62 -10.82 -46.35 53.75
C GLY D 62 -9.42 -46.63 54.33
N ARG D 63 -8.77 -47.72 53.94
CA ARG D 63 -7.45 -48.06 54.46
C ARG D 63 -6.34 -47.36 53.72
N PHE D 64 -6.70 -46.70 52.63
CA PHE D 64 -5.72 -46.02 51.83
C PHE D 64 -6.10 -44.57 51.66
N THR D 65 -5.08 -43.73 51.64
CA THR D 65 -5.24 -42.30 51.38
C THR D 65 -4.40 -41.90 50.19
N ILE D 66 -5.04 -41.23 49.27
CA ILE D 66 -4.37 -40.81 48.07
C ILE D 66 -4.27 -39.32 48.05
N SER D 67 -3.05 -38.81 47.82
CA SER D 67 -2.88 -37.37 47.81
C SER D 67 -1.77 -36.85 46.94
N LYS D 68 -2.04 -35.72 46.29
CA LYS D 68 -1.05 -35.02 45.50
C LYS D 68 -0.40 -34.11 46.50
N THR D 69 0.92 -34.20 46.65
CA THR D 69 1.55 -33.42 47.69
C THR D 69 2.27 -32.23 47.12
N SER D 70 2.64 -32.32 45.87
CA SER D 70 3.31 -31.23 45.19
C SER D 70 3.22 -31.45 43.71
N SER D 71 3.54 -30.45 42.91
CA SER D 71 3.59 -30.75 41.50
C SER D 71 4.66 -31.81 41.35
N THR D 72 4.38 -32.80 40.52
CA THR D 72 5.23 -33.96 40.21
C THR D 72 5.25 -35.04 41.31
N THR D 73 4.64 -34.77 42.47
CA THR D 73 4.71 -35.77 43.52
C THR D 73 3.34 -36.24 44.03
N VAL D 74 3.13 -37.55 43.92
CA VAL D 74 1.90 -38.16 44.38
C VAL D 74 2.18 -39.30 45.33
N THR D 75 1.48 -39.32 46.45
CA THR D 75 1.73 -40.38 47.38
C THR D 75 0.53 -41.23 47.68
N LEU D 76 0.83 -42.44 48.13
CA LEU D 76 -0.17 -43.37 48.59
C LEU D 76 0.09 -43.76 50.01
N GLN D 77 -0.84 -43.49 50.89
CA GLN D 77 -0.65 -43.88 52.26
C GLN D 77 -1.45 -45.13 52.45
N MET D 78 -0.91 -46.09 53.18
CA MET D 78 -1.67 -47.29 53.46
C MET D 78 -1.53 -47.63 54.92
N THR D 79 -2.61 -48.04 55.55
CA THR D 79 -2.54 -48.40 56.95
C THR D 79 -3.15 -49.72 57.33
N THR D 80 -3.01 -50.01 58.64
CA THR D 80 -3.48 -51.23 59.30
C THR D 80 -3.34 -52.41 58.37
N LEU D 81 -2.09 -52.66 57.97
CA LEU D 81 -1.78 -53.67 56.98
C LEU D 81 -1.71 -55.11 57.47
N THR D 82 -2.08 -56.02 56.59
CA THR D 82 -1.99 -57.43 56.90
C THR D 82 -1.23 -58.24 55.87
N ALA D 83 -1.10 -59.53 56.14
CA ALA D 83 -0.35 -60.42 55.25
C ALA D 83 -0.88 -60.40 53.82
N ALA D 84 -2.19 -60.27 53.69
CA ALA D 84 -2.88 -60.27 52.41
C ALA D 84 -2.57 -59.03 51.58
N ASP D 85 -1.96 -58.01 52.20
CA ASP D 85 -1.67 -56.78 51.52
C ASP D 85 -0.27 -56.79 50.91
N THR D 86 0.45 -57.92 51.03
CA THR D 86 1.76 -57.96 50.40
C THR D 86 1.53 -57.93 48.91
N ALA D 87 2.16 -56.98 48.25
CA ALA D 87 1.95 -56.82 46.84
C ALA D 87 2.91 -55.87 46.21
N THR D 88 2.96 -55.87 44.89
CA THR D 88 3.69 -54.82 44.25
C THR D 88 2.68 -53.71 43.98
N TYR D 89 3.01 -52.52 44.42
CA TYR D 89 2.14 -51.39 44.24
C TYR D 89 2.68 -50.58 43.10
N PHE D 90 1.79 -50.06 42.26
CA PHE D 90 2.23 -49.30 41.11
C PHE D 90 1.50 -48.00 40.94
N CYS D 91 2.18 -47.05 40.33
CA CYS D 91 1.49 -45.86 39.89
C CYS D 91 1.44 -45.90 38.37
N ALA D 92 0.41 -45.29 37.83
CA ALA D 92 0.25 -45.19 36.39
C ALA D 92 -0.47 -43.92 36.03
N ARG D 93 -0.26 -43.50 34.80
CA ARG D 93 -0.86 -42.31 34.28
C ARG D 93 -2.04 -42.58 33.37
N ALA D 94 -3.00 -41.68 33.39
CA ALA D 94 -4.11 -41.75 32.44
C ALA D 94 -4.35 -40.33 31.95
N TYR D 95 -4.80 -40.16 30.72
CA TYR D 95 -5.00 -38.79 30.27
C TYR D 95 -6.25 -38.17 30.84
N GLY D 96 -6.17 -36.89 31.18
CA GLY D 96 -7.36 -36.18 31.54
C GLY D 96 -7.91 -35.62 30.24
N TYR D 97 -9.18 -35.34 30.21
CA TYR D 97 -9.85 -34.74 29.08
C TYR D 97 -10.73 -33.62 29.57
N ALA D 98 -11.04 -32.67 28.71
CA ALA D 98 -11.95 -31.59 29.07
C ALA D 98 -13.38 -32.05 29.00
N SER D 99 -13.74 -32.96 29.88
CA SER D 99 -15.06 -33.53 29.82
C SER D 99 -15.59 -34.06 31.12
N ALA D 100 -16.74 -34.70 30.98
CA ALA D 100 -17.44 -35.32 32.06
C ALA D 100 -17.04 -36.80 32.29
N PRO D 101 -17.37 -37.81 31.43
CA PRO D 101 -16.86 -39.15 31.56
C PRO D 101 -15.46 -39.16 30.99
N TYR D 102 -14.59 -40.02 31.49
CA TYR D 102 -13.26 -40.17 30.87
C TYR D 102 -12.96 -41.66 30.67
N ALA D 103 -12.37 -42.05 29.53
CA ALA D 103 -12.03 -43.48 29.39
C ALA D 103 -10.99 -43.97 30.38
N GLN D 104 -10.06 -43.13 30.76
CA GLN D 104 -9.03 -43.49 31.72
C GLN D 104 -8.27 -44.76 31.41
N TYR D 105 -7.73 -44.87 30.22
CA TYR D 105 -6.91 -46.02 29.95
C TYR D 105 -5.53 -45.68 30.48
N PHE D 106 -4.80 -46.69 30.92
CA PHE D 106 -3.50 -46.43 31.48
C PHE D 106 -2.38 -46.41 30.50
N ASN D 107 -1.39 -45.61 30.80
CA ASN D 107 -0.17 -45.55 30.06
C ASN D 107 0.97 -45.17 31.01
N LEU D 108 2.19 -45.09 30.49
CA LEU D 108 3.29 -44.63 31.31
C LEU D 108 3.34 -45.37 32.66
N TRP D 109 3.29 -46.68 32.62
CA TRP D 109 3.30 -47.45 33.86
C TRP D 109 4.68 -47.42 34.50
N GLY D 110 4.73 -47.26 35.83
CA GLY D 110 6.01 -47.29 36.52
C GLY D 110 6.45 -48.74 36.73
N PRO D 111 7.69 -48.99 37.21
CA PRO D 111 8.24 -50.29 37.51
C PRO D 111 7.64 -51.02 38.70
N GLY D 112 7.06 -50.30 39.65
CA GLY D 112 6.43 -50.92 40.81
C GLY D 112 7.33 -51.01 42.05
N THR D 113 6.68 -51.00 43.21
CA THR D 113 7.33 -51.09 44.51
C THR D 113 6.78 -52.19 45.40
N LEU D 114 7.67 -52.99 45.97
CA LEU D 114 7.19 -54.06 46.84
C LEU D 114 7.01 -53.65 48.27
N VAL D 115 5.83 -53.98 48.76
CA VAL D 115 5.47 -53.81 50.12
C VAL D 115 5.15 -55.17 50.68
N THR D 116 5.81 -55.53 51.76
CA THR D 116 5.57 -56.84 52.35
C THR D 116 5.30 -56.72 53.83
N VAL D 117 4.39 -57.56 54.33
CA VAL D 117 4.01 -57.48 55.73
C VAL D 117 4.44 -58.73 56.48
N SER D 118 5.19 -58.56 57.57
CA SER D 118 5.67 -59.71 58.33
C SER D 118 6.31 -59.36 59.67
N ALA E 36 50.86 20.52 10.01
CA ALA E 36 51.25 19.59 11.06
C ALA E 36 50.43 18.32 10.95
N ALA E 37 49.35 18.42 10.19
CA ALA E 37 48.44 17.31 9.98
C ALA E 37 47.74 17.46 8.65
N LYS E 38 47.33 16.34 8.10
CA LYS E 38 46.55 16.39 6.89
C LYS E 38 45.09 16.38 7.26
N LYS E 39 44.28 17.00 6.44
CA LYS E 39 42.85 16.90 6.67
C LYS E 39 42.34 15.70 5.92
N TRP E 40 41.41 15.00 6.53
CA TRP E 40 40.77 13.78 6.00
C TRP E 40 39.26 13.95 5.92
N VAL E 41 38.62 13.25 5.01
CA VAL E 41 37.16 13.35 4.93
C VAL E 41 36.49 12.42 5.91
N THR E 42 35.61 12.94 6.74
CA THR E 42 34.88 12.10 7.69
C THR E 42 33.38 12.27 7.56
N VAL E 43 32.66 11.23 7.92
CA VAL E 43 31.21 11.26 7.78
C VAL E 43 30.52 11.31 9.11
N TYR E 44 29.65 12.28 9.26
CA TYR E 44 28.87 12.42 10.46
C TYR E 44 27.42 12.08 10.23
N TYR E 45 26.85 11.23 11.07
CA TYR E 45 25.45 10.92 10.90
C TYR E 45 24.66 11.43 12.09
N GLY E 46 23.61 12.19 11.79
CA GLY E 46 22.79 12.83 12.81
C GLY E 46 23.03 14.33 12.72
N VAL E 47 23.43 14.76 11.54
CA VAL E 47 23.71 16.14 11.24
C VAL E 47 22.43 16.98 11.15
N PRO E 48 22.33 18.06 11.92
CA PRO E 48 21.17 18.91 12.05
C PRO E 48 20.93 19.87 10.91
N VAL E 49 20.69 19.34 9.73
CA VAL E 49 20.44 20.21 8.59
C VAL E 49 19.16 19.83 7.89
N TRP E 50 18.60 20.77 7.14
CA TRP E 50 17.38 20.52 6.43
C TRP E 50 17.21 21.37 5.20
N LYS E 51 16.27 20.94 4.38
CA LYS E 51 15.88 21.68 3.19
C LYS E 51 14.38 21.71 3.06
N GLU E 52 13.85 22.77 2.46
CA GLU E 52 12.42 22.85 2.25
C GLU E 52 11.94 21.72 1.38
N ALA E 53 10.83 21.09 1.77
CA ALA E 53 10.30 20.00 0.98
C ALA E 53 8.81 19.85 1.16
N THR E 54 8.14 19.32 0.15
CA THR E 54 6.72 19.05 0.30
C THR E 54 6.50 17.57 0.24
N THR E 55 5.79 17.07 1.23
CA THR E 55 5.45 15.66 1.30
C THR E 55 4.04 15.46 1.71
N THR E 56 3.66 14.20 1.82
CA THR E 56 2.33 13.81 2.23
C THR E 56 2.31 13.77 3.75
N LEU E 57 1.35 14.47 4.34
CA LEU E 57 1.23 14.48 5.78
C LEU E 57 0.13 13.53 6.19
N PHE E 58 0.17 13.05 7.41
CA PHE E 58 -0.90 12.17 7.87
C PHE E 58 -1.55 12.83 9.06
N CYS E 59 -2.75 12.42 9.39
CA CYS E 59 -3.44 13.05 10.50
C CYS E 59 -3.43 12.28 11.79
N ALA E 60 -3.62 13.03 12.86
CA ALA E 60 -3.77 12.43 14.16
C ALA E 60 -4.83 13.15 15.00
N SER E 61 -5.45 12.41 15.92
CA SER E 61 -6.46 12.92 16.83
C SER E 61 -6.00 13.01 18.27
N THR E 68 -18.97 7.53 20.98
CA THR E 68 -18.22 8.31 20.02
C THR E 68 -18.46 7.77 18.64
N GLU E 69 -19.41 6.86 18.54
CA GLU E 69 -19.71 6.22 17.25
C GLU E 69 -20.64 7.10 16.42
N VAL E 70 -20.09 8.23 15.99
CA VAL E 70 -20.82 9.23 15.24
C VAL E 70 -20.26 9.40 13.84
N HIS E 71 -19.29 8.55 13.48
CA HIS E 71 -18.73 8.59 12.14
C HIS E 71 -18.33 10.00 11.74
N ASN E 72 -17.58 10.69 12.58
CA ASN E 72 -17.27 12.04 12.20
C ASN E 72 -16.54 12.01 10.89
N VAL E 73 -16.98 12.86 9.98
CA VAL E 73 -16.40 12.87 8.65
C VAL E 73 -15.03 13.47 8.57
N TRP E 74 -14.70 14.41 9.44
CA TRP E 74 -13.42 15.05 9.28
C TRP E 74 -12.36 14.32 10.06
N ALA E 75 -12.79 13.77 11.18
CA ALA E 75 -11.89 13.12 12.10
C ALA E 75 -12.35 11.72 12.33
N THR E 76 -12.00 10.90 11.38
CA THR E 76 -12.45 9.55 11.27
C THR E 76 -11.69 8.68 12.23
N HIS E 77 -12.13 7.44 12.39
CA HIS E 77 -11.49 6.49 13.28
C HIS E 77 -10.13 6.06 12.76
N ALA E 78 -9.85 6.41 11.51
CA ALA E 78 -8.61 6.07 10.83
C ALA E 78 -7.47 6.99 11.24
N CYS E 79 -7.76 8.04 12.00
CA CYS E 79 -6.73 8.97 12.43
C CYS E 79 -5.89 8.24 13.47
N VAL E 80 -4.59 8.49 13.52
CA VAL E 80 -3.84 7.82 14.58
C VAL E 80 -4.04 8.70 15.79
N PRO E 81 -3.86 8.22 17.01
CA PRO E 81 -3.91 9.04 18.20
C PRO E 81 -2.68 9.90 18.26
N THR E 82 -2.79 11.06 18.88
CA THR E 82 -1.62 11.88 19.09
C THR E 82 -0.81 11.44 20.27
N ASP E 83 0.40 11.96 20.30
CA ASP E 83 1.37 11.78 21.37
C ASP E 83 0.94 12.63 22.56
N PRO E 84 0.67 12.05 23.75
CA PRO E 84 0.30 12.76 24.95
C PRO E 84 1.37 13.77 25.40
N ASN E 85 2.62 13.58 24.95
CA ASN E 85 3.71 14.47 25.31
C ASN E 85 4.53 14.85 24.09
N PRO E 86 3.99 15.64 23.16
CA PRO E 86 4.55 15.96 21.86
C PRO E 86 5.64 17.00 22.02
N GLN E 87 6.72 16.62 22.66
CA GLN E 87 7.77 17.56 22.98
C GLN E 87 8.25 18.35 21.79
N GLU E 88 8.24 19.65 21.97
CA GLU E 88 8.71 20.63 21.01
C GLU E 88 10.21 20.87 21.17
N ILE E 89 10.92 20.92 20.06
CA ILE E 89 12.35 21.16 20.11
C ILE E 89 12.64 22.57 19.68
N VAL E 90 13.28 23.33 20.55
CA VAL E 90 13.59 24.72 20.26
C VAL E 90 14.92 24.82 19.55
N LEU E 91 14.97 25.55 18.44
CA LEU E 91 16.20 25.66 17.71
C LEU E 91 17.03 26.80 18.26
N GLY E 92 18.30 26.82 17.93
CA GLY E 92 19.21 27.83 18.45
C GLY E 92 19.25 29.03 17.55
N ASN E 93 20.42 29.59 17.33
CA ASN E 93 20.42 30.80 16.53
C ASN E 93 20.29 30.45 15.06
N VAL E 94 19.05 30.36 14.64
CA VAL E 94 18.70 29.99 13.29
C VAL E 94 17.76 31.03 12.79
N THR E 95 17.63 31.09 11.49
CA THR E 95 16.61 31.90 10.90
C THR E 95 15.96 31.03 9.88
N GLU E 96 14.74 31.36 9.53
CA GLU E 96 14.06 30.64 8.47
C GLU E 96 13.11 31.57 7.75
N ASN E 97 12.78 31.25 6.51
CA ASN E 97 11.87 32.07 5.73
C ASN E 97 10.54 31.39 5.49
N PHE E 98 9.51 31.99 6.04
CA PHE E 98 8.18 31.43 5.97
C PHE E 98 7.32 32.28 5.08
N ASN E 99 6.35 31.66 4.44
CA ASN E 99 5.44 32.40 3.61
C ASN E 99 4.11 31.70 3.58
N MET E 100 3.14 32.24 4.30
CA MET E 100 1.85 31.59 4.43
C MET E 100 1.11 31.55 3.10
N TRP E 101 1.49 32.41 2.17
CA TRP E 101 0.78 32.53 0.92
C TRP E 101 1.29 31.53 -0.10
N LYS E 102 2.39 30.84 0.22
CA LYS E 102 3.02 29.90 -0.68
C LYS E 102 3.14 28.55 0.02
N ASN E 103 2.35 28.37 1.05
CA ASN E 103 2.43 27.20 1.90
C ASN E 103 1.65 25.99 1.37
N ASN E 104 2.39 24.95 0.99
CA ASN E 104 1.76 23.76 0.42
C ASN E 104 0.96 22.97 1.44
N MET E 105 1.13 23.28 2.72
CA MET E 105 0.33 22.60 3.71
C MET E 105 -1.11 23.04 3.58
N VAL E 106 -1.31 24.29 3.12
CA VAL E 106 -2.65 24.83 3.00
C VAL E 106 -3.29 24.14 1.84
N GLU E 107 -2.53 24.01 0.76
CA GLU E 107 -3.10 23.37 -0.40
C GLU E 107 -3.40 21.90 -0.11
N GLN E 108 -2.52 21.23 0.63
CA GLN E 108 -2.80 19.83 0.91
C GLN E 108 -4.04 19.71 1.77
N MET E 109 -4.19 20.60 2.77
CA MET E 109 -5.39 20.54 3.60
C MET E 109 -6.61 20.78 2.78
N HIS E 110 -6.56 21.71 1.84
CA HIS E 110 -7.70 21.98 1.03
C HIS E 110 -8.18 20.72 0.35
N GLU E 111 -7.25 19.99 -0.25
CA GLU E 111 -7.66 18.77 -0.90
C GLU E 111 -8.18 17.74 0.10
N ASP E 112 -7.59 17.66 1.29
CA ASP E 112 -8.08 16.68 2.25
C ASP E 112 -9.49 16.97 2.71
N ILE E 113 -9.82 18.24 2.91
CA ILE E 113 -11.15 18.54 3.39
C ILE E 113 -12.15 18.15 2.32
N ILE E 114 -11.84 18.43 1.06
CA ILE E 114 -12.74 18.06 -0.01
C ILE E 114 -12.92 16.56 -0.09
N SER E 115 -11.81 15.81 -0.03
CA SER E 115 -11.90 14.37 -0.10
C SER E 115 -12.67 13.77 1.05
N LEU E 116 -12.53 14.32 2.25
CA LEU E 116 -13.26 13.86 3.44
C LEU E 116 -14.74 14.16 3.36
N TRP E 117 -15.08 15.33 2.81
CA TRP E 117 -16.47 15.70 2.62
C TRP E 117 -17.08 14.69 1.69
N ASP E 118 -16.41 14.49 0.58
CA ASP E 118 -16.85 13.54 -0.39
C ASP E 118 -16.43 12.25 0.22
N GLN E 119 -16.69 11.13 -0.40
CA GLN E 119 -16.38 9.81 0.18
C GLN E 119 -17.32 9.53 1.35
N SER E 120 -17.32 10.36 2.39
CA SER E 120 -18.20 10.20 3.52
C SER E 120 -19.64 10.26 3.08
N LEU E 121 -19.92 11.10 2.10
CA LEU E 121 -21.26 11.23 1.55
C LEU E 121 -21.53 10.26 0.41
N LYS E 122 -20.57 9.44 0.05
CA LYS E 122 -20.77 8.58 -1.10
C LYS E 122 -21.83 7.48 -0.90
N PRO E 123 -21.78 6.62 0.14
CA PRO E 123 -22.67 5.50 0.30
C PRO E 123 -24.01 5.94 0.87
N CYS E 124 -24.69 6.83 0.17
CA CYS E 124 -25.92 7.41 0.67
C CYS E 124 -26.95 7.57 -0.46
N VAL E 125 -28.15 8.01 -0.14
CA VAL E 125 -29.22 8.16 -1.12
C VAL E 125 -28.99 9.35 -2.04
N LYS E 126 -29.08 9.14 -3.36
CA LYS E 126 -28.79 10.21 -4.31
C LYS E 126 -29.92 11.16 -4.68
N LEU E 127 -31.13 10.85 -4.24
CA LEU E 127 -32.33 11.68 -4.44
C LEU E 127 -32.73 12.02 -5.88
N THR E 128 -32.22 11.30 -6.87
CA THR E 128 -32.61 11.58 -8.25
C THR E 128 -34.13 11.58 -8.45
N PRO E 129 -34.91 10.63 -7.88
CA PRO E 129 -36.35 10.52 -8.01
C PRO E 129 -37.12 11.74 -7.52
N LEU E 130 -36.47 12.66 -6.81
CA LEU E 130 -37.23 13.81 -6.36
C LEU E 130 -37.22 14.92 -7.38
N CYS E 131 -36.50 14.74 -8.49
CA CYS E 131 -36.46 15.79 -9.50
C CYS E 131 -37.65 15.73 -10.43
N VAL E 132 -38.79 16.03 -9.86
CA VAL E 132 -40.07 15.99 -10.51
C VAL E 132 -40.77 17.29 -10.28
N THR E 133 -41.82 17.55 -11.02
CA THR E 133 -42.55 18.76 -10.78
C THR E 133 -43.07 18.81 -9.36
N LEU E 134 -42.86 19.94 -8.70
CA LEU E 134 -43.35 20.15 -7.36
C LEU E 134 -44.52 21.11 -7.45
N ASN E 135 -45.65 20.73 -6.89
CA ASN E 135 -46.83 21.60 -6.89
C ASN E 135 -46.82 22.33 -5.56
N CYS E 136 -46.45 23.61 -5.55
CA CYS E 136 -46.24 24.25 -4.25
C CYS E 136 -47.18 25.41 -3.96
N ASN E 137 -47.38 25.63 -2.67
CA ASN E 137 -48.13 26.77 -2.16
C ASN E 137 -47.44 27.28 -0.90
N ASN E 138 -47.96 28.32 -0.30
CA ASN E 138 -47.36 28.89 0.90
C ASN E 138 -47.94 28.30 2.16
N VAL E 139 -47.43 28.73 3.30
CA VAL E 139 -47.93 28.25 4.58
C VAL E 139 -48.33 29.45 5.40
N ASN E 140 -49.17 29.24 6.40
CA ASN E 140 -49.58 30.35 7.22
C ASN E 140 -48.65 30.60 8.39
N THR E 141 -47.90 31.68 8.31
CA THR E 141 -46.93 32.02 9.33
C THR E 141 -47.59 32.88 10.40
N ASN E 142 -48.82 33.32 10.13
CA ASN E 142 -49.53 34.17 11.07
C ASN E 142 -50.28 33.29 12.06
N ASN E 143 -49.51 32.66 12.92
CA ASN E 143 -50.03 31.72 13.89
C ASN E 143 -50.88 32.47 14.92
N SER E 153 -45.92 38.70 17.44
CA SER E 153 -45.12 39.78 17.99
C SER E 153 -43.68 39.34 18.11
N ASP E 154 -43.37 38.28 17.40
CA ASP E 154 -42.03 37.72 17.43
C ASP E 154 -41.12 38.48 16.48
N TRP E 155 -40.80 39.69 16.88
CA TRP E 155 -40.04 40.57 16.04
C TRP E 155 -38.62 40.12 15.93
N GLU E 156 -38.09 40.28 14.72
CA GLU E 156 -36.76 39.83 14.30
C GLU E 156 -36.77 38.33 14.05
N LYS E 157 -37.92 37.68 14.27
CA LYS E 157 -38.05 36.25 14.08
C LYS E 157 -39.19 35.85 13.11
N MET E 158 -39.81 36.79 12.41
CA MET E 158 -40.94 36.43 11.56
C MET E 158 -40.56 35.93 10.16
N GLU E 159 -41.26 34.91 9.69
CA GLU E 159 -41.10 34.40 8.33
C GLU E 159 -41.97 35.20 7.37
N THR E 160 -41.50 35.41 6.15
CA THR E 160 -42.28 36.18 5.18
C THR E 160 -42.39 35.54 3.79
N GLY E 161 -43.32 34.60 3.59
CA GLY E 161 -43.50 33.96 2.29
C GLY E 161 -42.52 32.82 1.92
N GLU E 162 -41.92 32.19 2.91
CA GLU E 162 -40.96 31.11 2.69
C GLU E 162 -41.54 29.85 3.30
N MET E 163 -40.84 28.71 3.23
CA MET E 163 -41.36 27.44 3.75
C MET E 163 -42.56 27.01 2.97
N LYS E 164 -42.31 26.72 1.71
CA LYS E 164 -43.35 26.35 0.79
C LYS E 164 -43.79 24.94 0.98
N ASN E 165 -45.08 24.73 0.85
CA ASN E 165 -45.67 23.41 0.98
C ASN E 165 -45.80 22.75 -0.37
N CYS E 166 -44.95 21.77 -0.61
CA CYS E 166 -44.94 21.19 -1.93
C CYS E 166 -45.38 19.76 -1.93
N SER E 167 -46.18 19.42 -2.93
CA SER E 167 -46.56 18.05 -3.11
C SER E 167 -45.83 17.52 -4.30
N PHE E 168 -45.60 16.23 -4.31
CA PHE E 168 -44.95 15.64 -5.46
C PHE E 168 -45.29 14.18 -5.67
N ASN E 169 -45.12 13.75 -6.91
CA ASN E 169 -45.39 12.37 -7.30
C ASN E 169 -44.11 11.57 -7.37
N VAL E 170 -43.89 10.70 -6.40
CA VAL E 170 -42.64 9.98 -6.36
C VAL E 170 -42.84 8.48 -6.41
N THR E 171 -42.04 7.83 -7.21
CA THR E 171 -42.09 6.39 -7.33
C THR E 171 -41.71 5.84 -5.97
N THR E 172 -42.49 4.90 -5.49
CA THR E 172 -42.29 4.31 -4.17
C THR E 172 -41.25 3.23 -4.29
N SER E 173 -41.02 2.50 -3.21
CA SER E 173 -40.01 1.45 -3.22
C SER E 173 -40.38 0.38 -4.24
N ILE E 174 -41.66 0.29 -4.60
CA ILE E 174 -42.11 -0.67 -5.60
C ILE E 174 -42.21 0.14 -6.88
N ARG E 175 -41.54 -0.35 -7.92
CA ARG E 175 -41.34 0.42 -9.15
C ARG E 175 -42.59 0.73 -9.96
N ASP E 176 -43.67 -0.02 -9.82
CA ASP E 176 -44.86 0.29 -10.56
C ASP E 176 -45.89 1.04 -9.72
N LYS E 177 -45.51 1.55 -8.55
CA LYS E 177 -46.45 2.27 -7.70
C LYS E 177 -45.95 3.69 -7.42
N ILE E 178 -46.83 4.66 -7.61
CA ILE E 178 -46.52 6.07 -7.40
C ILE E 178 -47.41 6.66 -6.32
N LYS E 179 -46.79 7.35 -5.37
CA LYS E 179 -47.55 7.95 -4.27
C LYS E 179 -47.34 9.45 -4.20
N LYS E 180 -48.38 10.16 -3.76
CA LYS E 180 -48.26 11.58 -3.54
C LYS E 180 -47.72 11.83 -2.15
N GLU E 181 -46.66 12.61 -2.07
CA GLU E 181 -45.99 12.94 -0.84
C GLU E 181 -45.90 14.44 -0.63
N TYR E 182 -45.77 14.86 0.62
CA TYR E 182 -45.65 16.27 0.98
C TYR E 182 -44.40 16.60 1.81
N ALA E 183 -43.81 17.76 1.53
CA ALA E 183 -42.67 18.25 2.29
C ALA E 183 -42.61 19.78 2.27
N LEU E 184 -41.97 20.37 3.28
CA LEU E 184 -41.82 21.82 3.26
C LEU E 184 -40.45 22.22 2.80
N PHE E 185 -40.36 23.22 1.96
CA PHE E 185 -39.04 23.63 1.53
C PHE E 185 -38.73 25.08 1.78
N TYR E 186 -37.47 25.30 2.06
CA TYR E 186 -36.98 26.62 2.27
C TYR E 186 -37.00 27.29 0.92
N LYS E 187 -37.27 28.58 0.89
CA LYS E 187 -37.33 29.26 -0.40
C LYS E 187 -36.07 29.10 -1.21
N LEU E 188 -34.95 29.10 -0.53
CA LEU E 188 -33.66 29.04 -1.18
C LEU E 188 -33.33 27.68 -1.76
N ASP E 189 -34.15 26.66 -1.47
CA ASP E 189 -33.94 25.33 -2.00
C ASP E 189 -34.77 25.03 -3.24
N VAL E 190 -35.63 25.95 -3.68
CA VAL E 190 -36.44 25.65 -4.86
C VAL E 190 -36.43 26.77 -5.85
N VAL E 191 -36.72 26.44 -7.09
CA VAL E 191 -36.88 27.48 -8.08
C VAL E 191 -38.16 27.23 -8.85
N PRO E 192 -38.85 28.27 -9.28
CA PRO E 192 -40.06 28.20 -10.07
C PRO E 192 -39.74 27.81 -11.49
N LEU E 193 -40.73 27.28 -12.18
CA LEU E 193 -40.62 26.97 -13.59
C LEU E 193 -41.33 28.02 -14.43
N THR E 205 -48.39 27.17 -8.88
CA THR E 205 -47.06 27.40 -9.39
C THR E 205 -46.19 26.15 -9.26
N ASN E 206 -45.53 25.83 -10.36
CA ASN E 206 -44.64 24.69 -10.42
C ASN E 206 -43.23 25.07 -10.04
N TYR E 207 -42.63 24.22 -9.22
CA TYR E 207 -41.27 24.31 -8.72
C TYR E 207 -40.46 23.05 -8.93
N ARG E 208 -39.16 23.21 -8.92
CA ARG E 208 -38.24 22.08 -8.94
C ARG E 208 -37.19 22.33 -7.89
N LEU E 209 -36.50 21.29 -7.48
CA LEU E 209 -35.44 21.51 -6.51
C LEU E 209 -34.33 22.27 -7.19
N ILE E 210 -33.76 23.21 -6.47
CA ILE E 210 -32.71 24.01 -7.02
C ILE E 210 -31.52 23.12 -7.25
N ASN E 211 -30.88 23.34 -8.37
CA ASN E 211 -29.73 22.61 -8.83
C ASN E 211 -30.00 21.19 -9.25
N CYS E 212 -31.27 20.78 -9.35
CA CYS E 212 -31.46 19.46 -9.88
C CYS E 212 -30.92 19.39 -11.29
N ASN E 213 -31.33 20.31 -12.13
CA ASN E 213 -30.73 20.23 -13.43
C ASN E 213 -29.25 20.53 -13.26
N THR E 214 -28.43 19.77 -13.95
CA THR E 214 -26.98 19.84 -13.98
C THR E 214 -26.25 19.19 -12.79
N SER E 215 -26.94 18.70 -11.76
CA SER E 215 -26.13 18.10 -10.69
C SER E 215 -26.84 17.03 -9.87
N VAL E 216 -26.08 16.25 -9.13
CA VAL E 216 -26.67 15.25 -8.27
C VAL E 216 -26.55 15.64 -6.82
N ILE E 217 -27.69 15.74 -6.17
CA ILE E 217 -27.73 16.17 -4.79
C ILE E 217 -27.86 14.95 -3.93
N THR E 218 -26.85 14.68 -3.12
CA THR E 218 -26.86 13.47 -2.32
C THR E 218 -27.20 13.74 -0.88
N GLN E 219 -28.10 12.95 -0.33
CA GLN E 219 -28.50 13.10 1.06
C GLN E 219 -27.45 12.56 1.97
N ALA E 220 -27.08 13.33 2.96
CA ALA E 220 -26.09 12.83 3.90
C ALA E 220 -26.67 11.69 4.67
N CYS E 221 -25.87 10.67 4.95
CA CYS E 221 -26.40 9.60 5.75
C CYS E 221 -26.70 10.13 7.15
N PRO E 222 -27.95 10.00 7.65
CA PRO E 222 -28.45 10.60 8.87
C PRO E 222 -28.00 9.92 10.15
N LYS E 223 -26.71 9.85 10.31
CA LYS E 223 -26.11 9.28 11.48
C LYS E 223 -24.75 9.90 11.61
N VAL E 224 -24.33 10.50 10.50
CA VAL E 224 -23.00 11.06 10.37
C VAL E 224 -22.90 12.48 10.85
N SER E 225 -21.97 12.73 11.76
CA SER E 225 -21.72 14.06 12.26
C SER E 225 -20.70 14.87 11.48
N PHE E 226 -20.99 16.17 11.38
CA PHE E 226 -20.13 17.12 10.71
C PHE E 226 -19.43 18.05 11.69
N GLU E 227 -19.59 17.77 12.98
CA GLU E 227 -18.97 18.61 13.99
C GLU E 227 -17.48 18.65 13.76
N PRO E 228 -16.83 19.80 13.71
CA PRO E 228 -15.41 19.85 13.55
C PRO E 228 -14.76 19.32 14.81
N ILE E 229 -13.76 18.48 14.63
CA ILE E 229 -12.94 17.93 15.69
C ILE E 229 -11.52 18.26 15.31
N PRO E 230 -10.67 18.81 16.18
CA PRO E 230 -9.33 19.18 15.84
C PRO E 230 -8.55 18.05 15.21
N ILE E 231 -7.86 18.36 14.14
CA ILE E 231 -7.02 17.44 13.40
C ILE E 231 -5.59 17.93 13.46
N HIS E 232 -4.68 17.06 13.84
CA HIS E 232 -3.28 17.45 13.89
C HIS E 232 -2.60 16.96 12.64
N TYR E 233 -1.69 17.75 12.06
CA TYR E 233 -0.96 17.24 10.91
C TYR E 233 0.37 16.77 11.35
N CYS E 234 0.74 15.59 10.90
CA CYS E 234 2.02 15.04 11.30
C CYS E 234 2.90 14.69 10.13
N ALA E 235 4.17 15.02 10.28
CA ALA E 235 5.14 14.72 9.27
C ALA E 235 5.49 13.24 9.36
N PRO E 236 5.85 12.56 8.26
CA PRO E 236 6.41 11.23 8.23
C PRO E 236 7.75 11.28 8.91
N ALA E 237 8.20 10.19 9.48
CA ALA E 237 9.52 10.24 10.04
C ALA E 237 10.48 10.57 8.92
N GLY E 238 11.48 11.39 9.23
CA GLY E 238 12.48 11.80 8.26
C GLY E 238 12.20 13.23 7.81
N PHE E 239 11.04 13.72 8.22
CA PHE E 239 10.55 15.06 7.96
C PHE E 239 10.18 15.71 9.27
N ALA E 240 10.08 17.01 9.25
CA ALA E 240 9.66 17.74 10.43
C ALA E 240 8.94 19.00 10.03
N ILE E 241 8.16 19.54 10.95
CA ILE E 241 7.47 20.76 10.66
C ILE E 241 8.07 21.88 11.49
N LEU E 242 8.47 22.96 10.84
CA LEU E 242 9.05 24.07 11.56
C LEU E 242 7.96 25.06 11.80
N LYS E 243 8.01 25.74 12.93
CA LYS E 243 7.03 26.78 13.12
C LYS E 243 7.67 28.06 13.58
N CYS E 244 7.09 29.16 13.12
CA CYS E 244 7.56 30.47 13.51
C CYS E 244 6.76 30.99 14.68
N ASN E 245 7.45 31.31 15.76
CA ASN E 245 6.78 31.77 16.95
C ASN E 245 6.96 33.25 17.16
N SER E 246 7.57 33.92 16.21
CA SER E 246 7.84 35.33 16.41
C SER E 246 6.60 36.18 16.50
N LYS E 247 6.64 37.13 17.41
CA LYS E 247 5.52 38.04 17.64
C LYS E 247 5.39 39.03 16.49
N THR E 248 6.46 39.12 15.70
CA THR E 248 6.64 40.01 14.57
C THR E 248 6.51 39.32 13.23
N PHE E 249 6.12 38.06 13.23
CA PHE E 249 6.10 37.32 11.98
C PHE E 249 5.15 37.81 10.88
N ASN E 250 3.89 38.03 11.20
CA ASN E 250 2.89 38.54 10.24
C ASN E 250 2.61 37.62 9.06
N GLY E 251 3.04 36.39 9.12
CA GLY E 251 2.76 35.45 8.04
C GLY E 251 3.80 35.43 6.91
N SER E 252 4.83 36.28 6.97
CA SER E 252 5.78 36.23 5.88
C SER E 252 7.18 36.70 6.21
N GLY E 253 8.14 36.25 5.43
CA GLY E 253 9.49 36.76 5.56
C GLY E 253 10.24 36.00 6.63
N PRO E 254 11.36 36.54 7.10
CA PRO E 254 12.25 35.90 8.01
C PRO E 254 11.64 35.79 9.37
N CYS E 255 12.02 34.74 10.07
CA CYS E 255 11.63 34.49 11.43
C CYS E 255 12.81 34.01 12.22
N THR E 256 13.01 34.60 13.40
CA THR E 256 14.14 34.22 14.23
C THR E 256 13.78 33.31 15.40
N ASN E 257 12.52 33.23 15.76
CA ASN E 257 12.14 32.34 16.84
C ASN E 257 11.57 31.07 16.24
N VAL E 258 12.41 30.07 16.04
CA VAL E 258 11.94 28.93 15.31
C VAL E 258 12.09 27.68 16.14
N SER E 259 11.05 26.87 16.12
CA SER E 259 11.07 25.62 16.84
C SER E 259 10.45 24.55 15.96
N THR E 260 10.65 23.28 16.31
CA THR E 260 10.08 22.25 15.48
C THR E 260 9.33 21.17 16.20
N VAL E 261 8.34 20.64 15.50
CA VAL E 261 7.51 19.58 16.00
C VAL E 261 7.33 18.44 15.01
N GLN E 262 6.96 17.27 15.51
CA GLN E 262 6.61 16.19 14.60
C GLN E 262 5.20 16.44 14.06
N CYS E 263 4.35 17.00 14.93
CA CYS E 263 2.95 17.29 14.61
C CYS E 263 2.55 18.70 14.96
N THR E 264 1.64 19.27 14.19
CA THR E 264 1.09 20.60 14.42
C THR E 264 0.06 20.51 15.51
N HIS E 265 -0.40 21.66 15.97
CA HIS E 265 -1.45 21.71 16.95
C HIS E 265 -2.69 21.28 16.23
N GLY E 266 -3.74 20.96 16.95
CA GLY E 266 -4.92 20.54 16.23
C GLY E 266 -5.63 21.72 15.64
N ILE E 267 -6.13 21.55 14.43
CA ILE E 267 -6.92 22.53 13.75
C ILE E 267 -8.31 22.07 13.55
N ARG E 268 -9.27 22.87 13.96
CA ARG E 268 -10.62 22.47 13.73
C ARG E 268 -10.93 22.73 12.27
N PRO E 269 -11.44 21.77 11.50
CA PRO E 269 -11.76 21.88 10.09
C PRO E 269 -13.07 22.62 9.93
N VAL E 270 -13.06 23.86 10.33
CA VAL E 270 -14.24 24.67 10.29
C VAL E 270 -14.42 25.28 8.95
N VAL E 271 -15.64 25.24 8.48
CA VAL E 271 -15.98 25.86 7.23
C VAL E 271 -16.91 27.00 7.47
N SER E 272 -16.51 28.16 6.97
CA SER E 272 -17.31 29.34 7.12
C SER E 272 -16.99 30.37 6.07
N THR E 273 -17.85 31.36 6.02
CA THR E 273 -17.63 32.51 5.18
C THR E 273 -17.69 33.75 6.03
N GLN E 274 -16.99 34.79 5.60
CA GLN E 274 -16.90 36.12 6.19
C GLN E 274 -16.21 36.12 7.54
N LEU E 275 -16.78 35.41 8.49
CA LEU E 275 -16.20 35.33 9.82
C LEU E 275 -15.58 33.96 10.04
N LEU E 276 -14.38 33.97 10.57
CA LEU E 276 -13.64 32.77 10.90
C LEU E 276 -14.06 32.37 12.29
N LEU E 277 -14.43 31.12 12.45
CA LEU E 277 -14.90 30.66 13.73
C LEU E 277 -14.03 29.59 14.35
N ASN E 278 -13.88 29.69 15.66
CA ASN E 278 -13.20 28.71 16.50
C ASN E 278 -11.77 28.42 16.05
N GLY E 279 -11.04 29.42 15.56
CA GLY E 279 -9.65 29.20 15.20
C GLY E 279 -8.82 29.67 16.35
N SER E 280 -7.54 29.88 16.13
CA SER E 280 -6.71 30.34 17.23
C SER E 280 -6.82 31.84 17.37
N LEU E 281 -6.55 32.33 18.55
CA LEU E 281 -6.46 33.76 18.76
C LEU E 281 -5.04 34.20 18.68
N ALA E 282 -4.85 35.45 18.37
CA ALA E 282 -3.54 36.07 18.32
C ALA E 282 -3.01 36.02 19.73
N GLU E 283 -1.71 35.88 19.89
CA GLU E 283 -1.16 35.74 21.22
C GLU E 283 -1.40 36.92 22.12
N GLU E 284 -1.27 38.13 21.59
CA GLU E 284 -1.44 39.30 22.41
C GLU E 284 -2.22 40.43 21.75
N GLU E 285 -1.90 40.70 20.49
CA GLU E 285 -2.44 41.86 19.79
C GLU E 285 -2.95 41.47 18.42
N ILE E 286 -3.92 42.20 17.92
CA ILE E 286 -4.52 41.86 16.64
C ILE E 286 -3.54 42.01 15.52
N VAL E 287 -3.47 40.98 14.69
CA VAL E 287 -2.54 40.98 13.56
C VAL E 287 -3.26 40.97 12.23
N ILE E 288 -2.90 41.92 11.37
CA ILE E 288 -3.51 41.95 10.06
C ILE E 288 -2.55 41.40 9.05
N ARG E 289 -2.95 40.32 8.40
CA ARG E 289 -2.05 39.69 7.46
C ARG E 289 -2.53 39.80 6.03
N SER E 290 -1.61 40.02 5.12
CA SER E 290 -1.92 40.03 3.69
C SER E 290 -0.72 39.68 2.88
N GLU E 291 -0.96 39.08 1.73
CA GLU E 291 0.08 38.82 0.77
C GLU E 291 0.62 40.16 0.29
N ASN E 292 -0.31 41.10 0.20
CA ASN E 292 -0.08 42.45 -0.28
C ASN E 292 -1.17 43.39 0.26
N ILE E 293 -0.75 44.44 0.97
CA ILE E 293 -1.68 45.42 1.52
C ILE E 293 -2.28 46.35 0.47
N THR E 294 -1.43 46.81 -0.44
CA THR E 294 -1.77 47.70 -1.53
C THR E 294 -2.71 47.06 -2.55
N ASP E 295 -2.53 45.77 -2.82
CA ASP E 295 -3.36 45.06 -3.80
C ASP E 295 -4.72 44.76 -3.21
N ASN E 296 -5.74 45.38 -3.77
CA ASN E 296 -7.07 45.33 -3.21
C ASN E 296 -7.75 44.01 -3.49
N ALA E 297 -7.15 43.26 -4.40
CA ALA E 297 -7.66 41.98 -4.83
C ALA E 297 -7.25 40.86 -3.89
N LYS E 298 -6.39 41.14 -2.93
CA LYS E 298 -5.97 40.08 -2.02
C LYS E 298 -6.83 40.09 -0.78
N THR E 299 -6.94 38.95 -0.15
CA THR E 299 -7.70 38.86 1.08
C THR E 299 -6.88 39.34 2.24
N ILE E 300 -7.48 40.14 3.09
CA ILE E 300 -6.86 40.61 4.30
C ILE E 300 -7.42 39.78 5.44
N ILE E 301 -6.54 39.12 6.16
CA ILE E 301 -6.98 38.26 7.23
C ILE E 301 -6.74 38.93 8.55
N VAL E 302 -7.79 39.16 9.30
CA VAL E 302 -7.62 39.83 10.57
C VAL E 302 -7.78 38.84 11.69
N GLN E 303 -6.71 38.60 12.44
CA GLN E 303 -6.76 37.64 13.54
C GLN E 303 -6.91 38.35 14.86
N LEU E 304 -8.00 38.05 15.55
CA LEU E 304 -8.30 38.73 16.79
C LEU E 304 -7.50 38.15 17.92
N ASN E 305 -7.22 38.95 18.94
CA ASN E 305 -6.55 38.47 20.14
C ASN E 305 -7.52 38.14 21.26
N GLU E 306 -8.79 38.33 20.98
CA GLU E 306 -9.87 38.05 21.90
C GLU E 306 -11.00 37.51 21.08
N ALA E 307 -11.74 36.55 21.59
CA ALA E 307 -12.88 36.07 20.84
C ALA E 307 -14.10 36.94 21.08
N VAL E 308 -15.00 36.96 20.12
CA VAL E 308 -16.30 37.59 20.29
C VAL E 308 -17.39 36.54 20.18
N GLU E 309 -18.25 36.44 21.17
CA GLU E 309 -19.26 35.40 21.13
C GLU E 309 -20.35 35.65 20.12
N ILE E 310 -20.73 34.61 19.41
CA ILE E 310 -21.88 34.64 18.53
C ILE E 310 -22.79 33.48 18.88
N ASN E 311 -24.05 33.79 19.15
CA ASN E 311 -25.05 32.79 19.56
C ASN E 311 -26.17 32.65 18.56
N CYS E 312 -26.31 31.48 17.98
CA CYS E 312 -27.30 31.28 16.93
C CYS E 312 -28.39 30.30 17.32
N THR E 313 -29.62 30.67 16.99
CA THR E 313 -30.80 29.86 17.29
C THR E 313 -31.73 29.64 16.09
N ARG E 314 -32.23 28.41 15.99
CA ARG E 314 -33.24 27.99 15.01
C ARG E 314 -34.42 27.43 15.84
N PRO E 315 -35.25 28.32 16.40
CA PRO E 315 -36.24 28.07 17.45
C PRO E 315 -37.56 27.50 16.96
N ASN E 316 -37.49 26.38 16.28
CA ASN E 316 -38.67 25.71 15.77
C ASN E 316 -38.71 24.26 16.15
N ASN E 317 -39.90 23.75 16.41
CA ASN E 317 -40.01 22.32 16.64
C ASN E 317 -40.23 21.60 15.32
N ASN E 318 -39.15 21.47 14.57
CA ASN E 318 -39.21 20.90 13.24
C ASN E 318 -39.07 19.38 13.25
N THR E 319 -40.19 18.69 13.01
CA THR E 319 -40.24 17.24 13.07
C THR E 319 -40.20 16.65 11.67
N ARG E 320 -39.24 15.76 11.46
CA ARG E 320 -38.97 15.16 10.17
C ARG E 320 -39.91 14.04 9.78
N LYS E 321 -39.91 13.74 8.47
CA LYS E 321 -40.70 12.67 7.88
C LYS E 321 -39.84 11.74 7.00
N SER E 322 -40.08 10.43 7.07
CA SER E 322 -39.33 9.49 6.24
C SER E 322 -40.12 8.98 5.04
N ILE E 323 -39.60 9.24 3.85
CA ILE E 323 -40.24 8.85 2.60
C ILE E 323 -39.43 7.81 1.83
N HIS E 324 -40.08 6.73 1.47
CA HIS E 324 -39.37 5.68 0.73
C HIS E 324 -39.47 5.96 -0.74
N ILE E 325 -38.31 6.17 -1.39
CA ILE E 325 -38.30 6.51 -2.81
C ILE E 325 -37.57 5.44 -3.61
N GLY E 326 -37.29 4.32 -2.94
CA GLY E 326 -36.58 3.21 -3.53
C GLY E 326 -36.32 2.11 -2.51
N PRO E 327 -35.65 1.04 -2.90
CA PRO E 327 -35.39 -0.16 -2.14
C PRO E 327 -34.36 0.04 -1.05
N GLY E 328 -34.77 0.71 0.02
CA GLY E 328 -33.85 1.01 1.11
C GLY E 328 -33.36 2.42 0.99
N ARG E 329 -34.00 3.19 0.14
CA ARG E 329 -33.61 4.56 -0.05
C ARG E 329 -34.61 5.49 0.57
N ALA E 330 -34.30 5.97 1.76
CA ALA E 330 -35.24 6.83 2.46
C ALA E 330 -34.78 8.26 2.40
N PHE E 331 -35.69 9.11 1.98
CA PHE E 331 -35.54 10.53 1.93
C PHE E 331 -36.03 11.14 3.20
N TYR E 332 -35.25 12.01 3.79
CA TYR E 332 -35.72 12.64 4.99
C TYR E 332 -36.17 14.03 4.71
N ALA E 333 -37.47 14.18 4.80
CA ALA E 333 -38.16 15.40 4.51
C ALA E 333 -38.26 16.20 5.77
N THR E 334 -38.50 17.48 5.60
CA THR E 334 -38.71 18.43 6.67
C THR E 334 -39.97 18.22 7.45
N GLY E 335 -40.87 17.40 6.94
CA GLY E 335 -42.07 17.13 7.70
C GLY E 335 -42.87 18.40 7.92
N ASP E 336 -43.11 18.72 9.19
CA ASP E 336 -43.89 19.90 9.52
C ASP E 336 -43.43 20.55 10.82
N ILE E 337 -44.06 21.65 11.18
CA ILE E 337 -43.66 22.40 12.37
C ILE E 337 -44.70 22.36 13.46
N ILE E 338 -44.28 22.02 14.65
CA ILE E 338 -45.19 22.03 15.76
C ILE E 338 -45.03 23.35 16.47
N GLY E 339 -46.12 24.11 16.57
CA GLY E 339 -46.08 25.41 17.19
C GLY E 339 -45.90 26.53 16.18
N ASN E 340 -45.47 27.68 16.67
CA ASN E 340 -45.35 28.88 15.86
C ASN E 340 -44.03 28.89 15.10
N ILE E 341 -44.09 28.97 13.78
CA ILE E 341 -42.88 28.95 12.97
C ILE E 341 -42.14 30.29 13.05
N ARG E 342 -40.82 30.23 13.22
CA ARG E 342 -39.96 31.43 13.27
C ARG E 342 -38.70 31.29 12.41
N GLN E 343 -38.16 32.40 11.96
CA GLN E 343 -36.90 32.37 11.20
C GLN E 343 -35.74 32.25 12.17
N ALA E 344 -34.62 31.74 11.69
CA ALA E 344 -33.40 31.63 12.48
C ALA E 344 -32.72 32.98 12.64
N HIS E 345 -31.95 33.12 13.70
CA HIS E 345 -31.20 34.35 13.91
C HIS E 345 -29.94 34.15 14.76
N CYS E 346 -29.01 35.07 14.61
CA CYS E 346 -27.80 35.08 15.42
C CYS E 346 -27.63 36.39 16.16
N ASN E 347 -27.16 36.29 17.40
CA ASN E 347 -26.90 37.46 18.22
C ASN E 347 -25.42 37.59 18.57
N ILE E 348 -24.92 38.83 18.59
CA ILE E 348 -23.57 39.06 19.11
C ILE E 348 -23.66 40.17 20.15
N SER E 349 -22.67 40.27 21.02
CA SER E 349 -22.67 41.36 21.99
C SER E 349 -22.20 42.68 21.37
N LYS E 350 -23.04 43.70 21.47
CA LYS E 350 -22.74 45.00 20.87
C LYS E 350 -21.47 45.60 21.39
N ALA E 351 -21.27 45.51 22.70
CA ALA E 351 -20.10 46.09 23.31
C ALA E 351 -18.83 45.44 22.81
N ARG E 352 -18.88 44.15 22.56
CA ARG E 352 -17.71 43.44 22.13
C ARG E 352 -17.43 43.79 20.70
N TRP E 353 -18.47 43.92 19.91
CA TRP E 353 -18.28 44.24 18.53
C TRP E 353 -17.67 45.63 18.43
N ASN E 354 -18.15 46.57 19.25
CA ASN E 354 -17.66 47.93 19.21
C ASN E 354 -16.18 48.01 19.58
N GLU E 355 -15.77 47.24 20.59
CA GLU E 355 -14.37 47.27 20.97
C GLU E 355 -13.52 46.64 19.89
N THR E 356 -14.01 45.56 19.31
CA THR E 356 -13.28 44.86 18.30
C THR E 356 -13.05 45.74 17.10
N LEU E 357 -14.08 46.45 16.67
CA LEU E 357 -13.92 47.28 15.51
C LEU E 357 -13.06 48.48 15.78
N GLY E 358 -13.10 49.01 17.01
CA GLY E 358 -12.23 50.13 17.33
C GLY E 358 -10.77 49.71 17.18
N GLN E 359 -10.45 48.52 17.66
CA GLN E 359 -9.08 48.09 17.51
C GLN E 359 -8.73 47.80 16.06
N ILE E 360 -9.66 47.24 15.30
CA ILE E 360 -9.37 46.96 13.90
C ILE E 360 -9.15 48.23 13.13
N VAL E 361 -9.98 49.25 13.33
CA VAL E 361 -9.72 50.47 12.60
C VAL E 361 -8.38 51.04 12.95
N ALA E 362 -7.94 50.99 14.19
CA ALA E 362 -6.65 51.58 14.43
C ALA E 362 -5.60 50.90 13.59
N LYS E 363 -5.73 49.59 13.44
CA LYS E 363 -4.76 48.85 12.69
C LYS E 363 -4.89 49.08 11.18
N LEU E 364 -6.10 49.16 10.67
CA LEU E 364 -6.24 49.42 9.25
C LEU E 364 -5.82 50.85 8.93
N GLU E 365 -6.08 51.78 9.84
CA GLU E 365 -5.72 53.17 9.63
C GLU E 365 -4.22 53.29 9.49
N GLU E 366 -3.43 52.56 10.26
CA GLU E 366 -2.01 52.70 10.03
C GLU E 366 -1.63 52.23 8.64
N GLN E 367 -2.25 51.14 8.18
CA GLN E 367 -1.92 50.68 6.84
C GLN E 367 -2.38 51.68 5.78
N PHE E 368 -3.49 52.35 6.06
CA PHE E 368 -4.10 53.31 5.17
C PHE E 368 -4.36 54.63 5.91
N PRO E 369 -3.33 55.41 6.22
CA PRO E 369 -3.36 56.56 7.10
C PRO E 369 -4.19 57.71 6.58
N ASN E 370 -4.78 58.48 7.50
CA ASN E 370 -5.58 59.70 7.26
C ASN E 370 -6.97 59.40 6.72
N LYS E 371 -7.05 58.48 5.78
CA LYS E 371 -8.27 58.14 5.06
C LYS E 371 -9.37 57.59 5.96
N THR E 372 -10.61 57.89 5.57
CA THR E 372 -11.82 57.47 6.28
C THR E 372 -11.96 55.97 6.26
N ILE E 373 -12.30 55.35 7.39
CA ILE E 373 -12.47 53.92 7.30
C ILE E 373 -13.94 53.64 7.02
N ILE E 374 -14.22 52.89 5.96
CA ILE E 374 -15.59 52.54 5.67
C ILE E 374 -15.78 51.05 5.68
N PHE E 375 -16.70 50.55 6.47
CA PHE E 375 -17.00 49.16 6.37
C PHE E 375 -18.30 49.10 5.64
N ASN E 376 -18.48 48.08 4.84
CA ASN E 376 -19.73 47.95 4.12
C ASN E 376 -20.15 46.49 4.05
N HIS E 377 -21.34 46.25 3.54
CA HIS E 377 -21.88 44.93 3.41
C HIS E 377 -21.32 44.26 2.18
N SER E 378 -21.69 43.03 1.92
CA SER E 378 -21.10 42.38 0.78
C SER E 378 -21.58 43.06 -0.49
N SER E 379 -20.89 42.83 -1.59
CA SER E 379 -21.20 43.47 -2.86
C SER E 379 -22.51 43.04 -3.51
N GLY E 380 -23.07 41.92 -3.08
CA GLY E 380 -24.31 41.41 -3.60
C GLY E 380 -24.06 40.21 -4.50
N GLY E 381 -25.05 39.33 -4.58
CA GLY E 381 -24.89 38.11 -5.38
C GLY E 381 -25.57 36.95 -4.70
N ASP E 382 -25.27 35.75 -5.16
CA ASP E 382 -25.88 34.56 -4.65
C ASP E 382 -25.65 34.40 -3.13
N PRO E 383 -26.71 34.21 -2.32
CA PRO E 383 -26.66 34.07 -0.88
C PRO E 383 -26.22 32.68 -0.50
N GLU E 384 -25.04 32.35 -0.96
CA GLU E 384 -24.38 31.11 -0.76
C GLU E 384 -22.98 31.54 -0.47
N ILE E 385 -22.60 32.62 -1.15
CA ILE E 385 -21.25 33.16 -1.06
C ILE E 385 -21.16 34.62 -0.61
N VAL E 386 -22.29 35.35 -0.59
CA VAL E 386 -22.21 36.76 -0.23
C VAL E 386 -22.75 37.02 1.16
N THR E 387 -23.01 35.96 1.89
CA THR E 387 -23.52 36.02 3.24
C THR E 387 -22.62 35.22 4.13
N HIS E 388 -22.83 35.35 5.44
CA HIS E 388 -22.10 34.61 6.46
C HIS E 388 -22.54 33.20 6.43
N SER E 389 -21.64 32.27 6.67
CA SER E 389 -22.08 30.88 6.65
C SER E 389 -21.41 30.02 7.68
N PHE E 390 -22.21 29.15 8.29
CA PHE E 390 -21.75 28.17 9.29
C PHE E 390 -22.67 26.97 9.39
N ASN E 391 -22.20 25.94 10.08
CA ASN E 391 -22.99 24.72 10.28
C ASN E 391 -23.10 24.26 11.72
N CYS E 392 -24.35 24.16 12.19
CA CYS E 392 -24.61 23.69 13.55
C CYS E 392 -25.45 22.42 13.57
N GLY E 393 -24.76 21.29 13.72
CA GLY E 393 -25.42 19.99 13.81
C GLY E 393 -25.98 19.47 12.51
N GLY E 394 -25.55 20.00 11.39
CA GLY E 394 -26.13 19.60 10.12
C GLY E 394 -27.08 20.67 9.55
N GLU E 395 -27.46 21.69 10.33
CA GLU E 395 -28.30 22.73 9.75
C GLU E 395 -27.37 23.81 9.20
N PHE E 396 -27.56 24.15 7.95
CA PHE E 396 -26.72 25.16 7.31
C PHE E 396 -27.35 26.53 7.33
N PHE E 397 -26.66 27.45 7.98
CA PHE E 397 -27.15 28.79 8.16
C PHE E 397 -26.48 29.77 7.26
N TYR E 398 -27.30 30.65 6.68
CA TYR E 398 -26.82 31.74 5.85
C TYR E 398 -27.30 33.03 6.50
N CYS E 399 -26.38 33.90 6.90
CA CYS E 399 -26.83 35.05 7.66
C CYS E 399 -26.42 36.40 7.07
N ASN E 400 -27.32 37.34 7.25
CA ASN E 400 -27.17 38.72 6.83
C ASN E 400 -26.31 39.49 7.81
N THR E 401 -25.15 39.94 7.36
CA THR E 401 -24.19 40.63 8.18
C THR E 401 -24.15 42.10 7.94
N THR E 402 -25.14 42.61 7.23
CA THR E 402 -25.20 44.02 6.98
C THR E 402 -25.00 44.80 8.28
N PRO E 403 -25.65 44.47 9.42
CA PRO E 403 -25.52 45.13 10.70
C PRO E 403 -24.12 45.07 11.30
N LEU E 404 -23.25 44.18 10.83
CA LEU E 404 -21.93 44.11 11.43
C LEU E 404 -20.95 45.05 10.76
N PHE E 405 -21.17 45.29 9.48
CA PHE E 405 -20.30 46.11 8.67
C PHE E 405 -21.14 47.28 8.22
N ASN E 406 -21.81 47.82 9.21
CA ASN E 406 -22.82 48.84 9.12
C ASN E 406 -22.33 50.23 8.77
N SER E 407 -21.10 50.61 9.19
CA SER E 407 -20.77 52.01 8.96
C SER E 407 -19.30 52.41 8.86
N THR E 408 -19.12 53.73 8.86
CA THR E 408 -17.86 54.42 8.64
C THR E 408 -17.50 55.45 9.70
N TRP E 409 -16.20 55.67 9.88
CA TRP E 409 -15.77 56.64 10.86
C TRP E 409 -14.38 57.31 10.72
N ASN E 410 -14.26 58.41 11.48
CA ASN E 410 -13.07 59.23 11.57
C ASN E 410 -12.10 58.70 12.60
N ASN E 411 -10.84 59.07 12.42
CA ASN E 411 -9.78 58.71 13.30
C ASN E 411 -9.85 57.21 13.50
N THR E 412 -9.81 56.79 14.75
CA THR E 412 -9.91 55.39 15.10
C THR E 412 -11.08 55.23 16.05
N ARG E 413 -11.98 56.22 16.02
CA ARG E 413 -13.12 56.28 16.89
C ARG E 413 -14.34 55.71 16.23
N THR E 414 -14.90 54.64 16.76
CA THR E 414 -16.02 54.08 16.02
C THR E 414 -17.15 55.04 16.20
N ASP E 415 -18.11 54.97 15.30
CA ASP E 415 -19.23 55.85 15.39
C ASP E 415 -20.42 55.24 14.71
N ASP E 416 -21.52 55.97 14.75
CA ASP E 416 -22.78 55.60 14.12
C ASP E 416 -23.36 54.26 14.63
N TYR E 417 -23.20 54.01 15.92
CA TYR E 417 -23.76 52.89 16.64
C TYR E 417 -24.36 53.47 17.89
N PRO E 418 -25.51 54.13 17.82
CA PRO E 418 -26.05 54.94 18.87
C PRO E 418 -26.21 54.18 20.17
N THR E 419 -25.95 54.89 21.26
CA THR E 419 -26.08 54.38 22.61
C THR E 419 -27.57 54.18 22.84
N GLY E 420 -27.94 53.05 23.41
CA GLY E 420 -29.34 52.79 23.69
C GLY E 420 -29.46 51.49 24.46
N GLY E 421 -30.68 51.00 24.62
CA GLY E 421 -30.90 49.79 25.40
C GLY E 421 -30.47 48.51 24.68
N GLU E 422 -30.25 48.59 23.37
CA GLU E 422 -29.86 47.42 22.60
C GLU E 422 -28.57 46.85 23.14
N GLN E 423 -28.56 45.55 23.42
CA GLN E 423 -27.34 44.91 23.89
C GLN E 423 -26.85 43.92 22.88
N ASN E 424 -27.78 43.39 22.11
CA ASN E 424 -27.51 42.30 21.21
C ASN E 424 -27.79 42.67 19.76
N ILE E 425 -26.76 42.59 18.96
CA ILE E 425 -26.91 42.92 17.57
C ILE E 425 -27.49 41.71 16.91
N THR E 426 -28.57 41.86 16.15
CA THR E 426 -29.17 40.69 15.54
C THR E 426 -28.87 40.59 14.07
N LEU E 427 -28.67 39.36 13.65
CA LEU E 427 -28.45 39.02 12.28
C LEU E 427 -29.56 38.10 11.85
N GLN E 428 -30.28 38.44 10.80
CA GLN E 428 -31.36 37.56 10.37
C GLN E 428 -30.75 36.44 9.53
N CYS E 429 -31.23 35.22 9.72
CA CYS E 429 -30.70 34.09 9.00
C CYS E 429 -31.72 33.27 8.25
N ARG E 430 -31.24 32.58 7.23
CA ARG E 430 -32.03 31.64 6.47
C ARG E 430 -31.39 30.28 6.51
N ILE E 431 -32.19 29.27 6.34
CA ILE E 431 -31.69 27.91 6.36
C ILE E 431 -31.79 27.27 5.00
N LYS E 432 -30.73 26.60 4.58
CA LYS E 432 -30.80 25.88 3.32
C LYS E 432 -30.52 24.42 3.54
N GLN E 433 -31.21 23.56 2.82
CA GLN E 433 -30.88 22.16 2.90
C GLN E 433 -30.04 21.73 1.73
N ILE E 434 -30.12 22.41 0.60
CA ILE E 434 -29.30 21.99 -0.53
C ILE E 434 -28.12 22.91 -0.61
N ILE E 435 -26.95 22.38 -0.36
CA ILE E 435 -25.78 23.23 -0.31
C ILE E 435 -24.66 22.78 -1.22
N ASN E 436 -23.72 23.70 -1.48
CA ASN E 436 -22.59 23.43 -2.36
C ASN E 436 -21.27 23.89 -1.80
N MET E 437 -20.64 23.05 -1.02
CA MET E 437 -19.38 23.48 -0.48
C MET E 437 -18.48 23.50 -1.68
N TRP E 438 -17.66 24.52 -1.78
CA TRP E 438 -16.73 24.70 -2.90
C TRP E 438 -17.42 24.86 -4.25
N GLN E 439 -18.69 25.24 -4.24
CA GLN E 439 -19.37 25.51 -5.48
C GLN E 439 -19.32 24.32 -6.44
N GLY E 440 -18.38 24.36 -7.38
CA GLY E 440 -18.29 23.34 -8.43
C GLY E 440 -17.42 22.14 -8.10
N VAL E 441 -16.82 22.10 -6.93
CA VAL E 441 -15.95 20.97 -6.61
C VAL E 441 -16.58 20.04 -5.59
N GLY E 442 -16.74 18.78 -5.96
CA GLY E 442 -17.40 17.83 -5.10
C GLY E 442 -18.86 17.78 -5.52
N LYS E 443 -19.74 17.27 -4.66
CA LYS E 443 -21.13 17.12 -5.07
C LYS E 443 -22.06 17.91 -4.19
N ALA E 444 -23.21 18.28 -4.74
CA ALA E 444 -24.24 18.98 -3.97
C ALA E 444 -24.71 18.04 -2.88
N MET E 445 -25.04 18.60 -1.72
CA MET E 445 -25.48 17.75 -0.63
C MET E 445 -26.81 18.21 -0.06
N TYR E 446 -27.65 17.25 0.32
CA TYR E 446 -28.91 17.55 0.96
C TYR E 446 -28.85 17.26 2.45
N ALA E 447 -29.00 18.29 3.23
CA ALA E 447 -28.91 18.20 4.66
C ALA E 447 -30.24 17.77 5.25
N PRO E 448 -30.33 16.65 5.97
CA PRO E 448 -31.54 16.21 6.60
C PRO E 448 -31.85 17.23 7.66
N PRO E 449 -33.10 17.42 8.05
CA PRO E 449 -33.55 18.24 9.15
C PRO E 449 -33.12 17.52 10.43
N ILE E 450 -32.86 18.26 11.52
CA ILE E 450 -32.45 17.57 12.75
C ILE E 450 -33.34 17.67 14.02
N ARG E 451 -34.65 17.58 13.84
CA ARG E 451 -35.67 17.51 14.91
C ARG E 451 -36.00 18.75 15.76
N GLY E 452 -35.47 19.91 15.42
CA GLY E 452 -35.91 21.14 16.09
C GLY E 452 -35.13 21.63 17.31
N GLN E 453 -35.42 22.89 17.67
CA GLN E 453 -34.82 23.60 18.80
C GLN E 453 -33.31 23.56 18.76
N ILE E 454 -32.74 24.04 17.68
CA ILE E 454 -31.30 23.94 17.53
C ILE E 454 -30.61 25.21 17.96
N ARG E 455 -29.68 25.05 18.88
CA ARG E 455 -28.92 26.16 19.40
C ARG E 455 -27.46 25.84 19.40
N CYS E 456 -26.66 26.82 19.08
CA CYS E 456 -25.23 26.69 19.10
C CYS E 456 -24.59 28.04 19.30
N SER E 457 -23.32 28.04 19.63
CA SER E 457 -22.61 29.28 19.77
C SER E 457 -21.19 29.05 19.35
N SER E 458 -20.52 30.11 18.97
CA SER E 458 -19.15 30.00 18.54
C SER E 458 -18.32 31.23 18.81
N ASN E 459 -17.02 31.07 18.63
CA ASN E 459 -16.04 32.11 18.86
C ASN E 459 -15.61 32.80 17.58
N ILE E 460 -15.89 34.09 17.46
CA ILE E 460 -15.41 34.75 16.28
C ILE E 460 -13.97 34.98 16.59
N THR E 461 -13.09 34.45 15.74
CA THR E 461 -11.66 34.57 15.96
C THR E 461 -11.01 35.44 14.92
N GLY E 462 -11.73 35.70 13.84
CA GLY E 462 -11.15 36.57 12.84
C GLY E 462 -12.09 36.88 11.70
N LEU E 463 -11.69 37.84 10.90
CA LEU E 463 -12.49 38.30 9.78
C LEU E 463 -11.76 38.20 8.45
N LEU E 464 -12.49 37.95 7.38
CA LEU E 464 -11.87 38.04 6.07
C LEU E 464 -12.36 39.28 5.37
N LEU E 465 -11.46 40.21 5.11
CA LEU E 465 -11.84 41.45 4.47
C LEU E 465 -11.17 41.64 3.12
N THR E 466 -11.85 42.30 2.20
CA THR E 466 -11.23 42.67 0.92
C THR E 466 -11.43 44.15 0.71
N ARG E 467 -10.65 44.76 -0.18
CA ARG E 467 -10.86 46.19 -0.41
C ARG E 467 -11.75 46.40 -1.61
N ASP E 468 -12.65 47.35 -1.49
CA ASP E 468 -13.62 47.58 -2.54
C ASP E 468 -13.07 48.44 -3.65
N GLY E 469 -12.22 47.84 -4.46
CA GLY E 469 -11.59 48.50 -5.60
C GLY E 469 -10.40 49.34 -5.19
N GLY E 470 -10.64 50.25 -4.24
CA GLY E 470 -9.66 51.18 -3.70
C GLY E 470 -9.44 52.35 -4.65
N ARG E 471 -10.48 52.68 -5.40
CA ARG E 471 -10.45 53.74 -6.40
C ARG E 471 -11.27 54.96 -5.99
N ASP E 472 -11.66 55.02 -4.73
CA ASP E 472 -12.44 56.13 -4.21
C ASP E 472 -11.54 57.35 -4.10
N GLN E 473 -11.90 58.41 -4.78
CA GLN E 473 -11.07 59.60 -4.89
C GLN E 473 -11.32 60.59 -3.77
N ASN E 474 -12.15 60.21 -2.81
CA ASN E 474 -12.53 61.08 -1.70
C ASN E 474 -11.73 60.90 -0.40
N GLY E 475 -10.58 60.22 -0.44
CA GLY E 475 -9.80 60.09 0.81
C GLY E 475 -10.39 59.07 1.78
N THR E 476 -10.96 58.02 1.23
CA THR E 476 -11.59 56.98 2.00
C THR E 476 -11.09 55.61 1.56
N GLU E 477 -11.27 54.61 2.43
CA GLU E 477 -11.00 53.22 2.07
C GLU E 477 -12.17 52.35 2.47
N THR E 478 -12.62 51.48 1.58
CA THR E 478 -13.76 50.65 1.90
C THR E 478 -13.43 49.18 1.98
N PHE E 479 -13.85 48.58 3.08
CA PHE E 479 -13.64 47.19 3.36
C PHE E 479 -14.95 46.45 3.40
N ARG E 480 -14.96 45.26 2.82
CA ARG E 480 -16.15 44.43 2.83
C ARG E 480 -15.83 43.04 3.31
N PRO E 481 -16.79 42.31 3.88
CA PRO E 481 -16.66 40.94 4.33
C PRO E 481 -16.71 39.99 3.15
N GLY E 482 -15.68 40.08 2.35
CA GLY E 482 -15.50 39.30 1.15
C GLY E 482 -14.53 38.17 1.44
N GLY E 483 -13.77 37.80 0.44
CA GLY E 483 -12.83 36.70 0.59
C GLY E 483 -12.98 35.79 -0.60
N GLY E 484 -12.09 34.82 -0.72
CA GLY E 484 -12.11 33.91 -1.84
C GLY E 484 -12.51 32.52 -1.42
N ASN E 485 -11.76 31.58 -1.94
CA ASN E 485 -11.89 30.16 -1.74
C ASN E 485 -11.61 29.80 -0.30
N MET E 486 -12.12 28.66 0.19
CA MET E 486 -11.92 28.23 1.58
C MET E 486 -10.46 28.10 1.95
N ARG E 487 -9.56 28.11 0.97
CA ARG E 487 -8.15 28.08 1.24
C ARG E 487 -7.82 29.23 2.19
N ASP E 488 -8.52 30.37 2.08
CA ASP E 488 -8.26 31.50 2.95
C ASP E 488 -8.49 31.15 4.41
N ASN E 489 -9.47 30.29 4.70
CA ASN E 489 -9.75 29.99 6.08
C ASN E 489 -8.66 29.15 6.66
N TRP E 490 -8.21 28.19 5.88
CA TRP E 490 -7.21 27.30 6.43
C TRP E 490 -5.85 27.95 6.45
N ARG E 491 -5.62 28.86 5.52
CA ARG E 491 -4.38 29.56 5.46
C ARG E 491 -4.21 30.35 6.74
N SER E 492 -5.31 30.90 7.27
CA SER E 492 -5.26 31.73 8.46
C SER E 492 -4.86 30.96 9.71
N GLU E 493 -4.92 29.62 9.68
CA GLU E 493 -4.56 28.84 10.86
C GLU E 493 -3.19 28.18 10.70
N LEU E 494 -2.84 27.77 9.49
CA LEU E 494 -1.57 27.09 9.17
C LEU E 494 -0.44 28.01 8.81
N TYR E 495 -0.68 29.30 8.93
CA TYR E 495 0.24 30.35 8.54
C TYR E 495 1.61 30.30 9.17
N LYS E 496 1.73 29.68 10.32
CA LYS E 496 3.00 29.63 11.02
C LYS E 496 3.84 28.42 10.69
N TYR E 497 3.33 27.48 9.88
CA TYR E 497 4.09 26.25 9.66
C TYR E 497 4.77 26.11 8.30
N LYS E 498 5.92 25.43 8.31
CA LYS E 498 6.65 25.06 7.10
C LYS E 498 7.13 23.61 7.15
N VAL E 499 7.05 22.89 6.04
CA VAL E 499 7.55 21.51 6.04
C VAL E 499 8.92 21.41 5.44
N VAL E 500 9.81 20.73 6.16
CA VAL E 500 11.16 20.54 5.68
C VAL E 500 11.53 19.07 5.75
N LYS E 501 12.55 18.68 5.02
CA LYS E 501 13.05 17.32 5.09
C LYS E 501 14.37 17.35 5.81
N ILE E 502 14.66 16.26 6.51
CA ILE E 502 15.88 16.14 7.26
C ILE E 502 16.89 15.34 6.48
N GLU E 503 18.11 15.87 6.41
CA GLU E 503 19.19 15.19 5.72
C GLU E 503 20.34 14.98 6.70
N PRO E 504 20.29 13.92 7.53
CA PRO E 504 21.15 13.66 8.64
C PRO E 504 22.57 13.24 8.28
N LEU E 505 22.84 12.93 7.04
CA LEU E 505 24.20 12.52 6.74
C LEU E 505 24.96 13.70 6.18
N GLY E 506 26.08 14.03 6.81
CA GLY E 506 26.86 15.16 6.33
C GLY E 506 28.36 14.88 6.27
N ILE E 507 29.08 15.81 5.66
CA ILE E 507 30.51 15.66 5.44
C ILE E 507 31.32 16.79 6.01
N ALA E 508 32.44 16.47 6.65
CA ALA E 508 33.32 17.49 7.20
C ALA E 508 34.76 17.00 7.20
N PRO E 509 35.76 17.89 7.22
CA PRO E 509 37.15 17.54 7.38
C PRO E 509 37.45 17.16 8.82
N THR E 510 38.39 16.27 8.98
CA THR E 510 38.96 15.86 10.27
C THR E 510 40.43 15.65 10.26
N ALA E 511 40.97 15.39 11.45
CA ALA E 511 42.39 15.07 11.56
C ALA E 511 42.63 13.57 11.81
N CYS E 512 41.57 12.75 11.76
CA CYS E 512 41.74 11.31 12.00
C CYS E 512 42.05 10.58 10.71
N LYS E 513 42.64 9.39 10.85
CA LYS E 513 42.82 8.53 9.69
C LYS E 513 42.54 7.06 10.07
N ARG E 514 41.80 6.36 9.20
CA ARG E 514 41.41 4.97 9.41
C ARG E 514 42.59 3.99 9.30
N ARG E 515 42.66 3.01 10.20
CA ARG E 515 43.72 2.02 10.05
C ARG E 515 43.54 1.16 8.81
N ALA F 14 32.17 17.39 22.19
CA ALA F 14 31.65 18.64 21.66
C ALA F 14 31.46 18.51 20.17
N ALA F 15 31.53 17.29 19.68
CA ALA F 15 31.38 17.05 18.25
C ALA F 15 30.05 17.57 17.73
N GLY F 16 29.00 17.48 18.55
CA GLY F 16 27.68 17.96 18.14
C GLY F 16 27.41 19.41 18.54
N SER F 17 28.40 20.06 19.17
CA SER F 17 28.25 21.44 19.65
C SER F 17 29.19 22.39 18.91
N THR F 18 30.26 21.85 18.34
CA THR F 18 31.27 22.65 17.68
C THR F 18 30.75 23.31 16.40
N MET F 19 30.00 22.55 15.61
CA MET F 19 29.47 23.01 14.32
C MET F 19 28.24 23.87 14.41
N GLY F 20 28.41 24.99 15.10
CA GLY F 20 27.40 26.00 15.32
C GLY F 20 26.64 25.75 16.60
N ALA F 21 26.18 26.84 17.22
CA ALA F 21 25.37 26.70 18.41
C ALA F 21 24.04 26.07 18.03
N ALA F 22 23.58 26.36 16.83
CA ALA F 22 22.31 25.91 16.35
C ALA F 22 22.34 24.49 15.80
N SER F 23 22.61 23.54 16.68
CA SER F 23 22.69 22.10 16.34
C SER F 23 21.46 21.39 16.91
N MET F 24 20.55 22.19 17.39
CA MET F 24 19.35 21.79 18.09
C MET F 24 18.25 21.12 17.29
N ALA F 25 18.46 20.84 16.00
CA ALA F 25 17.46 20.04 15.30
C ALA F 25 17.50 18.63 15.92
N LEU F 26 18.65 18.29 16.51
CA LEU F 26 18.89 17.02 17.16
C LEU F 26 18.53 15.86 16.28
N THR F 27 17.74 14.94 16.82
CA THR F 27 17.33 13.77 16.10
C THR F 27 15.84 13.53 16.16
N VAL F 28 15.04 14.50 15.72
CA VAL F 28 13.59 14.34 15.74
C VAL F 28 13.21 13.16 14.83
N GLN F 29 14.03 12.90 13.82
CA GLN F 29 13.83 11.78 12.91
C GLN F 29 14.03 10.43 13.62
N ALA F 30 14.74 10.41 14.76
CA ALA F 30 14.97 9.16 15.49
C ALA F 30 13.76 8.90 16.37
N ARG F 31 13.13 10.00 16.81
CA ARG F 31 11.92 9.91 17.62
C ARG F 31 10.82 9.32 16.75
N LEU F 32 10.87 9.71 15.47
CA LEU F 32 9.99 9.29 14.38
C LEU F 32 8.73 10.13 14.34
N HIS F 53 -4.27 -1.88 14.45
CA HIS F 53 -5.24 -1.29 13.54
C HIS F 53 -5.06 -1.76 12.11
N MET F 54 -6.19 -1.87 11.41
CA MET F 54 -6.26 -2.33 10.04
C MET F 54 -5.92 -1.27 8.99
N LEU F 55 -5.25 -1.71 7.94
CA LEU F 55 -4.93 -0.85 6.82
C LEU F 55 -6.10 -0.62 5.90
N GLN F 56 -6.99 0.23 6.35
CA GLN F 56 -8.16 0.53 5.55
C GLN F 56 -7.75 1.60 4.54
N LEU F 57 -8.16 1.46 3.30
CA LEU F 57 -7.76 2.43 2.29
C LEU F 57 -8.74 3.58 2.17
N THR F 58 -8.74 4.39 3.22
CA THR F 58 -9.62 5.53 3.40
C THR F 58 -8.89 6.82 3.05
N VAL F 59 -9.58 7.95 3.09
CA VAL F 59 -8.89 9.18 2.73
C VAL F 59 -7.71 9.42 3.64
N TRP F 60 -7.87 9.24 4.94
CA TRP F 60 -6.71 9.40 5.77
C TRP F 60 -5.81 8.17 5.75
N GLY F 61 -6.40 7.00 5.57
CA GLY F 61 -5.66 5.74 5.62
C GLY F 61 -4.60 5.60 4.53
N ILE F 62 -4.88 6.09 3.33
CA ILE F 62 -3.93 5.99 2.26
C ILE F 62 -2.74 6.87 2.59
N LYS F 63 -2.99 8.07 3.08
CA LYS F 63 -1.90 8.93 3.47
C LYS F 63 -1.07 8.30 4.58
N GLN F 64 -1.72 7.61 5.52
CA GLN F 64 -0.95 6.98 6.59
C GLN F 64 -0.04 5.90 6.03
N LEU F 65 -0.53 5.17 5.03
CA LEU F 65 0.30 4.15 4.43
C LEU F 65 1.48 4.77 3.76
N GLN F 66 1.26 5.84 3.01
CA GLN F 66 2.38 6.43 2.32
C GLN F 66 3.41 6.91 3.31
N ALA F 67 2.97 7.48 4.43
CA ALA F 67 3.91 7.97 5.41
C ALA F 67 4.79 6.85 5.95
N ARG F 68 4.22 5.67 6.18
CA ARG F 68 5.01 4.58 6.71
C ARG F 68 5.98 4.05 5.68
N VAL F 69 5.54 3.93 4.43
CA VAL F 69 6.41 3.39 3.40
C VAL F 69 7.56 4.34 3.17
N LEU F 70 7.28 5.64 3.12
CA LEU F 70 8.29 6.63 2.91
C LEU F 70 9.29 6.67 4.05
N ALA F 71 8.83 6.57 5.29
CA ALA F 71 9.78 6.61 6.40
C ALA F 71 10.78 5.47 6.24
N VAL F 72 10.30 4.30 5.81
CA VAL F 72 11.21 3.20 5.62
C VAL F 72 12.19 3.48 4.50
N GLU F 73 11.70 3.99 3.38
CA GLU F 73 12.60 4.25 2.28
C GLU F 73 13.67 5.25 2.65
N ARG F 74 13.33 6.32 3.36
CA ARG F 74 14.36 7.29 3.68
C ARG F 74 15.39 6.71 4.63
N TYR F 75 14.93 5.95 5.61
CA TYR F 75 15.86 5.34 6.54
C TYR F 75 16.84 4.48 5.81
N LEU F 76 16.34 3.61 4.94
CA LEU F 76 17.24 2.72 4.26
C LEU F 76 18.16 3.45 3.31
N ARG F 77 17.72 4.50 2.64
CA ARG F 77 18.69 5.14 1.77
C ARG F 77 19.91 5.62 2.56
N ASP F 78 19.72 6.16 3.76
CA ASP F 78 20.89 6.58 4.50
C ASP F 78 21.68 5.41 5.02
N GLN F 79 20.98 4.38 5.48
CA GLN F 79 21.69 3.27 6.07
C GLN F 79 22.50 2.53 5.02
N GLN F 80 21.96 2.41 3.80
CA GLN F 80 22.68 1.71 2.76
C GLN F 80 23.92 2.46 2.38
N LEU F 81 23.86 3.78 2.30
CA LEU F 81 25.04 4.52 1.92
C LEU F 81 26.12 4.38 2.98
N LEU F 82 25.74 4.42 4.25
CA LEU F 82 26.73 4.25 5.29
C LEU F 82 27.29 2.85 5.22
N GLY F 83 26.47 1.88 4.88
CA GLY F 83 26.94 0.52 4.76
C GLY F 83 28.00 0.42 3.66
N ILE F 84 27.76 1.08 2.54
CA ILE F 84 28.68 1.04 1.43
C ILE F 84 30.04 1.59 1.82
N TRP F 85 30.07 2.66 2.55
CA TRP F 85 31.33 3.27 2.97
C TRP F 85 32.04 2.56 4.13
N GLY F 86 31.39 1.56 4.72
CA GLY F 86 31.95 0.91 5.89
C GLY F 86 31.70 1.72 7.17
N CYS F 87 30.64 2.52 7.16
CA CYS F 87 30.28 3.38 8.28
C CYS F 87 28.92 2.97 8.86
N SER F 88 28.52 1.72 8.66
CA SER F 88 27.19 1.21 9.05
C SER F 88 26.86 1.23 10.52
N GLY F 89 27.87 1.06 11.35
CA GLY F 89 27.74 1.03 12.79
C GLY F 89 28.29 2.28 13.43
N LYS F 90 28.50 3.32 12.63
CA LYS F 90 29.15 4.48 13.18
C LYS F 90 28.24 5.68 13.30
N ILE F 91 28.62 6.55 14.22
CA ILE F 91 28.00 7.85 14.37
C ILE F 91 28.90 8.76 13.60
N ILE F 92 30.19 8.61 13.85
CA ILE F 92 31.19 9.37 13.18
C ILE F 92 32.14 8.34 12.60
N CYS F 93 32.36 8.32 11.30
CA CYS F 93 33.34 7.33 10.85
C CYS F 93 34.55 8.00 10.28
N CYS F 94 35.67 7.38 10.54
CA CYS F 94 36.95 7.86 10.07
C CYS F 94 37.25 7.07 8.82
N THR F 95 37.82 7.73 7.80
CA THR F 95 38.12 7.17 6.48
C THR F 95 39.61 7.30 6.13
N ASN F 96 40.02 6.82 4.94
CA ASN F 96 41.37 6.96 4.43
C ASN F 96 41.42 7.85 3.21
N VAL F 97 40.43 8.71 3.05
CA VAL F 97 40.42 9.60 1.89
C VAL F 97 40.72 11.02 2.34
N PRO F 98 41.76 11.67 1.82
CA PRO F 98 42.23 12.97 2.20
C PRO F 98 41.21 13.99 1.80
N TRP F 99 41.24 15.13 2.45
CA TRP F 99 40.33 16.23 2.23
C TRP F 99 40.38 16.89 0.86
N ASN F 100 41.48 16.74 0.11
CA ASN F 100 41.63 17.31 -1.23
C ASN F 100 41.91 18.81 -1.24
N ASP F 101 41.11 19.58 -0.53
CA ASP F 101 41.16 21.05 -0.39
C ASP F 101 40.73 21.87 -1.59
N SER F 102 40.21 21.26 -2.65
CA SER F 102 39.69 22.13 -3.70
C SER F 102 38.25 22.44 -3.38
N TRP F 103 37.63 21.53 -2.63
CA TRP F 103 36.23 21.64 -2.24
C TRP F 103 36.06 22.85 -1.34
N SER F 104 37.00 22.98 -0.44
CA SER F 104 37.12 24.07 0.50
C SER F 104 38.52 24.10 1.03
N ASN F 105 39.14 25.26 1.01
CA ASN F 105 40.52 25.40 1.45
C ASN F 105 40.63 26.02 2.84
N LYS F 106 39.54 26.02 3.56
CA LYS F 106 39.54 26.53 4.93
C LYS F 106 40.10 25.45 5.85
N THR F 107 40.62 25.83 7.01
CA THR F 107 41.16 24.84 7.94
C THR F 107 40.19 24.32 8.99
N ILE F 108 40.67 23.45 9.85
CA ILE F 108 39.80 22.82 10.82
C ILE F 108 39.13 23.83 11.73
N ASN F 109 39.86 24.84 12.15
CA ASN F 109 39.28 25.80 13.06
C ASN F 109 38.47 26.87 12.35
N GLU F 110 38.38 26.79 11.02
CA GLU F 110 37.59 27.70 10.21
C GLU F 110 36.33 27.00 9.72
N ILE F 111 36.43 25.68 9.55
CA ILE F 111 35.33 24.86 9.09
C ILE F 111 34.66 24.10 10.19
N TRP F 112 35.44 23.40 10.98
CA TRP F 112 34.85 22.59 12.01
C TRP F 112 34.38 23.57 13.04
N ASP F 113 35.27 24.42 13.50
CA ASP F 113 34.78 25.40 14.44
C ASP F 113 34.35 26.62 13.65
N ASN F 114 33.82 27.61 14.34
CA ASN F 114 33.41 28.88 13.76
C ASN F 114 32.49 28.71 12.56
N MET F 115 31.57 27.76 12.59
CA MET F 115 30.67 27.52 11.46
C MET F 115 29.48 26.70 11.89
N THR F 116 28.34 26.89 11.24
CA THR F 116 27.15 26.07 11.51
C THR F 116 27.00 25.00 10.46
N TRP F 117 26.58 23.80 10.85
CA TRP F 117 26.41 22.72 9.87
C TRP F 117 25.62 23.08 8.63
N MET F 118 24.57 23.88 8.74
CA MET F 118 23.84 24.17 7.52
C MET F 118 24.67 25.00 6.56
N GLN F 119 25.53 25.87 7.09
CA GLN F 119 26.33 26.73 6.24
C GLN F 119 27.34 25.88 5.53
N TRP F 120 27.86 24.93 6.28
CA TRP F 120 28.87 24.05 5.78
C TRP F 120 28.36 23.17 4.67
N GLU F 121 27.19 22.59 4.84
CA GLU F 121 26.69 21.75 3.79
C GLU F 121 26.48 22.58 2.54
N LYS F 122 26.06 23.84 2.68
CA LYS F 122 25.94 24.65 1.48
C LYS F 122 27.32 24.91 0.85
N GLU F 123 28.33 25.21 1.67
CA GLU F 123 29.67 25.53 1.16
C GLU F 123 30.27 24.45 0.28
N ILE F 124 30.04 23.19 0.61
CA ILE F 124 30.58 22.10 -0.19
C ILE F 124 29.51 21.28 -0.90
N ASP F 125 28.36 21.87 -1.17
CA ASP F 125 27.27 21.14 -1.81
C ASP F 125 27.63 20.57 -3.19
N ASN F 126 28.47 21.27 -3.94
CA ASN F 126 28.79 20.85 -5.31
C ASN F 126 29.77 19.70 -5.35
N TYR F 127 30.26 19.30 -4.20
CA TYR F 127 31.21 18.24 -4.19
C TYR F 127 30.60 17.00 -3.60
N THR F 128 29.29 17.01 -3.40
CA THR F 128 28.65 15.88 -2.77
C THR F 128 28.90 14.58 -3.49
N GLN F 129 28.76 14.57 -4.80
CA GLN F 129 28.91 13.34 -5.54
C GLN F 129 30.37 12.95 -5.67
N HIS F 130 31.23 13.96 -5.76
CA HIS F 130 32.65 13.69 -5.89
C HIS F 130 33.11 12.98 -4.62
N ILE F 131 32.71 13.55 -3.48
CA ILE F 131 33.10 13.01 -2.21
C ILE F 131 32.48 11.66 -1.98
N TYR F 132 31.20 11.49 -2.28
CA TYR F 132 30.60 10.19 -2.05
C TYR F 132 31.28 9.14 -2.90
N THR F 133 31.63 9.50 -4.14
CA THR F 133 32.30 8.56 -5.00
C THR F 133 33.61 8.17 -4.38
N LEU F 134 34.37 9.14 -3.87
CA LEU F 134 35.65 8.85 -3.27
C LEU F 134 35.51 8.03 -1.99
N LEU F 135 34.45 8.26 -1.22
CA LEU F 135 34.26 7.49 -0.01
C LEU F 135 34.07 6.01 -0.30
N GLU F 136 33.46 5.68 -1.44
CA GLU F 136 33.33 4.26 -1.81
C GLU F 136 34.52 3.75 -2.62
N VAL F 137 34.81 4.45 -3.69
CA VAL F 137 35.78 3.93 -4.62
C VAL F 137 37.12 3.90 -4.00
N SER F 138 37.75 2.75 -4.06
CA SER F 138 39.04 2.48 -3.44
C SER F 138 38.92 2.42 -1.91
N GLN F 139 38.36 3.45 -1.29
CA GLN F 139 38.27 3.49 0.15
C GLN F 139 37.58 2.30 0.76
N ILE F 140 36.51 1.80 0.14
CA ILE F 140 35.96 0.59 0.69
C ILE F 140 36.42 -0.55 -0.19
N GLN F 141 36.41 -0.32 -1.49
CA GLN F 141 36.70 -1.41 -2.41
C GLN F 141 38.11 -1.98 -2.33
N GLN F 142 39.10 -1.11 -2.20
CA GLN F 142 40.48 -1.52 -2.17
C GLN F 142 40.76 -1.95 -0.79
N GLU F 143 40.26 -1.21 0.18
CA GLU F 143 40.53 -1.61 1.55
C GLU F 143 40.09 -3.04 1.75
N LYS F 144 38.93 -3.41 1.24
CA LYS F 144 38.50 -4.77 1.43
C LYS F 144 39.30 -5.76 0.59
N ASN F 145 39.68 -5.41 -0.66
CA ASN F 145 40.45 -6.37 -1.43
C ASN F 145 41.86 -6.57 -0.84
N GLU F 146 42.45 -5.52 -0.29
CA GLU F 146 43.76 -5.66 0.32
C GLU F 146 43.64 -6.53 1.55
N GLN F 147 42.56 -6.38 2.30
CA GLN F 147 42.39 -7.24 3.45
C GLN F 147 42.23 -8.67 3.00
N GLU F 148 41.50 -8.91 1.90
CA GLU F 148 41.35 -10.28 1.44
C GLU F 148 42.69 -10.90 1.22
N LEU F 149 43.64 -10.14 0.64
CA LEU F 149 44.97 -10.68 0.42
C LEU F 149 45.74 -10.89 1.73
N LEU F 150 45.61 -9.97 2.67
CA LEU F 150 46.33 -10.07 3.95
C LEU F 150 45.83 -11.23 4.79
N GLU F 151 44.57 -11.55 4.65
CA GLU F 151 43.93 -12.59 5.43
C GLU F 151 44.24 -13.98 4.88
N LEU F 152 45.05 -14.06 3.80
CA LEU F 152 45.39 -15.34 3.21
C LEU F 152 46.64 -15.87 3.88
N ASP F 153 47.25 -15.04 4.73
CA ASP F 153 48.47 -15.43 5.40
C ASP F 153 48.23 -16.02 6.79
N ASP G 1 1.43 65.42 23.73
CA ASP G 1 1.90 64.34 24.57
C ASP G 1 0.85 63.85 25.54
N ILE G 2 1.23 62.84 26.31
CA ILE G 2 0.40 62.26 27.34
C ILE G 2 1.00 62.62 28.65
N VAL G 3 0.20 63.08 29.59
CA VAL G 3 0.72 63.41 30.88
C VAL G 3 0.10 62.51 31.91
N MET G 4 0.94 61.77 32.59
CA MET G 4 0.48 60.84 33.60
C MET G 4 0.64 61.45 34.99
N THR G 5 -0.40 61.33 35.79
CA THR G 5 -0.40 61.81 37.17
C THR G 5 -0.66 60.67 38.13
N GLN G 6 0.12 60.60 39.20
CA GLN G 6 -0.09 59.54 40.18
C GLN G 6 -0.38 60.13 41.53
N THR G 7 -1.23 59.45 42.28
CA THR G 7 -1.60 59.84 43.62
C THR G 7 -2.20 58.65 44.37
N PRO G 8 -2.10 58.58 45.69
CA PRO G 8 -1.38 59.40 46.63
C PRO G 8 0.09 59.12 46.56
N ALA G 9 0.89 60.11 46.91
CA ALA G 9 2.33 59.98 47.04
C ALA G 9 2.67 59.75 48.49
N SER G 10 3.89 59.27 48.76
CA SER G 10 4.36 59.08 50.13
C SER G 10 3.40 58.26 50.96
N VAL G 11 3.05 57.10 50.44
CA VAL G 11 2.10 56.23 51.07
C VAL G 11 2.78 55.40 52.12
N SER G 12 2.22 55.37 53.31
CA SER G 12 2.80 54.56 54.36
C SER G 12 1.72 53.88 55.14
N GLU G 13 1.79 52.56 55.13
CA GLU G 13 0.81 51.69 55.75
C GLU G 13 1.52 50.61 56.55
N PRO G 14 0.88 50.02 57.57
CA PRO G 14 1.41 48.94 58.37
C PRO G 14 1.49 47.65 57.60
N VAL G 15 2.46 46.86 57.97
CA VAL G 15 2.62 45.56 57.38
C VAL G 15 1.38 44.76 57.64
N GLY G 16 0.92 44.09 56.59
CA GLY G 16 -0.28 43.26 56.64
C GLY G 16 -1.54 43.98 56.15
N GLY G 17 -1.45 45.27 55.88
CA GLY G 17 -2.59 46.03 55.38
C GLY G 17 -2.61 46.00 53.86
N THR G 18 -3.33 46.95 53.23
CA THR G 18 -3.42 47.02 51.77
C THR G 18 -3.22 48.45 51.27
N VAL G 19 -2.79 48.57 50.01
CA VAL G 19 -2.57 49.86 49.30
C VAL G 19 -3.12 49.96 47.91
N THR G 20 -3.67 51.12 47.57
CA THR G 20 -4.05 51.33 46.20
C THR G 20 -3.35 52.56 45.66
N ILE G 21 -3.04 52.54 44.37
CA ILE G 21 -2.44 53.67 43.69
C ILE G 21 -3.35 54.14 42.56
N ASN G 22 -3.69 55.42 42.57
CA ASN G 22 -4.57 56.06 41.59
C ASN G 22 -3.84 56.82 40.47
N CYS G 23 -3.96 56.33 39.24
CA CYS G 23 -3.30 56.97 38.12
C CYS G 23 -4.23 57.56 37.09
N GLN G 24 -3.89 58.77 36.67
CA GLN G 24 -4.68 59.49 35.69
C GLN G 24 -3.92 59.76 34.41
N ALA G 25 -4.58 59.56 33.27
CA ALA G 25 -3.94 59.93 32.00
C ALA G 25 -4.97 60.25 30.94
N SER G 26 -4.83 61.41 30.31
CA SER G 26 -5.76 61.79 29.27
C SER G 26 -5.44 61.07 27.99
N GLN G 27 -6.40 61.12 27.05
CA GLN G 27 -6.24 60.57 25.72
C GLN G 27 -5.86 59.09 25.72
N SER G 28 -6.47 58.31 26.58
CA SER G 28 -6.18 56.89 26.56
C SER G 28 -6.64 56.29 25.26
N ARG G 29 -5.84 55.37 24.74
CA ARG G 29 -6.16 54.68 23.51
C ARG G 29 -6.61 53.26 23.80
N GLY G 30 -6.84 52.97 25.07
CA GLY G 30 -7.26 51.64 25.50
C GLY G 30 -6.56 51.22 26.78
N ASN G 31 -6.98 50.10 27.35
CA ASN G 31 -6.42 49.64 28.61
C ASN G 31 -5.24 48.68 28.40
N ASN G 32 -4.94 48.42 27.14
CA ASN G 32 -3.89 47.51 26.75
C ASN G 32 -2.59 48.21 26.50
N TYR G 33 -2.58 49.51 26.74
CA TYR G 33 -1.43 50.38 26.51
C TYR G 33 -0.82 50.88 27.80
N LEU G 34 -1.24 50.28 28.90
CA LEU G 34 -0.75 50.70 30.19
C LEU G 34 -0.20 49.52 31.00
N SER G 35 0.91 49.79 31.69
CA SER G 35 1.66 48.82 32.51
C SER G 35 2.18 49.45 33.81
N TRP G 36 2.66 48.59 34.73
CA TRP G 36 3.23 49.05 36.01
C TRP G 36 4.59 48.43 36.31
N TYR G 37 5.44 49.19 36.99
CA TYR G 37 6.76 48.72 37.39
C TYR G 37 7.04 48.86 38.87
N GLN G 38 7.80 47.91 39.43
CA GLN G 38 8.21 47.95 40.83
C GLN G 38 9.69 48.23 40.99
N GLN G 39 10.05 49.38 41.53
CA GLN G 39 11.46 49.72 41.69
C GLN G 39 11.88 49.85 43.14
N LYS G 40 12.77 48.98 43.56
CA LYS G 40 13.23 49.06 44.93
C LYS G 40 14.42 50.01 44.88
N PRO G 41 14.70 50.79 45.93
CA PRO G 41 15.80 51.71 45.96
C PRO G 41 17.10 51.03 45.65
N GLY G 42 17.87 51.66 44.77
CA GLY G 42 19.18 51.20 44.35
C GLY G 42 19.20 50.32 43.10
N GLN G 43 18.04 49.86 42.61
CA GLN G 43 18.07 48.98 41.44
C GLN G 43 17.28 49.52 40.26
N SER G 44 17.30 48.76 39.18
CA SER G 44 16.51 49.07 38.01
C SER G 44 15.07 48.73 38.36
N PRO G 45 14.07 49.29 37.70
CA PRO G 45 12.68 48.94 37.87
C PRO G 45 12.43 47.58 37.28
N SER G 46 11.47 46.85 37.82
CA SER G 46 11.10 45.56 37.25
C SER G 46 9.64 45.51 36.80
N LEU G 47 9.38 44.81 35.71
CA LEU G 47 8.01 44.73 35.24
C LEU G 47 7.12 44.03 36.21
N LEU G 48 6.02 44.66 36.54
CA LEU G 48 5.12 44.09 37.49
C LEU G 48 3.85 43.67 36.77
N ILE G 49 3.29 44.62 36.04
CA ILE G 49 2.03 44.47 35.32
C ILE G 49 2.27 44.85 33.89
N TYR G 50 1.73 44.13 32.90
CA TYR G 50 2.01 44.57 31.52
C TYR G 50 0.80 44.99 30.70
N ARG G 51 -0.38 44.70 31.19
CA ARG G 51 -1.64 45.13 30.56
C ARG G 51 -2.37 45.63 31.74
N THR G 52 -3.33 46.52 31.63
CA THR G 52 -3.94 46.99 32.87
C THR G 52 -4.37 45.87 33.79
N SER G 53 -4.99 44.81 33.27
CA SER G 53 -5.46 43.73 34.11
C SER G 53 -4.55 42.49 34.17
N THR G 54 -3.38 42.53 33.54
CA THR G 54 -2.54 41.33 33.51
C THR G 54 -1.16 41.52 34.10
N LEU G 55 -0.83 40.63 35.04
CA LEU G 55 0.46 40.67 35.71
C LEU G 55 1.54 39.90 35.01
N ALA G 56 2.77 40.30 35.26
CA ALA G 56 3.95 39.65 34.72
C ALA G 56 4.23 38.35 35.43
N SER G 57 4.81 37.40 34.72
CA SER G 57 5.16 36.15 35.36
C SER G 57 6.12 36.40 36.51
N GLY G 58 5.89 35.69 37.61
CA GLY G 58 6.72 35.79 38.80
C GLY G 58 6.13 36.73 39.85
N VAL G 59 5.11 37.49 39.45
CA VAL G 59 4.46 38.42 40.35
C VAL G 59 3.36 37.69 41.16
N PRO G 60 3.35 37.83 42.50
CA PRO G 60 2.41 37.21 43.43
C PRO G 60 1.03 37.81 43.32
N SER G 61 0.03 37.18 43.94
CA SER G 61 -1.37 37.63 43.86
C SER G 61 -1.70 38.86 44.71
N ARG G 62 -1.14 39.95 44.26
CA ARG G 62 -1.24 41.28 44.81
C ARG G 62 -0.90 42.13 43.61
N PHE G 63 -1.06 43.45 43.67
CA PHE G 63 -0.77 44.30 42.52
C PHE G 63 -1.78 44.00 41.44
N LYS G 64 -3.02 43.81 41.82
CA LYS G 64 -4.03 43.57 40.83
C LYS G 64 -4.27 44.88 40.11
N GLY G 65 -4.24 44.87 38.79
CA GLY G 65 -4.51 46.11 38.10
C GLY G 65 -5.94 46.16 37.61
N SER G 66 -6.49 47.35 37.51
CA SER G 66 -7.81 47.55 36.98
C SER G 66 -7.93 48.94 36.40
N GLY G 67 -8.97 49.16 35.59
CA GLY G 67 -9.16 50.50 35.07
C GLY G 67 -10.14 50.57 33.91
N SER G 68 -10.32 51.79 33.45
CA SER G 68 -11.20 52.17 32.36
C SER G 68 -10.50 53.32 31.66
N GLY G 69 -11.00 53.77 30.52
CA GLY G 69 -10.24 54.81 29.85
C GLY G 69 -9.94 55.98 30.76
N THR G 70 -8.65 56.34 30.80
CA THR G 70 -8.01 57.40 31.59
C THR G 70 -7.92 57.14 33.11
N GLN G 71 -8.61 56.12 33.60
CA GLN G 71 -8.68 55.82 35.04
C GLN G 71 -8.03 54.51 35.44
N PHE G 72 -6.88 54.56 36.10
CA PHE G 72 -6.21 53.30 36.42
C PHE G 72 -5.87 53.13 37.89
N THR G 73 -6.02 51.91 38.38
CA THR G 73 -5.68 51.60 39.76
C THR G 73 -4.84 50.35 39.92
N LEU G 74 -3.86 50.41 40.83
CA LEU G 74 -3.13 49.20 41.19
C LEU G 74 -3.47 48.87 42.63
N THR G 75 -3.80 47.61 42.93
CA THR G 75 -4.10 47.23 44.31
C THR G 75 -3.13 46.20 44.90
N ILE G 76 -2.57 46.55 46.04
CA ILE G 76 -1.67 45.65 46.71
C ILE G 76 -2.48 45.00 47.82
N SER G 77 -2.78 43.72 47.61
CA SER G 77 -3.65 42.89 48.46
C SER G 77 -3.00 42.45 49.76
N ASP G 78 -1.68 42.53 49.80
CA ASP G 78 -0.93 42.05 50.94
C ASP G 78 0.35 42.86 51.13
N LEU G 79 0.36 43.76 52.11
CA LEU G 79 1.56 44.57 52.29
C LEU G 79 2.65 43.91 53.07
N GLU G 80 3.34 43.02 52.39
CA GLU G 80 4.51 42.34 52.91
C GLU G 80 5.62 43.39 52.81
N CYS G 81 6.54 43.45 53.77
CA CYS G 81 7.58 44.50 53.70
C CYS G 81 8.50 44.35 52.50
N ALA G 82 8.47 43.17 51.92
CA ALA G 82 9.22 42.78 50.75
C ALA G 82 8.86 43.64 49.56
N ASP G 83 7.64 44.20 49.57
CA ASP G 83 7.12 45.00 48.49
C ASP G 83 7.25 46.48 48.75
N ALA G 84 7.97 46.90 49.79
CA ALA G 84 8.12 48.33 49.88
C ALA G 84 8.91 48.71 48.63
N ALA G 85 8.41 49.67 47.88
CA ALA G 85 9.02 50.04 46.61
C ALA G 85 8.39 51.29 46.06
N THR G 86 8.99 51.86 45.03
CA THR G 86 8.31 52.92 44.32
C THR G 86 7.66 52.30 43.10
N TYR G 87 6.37 52.52 42.96
CA TYR G 87 5.67 51.93 41.86
C TYR G 87 5.43 52.93 40.77
N TYR G 88 5.65 52.52 39.53
CA TYR G 88 5.46 53.45 38.44
C TYR G 88 4.39 53.05 37.51
N CYS G 89 3.64 54.03 37.05
CA CYS G 89 2.63 53.73 36.08
C CYS G 89 3.08 54.27 34.72
N LEU G 90 3.10 53.37 33.75
CA LEU G 90 3.55 53.65 32.39
C LEU G 90 2.51 53.58 31.32
N TYR G 91 2.50 54.57 30.47
CA TYR G 91 1.65 54.56 29.31
C TYR G 91 2.49 54.67 28.03
N GLY G 92 2.11 53.95 26.99
CA GLY G 92 2.78 54.17 25.71
C GLY G 92 2.02 53.53 24.57
N TYR G 93 2.29 53.97 23.37
CA TYR G 93 1.61 53.48 22.20
C TYR G 93 2.54 53.55 21.03
N TYR G 94 3.20 52.46 20.71
CA TYR G 94 4.12 52.64 19.62
C TYR G 94 3.33 53.01 18.44
N SER G 95 3.81 53.99 17.72
CA SER G 95 3.23 54.45 16.50
C SER G 95 4.29 55.04 15.63
N SER G 96 4.10 54.88 14.34
CA SER G 96 5.01 55.44 13.36
C SER G 96 4.95 56.96 13.37
N ARG G 97 3.88 57.51 13.94
CA ARG G 97 3.71 58.94 14.03
C ARG G 97 3.60 59.47 15.46
N ASN G 98 3.03 58.68 16.37
CA ASN G 98 2.76 59.17 17.73
C ASN G 98 3.07 58.18 18.86
N PRO G 99 4.34 57.92 19.21
CA PRO G 99 4.76 56.98 20.27
C PRO G 99 4.04 57.19 21.62
N ASP G 100 3.74 58.44 21.94
CA ASP G 100 3.02 58.78 23.17
C ASP G 100 3.55 58.16 24.46
N PHE G 101 4.85 58.12 24.67
CA PHE G 101 5.33 57.52 25.92
C PHE G 101 5.38 58.47 27.09
N ALA G 102 4.90 57.99 28.22
CA ALA G 102 4.95 58.74 29.46
C ALA G 102 4.95 57.86 30.69
N PHE G 103 5.65 58.29 31.70
CA PHE G 103 5.59 57.64 32.99
C PHE G 103 5.05 58.66 33.93
N GLY G 104 4.41 58.21 34.99
CA GLY G 104 4.00 59.12 36.03
C GLY G 104 5.22 59.36 36.89
N GLY G 105 5.09 60.08 37.97
CA GLY G 105 6.27 60.37 38.78
C GLY G 105 6.66 59.25 39.72
N GLY G 106 5.83 58.21 39.82
CA GLY G 106 6.08 57.12 40.71
C GLY G 106 5.42 57.35 42.05
N THR G 107 5.00 56.26 42.69
CA THR G 107 4.42 56.35 43.99
C THR G 107 5.20 55.53 44.98
N GLU G 108 5.69 56.20 46.00
CA GLU G 108 6.45 55.49 46.99
C GLU G 108 5.50 54.87 47.97
N VAL G 109 5.68 53.57 48.19
CA VAL G 109 4.88 52.85 49.16
C VAL G 109 5.80 52.21 50.21
N VAL G 110 5.58 52.63 51.45
CA VAL G 110 6.32 52.18 52.59
C VAL G 110 5.52 51.22 53.41
N VAL G 111 6.11 50.08 53.73
CA VAL G 111 5.41 49.11 54.53
C VAL G 111 6.11 48.98 55.88
N LYS G 112 5.38 49.33 56.93
CA LYS G 112 5.94 49.33 58.28
C LYS G 112 5.48 48.14 59.11
N LEU H 1 20.57 42.53 29.77
CA LEU H 1 21.23 43.60 29.02
C LEU H 1 22.06 44.45 29.92
N GLU H 2 23.14 44.96 29.38
CA GLU H 2 23.98 45.84 30.18
C GLU H 2 24.36 47.10 29.43
N GLU H 3 24.40 48.20 30.15
CA GLU H 3 24.81 49.47 29.59
C GLU H 3 26.31 49.65 29.80
N SER H 4 26.84 50.75 29.29
CA SER H 4 28.25 51.06 29.41
C SER H 4 28.56 52.49 29.02
N GLY H 5 29.76 52.97 29.34
CA GLY H 5 30.19 54.29 28.84
C GLY H 5 29.86 55.49 29.72
N GLY H 6 29.56 55.28 30.98
CA GLY H 6 29.22 56.41 31.85
C GLY H 6 30.48 57.06 32.37
N GLY H 7 30.31 57.95 33.34
CA GLY H 7 31.43 58.70 33.87
C GLY H 7 31.10 60.17 33.97
N LEU H 8 32.12 60.97 34.23
CA LEU H 8 31.94 62.39 34.41
C LEU H 8 32.28 63.11 33.11
N VAL H 9 31.44 64.06 32.76
CA VAL H 9 31.60 64.90 31.59
C VAL H 9 31.56 66.34 32.05
N GLN H 10 32.22 67.22 31.33
CA GLN H 10 32.19 68.62 31.72
C GLN H 10 30.87 69.25 31.25
N PRO H 11 30.62 70.53 31.57
CA PRO H 11 29.47 71.27 31.09
C PRO H 11 29.55 71.38 29.59
N GLU H 12 28.42 71.16 28.93
CA GLU H 12 28.25 71.20 27.50
C GLU H 12 29.06 70.14 26.78
N GLY H 13 29.47 69.09 27.49
CA GLY H 13 30.19 68.02 26.84
C GLY H 13 29.22 66.99 26.33
N SER H 14 29.73 65.81 25.98
CA SER H 14 28.90 64.75 25.42
C SER H 14 29.41 63.37 25.79
N LEU H 15 28.49 62.40 25.74
CA LEU H 15 28.78 60.98 25.97
C LEU H 15 28.09 60.09 24.98
N THR H 16 28.65 58.91 24.77
CA THR H 16 27.90 57.90 24.05
C THR H 16 27.79 56.67 24.95
N LEU H 17 26.58 56.22 25.20
CA LEU H 17 26.40 55.05 26.05
C LEU H 17 26.08 53.87 25.18
N THR H 18 26.53 52.69 25.58
CA THR H 18 26.22 51.50 24.79
C THR H 18 25.54 50.40 25.57
N CYS H 19 24.41 49.94 25.02
CA CYS H 19 23.64 48.83 25.56
C CYS H 19 23.90 47.56 24.75
N LYS H 20 24.37 46.54 25.45
CA LYS H 20 24.74 45.29 24.82
C LYS H 20 23.75 44.16 25.06
N ALA H 21 23.34 43.52 23.96
CA ALA H 21 22.42 42.41 24.03
C ALA H 21 23.08 41.10 24.38
N SER H 22 23.45 40.96 25.63
CA SER H 22 24.22 39.80 26.07
C SER H 22 23.40 38.52 26.09
N GLY H 23 23.14 37.99 24.89
CA GLY H 23 22.32 36.81 24.68
C GLY H 23 20.87 37.16 24.41
N PHE H 24 20.60 38.43 24.08
CA PHE H 24 19.24 38.86 23.84
C PHE H 24 19.13 39.60 22.53
N ASP H 25 19.36 38.93 21.41
CA ASP H 25 19.48 39.64 20.16
C ASP H 25 18.31 40.55 19.87
N PHE H 26 18.61 41.78 19.49
CA PHE H 26 17.59 42.76 19.21
C PHE H 26 17.08 42.60 17.79
N SER H 27 16.46 41.46 17.52
CA SER H 27 15.97 41.16 16.18
C SER H 27 14.46 41.36 16.03
N ASP H 28 13.77 41.21 17.13
CA ASP H 28 12.32 41.31 17.24
C ASP H 28 11.91 42.13 18.44
N TYR H 29 12.88 42.82 18.98
CA TYR H 29 12.72 43.62 20.16
C TYR H 29 12.92 45.08 19.88
N HIS H 30 12.24 45.90 20.65
CA HIS H 30 12.47 47.31 20.60
C HIS H 30 13.44 47.62 21.69
N VAL H 31 14.30 48.58 21.44
CA VAL H 31 15.24 48.99 22.47
C VAL H 31 14.96 50.41 22.83
N GLN H 32 14.72 50.65 24.09
CA GLN H 32 14.36 51.98 24.49
C GLN H 32 15.24 52.52 25.57
N TRP H 33 15.39 53.83 25.54
CA TRP H 33 16.18 54.52 26.53
C TRP H 33 15.32 55.36 27.44
N VAL H 34 15.63 55.28 28.73
CA VAL H 34 14.97 56.07 29.75
C VAL H 34 15.99 56.73 30.66
N ARG H 35 15.53 57.72 31.41
CA ARG H 35 16.41 58.42 32.35
C ARG H 35 15.80 58.60 33.72
N GLN H 36 16.62 58.45 34.76
CA GLN H 36 16.14 58.74 36.10
C GLN H 36 17.15 59.53 36.92
N SER H 37 16.91 60.84 37.06
CA SER H 37 17.84 61.68 37.81
C SER H 37 17.62 61.38 39.28
N PRO H 38 18.56 61.69 40.18
CA PRO H 38 18.42 61.42 41.59
C PRO H 38 17.17 62.06 42.16
N GLY H 39 16.41 61.27 42.91
CA GLY H 39 15.19 61.74 43.56
C GLY H 39 13.97 61.81 42.65
N LYS H 40 14.13 61.42 41.39
CA LYS H 40 13.05 61.50 40.42
C LYS H 40 12.56 60.16 39.93
N GLY H 41 11.46 60.22 39.16
CA GLY H 41 10.86 59.06 38.54
C GLY H 41 11.48 58.89 37.17
N LEU H 42 10.81 58.21 36.26
CA LEU H 42 11.43 57.97 34.98
C LEU H 42 10.94 58.84 33.85
N GLU H 43 11.90 59.38 33.12
CA GLU H 43 11.65 60.18 31.95
C GLU H 43 11.89 59.27 30.76
N PHE H 44 11.20 59.48 29.68
CA PHE H 44 11.43 58.65 28.50
C PHE H 44 12.31 59.40 27.50
N ILE H 45 13.33 58.76 26.94
CA ILE H 45 14.18 59.46 25.98
C ILE H 45 13.80 59.15 24.55
N GLY H 46 13.60 57.87 24.26
CA GLY H 46 13.29 57.45 22.88
C GLY H 46 13.66 56.00 22.66
N GLY H 47 13.70 55.57 21.41
CA GLY H 47 14.02 54.17 21.13
C GLY H 47 14.00 53.74 19.67
N ILE H 48 14.35 52.49 19.46
CA ILE H 48 14.43 51.94 18.13
C ILE H 48 13.48 50.77 17.99
N ALA H 49 12.68 50.83 16.95
CA ALA H 49 11.72 49.81 16.61
C ALA H 49 12.42 48.60 16.03
N TYR H 50 11.79 47.42 16.08
CA TYR H 50 12.46 46.24 15.51
C TYR H 50 12.63 46.40 14.01
N THR H 51 11.82 47.27 13.45
CA THR H 51 11.74 47.59 12.04
C THR H 51 12.81 48.56 11.60
N GLY H 52 13.53 49.14 12.56
CA GLY H 52 14.55 50.13 12.29
C GLY H 52 14.07 51.57 12.48
N ASN H 53 12.77 51.77 12.62
CA ASN H 53 12.28 53.13 12.84
C ASN H 53 12.80 53.70 14.15
N ILE H 54 13.32 54.93 14.10
CA ILE H 54 13.83 55.53 15.32
C ILE H 54 12.96 56.68 15.73
N TYR H 55 12.55 56.67 16.98
CA TYR H 55 11.68 57.71 17.49
C TYR H 55 12.26 58.33 18.74
N TYR H 56 11.86 59.58 18.99
CA TYR H 56 12.36 60.33 20.14
C TYR H 56 11.31 60.97 20.99
N ALA H 57 11.66 61.14 22.25
CA ALA H 57 10.84 61.85 23.20
C ALA H 57 10.99 63.36 23.09
N SER H 58 9.92 64.04 23.49
CA SER H 58 9.89 65.49 23.60
C SER H 58 10.81 65.97 24.71
N TRP H 59 11.26 65.04 25.55
CA TRP H 59 12.22 65.26 26.63
C TRP H 59 13.61 65.51 26.08
N ALA H 60 13.94 64.86 24.97
CA ALA H 60 15.27 64.96 24.39
C ALA H 60 15.42 66.25 23.64
N LYS H 61 14.37 66.61 22.92
CA LYS H 61 14.36 67.86 22.16
C LYS H 61 15.56 67.98 21.21
N GLY H 62 15.97 66.88 20.59
CA GLY H 62 17.08 66.92 19.65
C GLY H 62 18.48 66.79 20.28
N ARG H 63 18.56 66.72 21.61
CA ARG H 63 19.85 66.63 22.29
C ARG H 63 20.38 65.22 22.35
N PHE H 64 19.55 64.28 21.97
CA PHE H 64 19.92 62.90 22.01
C PHE H 64 19.75 62.26 20.66
N THR H 65 20.66 61.35 20.34
CA THR H 65 20.60 60.55 19.13
C THR H 65 20.59 59.08 19.47
N ILE H 66 19.64 58.38 18.92
CA ILE H 66 19.49 56.99 19.18
C ILE H 66 19.81 56.20 17.95
N SER H 67 20.69 55.22 18.07
CA SER H 67 21.05 54.44 16.90
C SER H 67 21.46 53.00 17.16
N LYS H 68 21.03 52.12 16.27
CA LYS H 68 21.42 50.73 16.30
C LYS H 68 22.68 50.70 15.49
N THR H 69 23.77 50.24 16.07
CA THR H 69 25.02 50.32 15.34
C THR H 69 25.42 48.99 14.78
N SER H 70 24.93 47.93 15.38
CA SER H 70 25.21 46.59 14.90
C SER H 70 24.20 45.66 15.50
N SER H 71 24.13 44.44 15.01
CA SER H 71 23.26 43.52 15.70
C SER H 71 23.83 43.39 17.09
N THR H 72 22.94 43.40 18.09
CA THR H 72 23.23 43.32 19.53
C THR H 72 23.75 44.64 20.14
N THR H 73 24.02 45.66 19.32
CA THR H 73 24.56 46.88 19.90
C THR H 73 23.75 48.13 19.59
N VAL H 74 23.29 48.77 20.66
CA VAL H 74 22.53 50.00 20.55
C VAL H 74 23.15 51.10 21.36
N THR H 75 23.28 52.27 20.78
CA THR H 75 23.88 53.34 21.52
C THR H 75 23.00 54.55 21.66
N LEU H 76 23.31 55.32 22.69
CA LEU H 76 22.67 56.58 22.95
C LEU H 76 23.68 57.69 22.98
N GLN H 77 23.53 58.64 22.10
CA GLN H 77 24.45 59.76 22.11
C GLN H 77 23.75 60.89 22.81
N MET H 78 24.46 61.61 23.64
CA MET H 78 23.86 62.76 24.27
C MET H 78 24.81 63.93 24.21
N THR H 79 24.28 65.11 23.93
CA THR H 79 25.14 66.27 23.85
C THR H 79 24.70 67.48 24.63
N THR H 80 25.54 68.50 24.55
CA THR H 80 25.39 69.81 25.20
C THR H 80 24.76 69.62 26.56
N LEU H 81 25.43 68.86 27.41
CA LEU H 81 24.91 68.46 28.71
C LEU H 81 25.03 69.47 29.83
N THR H 82 24.07 69.45 30.72
CA THR H 82 24.12 70.30 31.88
C THR H 82 23.94 69.58 33.20
N ALA H 83 24.00 70.33 34.29
CA ALA H 83 23.90 69.73 35.62
C ALA H 83 22.61 68.93 35.82
N ALA H 84 21.54 69.40 35.20
CA ALA H 84 20.23 68.79 35.29
C ALA H 84 20.16 67.44 34.60
N ASP H 85 21.17 67.12 33.79
CA ASP H 85 21.17 65.87 33.04
C ASP H 85 21.89 64.77 33.80
N THR H 86 22.34 65.06 35.04
CA THR H 86 22.96 63.98 35.80
C THR H 86 21.88 62.99 36.13
N ALA H 87 22.12 61.75 35.76
CA ALA H 87 21.12 60.73 35.94
C ALA H 87 21.64 59.35 35.70
N THR H 88 20.87 58.36 36.11
CA THR H 88 21.20 57.03 35.70
C THR H 88 20.43 56.79 34.41
N TYR H 89 21.15 56.38 33.39
CA TYR H 89 20.54 56.13 32.11
C TYR H 89 20.39 54.63 31.96
N PHE H 90 19.28 54.21 31.41
CA PHE H 90 19.02 52.78 31.27
C PHE H 90 18.56 52.38 29.91
N CYS H 91 18.86 51.14 29.55
CA CYS H 91 18.26 50.59 28.36
C CYS H 91 17.28 49.52 28.82
N ALA H 92 16.24 49.32 28.04
CA ALA H 92 15.26 48.29 28.31
C ALA H 92 14.68 47.76 27.04
N ARG H 93 14.16 46.55 27.11
CA ARG H 93 13.57 45.88 26.00
C ARG H 93 12.06 45.91 26.02
N ALA H 94 11.46 45.97 24.84
CA ALA H 94 10.01 45.83 24.73
C ALA H 94 9.74 44.89 23.56
N TYR H 95 8.67 44.13 23.59
CA TYR H 95 8.46 43.25 22.46
C TYR H 95 7.94 43.96 21.25
N GLY H 96 8.41 43.56 20.08
CA GLY H 96 7.82 44.06 18.87
C GLY H 96 6.68 43.09 18.55
N TYR H 97 5.72 43.55 17.79
CA TYR H 97 4.61 42.76 17.33
C TYR H 97 4.40 43.00 15.87
N ALA H 98 3.80 42.06 15.17
CA ALA H 98 3.47 42.25 13.76
C ALA H 98 2.25 43.10 13.59
N SER H 99 2.36 44.35 13.97
CA SER H 99 1.22 45.22 13.94
C SER H 99 1.51 46.68 13.80
N ALA H 100 0.43 47.44 13.92
CA ALA H 100 0.44 48.87 13.85
C ALA H 100 0.66 49.54 15.22
N PRO H 101 -0.27 49.57 16.21
CA PRO H 101 -0.02 50.05 17.54
C PRO H 101 0.72 48.97 18.29
N TYR H 102 1.57 49.33 19.24
CA TYR H 102 2.20 48.32 20.10
C TYR H 102 2.07 48.73 21.56
N ALA H 103 1.78 47.81 22.47
CA ALA H 103 1.73 48.21 23.89
C ALA H 103 3.06 48.69 24.44
N GLN H 104 4.15 48.11 23.99
CA GLN H 104 5.47 48.49 24.44
C GLN H 104 5.68 48.52 25.93
N TYR H 105 5.35 47.43 26.60
CA TYR H 105 5.64 47.39 28.01
C TYR H 105 7.09 46.96 28.13
N PHE H 106 7.76 47.41 29.16
CA PHE H 106 9.16 47.08 29.30
C PHE H 106 9.43 45.82 30.03
N ASN H 107 10.51 45.17 29.65
CA ASN H 107 11.02 44.01 30.33
C ASN H 107 12.54 43.98 30.18
N LEU H 108 13.18 42.98 30.78
CA LEU H 108 14.61 42.83 30.58
C LEU H 108 15.35 44.15 30.84
N TRP H 109 15.08 44.78 31.96
CA TRP H 109 15.73 46.05 32.27
C TRP H 109 17.19 45.85 32.61
N GLY H 110 18.07 46.72 32.10
CA GLY H 110 19.48 46.63 32.44
C GLY H 110 19.72 47.28 33.81
N PRO H 111 20.94 47.14 34.39
CA PRO H 111 21.34 47.72 35.66
C PRO H 111 21.49 49.24 35.68
N GLY H 112 21.73 49.86 34.54
CA GLY H 112 21.85 51.31 34.48
C GLY H 112 23.28 51.84 34.56
N THR H 113 23.49 52.99 33.93
CA THR H 113 24.78 53.69 33.89
C THR H 113 24.72 55.13 34.35
N LEU H 114 25.63 55.51 35.25
CA LEU H 114 25.63 56.89 35.71
C LEU H 114 26.42 57.83 34.86
N VAL H 115 25.75 58.91 34.52
CA VAL H 115 26.33 60.01 33.81
C VAL H 115 26.21 61.22 34.70
N THR H 116 27.33 61.87 34.95
CA THR H 116 27.28 63.05 35.81
C THR H 116 28.00 64.21 35.16
N VAL H 117 27.47 65.41 35.36
CA VAL H 117 28.04 66.58 34.73
C VAL H 117 28.63 67.53 35.76
N SER H 118 29.90 67.90 35.60
CA SER H 118 30.56 68.78 36.56
C SER H 118 31.93 69.27 36.11
N ALA I 36 48.83 -26.91 0.12
CA ALA I 36 49.63 -25.86 0.77
C ALA I 36 48.72 -24.95 1.55
N ALA I 37 47.44 -25.03 1.25
CA ALA I 37 46.43 -24.22 1.91
C ALA I 37 45.10 -24.93 1.89
N LYS I 38 44.26 -24.61 2.85
CA LYS I 38 42.93 -25.15 2.84
C LYS I 38 42.03 -24.17 2.14
N LYS I 39 40.99 -24.67 1.52
CA LYS I 39 40.00 -23.77 0.96
C LYS I 39 38.96 -23.50 2.01
N TRP I 40 38.50 -22.28 2.05
CA TRP I 40 37.49 -21.77 2.99
C TRP I 40 36.30 -21.18 2.26
N VAL I 41 35.13 -21.21 2.87
CA VAL I 41 33.96 -20.62 2.22
C VAL I 41 33.90 -19.13 2.45
N THR I 42 33.80 -18.34 1.39
CA THR I 42 33.68 -16.89 1.53
C THR I 42 32.46 -16.36 0.82
N VAL I 43 31.96 -15.24 1.31
CA VAL I 43 30.75 -14.67 0.74
C VAL I 43 31.04 -13.38 0.02
N TYR I 44 30.60 -13.32 -1.22
CA TYR I 44 30.76 -12.13 -2.02
C TYR I 44 29.44 -11.43 -2.24
N TYR I 45 29.37 -10.14 -2.00
CA TYR I 45 28.13 -9.45 -2.24
C TYR I 45 28.32 -8.45 -3.37
N GLY I 46 27.45 -8.52 -4.36
CA GLY I 46 27.53 -7.68 -5.55
C GLY I 46 27.91 -8.58 -6.72
N VAL I 47 27.56 -9.85 -6.58
CA VAL I 47 27.82 -10.87 -7.56
C VAL I 47 26.90 -10.72 -8.79
N PRO I 48 27.46 -10.63 -9.99
CA PRO I 48 26.78 -10.37 -11.24
C PRO I 48 26.05 -11.57 -11.83
N VAL I 49 25.05 -12.06 -11.12
CA VAL I 49 24.30 -13.19 -11.64
C VAL I 49 22.82 -12.91 -11.62
N TRP I 50 22.08 -13.64 -12.43
CA TRP I 50 20.66 -13.46 -12.50
C TRP I 50 19.91 -14.68 -12.95
N LYS I 51 18.61 -14.64 -12.73
CA LYS I 51 17.70 -15.68 -13.16
C LYS I 51 16.46 -15.06 -13.77
N GLU I 52 15.86 -15.76 -14.72
CA GLU I 52 14.62 -15.26 -15.31
C GLU I 52 13.54 -15.13 -14.27
N ALA I 53 12.82 -14.01 -14.31
CA ALA I 53 11.76 -13.81 -13.34
C ALA I 53 10.68 -12.90 -13.87
N THR I 54 9.46 -13.07 -13.39
CA THR I 54 8.41 -12.16 -13.78
C THR I 54 7.96 -11.37 -12.57
N THR I 55 7.94 -10.07 -12.72
CA THR I 55 7.50 -9.17 -11.67
C THR I 55 6.62 -8.09 -12.20
N THR I 56 6.19 -7.23 -11.29
CA THR I 56 5.35 -6.10 -11.62
C THR I 56 6.25 -4.96 -12.05
N LEU I 57 5.99 -4.40 -13.22
CA LEU I 57 6.77 -3.29 -13.71
C LEU I 57 6.02 -2.00 -13.46
N PHE I 58 6.71 -0.90 -13.39
CA PHE I 58 6.03 0.38 -13.21
C PHE I 58 6.35 1.25 -14.39
N CYS I 59 5.55 2.27 -14.62
CA CYS I 59 5.80 3.10 -15.78
C CYS I 59 6.47 4.41 -15.49
N ALA I 60 7.10 4.93 -16.54
CA ALA I 60 7.69 6.25 -16.48
C ALA I 60 7.49 7.02 -17.77
N SER I 61 7.45 8.35 -17.66
CA SER I 61 7.30 9.26 -18.78
C SER I 61 8.55 10.05 -19.10
N THR I 68 -0.73 20.90 -20.48
CA THR I 68 -0.60 19.46 -20.54
C THR I 68 -1.73 18.82 -19.78
N GLU I 69 -2.67 19.64 -19.35
CA GLU I 69 -3.79 19.14 -18.56
C GLU I 69 -4.88 18.56 -19.44
N VAL I 70 -4.53 17.45 -20.06
CA VAL I 70 -5.40 16.76 -21.00
C VAL I 70 -5.79 15.38 -20.49
N HIS I 71 -5.39 15.06 -19.27
CA HIS I 71 -5.77 13.79 -18.68
C HIS I 71 -5.48 12.63 -19.60
N ASN I 72 -4.28 12.55 -20.14
CA ASN I 72 -4.05 11.48 -21.07
C ASN I 72 -4.29 10.17 -20.36
N VAL I 73 -5.06 9.31 -21.00
CA VAL I 73 -5.41 8.05 -20.38
C VAL I 73 -4.30 7.04 -20.31
N TRP I 74 -3.37 7.07 -21.25
CA TRP I 74 -2.38 6.03 -21.24
C TRP I 74 -1.19 6.45 -20.41
N ALA I 75 -0.93 7.75 -20.43
CA ALA I 75 0.24 8.31 -19.77
C ALA I 75 -0.21 9.36 -18.82
N THR I 76 -0.65 8.88 -17.68
CA THR I 76 -1.28 9.67 -16.68
C THR I 76 -0.23 10.44 -15.90
N HIS I 77 -0.68 11.34 -15.06
CA HIS I 77 0.21 12.16 -14.23
C HIS I 77 0.87 11.33 -13.15
N ALA I 78 0.39 10.10 -12.97
CA ALA I 78 0.88 9.17 -11.97
C ALA I 78 2.16 8.48 -12.42
N CYS I 79 2.57 8.69 -13.67
CA CYS I 79 3.78 8.06 -14.17
C CYS I 79 4.95 8.76 -13.52
N VAL I 80 6.03 8.07 -13.22
CA VAL I 80 7.15 8.80 -12.65
C VAL I 80 7.87 9.36 -13.84
N PRO I 81 8.68 10.40 -13.72
CA PRO I 81 9.50 10.91 -14.79
C PRO I 81 10.63 9.94 -15.05
N THR I 82 11.11 9.90 -16.29
CA THR I 82 12.27 9.10 -16.58
C THR I 82 13.55 9.79 -16.22
N ASP I 83 14.59 8.99 -16.18
CA ASP I 83 15.97 9.39 -15.95
C ASP I 83 16.49 10.07 -17.20
N PRO I 84 16.92 11.34 -17.17
CA PRO I 84 17.48 12.06 -18.29
C PRO I 84 18.74 11.39 -18.85
N ASN I 85 19.40 10.55 -18.04
CA ASN I 85 20.61 9.88 -18.48
C ASN I 85 20.57 8.39 -18.11
N PRO I 86 19.70 7.59 -18.74
CA PRO I 86 19.40 6.21 -18.40
C PRO I 86 20.51 5.31 -18.90
N GLN I 87 21.68 5.45 -18.31
CA GLN I 87 22.83 4.73 -18.80
C GLN I 87 22.61 3.25 -18.92
N GLU I 88 22.91 2.76 -20.11
CA GLU I 88 22.85 1.36 -20.47
C GLU I 88 24.14 0.65 -20.11
N ILE I 89 24.02 -0.54 -19.54
CA ILE I 89 25.20 -1.31 -19.18
C ILE I 89 25.39 -2.44 -20.15
N VAL I 90 26.54 -2.47 -20.79
CA VAL I 90 26.82 -3.49 -21.78
C VAL I 90 27.43 -4.70 -21.12
N LEU I 91 26.91 -5.89 -21.40
CA LEU I 91 27.44 -7.07 -20.77
C LEU I 91 28.60 -7.61 -21.58
N GLY I 92 29.38 -8.48 -20.97
CA GLY I 92 30.57 -9.02 -21.63
C GLY I 92 30.24 -10.28 -22.39
N ASN I 93 31.10 -11.26 -22.33
CA ASN I 93 30.81 -12.43 -23.13
C ASN I 93 29.75 -13.28 -22.45
N VAL I 94 28.53 -12.95 -22.76
CA VAL I 94 27.37 -13.60 -22.18
C VAL I 94 26.50 -14.01 -23.31
N THR I 95 25.61 -14.92 -23.03
CA THR I 95 24.59 -15.26 -23.98
C THR I 95 23.32 -15.29 -23.19
N GLU I 96 22.21 -15.12 -23.87
CA GLU I 96 20.93 -15.22 -23.21
C GLU I 96 19.90 -15.74 -24.19
N ASN I 97 18.84 -16.35 -23.68
CA ASN I 97 17.77 -16.87 -24.52
C ASN I 97 16.50 -16.08 -24.41
N PHE I 98 16.13 -15.48 -25.52
CA PHE I 98 14.97 -14.61 -25.55
C PHE I 98 13.88 -15.27 -26.37
N ASN I 99 12.65 -14.97 -26.04
CA ASN I 99 11.54 -15.50 -26.81
C ASN I 99 10.39 -14.55 -26.75
N MET I 100 10.15 -13.81 -27.82
CA MET I 100 9.13 -12.79 -27.81
C MET I 100 7.74 -13.39 -27.69
N TRP I 101 7.60 -14.67 -28.00
CA TRP I 101 6.31 -15.31 -28.04
C TRP I 101 5.92 -15.82 -26.65
N LYS I 102 6.86 -15.78 -25.71
CA LYS I 102 6.65 -16.29 -24.37
C LYS I 102 6.97 -15.19 -23.36
N ASN I 103 6.95 -13.97 -23.83
CA ASN I 103 7.34 -12.81 -23.04
C ASN I 103 6.23 -12.24 -22.16
N ASN I 104 6.40 -12.38 -20.85
CA ASN I 104 5.38 -11.94 -19.91
C ASN I 104 5.25 -10.44 -19.86
N MET I 105 6.22 -9.72 -20.44
CA MET I 105 6.10 -8.28 -20.47
C MET I 105 4.96 -7.90 -21.40
N VAL I 106 4.73 -8.72 -22.43
CA VAL I 106 3.70 -8.44 -23.39
C VAL I 106 2.39 -8.65 -22.72
N GLU I 107 2.30 -9.74 -21.98
CA GLU I 107 1.04 -10.01 -21.32
C GLU I 107 0.76 -8.96 -20.26
N GLN I 108 1.78 -8.51 -19.54
CA GLN I 108 1.52 -7.51 -18.54
C GLN I 108 1.06 -6.21 -19.19
N MET I 109 1.69 -5.83 -20.32
CA MET I 109 1.27 -4.62 -21.00
C MET I 109 -0.16 -4.75 -21.46
N HIS I 110 -0.54 -5.92 -21.96
CA HIS I 110 -1.88 -6.10 -22.43
C HIS I 110 -2.86 -5.75 -21.34
N GLU I 111 -2.61 -6.29 -20.14
CA GLU I 111 -3.53 -5.99 -19.06
C GLU I 111 -3.49 -4.51 -18.68
N ASP I 112 -2.32 -3.88 -18.73
CA ASP I 112 -2.26 -2.47 -18.36
C ASP I 112 -3.03 -1.60 -19.32
N ILE I 113 -2.96 -1.89 -20.62
CA ILE I 113 -3.66 -1.05 -21.57
C ILE I 113 -5.15 -1.18 -21.32
N ILE I 114 -5.63 -2.38 -21.06
CA ILE I 114 -7.04 -2.56 -20.80
C ILE I 114 -7.47 -1.82 -19.54
N SER I 115 -6.68 -1.93 -18.47
CA SER I 115 -7.03 -1.26 -17.23
C SER I 115 -7.01 0.25 -17.37
N LEU I 116 -6.09 0.79 -18.16
CA LEU I 116 -6.00 2.24 -18.40
C LEU I 116 -7.15 2.74 -19.25
N TRP I 117 -7.56 1.95 -20.23
CA TRP I 117 -8.69 2.30 -21.06
C TRP I 117 -9.91 2.39 -20.17
N ASP I 118 -10.09 1.35 -19.38
CA ASP I 118 -11.18 1.31 -18.47
C ASP I 118 -10.68 2.17 -17.36
N GLN I 119 -11.44 2.37 -16.32
CA GLN I 119 -11.05 3.29 -15.22
C GLN I 119 -11.11 4.74 -15.71
N SER I 120 -10.34 5.10 -16.72
CA SER I 120 -10.36 6.42 -17.29
C SER I 120 -11.74 6.76 -17.80
N LEU I 121 -12.43 5.78 -18.35
CA LEU I 121 -13.78 5.95 -18.84
C LEU I 121 -14.84 5.71 -17.79
N LYS I 122 -14.45 5.38 -16.57
CA LYS I 122 -15.44 5.06 -15.58
C LYS I 122 -16.31 6.22 -15.11
N PRO I 123 -15.77 7.38 -14.66
CA PRO I 123 -16.55 8.45 -14.11
C PRO I 123 -17.16 9.31 -15.20
N CYS I 124 -17.98 8.70 -16.04
CA CYS I 124 -18.54 9.38 -17.19
C CYS I 124 -20.00 8.97 -17.42
N VAL I 125 -20.66 9.57 -18.38
CA VAL I 125 -22.08 9.28 -18.65
C VAL I 125 -22.26 7.92 -19.32
N LYS I 126 -23.18 7.11 -18.78
CA LYS I 126 -23.37 5.75 -19.30
C LYS I 126 -24.32 5.57 -20.48
N LEU I 127 -25.03 6.61 -20.84
CA LEU I 127 -25.96 6.65 -21.98
C LEU I 127 -27.10 5.62 -22.01
N THR I 128 -27.42 5.00 -20.89
CA THR I 128 -28.52 4.04 -20.88
C THR I 128 -29.82 4.62 -21.45
N PRO I 129 -30.23 5.86 -21.11
CA PRO I 129 -31.44 6.50 -21.57
C PRO I 129 -31.55 6.66 -23.08
N LEU I 130 -30.47 6.42 -23.82
CA LEU I 130 -30.59 6.56 -25.25
C LEU I 130 -31.04 5.27 -25.90
N CYS I 131 -31.18 4.20 -25.14
CA CYS I 131 -31.60 2.94 -25.72
C CYS I 131 -33.11 2.87 -25.87
N VAL I 132 -33.59 3.68 -26.77
CA VAL I 132 -34.99 3.84 -27.07
C VAL I 132 -35.19 3.71 -28.55
N THR I 133 -36.41 3.57 -28.98
CA THR I 133 -36.64 3.50 -30.40
C THR I 133 -36.17 4.77 -31.07
N LEU I 134 -35.43 4.61 -32.15
CA LEU I 134 -34.96 5.74 -32.94
C LEU I 134 -35.76 5.77 -34.22
N ASN I 135 -36.36 6.90 -34.52
CA ASN I 135 -37.14 7.05 -35.75
C ASN I 135 -36.21 7.67 -36.77
N CYS I 136 -35.71 6.89 -37.73
CA CYS I 136 -34.65 7.44 -38.58
C CYS I 136 -35.02 7.54 -40.04
N ASN I 137 -34.35 8.49 -40.71
CA ASN I 137 -34.45 8.67 -42.13
C ASN I 137 -33.06 9.02 -42.68
N ASN I 138 -32.93 9.22 -43.97
CA ASN I 138 -31.65 9.53 -44.56
C ASN I 138 -31.42 11.02 -44.66
N VAL I 139 -30.26 11.41 -45.17
CA VAL I 139 -29.95 12.82 -45.34
C VAL I 139 -29.56 13.04 -46.78
N ASN I 140 -29.64 14.27 -47.24
CA ASN I 140 -29.28 14.54 -48.61
C ASN I 140 -27.81 14.83 -48.79
N THR I 141 -27.10 13.89 -49.38
CA THR I 141 -25.68 14.01 -49.58
C THR I 141 -25.40 14.70 -50.92
N ASN I 142 -26.45 14.88 -51.72
CA ASN I 142 -26.29 15.51 -53.03
C ASN I 142 -26.40 17.02 -52.86
N ASN I 143 -25.38 17.58 -52.27
CA ASN I 143 -25.34 19.00 -51.96
C ASN I 143 -25.26 19.80 -53.26
N SER I 153 -18.88 16.28 -57.35
CA SER I 153 -17.76 15.78 -58.12
C SER I 153 -16.63 15.40 -57.19
N ASP I 154 -16.99 15.23 -55.93
CA ASP I 154 -16.02 14.88 -54.90
C ASP I 154 -15.78 13.38 -54.91
N TRP I 155 -15.09 12.94 -55.94
CA TRP I 155 -14.88 11.53 -56.15
C TRP I 155 -13.92 10.99 -55.14
N GLU I 156 -14.21 9.76 -54.71
CA GLU I 156 -13.51 9.03 -53.65
C GLU I 156 -13.91 9.58 -52.28
N LYS I 157 -14.77 10.61 -52.25
CA LYS I 157 -15.21 11.21 -51.02
C LYS I 157 -16.75 11.25 -50.85
N MET I 158 -17.51 10.57 -51.71
CA MET I 158 -18.97 10.66 -51.61
C MET I 158 -19.60 9.69 -50.61
N GLU I 159 -20.60 10.17 -49.87
CA GLU I 159 -21.38 9.34 -48.97
C GLU I 159 -22.52 8.67 -49.73
N THR I 160 -22.86 7.44 -49.36
CA THR I 160 -23.94 6.74 -50.04
C THR I 160 -24.97 6.08 -49.13
N GLY I 161 -25.96 6.83 -48.64
CA GLY I 161 -27.01 6.26 -47.77
C GLY I 161 -26.65 6.08 -46.29
N GLU I 162 -25.67 6.82 -45.79
CA GLU I 162 -25.23 6.71 -44.39
C GLU I 162 -25.51 8.04 -43.74
N MET I 163 -25.20 8.20 -42.44
CA MET I 163 -25.46 9.43 -41.71
C MET I 163 -26.94 9.65 -41.59
N LYS I 164 -27.58 8.75 -40.87
CA LYS I 164 -29.01 8.74 -40.71
C LYS I 164 -29.45 9.77 -39.72
N ASN I 165 -30.57 10.40 -40.02
CA ASN I 165 -31.14 11.40 -39.17
C ASN I 165 -32.18 10.79 -38.25
N CYS I 166 -31.83 10.67 -36.99
CA CYS I 166 -32.71 9.99 -36.09
C CYS I 166 -33.28 10.88 -35.03
N SER I 167 -34.57 10.69 -34.77
CA SER I 167 -35.19 11.41 -33.70
C SER I 167 -35.43 10.43 -32.58
N PHE I 168 -35.46 10.93 -31.37
CA PHE I 168 -35.75 10.06 -30.26
C PHE I 168 -36.38 10.76 -29.08
N ASN I 169 -37.07 9.99 -28.27
CA ASN I 169 -37.72 10.48 -27.07
C ASN I 169 -36.91 10.20 -25.84
N VAL I 170 -36.28 11.24 -25.29
CA VAL I 170 -35.40 11.00 -24.16
C VAL I 170 -35.82 11.79 -22.94
N THR I 171 -35.80 11.11 -21.80
CA THR I 171 -36.13 11.74 -20.55
C THR I 171 -35.10 12.83 -20.33
N THR I 172 -35.56 14.01 -19.97
CA THR I 172 -34.69 15.16 -19.77
C THR I 172 -34.13 15.10 -18.38
N SER I 173 -33.40 16.13 -17.98
CA SER I 173 -32.80 16.14 -16.66
C SER I 173 -33.88 16.09 -15.57
N ILE I 174 -35.10 16.48 -15.91
CA ILE I 174 -36.20 16.42 -14.99
C ILE I 174 -36.94 15.14 -15.34
N ARG I 175 -37.13 14.28 -14.34
CA ARG I 175 -37.61 12.91 -14.56
C ARG I 175 -39.02 12.76 -15.09
N ASP I 176 -39.89 13.76 -14.94
CA ASP I 176 -41.22 13.64 -15.46
C ASP I 176 -41.39 14.39 -16.78
N LYS I 177 -40.30 14.82 -17.41
CA LYS I 177 -40.39 15.54 -18.68
C LYS I 177 -39.61 14.83 -19.77
N ILE I 178 -40.26 14.64 -20.91
CA ILE I 178 -39.67 13.98 -22.07
C ILE I 178 -39.61 14.91 -23.26
N LYS I 179 -38.44 14.99 -23.89
CA LYS I 179 -38.26 15.87 -25.03
C LYS I 179 -37.82 15.10 -26.26
N LYS I 180 -38.24 15.58 -27.43
CA LYS I 180 -37.79 15.01 -28.68
C LYS I 180 -36.48 15.65 -29.08
N GLU I 181 -35.50 14.81 -29.35
CA GLU I 181 -34.16 15.24 -29.73
C GLU I 181 -33.73 14.63 -31.05
N TYR I 182 -32.80 15.30 -31.72
CA TYR I 182 -32.26 14.81 -33.00
C TYR I 182 -30.74 14.68 -33.02
N ALA I 183 -30.27 13.63 -33.70
CA ALA I 183 -28.84 13.39 -33.88
C ALA I 183 -28.56 12.63 -35.16
N LEU I 184 -27.35 12.77 -35.71
CA LEU I 184 -27.03 12.00 -36.89
C LEU I 184 -26.18 10.82 -36.55
N PHE I 185 -26.46 9.66 -37.12
CA PHE I 185 -25.63 8.52 -36.81
C PHE I 185 -25.01 7.86 -38.01
N TYR I 186 -23.83 7.36 -37.77
CA TYR I 186 -23.11 6.65 -38.77
C TYR I 186 -23.85 5.34 -38.96
N LYS I 187 -23.87 4.83 -40.16
CA LYS I 187 -24.60 3.58 -40.40
C LYS I 187 -24.13 2.47 -39.50
N LEU I 188 -22.85 2.42 -39.25
CA LEU I 188 -22.25 1.36 -38.48
C LEU I 188 -22.58 1.43 -36.99
N ASP I 189 -23.19 2.52 -36.54
CA ASP I 189 -23.56 2.66 -35.16
C ASP I 189 -25.01 2.29 -34.86
N VAL I 190 -25.80 1.95 -35.87
CA VAL I 190 -27.19 1.62 -35.59
C VAL I 190 -27.62 0.34 -36.26
N VAL I 191 -28.65 -0.27 -35.73
CA VAL I 191 -29.22 -1.42 -36.41
C VAL I 191 -30.72 -1.25 -36.48
N PRO I 192 -31.36 -1.73 -37.53
CA PRO I 192 -32.78 -1.70 -37.73
C PRO I 192 -33.46 -2.71 -36.85
N LEU I 193 -34.73 -2.48 -36.60
CA LEU I 193 -35.56 -3.42 -35.86
C LEU I 193 -36.46 -4.21 -36.81
N THR I 205 -38.68 3.67 -40.61
CA THR I 205 -37.93 2.54 -40.11
C THR I 205 -37.37 2.82 -38.72
N ASN I 206 -37.58 1.84 -37.84
CA ASN I 206 -37.10 1.92 -36.48
C ASN I 206 -35.72 1.35 -36.34
N TYR I 207 -34.89 2.07 -35.60
CA TYR I 207 -33.51 1.73 -35.28
C TYR I 207 -33.22 1.80 -33.79
N ARG I 208 -32.17 1.10 -33.39
CA ARG I 208 -31.65 1.19 -32.05
C ARG I 208 -30.15 1.34 -32.14
N LEU I 209 -29.53 1.81 -31.07
CA LEU I 209 -28.09 1.90 -31.12
C LEU I 209 -27.52 0.51 -31.12
N ILE I 210 -26.49 0.32 -31.92
CA ILE I 210 -25.88 -0.98 -32.01
C ILE I 210 -25.24 -1.29 -30.70
N ASN I 211 -25.39 -2.52 -30.28
CA ASN I 211 -24.89 -3.07 -29.05
C ASN I 211 -25.58 -2.55 -27.81
N CYS I 212 -26.69 -1.84 -27.95
CA CYS I 212 -27.38 -1.50 -26.73
C CYS I 212 -27.82 -2.75 -26.03
N ASN I 213 -28.51 -3.62 -26.75
CA ASN I 213 -28.86 -4.82 -26.03
C ASN I 213 -27.55 -5.56 -25.75
N THR I 214 -27.46 -6.09 -24.56
CA THR I 214 -26.34 -6.84 -24.01
C THR I 214 -25.15 -6.01 -23.51
N SER I 215 -25.13 -4.68 -23.67
CA SER I 215 -23.94 -4.00 -23.14
C SER I 215 -24.17 -2.55 -22.75
N VAL I 216 -23.24 -1.99 -21.98
CA VAL I 216 -23.33 -0.59 -21.61
C VAL I 216 -22.30 0.23 -22.33
N ILE I 217 -22.77 1.21 -23.07
CA ILE I 217 -21.89 2.03 -23.88
C ILE I 217 -21.66 3.31 -23.12
N THR I 218 -20.43 3.55 -22.72
CA THR I 218 -20.14 4.73 -21.91
C THR I 218 -19.48 5.82 -22.72
N GLN I 219 -19.96 7.03 -22.57
CA GLN I 219 -19.41 8.17 -23.27
C GLN I 219 -18.12 8.60 -22.65
N ALA I 220 -17.10 8.78 -23.46
CA ALA I 220 -15.84 9.23 -22.91
C ALA I 220 -16.01 10.62 -22.38
N CYS I 221 -15.38 10.93 -21.26
CA CYS I 221 -15.46 12.29 -20.78
C CYS I 221 -14.76 13.21 -21.78
N PRO I 222 -15.44 14.23 -22.33
CA PRO I 222 -14.99 15.08 -23.41
C PRO I 222 -13.98 16.12 -23.02
N LYS I 223 -12.88 15.67 -22.48
CA LYS I 223 -11.78 16.51 -22.09
C LYS I 223 -10.56 15.65 -22.10
N VAL I 224 -10.82 14.35 -22.12
CA VAL I 224 -9.78 13.35 -22.03
C VAL I 224 -9.18 12.97 -23.36
N SER I 225 -7.87 13.07 -23.45
CA SER I 225 -7.15 12.69 -24.65
C SER I 225 -6.71 11.24 -24.69
N PHE I 226 -6.80 10.68 -25.91
CA PHE I 226 -6.38 9.32 -26.19
C PHE I 226 -5.10 9.25 -26.98
N GLU I 227 -4.48 10.41 -27.19
CA GLU I 227 -3.25 10.45 -27.97
C GLU I 227 -2.22 9.55 -27.33
N PRO I 228 -1.56 8.66 -28.03
CA PRO I 228 -0.56 7.83 -27.45
C PRO I 228 0.64 8.69 -27.10
N ILE I 229 1.18 8.48 -25.91
CA ILE I 229 2.36 9.14 -25.42
C ILE I 229 3.29 8.02 -25.01
N PRO I 230 4.56 7.98 -25.40
CA PRO I 230 5.45 6.91 -25.06
C PRO I 230 5.50 6.63 -23.58
N ILE I 231 5.43 5.34 -23.25
CA ILE I 231 5.49 4.84 -21.90
C ILE I 231 6.71 3.97 -21.74
N HIS I 232 7.51 4.22 -20.74
CA HIS I 232 8.69 3.41 -20.52
C HIS I 232 8.38 2.39 -19.45
N TYR I 233 8.85 1.16 -19.59
CA TYR I 233 8.64 0.21 -18.51
C TYR I 233 9.87 0.11 -17.68
N CYS I 234 9.69 0.17 -16.38
CA CYS I 234 10.84 0.12 -15.50
C CYS I 234 10.75 -1.01 -14.50
N ALA I 235 11.88 -1.66 -14.31
CA ALA I 235 11.98 -2.72 -13.35
C ALA I 235 12.07 -2.11 -11.96
N PRO I 236 11.57 -2.77 -10.90
CA PRO I 236 11.77 -2.42 -9.52
C PRO I 236 13.23 -2.58 -9.21
N ALA I 237 13.76 -1.85 -8.25
CA ALA I 237 15.13 -2.11 -7.93
C ALA I 237 15.25 -3.55 -7.48
N GLY I 238 16.34 -4.20 -7.87
CA GLY I 238 16.60 -5.59 -7.54
C GLY I 238 16.33 -6.47 -8.75
N PHE I 239 15.75 -5.85 -9.76
CA PHE I 239 15.43 -6.44 -11.04
C PHE I 239 16.04 -5.61 -12.14
N ALA I 240 16.16 -6.20 -13.31
CA ALA I 240 16.67 -5.48 -14.46
C ALA I 240 16.07 -6.04 -15.72
N ILE I 241 16.10 -5.25 -16.77
CA ILE I 241 15.59 -5.72 -18.02
C ILE I 241 16.74 -5.93 -18.99
N LEU I 242 16.82 -7.11 -19.56
CA LEU I 242 17.88 -7.40 -20.50
C LEU I 242 17.34 -7.17 -21.87
N LYS I 243 18.17 -6.70 -22.77
CA LYS I 243 17.71 -6.58 -24.13
C LYS I 243 18.68 -7.17 -25.11
N CYS I 244 18.12 -7.75 -26.16
CA CYS I 244 18.93 -8.32 -27.22
C CYS I 244 19.11 -7.33 -28.35
N ASN I 245 20.35 -7.02 -28.65
CA ASN I 245 20.63 -6.05 -29.67
C ASN I 245 21.13 -6.69 -30.93
N SER I 246 21.13 -8.00 -30.99
CA SER I 246 21.68 -8.66 -32.15
C SER I 246 20.91 -8.41 -33.41
N LYS I 247 21.64 -8.21 -34.49
CA LYS I 247 21.07 -7.95 -35.79
C LYS I 247 20.42 -9.19 -36.37
N THR I 248 20.78 -10.34 -35.78
CA THR I 248 20.38 -11.68 -36.13
C THR I 248 19.34 -12.26 -35.19
N PHE I 249 18.84 -11.47 -34.26
CA PHE I 249 17.94 -12.03 -33.27
C PHE I 249 16.61 -12.60 -33.75
N ASN I 250 15.86 -11.88 -34.55
CA ASN I 250 14.59 -12.35 -35.12
C ASN I 250 13.50 -12.64 -34.09
N GLY I 251 13.68 -12.21 -32.86
CA GLY I 251 12.66 -12.43 -31.86
C GLY I 251 12.78 -13.74 -31.08
N SER I 252 13.74 -14.59 -31.40
CA SER I 252 13.80 -15.84 -30.65
C SER I 252 15.17 -16.49 -30.58
N GLY I 253 15.36 -17.31 -29.57
CA GLY I 253 16.57 -18.10 -29.50
C GLY I 253 17.69 -17.32 -28.85
N PRO I 254 18.93 -17.77 -28.99
CA PRO I 254 20.07 -17.22 -28.35
C PRO I 254 20.41 -15.87 -28.90
N CYS I 255 20.97 -15.05 -28.06
CA CYS I 255 21.45 -13.73 -28.40
C CYS I 255 22.78 -13.48 -27.74
N THR I 256 23.75 -12.99 -28.51
CA THR I 256 25.07 -12.74 -27.98
C THR I 256 25.36 -11.28 -27.69
N ASN I 257 24.59 -10.37 -28.24
CA ASN I 257 24.82 -8.97 -27.93
C ASN I 257 23.80 -8.53 -26.90
N VAL I 258 24.18 -8.60 -25.64
CA VAL I 258 23.18 -8.36 -24.63
C VAL I 258 23.61 -7.22 -23.73
N SER I 259 22.66 -6.36 -23.46
CA SER I 259 22.92 -5.23 -22.57
C SER I 259 21.74 -5.06 -21.64
N THR I 260 21.91 -4.30 -20.58
CA THR I 260 20.79 -4.14 -19.68
C THR I 260 20.49 -2.73 -19.26
N VAL I 261 19.21 -2.52 -18.99
CA VAL I 261 18.69 -1.24 -18.57
C VAL I 261 17.76 -1.34 -17.37
N GLN I 262 17.60 -0.23 -16.66
CA GLN I 262 16.61 -0.22 -15.61
C GLN I 262 15.22 -0.05 -16.23
N CYS I 263 15.18 0.72 -17.33
CA CYS I 263 13.94 1.02 -18.05
C CYS I 263 14.07 0.79 -19.54
N THR I 264 12.98 0.39 -20.17
CA THR I 264 12.90 0.19 -21.61
C THR I 264 12.76 1.53 -22.28
N HIS I 265 12.86 1.53 -23.60
CA HIS I 265 12.66 2.73 -24.36
C HIS I 265 11.19 3.00 -24.28
N GLY I 266 10.76 4.20 -24.65
CA GLY I 266 9.34 4.43 -24.55
C GLY I 266 8.60 3.77 -25.69
N ILE I 267 7.45 3.20 -25.37
CA ILE I 267 6.59 2.61 -26.35
C ILE I 267 5.30 3.35 -26.46
N ARG I 268 4.95 3.74 -27.67
CA ARG I 268 3.69 4.41 -27.81
C ARG I 268 2.60 3.35 -27.72
N PRO I 269 1.58 3.49 -26.87
CA PRO I 269 0.49 2.56 -26.69
C PRO I 269 -0.51 2.71 -27.80
N VAL I 270 -0.06 2.42 -28.99
CA VAL I 270 -0.87 2.56 -30.17
C VAL I 270 -1.74 1.36 -30.37
N VAL I 271 -2.98 1.62 -30.70
CA VAL I 271 -3.90 0.57 -31.00
C VAL I 271 -4.30 0.64 -32.43
N SER I 272 -4.11 -0.46 -33.12
CA SER I 272 -4.45 -0.54 -34.51
C SER I 272 -4.68 -1.95 -34.97
N THR I 273 -5.22 -2.05 -36.15
CA THR I 273 -5.39 -3.34 -36.80
C THR I 273 -4.72 -3.27 -38.15
N GLN I 274 -4.27 -4.43 -38.63
CA GLN I 274 -3.64 -4.67 -39.92
C GLN I 274 -2.27 -4.01 -40.04
N LEU I 275 -2.24 -2.69 -39.94
CA LEU I 275 -1.00 -1.95 -40.03
C LEU I 275 -0.60 -1.43 -38.66
N LEU I 276 0.67 -1.63 -38.34
CA LEU I 276 1.25 -1.17 -37.10
C LEU I 276 1.71 0.24 -37.33
N LEU I 277 1.31 1.13 -36.45
CA LEU I 277 1.67 2.53 -36.63
C LEU I 277 2.54 3.08 -35.52
N ASN I 278 3.48 3.92 -35.94
CA ASN I 278 4.37 4.68 -35.07
C ASN I 278 5.15 3.80 -34.09
N GLY I 279 5.58 2.62 -34.51
CA GLY I 279 6.39 1.79 -33.65
C GLY I 279 7.82 2.01 -34.06
N SER I 280 8.72 1.13 -33.65
CA SER I 280 10.10 1.32 -34.04
C SER I 280 10.34 0.75 -35.42
N LEU I 281 11.35 1.26 -36.08
CA LEU I 281 11.77 0.69 -37.35
C LEU I 281 12.90 -0.26 -37.11
N ALA I 282 13.06 -1.19 -38.03
CA ALA I 282 14.14 -2.14 -38.02
C ALA I 282 15.40 -1.35 -38.17
N GLU I 283 16.48 -1.78 -37.56
CA GLU I 283 17.69 -1.00 -37.61
C GLU I 283 18.25 -0.79 -38.99
N GLU I 284 18.21 -1.82 -39.82
CA GLU I 284 18.77 -1.70 -41.16
C GLU I 284 17.95 -2.35 -42.25
N GLU I 285 17.47 -3.56 -41.98
CA GLU I 285 16.80 -4.38 -42.99
C GLU I 285 15.51 -4.94 -42.46
N ILE I 286 14.57 -5.20 -43.34
CA ILE I 286 13.27 -5.68 -42.91
C ILE I 286 13.36 -7.06 -42.31
N VAL I 287 12.75 -7.21 -41.15
CA VAL I 287 12.78 -8.47 -40.43
C VAL I 287 11.42 -9.11 -40.33
N ILE I 288 11.31 -10.36 -40.74
CA ILE I 288 10.04 -11.05 -40.63
C ILE I 288 10.09 -11.99 -39.46
N ARG I 289 9.21 -11.77 -38.49
CA ARG I 289 9.24 -12.58 -37.30
C ARG I 289 8.00 -13.45 -37.17
N SER I 290 8.20 -14.67 -36.71
CA SER I 290 7.09 -15.57 -36.43
C SER I 290 7.48 -16.58 -35.40
N GLU I 291 6.49 -17.01 -34.64
CA GLU I 291 6.67 -18.10 -33.70
C GLU I 291 7.01 -19.34 -34.50
N ASN I 292 6.38 -19.42 -35.67
CA ASN I 292 6.48 -20.53 -36.59
C ASN I 292 6.11 -20.07 -38.00
N ILE I 293 7.03 -20.25 -38.95
CA ILE I 293 6.80 -19.87 -40.34
C ILE I 293 5.84 -20.80 -41.08
N THR I 294 6.02 -22.09 -40.85
CA THR I 294 5.23 -23.16 -41.45
C THR I 294 3.78 -23.14 -40.97
N ASP I 295 3.55 -22.82 -39.70
CA ASP I 295 2.20 -22.80 -39.14
C ASP I 295 1.45 -21.56 -39.61
N ASN I 296 0.42 -21.79 -40.41
CA ASN I 296 -0.28 -20.71 -41.07
C ASN I 296 -1.19 -19.96 -40.12
N ALA I 297 -1.40 -20.56 -38.95
CA ALA I 297 -2.26 -20.01 -37.93
C ALA I 297 -1.55 -18.97 -37.08
N LYS I 298 -0.24 -18.82 -37.25
CA LYS I 298 0.47 -17.85 -36.44
C LYS I 298 0.55 -16.53 -37.16
N THR I 299 0.68 -15.46 -36.41
CA THR I 299 0.83 -14.15 -37.01
C THR I 299 2.25 -13.92 -37.43
N ILE I 300 2.43 -13.40 -38.61
CA ILE I 300 3.72 -13.03 -39.12
C ILE I 300 3.85 -11.54 -38.98
N ILE I 301 4.86 -11.11 -38.26
CA ILE I 301 5.04 -9.69 -38.02
C ILE I 301 6.14 -9.16 -38.89
N VAL I 302 5.82 -8.21 -39.74
CA VAL I 302 6.84 -7.69 -40.63
C VAL I 302 7.24 -6.31 -40.17
N GLN I 303 8.49 -6.16 -39.75
CA GLN I 303 8.97 -4.87 -39.27
C GLN I 303 9.76 -4.17 -40.33
N LEU I 304 9.30 -3.00 -40.72
CA LEU I 304 9.93 -2.27 -41.79
C LEU I 304 11.14 -1.53 -41.30
N ASN I 305 12.11 -1.31 -42.18
CA ASN I 305 13.29 -0.52 -41.85
C ASN I 305 13.17 0.92 -42.29
N GLU I 306 12.05 1.24 -42.91
CA GLU I 306 11.72 2.58 -43.37
C GLU I 306 10.25 2.77 -43.11
N ALA I 307 9.85 3.96 -42.75
CA ALA I 307 8.42 4.18 -42.57
C ALA I 307 7.77 4.54 -43.90
N VAL I 308 6.48 4.25 -43.99
CA VAL I 308 5.67 4.69 -45.13
C VAL I 308 4.59 5.63 -44.62
N GLU I 309 4.51 6.82 -45.19
CA GLU I 309 3.55 7.78 -44.70
C GLU I 309 2.12 7.44 -45.06
N ILE I 310 1.23 7.60 -44.10
CA ILE I 310 -0.20 7.49 -44.34
C ILE I 310 -0.88 8.75 -43.82
N ASN I 311 -1.64 9.40 -44.68
CA ASN I 311 -2.32 10.66 -44.35
C ASN I 311 -3.83 10.53 -44.38
N CYS I 312 -4.47 10.74 -43.25
CA CYS I 312 -5.91 10.54 -43.19
C CYS I 312 -6.68 11.81 -42.89
N THR I 313 -7.78 11.98 -43.62
CA THR I 313 -8.63 13.15 -43.50
C THR I 313 -10.12 12.83 -43.32
N ARG I 314 -10.77 13.58 -42.44
CA ARG I 314 -12.21 13.55 -42.21
C ARG I 314 -12.72 14.99 -42.44
N PRO I 315 -12.87 15.38 -43.72
CA PRO I 315 -13.04 16.75 -44.22
C PRO I 315 -14.45 17.30 -44.12
N ASN I 316 -15.00 17.29 -42.92
CA ASN I 316 -16.33 17.81 -42.68
C ASN I 316 -16.36 18.80 -41.56
N ASN I 317 -17.20 19.81 -41.68
CA ASN I 317 -17.37 20.71 -40.56
C ASN I 317 -18.46 20.20 -39.63
N ASN I 318 -18.10 19.19 -38.87
CA ASN I 318 -19.05 18.52 -38.00
C ASN I 318 -19.18 19.19 -36.64
N THR I 319 -20.30 19.88 -36.42
CA THR I 319 -20.53 20.65 -35.21
C THR I 319 -21.44 19.88 -34.28
N ARG I 320 -20.97 19.69 -33.04
CA ARG I 320 -21.65 18.90 -32.03
C ARG I 320 -22.79 19.61 -31.33
N LYS I 321 -23.63 18.79 -30.68
CA LYS I 321 -24.79 19.25 -29.90
C LYS I 321 -24.80 18.63 -28.50
N SER I 322 -25.14 19.42 -27.49
CA SER I 322 -25.22 18.90 -26.12
C SER I 322 -26.65 18.64 -25.65
N ILE I 323 -26.92 17.40 -25.30
CA ILE I 323 -28.24 16.96 -24.87
C ILE I 323 -28.25 16.52 -23.41
N HIS I 324 -29.15 17.09 -22.63
CA HIS I 324 -29.21 16.70 -21.22
C HIS I 324 -30.14 15.53 -21.06
N ILE I 325 -29.61 14.41 -20.57
CA ILE I 325 -30.41 13.19 -20.44
C ILE I 325 -30.51 12.77 -18.98
N GLY I 326 -30.06 13.66 -18.11
CA GLY I 326 -30.04 13.42 -16.68
C GLY I 326 -29.39 14.58 -15.93
N PRO I 327 -29.28 14.48 -14.62
CA PRO I 327 -28.79 15.49 -13.70
C PRO I 327 -27.31 15.70 -13.77
N GLY I 328 -26.86 16.36 -14.83
CA GLY I 328 -25.44 16.57 -15.04
C GLY I 328 -24.90 15.57 -16.02
N ARG I 329 -25.80 14.89 -16.70
CA ARG I 329 -25.41 13.90 -17.65
C ARG I 329 -25.65 14.40 -19.06
N ALA I 330 -24.61 14.90 -19.70
CA ALA I 330 -24.78 15.44 -21.03
C ALA I 330 -24.22 14.49 -22.06
N PHE I 331 -25.05 14.22 -23.04
CA PHE I 331 -24.74 13.42 -24.19
C PHE I 331 -24.26 14.29 -25.30
N TYR I 332 -23.15 13.93 -25.90
CA TYR I 332 -22.68 14.74 -26.99
C TYR I 332 -22.99 14.09 -28.30
N ALA I 333 -23.91 14.70 -28.99
CA ALA I 333 -24.42 14.24 -30.23
C ALA I 333 -23.62 14.83 -31.35
N THR I 334 -23.71 14.21 -32.49
CA THR I 334 -23.06 14.63 -33.72
C THR I 334 -23.60 15.91 -34.28
N GLY I 335 -24.74 16.36 -33.79
CA GLY I 335 -25.25 17.62 -34.27
C GLY I 335 -25.53 17.57 -35.76
N ASP I 336 -24.89 18.46 -36.50
CA ASP I 336 -25.12 18.52 -37.94
C ASP I 336 -23.85 18.93 -38.70
N ILE I 337 -23.96 18.97 -40.02
CA ILE I 337 -22.80 19.29 -40.85
C ILE I 337 -22.95 20.61 -41.57
N ILE I 338 -21.94 21.44 -41.45
CA ILE I 338 -21.98 22.70 -42.17
C ILE I 338 -21.21 22.50 -43.45
N GLY I 339 -21.87 22.74 -44.57
CA GLY I 339 -21.25 22.56 -45.88
C GLY I 339 -21.56 21.19 -46.46
N ASN I 340 -20.74 20.78 -47.42
CA ASN I 340 -20.95 19.55 -48.17
C ASN I 340 -20.40 18.36 -47.42
N ILE I 341 -21.23 17.38 -47.13
CA ILE I 341 -20.79 16.23 -46.37
C ILE I 341 -19.96 15.28 -47.24
N ARG I 342 -18.83 14.80 -46.70
CA ARG I 342 -17.95 13.84 -47.40
C ARG I 342 -17.52 12.68 -46.51
N GLN I 343 -17.20 11.55 -47.12
CA GLN I 343 -16.69 10.41 -46.35
C GLN I 343 -15.21 10.62 -46.06
N ALA I 344 -14.72 9.97 -45.02
CA ALA I 344 -13.31 10.02 -44.66
C ALA I 344 -12.47 9.17 -45.59
N HIS I 345 -11.20 9.51 -45.72
CA HIS I 345 -10.29 8.71 -46.53
C HIS I 345 -8.83 8.82 -46.10
N CYS I 346 -8.06 7.82 -46.47
CA CYS I 346 -6.62 7.85 -46.23
C CYS I 346 -5.83 7.68 -47.50
N ASN I 347 -4.73 8.41 -47.59
CA ASN I 347 -3.83 8.33 -48.74
C ASN I 347 -2.45 7.81 -48.35
N ILE I 348 -1.86 6.99 -49.21
CA ILE I 348 -0.46 6.61 -49.02
C ILE I 348 0.28 6.87 -50.32
N SER I 349 1.60 7.00 -50.26
CA SER I 349 2.36 7.19 -51.49
C SER I 349 2.56 5.88 -52.25
N LYS I 350 2.13 5.86 -53.51
CA LYS I 350 2.20 4.65 -54.32
C LYS I 350 3.60 4.14 -54.48
N ALA I 351 4.53 5.05 -54.70
CA ALA I 351 5.91 4.67 -54.91
C ALA I 351 6.49 3.99 -53.68
N ARG I 352 6.09 4.45 -52.51
CA ARG I 352 6.63 3.91 -51.30
C ARG I 352 6.03 2.55 -51.06
N TRP I 353 4.76 2.42 -51.37
CA TRP I 353 4.11 1.15 -51.16
C TRP I 353 4.75 0.13 -52.07
N ASN I 354 5.03 0.51 -53.33
CA ASN I 354 5.60 -0.41 -54.29
C ASN I 354 6.98 -0.88 -53.86
N GLU I 355 7.79 0.03 -53.32
CA GLU I 355 9.12 -0.37 -52.89
C GLU I 355 9.03 -1.28 -51.68
N THR I 356 8.12 -0.95 -50.78
CA THR I 356 7.96 -1.71 -49.57
C THR I 356 7.54 -3.12 -49.88
N LEU I 357 6.59 -3.28 -50.79
CA LEU I 357 6.13 -4.61 -51.09
C LEU I 357 7.16 -5.40 -51.87
N GLY I 358 7.96 -4.73 -52.70
CA GLY I 358 9.01 -5.45 -53.40
C GLY I 358 9.99 -6.06 -52.40
N GLN I 359 10.34 -5.29 -51.39
CA GLN I 359 11.25 -5.84 -50.41
C GLN I 359 10.58 -6.96 -49.58
N ILE I 360 9.30 -6.79 -49.26
CA ILE I 360 8.63 -7.81 -48.48
C ILE I 360 8.53 -9.10 -49.26
N VAL I 361 8.17 -9.04 -50.54
CA VAL I 361 8.12 -10.29 -51.26
C VAL I 361 9.47 -10.95 -51.32
N ALA I 362 10.56 -10.23 -51.46
CA ALA I 362 11.80 -10.95 -51.51
C ALA I 362 11.99 -11.74 -50.24
N LYS I 363 11.59 -11.17 -49.13
CA LYS I 363 11.78 -11.83 -47.88
C LYS I 363 10.80 -12.99 -47.67
N LEU I 364 9.55 -12.82 -48.08
CA LEU I 364 8.62 -13.92 -47.95
C LEU I 364 8.97 -15.03 -48.92
N GLU I 365 9.48 -14.69 -50.10
CA GLU I 365 9.84 -15.70 -51.08
C GLU I 365 10.94 -16.57 -50.52
N GLU I 366 11.91 -16.02 -49.81
CA GLU I 366 12.89 -16.95 -49.27
C GLU I 366 12.26 -17.92 -48.30
N GLN I 367 11.34 -17.45 -47.49
CA GLN I 367 10.70 -18.37 -46.56
C GLN I 367 9.85 -19.40 -47.29
N PHE I 368 9.26 -18.98 -48.40
CA PHE I 368 8.40 -19.81 -49.23
C PHE I 368 8.86 -19.78 -50.68
N PRO I 369 9.97 -20.42 -51.03
CA PRO I 369 10.67 -20.30 -52.30
C PRO I 369 9.88 -20.84 -53.47
N ASN I 370 10.12 -20.25 -54.65
CA ASN I 370 9.53 -20.63 -55.95
C ASN I 370 8.08 -20.21 -56.11
N LYS I 371 7.30 -20.43 -55.06
CA LYS I 371 5.86 -20.20 -55.06
C LYS I 371 5.47 -18.75 -55.31
N THR I 372 4.32 -18.59 -55.95
CA THR I 372 3.74 -17.28 -56.30
C THR I 372 3.38 -16.51 -55.05
N ILE I 373 3.71 -15.22 -55.00
CA ILE I 373 3.30 -14.51 -53.80
C ILE I 373 1.94 -13.89 -54.07
N ILE I 374 0.96 -14.16 -53.24
CA ILE I 374 -0.34 -13.55 -53.40
C ILE I 374 -0.72 -12.75 -52.20
N PHE I 375 -1.03 -11.48 -52.38
CA PHE I 375 -1.53 -10.75 -51.27
C PHE I 375 -3.00 -10.63 -51.53
N ASN I 376 -3.79 -10.64 -50.49
CA ASN I 376 -5.22 -10.51 -50.66
C ASN I 376 -5.82 -9.66 -49.56
N HIS I 377 -7.09 -9.34 -49.70
CA HIS I 377 -7.81 -8.55 -48.73
C HIS I 377 -8.22 -9.40 -47.56
N SER I 378 -8.86 -8.82 -46.58
CA SER I 378 -9.21 -9.63 -45.43
C SER I 378 -10.24 -10.66 -45.85
N SER I 379 -10.41 -11.69 -45.04
CA SER I 379 -11.33 -12.79 -45.34
C SER I 379 -12.81 -12.43 -45.31
N GLY I 380 -13.15 -11.30 -44.71
CA GLY I 380 -14.52 -10.85 -44.61
C GLY I 380 -15.06 -11.05 -43.21
N GLY I 381 -16.02 -10.21 -42.82
CA GLY I 381 -16.58 -10.29 -41.49
C GLY I 381 -16.86 -8.91 -40.96
N ASP I 382 -17.11 -8.82 -39.66
CA ASP I 382 -17.47 -7.57 -39.03
C ASP I 382 -16.38 -6.49 -39.25
N PRO I 383 -16.74 -5.30 -39.76
CA PRO I 383 -15.84 -4.19 -40.04
C PRO I 383 -15.50 -3.46 -38.78
N GLU I 384 -14.91 -4.21 -37.88
CA GLU I 384 -14.47 -3.79 -36.60
C GLU I 384 -13.13 -4.45 -36.48
N ILE I 385 -13.09 -5.65 -37.06
CA ILE I 385 -11.90 -6.48 -36.99
C ILE I 385 -11.33 -6.91 -38.35
N VAL I 386 -12.06 -6.69 -39.44
CA VAL I 386 -11.57 -7.15 -40.74
C VAL I 386 -11.10 -5.99 -41.60
N THR I 387 -11.03 -4.83 -41.00
CA THR I 387 -10.59 -3.62 -41.67
C THR I 387 -9.47 -3.01 -40.87
N HIS I 388 -8.81 -2.01 -41.46
CA HIS I 388 -7.74 -1.26 -40.83
C HIS I 388 -8.33 -0.38 -39.77
N SER I 389 -7.62 -0.20 -38.68
CA SER I 389 -8.19 0.67 -37.65
C SER I 389 -7.19 1.51 -36.94
N PHE I 390 -7.57 2.76 -36.70
CA PHE I 390 -6.76 3.73 -35.96
C PHE I 390 -7.60 4.84 -35.33
N ASN I 391 -6.99 5.62 -34.45
CA ASN I 391 -7.66 6.72 -33.79
C ASN I 391 -6.95 8.05 -33.86
N CYS I 392 -7.63 9.05 -34.41
CA CYS I 392 -7.09 10.41 -34.52
C CYS I 392 -7.92 11.43 -33.78
N GLY I 393 -7.48 11.76 -32.57
CA GLY I 393 -8.14 12.76 -31.74
C GLY I 393 -9.46 12.32 -31.14
N GLY I 394 -9.73 11.03 -31.08
CA GLY I 394 -11.01 10.57 -30.60
C GLY I 394 -11.93 10.09 -31.74
N GLU I 395 -11.58 10.36 -33.01
CA GLU I 395 -12.42 9.85 -34.08
C GLU I 395 -11.86 8.47 -34.47
N PHE I 396 -12.73 7.47 -34.47
CA PHE I 396 -12.31 6.13 -34.81
C PHE I 396 -12.56 5.79 -36.25
N PHE I 397 -11.49 5.48 -36.95
CA PHE I 397 -11.54 5.22 -38.37
C PHE I 397 -11.42 3.75 -38.68
N TYR I 398 -12.27 3.30 -39.59
CA TYR I 398 -12.23 1.95 -40.10
C TYR I 398 -12.01 2.04 -41.60
N CYS I 399 -10.91 1.47 -42.08
CA CYS I 399 -10.61 1.69 -43.50
C CYS I 399 -10.44 0.41 -44.30
N ASN I 400 -10.88 0.53 -45.55
CA ASN I 400 -10.80 -0.52 -46.55
C ASN I 400 -9.41 -0.58 -47.17
N THR I 401 -8.72 -1.69 -46.94
CA THR I 401 -7.36 -1.87 -47.39
C THR I 401 -7.24 -2.79 -48.57
N THR I 402 -8.37 -3.06 -49.19
CA THR I 402 -8.34 -3.89 -50.37
C THR I 402 -7.26 -3.41 -51.34
N PRO I 403 -7.13 -2.10 -51.66
CA PRO I 403 -6.14 -1.55 -52.56
C PRO I 403 -4.70 -1.75 -52.11
N LEU I 404 -4.45 -2.08 -50.85
CA LEU I 404 -3.07 -2.24 -50.43
C LEU I 404 -2.57 -3.66 -50.63
N PHE I 405 -3.49 -4.60 -50.55
CA PHE I 405 -3.18 -6.01 -50.67
C PHE I 405 -3.91 -6.50 -51.88
N ASN I 406 -3.75 -5.71 -52.92
CA ASN I 406 -4.43 -5.78 -54.19
C ASN I 406 -4.03 -6.94 -55.08
N SER I 407 -2.77 -7.41 -55.03
CA SER I 407 -2.43 -8.40 -56.04
C SER I 407 -1.29 -9.37 -55.75
N THR I 408 -0.94 -10.09 -56.81
CA THR I 408 0.01 -11.19 -56.82
C THR I 408 1.10 -11.08 -57.88
N TRP I 409 2.26 -11.68 -57.60
CA TRP I 409 3.35 -11.63 -58.56
C TRP I 409 4.44 -12.71 -58.52
N ASN I 410 5.17 -12.74 -59.64
CA ASN I 410 6.28 -13.64 -59.90
C ASN I 410 7.59 -13.09 -59.34
N ASN I 411 8.50 -14.00 -59.10
CA ASN I 411 9.81 -13.70 -58.61
C ASN I 411 9.64 -12.81 -57.40
N THR I 412 10.36 -11.69 -57.39
CA THR I 412 10.28 -10.71 -56.34
C THR I 412 9.93 -9.39 -56.97
N ARG I 413 9.37 -9.45 -58.16
CA ARG I 413 9.02 -8.29 -58.95
C ARG I 413 7.58 -7.93 -58.75
N THR I 414 7.30 -6.75 -58.22
CA THR I 414 5.89 -6.48 -57.98
C THR I 414 5.27 -6.27 -59.32
N ASP I 415 3.97 -6.43 -59.38
CA ASP I 415 3.30 -6.25 -60.63
C ASP I 415 1.86 -5.90 -60.39
N ASP I 416 1.15 -5.69 -61.48
CA ASP I 416 -0.27 -5.36 -61.50
C ASP I 416 -0.62 -4.08 -60.73
N TYR I 417 0.25 -3.09 -60.83
CA TYR I 417 0.07 -1.74 -60.29
C TYR I 417 0.46 -0.81 -61.42
N PRO I 418 -0.37 -0.64 -62.43
CA PRO I 418 -0.01 0.01 -63.67
C PRO I 418 0.54 1.41 -63.46
N THR I 419 1.51 1.74 -64.28
CA THR I 419 2.15 3.04 -64.30
C THR I 419 1.11 4.02 -64.81
N GLY I 420 0.99 5.16 -64.16
CA GLY I 420 0.03 6.16 -64.57
C GLY I 420 0.20 7.40 -63.73
N GLY I 421 -0.73 8.34 -63.87
CA GLY I 421 -0.61 9.60 -63.13
C GLY I 421 -0.92 9.48 -61.64
N GLU I 422 -1.53 8.37 -61.24
CA GLU I 422 -1.89 8.19 -59.84
C GLU I 422 -0.65 8.22 -58.98
N GLN I 423 -0.68 9.05 -57.93
CA GLN I 423 0.46 9.13 -57.03
C GLN I 423 0.07 8.62 -55.67
N ASN I 424 -1.21 8.76 -55.37
CA ASN I 424 -1.73 8.49 -54.04
C ASN I 424 -2.76 7.38 -54.05
N ILE I 425 -2.47 6.33 -53.32
CA ILE I 425 -3.38 5.22 -53.26
C ILE I 425 -4.43 5.61 -52.26
N THR I 426 -5.70 5.49 -52.60
CA THR I 426 -6.72 5.89 -51.66
C THR I 426 -7.40 4.72 -51.01
N LEU I 427 -7.70 4.91 -49.75
CA LEU I 427 -8.42 3.94 -48.96
C LEU I 427 -9.70 4.62 -48.48
N GLN I 428 -10.84 4.02 -48.76
CA GLN I 428 -12.08 4.64 -48.31
C GLN I 428 -12.29 4.27 -46.85
N CYS I 429 -12.74 5.24 -46.05
CA CYS I 429 -12.94 4.99 -44.65
C CYS I 429 -14.33 5.31 -44.13
N ARG I 430 -14.69 4.68 -43.03
CA ARG I 430 -15.92 4.94 -42.33
C ARG I 430 -15.60 5.33 -40.90
N ILE I 431 -16.50 6.06 -40.30
CA ILE I 431 -16.31 6.48 -38.93
C ILE I 431 -17.31 5.85 -38.02
N LYS I 432 -16.86 5.36 -36.88
CA LYS I 432 -17.79 4.80 -35.91
C LYS I 432 -17.66 5.53 -34.61
N GLN I 433 -18.78 5.75 -33.93
CA GLN I 433 -18.70 6.32 -32.61
C GLN I 433 -18.82 5.27 -31.55
N ILE I 434 -19.47 4.14 -31.84
CA ILE I 434 -19.59 3.12 -30.81
C ILE I 434 -18.57 2.06 -31.10
N ILE I 435 -17.60 1.94 -30.22
CA ILE I 435 -16.53 1.00 -30.50
C ILE I 435 -16.28 0.01 -29.39
N ASN I 436 -15.57 -1.07 -29.72
CA ASN I 436 -15.27 -2.12 -28.76
C ASN I 436 -13.84 -2.57 -28.77
N MET I 437 -13.00 -1.90 -28.03
CA MET I 437 -11.63 -2.32 -28.04
C MET I 437 -11.65 -3.64 -27.34
N TRP I 438 -10.92 -4.61 -27.86
CA TRP I 438 -10.85 -5.95 -27.30
C TRP I 438 -12.19 -6.68 -27.31
N GLN I 439 -13.10 -6.25 -28.17
CA GLN I 439 -14.35 -6.96 -28.32
C GLN I 439 -15.08 -7.12 -26.99
N GLY I 440 -14.92 -8.29 -26.35
CA GLY I 440 -15.66 -8.61 -25.13
C GLY I 440 -14.97 -8.22 -23.82
N VAL I 441 -13.79 -7.61 -23.89
CA VAL I 441 -13.10 -7.26 -22.67
C VAL I 441 -13.11 -5.76 -22.42
N GLY I 442 -13.66 -5.36 -21.30
CA GLY I 442 -13.80 -3.94 -21.00
C GLY I 442 -15.19 -3.53 -21.42
N LYS I 443 -15.44 -2.24 -21.60
CA LYS I 443 -16.79 -1.80 -21.91
C LYS I 443 -16.85 -1.09 -23.24
N ALA I 444 -18.02 -1.12 -23.86
CA ALA I 444 -18.24 -0.39 -25.11
C ALA I 444 -18.09 1.09 -24.83
N MET I 445 -17.55 1.82 -25.78
CA MET I 445 -17.36 3.25 -25.55
C MET I 445 -17.96 4.09 -26.66
N TYR I 446 -18.54 5.23 -26.28
CA TYR I 446 -19.08 6.17 -27.25
C TYR I 446 -18.17 7.36 -27.41
N ALA I 447 -17.64 7.51 -28.61
CA ALA I 447 -16.72 8.57 -28.91
C ALA I 447 -17.46 9.85 -29.26
N PRO I 448 -17.27 10.95 -28.54
CA PRO I 448 -17.89 12.21 -28.84
C PRO I 448 -17.33 12.64 -30.17
N PRO I 449 -18.03 13.45 -30.95
CA PRO I 449 -17.57 14.07 -32.17
C PRO I 449 -16.57 15.15 -31.76
N ILE I 450 -15.59 15.47 -32.61
CA ILE I 450 -14.63 16.51 -32.21
C ILE I 450 -14.54 17.82 -33.03
N ARG I 451 -15.67 18.36 -33.43
CA ARG I 451 -15.82 19.67 -34.11
C ARG I 451 -15.36 19.86 -35.58
N GLY I 452 -14.97 18.80 -36.27
CA GLY I 452 -14.71 18.91 -37.71
C GLY I 452 -13.29 19.20 -38.17
N GLN I 453 -13.09 19.00 -39.48
CA GLN I 453 -11.82 19.20 -40.17
C GLN I 453 -10.68 18.47 -39.52
N ILE I 454 -10.83 17.16 -39.37
CA ILE I 454 -9.81 16.41 -38.67
C ILE I 454 -8.82 15.78 -39.60
N ARG I 455 -7.56 16.09 -39.35
CA ARG I 455 -6.47 15.57 -40.16
C ARG I 455 -5.39 15.04 -39.28
N CYS I 456 -4.81 13.94 -39.72
CA CYS I 456 -3.71 13.34 -39.02
C CYS I 456 -2.87 12.53 -39.98
N SER I 457 -1.69 12.15 -39.55
CA SER I 457 -0.84 11.33 -40.37
C SER I 457 -0.04 10.44 -39.48
N SER I 458 0.42 9.34 -40.01
CA SER I 458 1.19 8.42 -39.22
C SER I 458 2.20 7.63 -40.03
N ASN I 459 3.06 6.95 -39.30
CA ASN I 459 4.13 6.14 -39.86
C ASN I 459 3.80 4.66 -39.91
N ILE I 460 3.71 4.10 -41.09
CA ILE I 460 3.46 2.67 -41.13
C ILE I 460 4.81 2.11 -40.81
N THR I 461 4.89 1.32 -39.76
CA THR I 461 6.16 0.74 -39.33
C THR I 461 6.16 -0.75 -39.52
N GLY I 462 4.98 -1.33 -39.71
CA GLY I 462 4.95 -2.76 -39.92
C GLY I 462 3.58 -3.30 -40.24
N LEU I 463 3.56 -4.54 -40.67
CA LEU I 463 2.32 -5.20 -41.06
C LEU I 463 2.07 -6.46 -40.28
N LEU I 464 0.81 -6.79 -40.05
CA LEU I 464 0.50 -8.08 -39.48
C LEU I 464 -0.11 -8.97 -40.54
N LEU I 465 0.59 -10.04 -40.91
CA LEU I 465 0.09 -10.92 -41.94
C LEU I 465 -0.18 -12.33 -41.43
N THR I 466 -1.16 -12.99 -42.00
CA THR I 466 -1.41 -14.40 -41.70
C THR I 466 -1.45 -15.17 -42.99
N ARG I 467 -1.30 -16.50 -42.94
CA ARG I 467 -1.37 -17.25 -44.19
C ARG I 467 -2.76 -17.80 -44.38
N ASP I 468 -3.24 -17.74 -45.60
CA ASP I 468 -4.61 -18.15 -45.88
C ASP I 468 -4.71 -19.65 -46.08
N GLY I 469 -4.64 -20.36 -44.96
CA GLY I 469 -4.74 -21.81 -44.95
C GLY I 469 -3.44 -22.50 -45.29
N GLY I 470 -2.90 -22.12 -46.46
CA GLY I 470 -1.67 -22.64 -47.03
C GLY I 470 -1.89 -24.00 -47.65
N ARG I 471 -3.11 -24.21 -48.15
CA ARG I 471 -3.52 -25.47 -48.76
C ARG I 471 -3.72 -25.36 -50.27
N ASP I 472 -3.24 -24.27 -50.85
CA ASP I 472 -3.36 -24.04 -52.28
C ASP I 472 -2.40 -24.99 -52.99
N GLN I 473 -2.92 -25.81 -53.86
CA GLN I 473 -2.16 -26.87 -54.52
C GLN I 473 -1.51 -26.40 -55.81
N ASN I 474 -1.63 -25.12 -56.11
CA ASN I 474 -1.11 -24.54 -57.33
C ASN I 474 0.27 -23.88 -57.24
N GLY I 475 1.04 -24.13 -56.18
CA GLY I 475 2.38 -23.54 -56.11
C GLY I 475 2.36 -22.05 -55.76
N THR I 476 1.41 -21.67 -54.92
CA THR I 476 1.22 -20.29 -54.50
C THR I 476 1.13 -20.21 -52.99
N GLU I 477 1.36 -19.01 -52.46
CA GLU I 477 1.13 -18.74 -51.04
C GLU I 477 0.34 -17.46 -50.89
N THR I 478 -0.69 -17.49 -50.06
CA THR I 478 -1.52 -16.29 -49.90
C THR I 478 -1.44 -15.70 -48.52
N PHE I 479 -1.20 -14.40 -48.51
CA PHE I 479 -1.09 -13.63 -47.29
C PHE I 479 -2.19 -12.61 -47.20
N ARG I 480 -2.73 -12.45 -46.02
CA ARG I 480 -3.79 -11.49 -45.79
C ARG I 480 -3.46 -10.62 -44.60
N PRO I 481 -3.97 -9.39 -44.53
CA PRO I 481 -3.82 -8.46 -43.43
C PRO I 481 -4.73 -8.85 -42.29
N GLY I 482 -4.40 -9.98 -41.70
CA GLY I 482 -5.12 -10.56 -40.59
C GLY I 482 -4.37 -10.29 -39.31
N GLY I 483 -4.45 -11.20 -38.38
CA GLY I 483 -3.80 -11.02 -37.10
C GLY I 483 -4.78 -11.38 -36.02
N GLY I 484 -4.32 -11.43 -34.78
CA GLY I 484 -5.17 -11.81 -33.67
C GLY I 484 -5.44 -10.64 -32.76
N ASN I 485 -5.32 -10.93 -31.49
CA ASN I 485 -5.53 -10.05 -30.37
C ASN I 485 -4.48 -8.95 -30.38
N MET I 486 -4.77 -7.79 -29.74
CA MET I 486 -3.82 -6.66 -29.70
C MET I 486 -2.48 -7.02 -29.11
N ARG I 487 -2.39 -8.18 -28.46
CA ARG I 487 -1.13 -8.65 -27.94
C ARG I 487 -0.10 -8.66 -29.07
N ASP I 488 -0.54 -8.95 -30.31
CA ASP I 488 0.37 -8.97 -31.44
C ASP I 488 1.02 -7.63 -31.67
N ASN I 489 0.31 -6.53 -31.41
CA ASN I 489 0.88 -5.24 -31.67
C ASN I 489 1.95 -4.94 -30.67
N TRP I 490 1.67 -5.26 -29.43
CA TRP I 490 2.64 -4.92 -28.42
C TRP I 490 3.81 -5.86 -28.43
N ARG I 491 3.57 -7.10 -28.83
CA ARG I 491 4.61 -8.06 -28.92
C ARG I 491 5.64 -7.59 -29.92
N SER I 492 5.20 -6.94 -30.99
CA SER I 492 6.09 -6.48 -32.04
C SER I 492 7.05 -5.38 -31.58
N GLU I 493 6.77 -4.74 -30.44
CA GLU I 493 7.64 -3.67 -29.98
C GLU I 493 8.51 -4.13 -28.79
N LEU I 494 7.97 -4.99 -27.94
CA LEU I 494 8.66 -5.50 -26.74
C LEU I 494 9.47 -6.76 -26.97
N TYR I 495 9.55 -7.17 -28.21
CA TYR I 495 10.20 -8.40 -28.63
C TYR I 495 11.63 -8.57 -28.21
N LYS I 496 12.34 -7.49 -27.96
CA LYS I 496 13.73 -7.56 -27.62
C LYS I 496 14.00 -7.61 -26.13
N TYR I 497 12.96 -7.53 -25.29
CA TYR I 497 13.22 -7.46 -23.85
C TYR I 497 12.90 -8.72 -23.04
N LYS I 498 13.69 -8.93 -21.99
CA LYS I 498 13.46 -10.00 -21.01
C LYS I 498 13.63 -9.49 -19.58
N VAL I 499 12.78 -9.93 -18.67
CA VAL I 499 12.95 -9.51 -17.27
C VAL I 499 13.64 -10.55 -16.44
N VAL I 500 14.65 -10.12 -15.71
CA VAL I 500 15.38 -11.04 -14.86
C VAL I 500 15.48 -10.46 -13.46
N LYS I 501 15.76 -11.30 -12.48
CA LYS I 501 15.97 -10.83 -11.12
C LYS I 501 17.44 -10.95 -10.81
N ILE I 502 17.92 -10.06 -9.97
CA ILE I 502 19.31 -10.04 -9.60
C ILE I 502 19.50 -10.70 -8.26
N GLU I 503 20.48 -11.60 -8.20
CA GLU I 503 20.80 -12.30 -6.97
C GLU I 503 22.24 -12.03 -6.60
N PRO I 504 22.54 -10.89 -5.95
CA PRO I 504 23.85 -10.35 -5.70
C PRO I 504 24.66 -11.09 -4.65
N LEU I 505 24.07 -12.01 -3.91
CA LEU I 505 24.87 -12.67 -2.90
C LEU I 505 25.31 -14.01 -3.45
N GLY I 506 26.62 -14.25 -3.46
CA GLY I 506 27.11 -15.51 -3.98
C GLY I 506 28.19 -16.14 -3.10
N ILE I 507 28.52 -17.38 -3.43
CA ILE I 507 29.48 -18.16 -2.65
C ILE I 507 30.64 -18.66 -3.46
N ALA I 508 31.84 -18.59 -2.92
CA ALA I 508 33.02 -19.10 -3.61
C ALA I 508 34.06 -19.55 -2.60
N PRO I 509 34.99 -20.44 -2.95
CA PRO I 509 36.12 -20.81 -2.14
C PRO I 509 37.16 -19.73 -2.11
N THR I 510 37.85 -19.62 -1.00
CA THR I 510 39.01 -18.76 -0.80
C THR I 510 40.12 -19.37 -0.02
N ALA I 511 41.22 -18.64 0.08
CA ALA I 511 42.34 -19.08 0.90
C ALA I 511 42.44 -18.29 2.22
N CYS I 512 41.46 -17.43 2.51
CA CYS I 512 41.51 -16.65 3.75
C CYS I 512 40.85 -17.39 4.89
N LYS I 513 41.21 -16.99 6.11
CA LYS I 513 40.50 -17.52 7.28
C LYS I 513 40.28 -16.41 8.31
N ARG I 514 39.07 -16.35 8.87
CA ARG I 514 38.67 -15.34 9.86
C ARG I 514 39.37 -15.52 11.21
N ARG I 515 39.81 -14.43 11.82
CA ARG I 515 40.39 -14.57 13.15
C ARG I 515 39.36 -14.98 14.19
N ALA J 14 41.26 -7.48 -8.42
CA ALA J 14 40.73 -8.22 -9.56
C ALA J 14 39.65 -9.16 -9.09
N ALA J 15 39.22 -8.97 -7.87
CA ALA J 15 38.19 -9.84 -7.29
C ALA J 15 36.92 -9.82 -8.13
N GLY J 16 36.59 -8.68 -8.74
CA GLY J 16 35.40 -8.57 -9.56
C GLY J 16 35.67 -8.85 -11.05
N SER J 17 36.92 -9.17 -11.38
CA SER J 17 37.31 -9.42 -12.77
C SER J 17 37.74 -10.86 -13.00
N THR J 18 38.13 -11.53 -11.92
CA THR J 18 38.65 -12.89 -12.01
C THR J 18 37.57 -13.88 -12.41
N MET J 19 36.37 -13.74 -11.82
CA MET J 19 35.25 -14.67 -12.05
C MET J 19 34.49 -14.41 -13.34
N GLY J 20 35.21 -14.53 -14.43
CA GLY J 20 34.73 -14.36 -15.78
C GLY J 20 34.88 -12.95 -16.25
N ALA J 21 35.07 -12.79 -17.56
CA ALA J 21 35.15 -11.46 -18.13
C ALA J 21 33.79 -10.79 -18.01
N ALA J 22 32.74 -11.61 -18.10
CA ALA J 22 31.39 -11.12 -18.09
C ALA J 22 30.86 -10.86 -16.69
N SER J 23 31.45 -9.89 -16.01
CA SER J 23 31.08 -9.49 -14.65
C SER J 23 30.35 -8.14 -14.69
N MET J 24 30.07 -7.74 -15.91
CA MET J 24 29.50 -6.45 -16.25
C MET J 24 28.05 -6.19 -15.89
N ALA J 25 27.39 -7.10 -15.18
CA ALA J 25 26.07 -6.74 -14.69
C ALA J 25 26.24 -5.63 -13.64
N LEU J 26 27.44 -5.59 -13.05
CA LEU J 26 27.83 -4.62 -12.06
C LEU J 26 26.82 -4.54 -10.93
N THR J 27 26.39 -3.33 -10.63
CA THR J 27 25.45 -3.09 -9.57
C THR J 27 24.30 -2.21 -10.00
N VAL J 28 23.56 -2.63 -11.03
CA VAL J 28 22.42 -1.84 -11.49
C VAL J 28 21.38 -1.75 -10.35
N GLN J 29 21.36 -2.77 -9.49
CA GLN J 29 20.48 -2.80 -8.34
C GLN J 29 20.85 -1.73 -7.31
N ALA J 30 22.10 -1.22 -7.33
CA ALA J 30 22.52 -0.20 -6.38
C ALA J 30 22.08 1.15 -6.91
N ARG J 31 22.03 1.25 -8.25
CA ARG J 31 21.57 2.47 -8.89
C ARG J 31 20.09 2.64 -8.59
N LEU J 32 19.41 1.50 -8.52
CA LEU J 32 18.00 1.31 -8.19
C LEU J 32 17.13 1.49 -9.43
N HIS J 53 5.21 13.56 -4.40
CA HIS J 53 4.00 13.08 -5.05
C HIS J 53 3.18 12.17 -4.14
N MET J 54 1.86 12.25 -4.30
CA MET J 54 0.90 11.49 -3.52
C MET J 54 0.69 10.06 -3.99
N LEU J 55 0.50 9.17 -3.02
CA LEU J 55 0.20 7.79 -3.30
C LEU J 55 -1.24 7.56 -3.70
N GLN J 56 -1.51 7.90 -4.94
CA GLN J 56 -2.86 7.74 -5.45
C GLN J 56 -2.99 6.30 -5.89
N LEU J 57 -4.09 5.65 -5.57
CA LEU J 57 -4.24 4.24 -5.96
C LEU J 57 -4.89 4.07 -7.31
N THR J 58 -4.13 4.45 -8.31
CA THR J 58 -4.52 4.46 -9.71
C THR J 58 -3.96 3.24 -10.42
N VAL J 59 -4.30 3.06 -11.69
CA VAL J 59 -3.79 1.87 -12.37
C VAL J 59 -2.27 1.85 -12.36
N TRP J 60 -1.63 2.97 -12.66
CA TRP J 60 -0.20 2.94 -12.57
C TRP J 60 0.29 3.09 -11.14
N GLY J 61 -0.46 3.80 -10.31
CA GLY J 61 -0.06 4.08 -8.93
C GLY J 61 0.08 2.84 -8.06
N ILE J 62 -0.79 1.87 -8.25
CA ILE J 62 -0.72 0.67 -7.45
C ILE J 62 0.54 -0.08 -7.81
N LYS J 63 0.83 -0.17 -9.10
CA LYS J 63 2.05 -0.82 -9.51
C LYS J 63 3.28 -0.10 -8.96
N GLN J 64 3.24 1.23 -8.90
CA GLN J 64 4.38 1.96 -8.36
C GLN J 64 4.58 1.62 -6.90
N LEU J 65 3.48 1.47 -6.16
CA LEU J 65 3.59 1.12 -4.76
C LEU J 65 4.20 -0.24 -4.63
N GLN J 66 3.73 -1.20 -5.42
CA GLN J 66 4.28 -2.52 -5.27
C GLN J 66 5.76 -2.52 -5.55
N ALA J 67 6.20 -1.76 -6.55
CA ALA J 67 7.60 -1.73 -6.89
C ALA J 67 8.44 -1.22 -5.73
N ARG J 68 7.94 -0.21 -5.00
CA ARG J 68 8.70 0.32 -3.90
C ARG J 68 8.74 -0.64 -2.72
N VAL J 69 7.63 -1.29 -2.44
CA VAL J 69 7.58 -2.20 -1.32
C VAL J 69 8.49 -3.39 -1.59
N LEU J 70 8.44 -3.89 -2.81
CA LEU J 70 9.26 -5.02 -3.20
C LEU J 70 10.74 -4.68 -3.15
N ALA J 71 11.12 -3.50 -3.64
CA ALA J 71 12.54 -3.17 -3.60
C ALA J 71 13.04 -3.20 -2.17
N VAL J 72 12.22 -2.74 -1.22
CA VAL J 72 12.64 -2.79 0.15
C VAL J 72 12.76 -4.21 0.65
N GLU J 73 11.78 -5.04 0.34
CA GLU J 73 11.84 -6.41 0.81
C GLU J 73 13.06 -7.14 0.27
N ARG J 74 13.40 -6.96 -1.00
CA ARG J 74 14.55 -7.69 -1.52
C ARG J 74 15.83 -7.20 -0.87
N TYR J 75 15.95 -5.89 -0.69
CA TYR J 75 17.15 -5.36 -0.06
C TYR J 75 17.33 -5.95 1.30
N LEU J 76 16.27 -5.95 2.10
CA LEU J 76 16.41 -6.44 3.44
C LEU J 76 16.66 -7.93 3.46
N ARG J 77 16.08 -8.73 2.58
CA ARG J 77 16.41 -10.14 2.67
C ARG J 77 17.90 -10.38 2.54
N ASP J 78 18.57 -9.66 1.64
CA ASP J 78 20.00 -9.88 1.52
C ASP J 78 20.75 -9.31 2.70
N GLN J 79 20.33 -8.14 3.17
CA GLN J 79 21.06 -7.53 4.25
C GLN J 79 20.92 -8.33 5.53
N GLN J 80 19.75 -8.90 5.77
CA GLN J 80 19.56 -9.67 6.97
C GLN J 80 20.41 -10.91 6.95
N LEU J 81 20.52 -11.57 5.80
CA LEU J 81 21.32 -12.77 5.77
C LEU J 81 22.79 -12.45 6.02
N LEU J 82 23.28 -11.35 5.45
CA LEU J 82 24.66 -10.98 5.69
C LEU J 82 24.82 -10.63 7.15
N GLY J 83 23.82 -10.00 7.76
CA GLY J 83 23.90 -9.68 9.16
C GLY J 83 24.04 -10.94 10.00
N ILE J 84 23.27 -11.97 9.66
CA ILE J 84 23.30 -13.21 10.41
C ILE J 84 24.67 -13.84 10.37
N TRP J 85 25.32 -13.83 9.24
CA TRP J 85 26.65 -14.43 9.12
C TRP J 85 27.79 -13.57 9.67
N GLY J 86 27.50 -12.35 10.09
CA GLY J 86 28.54 -11.44 10.53
C GLY J 86 29.25 -10.77 9.35
N CYS J 87 28.55 -10.65 8.23
CA CYS J 87 29.09 -10.06 7.01
C CYS J 87 28.33 -8.79 6.63
N SER J 88 27.70 -8.15 7.61
CA SER J 88 26.82 -6.99 7.40
C SER J 88 27.46 -5.75 6.80
N GLY J 89 28.73 -5.55 7.11
CA GLY J 89 29.50 -4.41 6.66
C GLY J 89 30.52 -4.81 5.62
N LYS J 90 30.35 -5.99 5.05
CA LYS J 90 31.37 -6.46 4.15
C LYS J 90 30.94 -6.51 2.69
N ILE J 91 31.93 -6.43 1.84
CA ILE J 91 31.74 -6.65 0.42
C ILE J 91 32.12 -8.08 0.22
N ILE J 92 33.25 -8.44 0.81
CA ILE J 92 33.74 -9.78 0.76
C ILE J 92 33.95 -10.17 2.21
N CYS J 93 33.33 -11.23 2.70
CA CYS J 93 33.66 -11.54 4.09
C CYS J 93 34.36 -12.87 4.18
N CYS J 94 35.29 -12.92 5.09
CA CYS J 94 36.07 -14.10 5.34
C CYS J 94 35.41 -14.80 6.52
N THR J 95 35.34 -16.12 6.49
CA THR J 95 34.68 -16.98 7.48
C THR J 95 35.64 -18.00 8.08
N ASN J 96 35.15 -18.84 9.01
CA ASN J 96 35.92 -19.93 9.60
C ASN J 96 35.36 -21.29 9.20
N VAL J 97 34.62 -21.35 8.11
CA VAL J 97 34.05 -22.62 7.68
C VAL J 97 34.78 -23.10 6.45
N PRO J 98 35.37 -24.30 6.47
CA PRO J 98 36.17 -24.88 5.42
C PRO J 98 35.30 -25.17 4.24
N TRP J 99 35.90 -25.25 3.08
CA TRP J 99 35.24 -25.50 1.82
C TRP J 99 34.53 -26.86 1.68
N ASN J 100 34.91 -27.85 2.48
CA ASN J 100 34.30 -29.19 2.46
C ASN J 100 34.75 -30.05 1.27
N ASP J 101 34.68 -29.51 0.06
CA ASP J 101 35.04 -30.14 -1.22
C ASP J 101 34.10 -31.20 -1.75
N SER J 102 32.96 -31.44 -1.12
CA SER J 102 32.05 -32.38 -1.76
C SER J 102 31.17 -31.60 -2.72
N TRP J 103 31.01 -30.31 -2.42
CA TRP J 103 30.17 -29.41 -3.20
C TRP J 103 30.78 -29.25 -4.58
N SER J 104 32.09 -29.11 -4.58
CA SER J 104 32.93 -28.99 -5.75
C SER J 104 34.34 -29.28 -5.36
N ASN J 105 34.99 -30.16 -6.09
CA ASN J 105 36.35 -30.57 -5.77
C ASN J 105 37.38 -29.90 -6.68
N LYS J 106 36.98 -28.83 -7.35
CA LYS J 106 37.90 -28.09 -8.20
C LYS J 106 38.72 -27.16 -7.30
N THR J 107 39.89 -26.73 -7.76
CA THR J 107 40.72 -25.83 -6.96
C THR J 107 40.53 -24.36 -7.23
N ILE J 108 41.29 -23.54 -6.53
CA ILE J 108 41.11 -22.09 -6.64
C ILE J 108 41.30 -21.60 -8.05
N ASN J 109 42.28 -22.12 -8.74
CA ASN J 109 42.54 -21.64 -10.08
C ASN J 109 41.65 -22.27 -11.13
N GLU J 110 40.75 -23.17 -10.70
CA GLU J 110 39.79 -23.82 -11.57
C GLU J 110 38.40 -23.24 -11.32
N ILE J 111 38.16 -22.78 -10.09
CA ILE J 111 36.90 -22.20 -9.69
C ILE J 111 36.93 -20.71 -9.65
N TRP J 112 37.91 -20.17 -8.96
CA TRP J 112 37.95 -18.75 -8.81
C TRP J 112 38.37 -18.22 -10.15
N ASP J 113 39.48 -18.73 -10.66
CA ASP J 113 39.82 -18.26 -11.98
C ASP J 113 39.20 -19.22 -12.97
N ASN J 114 39.37 -18.93 -14.25
CA ASN J 114 38.90 -19.78 -15.34
C ASN J 114 37.42 -20.14 -15.22
N MET J 115 36.57 -19.21 -14.78
CA MET J 115 35.16 -19.50 -14.61
C MET J 115 34.36 -18.22 -14.52
N THR J 116 33.11 -18.24 -14.95
CA THR J 116 32.23 -17.09 -14.82
C THR J 116 31.29 -17.27 -13.65
N TRP J 117 31.02 -16.20 -12.89
CA TRP J 117 30.12 -16.33 -11.74
C TRP J 117 28.80 -17.03 -12.00
N MET J 118 28.18 -16.83 -13.16
CA MET J 118 26.91 -17.51 -13.34
C MET J 118 27.10 -19.02 -13.43
N GLN J 119 28.24 -19.45 -13.99
CA GLN J 119 28.47 -20.87 -14.16
C GLN J 119 28.69 -21.47 -12.80
N TRP J 120 29.40 -20.71 -11.99
CA TRP J 120 29.73 -21.14 -10.67
C TRP J 120 28.53 -21.30 -9.78
N GLU J 121 27.63 -20.33 -9.82
CA GLU J 121 26.47 -20.45 -8.98
C GLU J 121 25.67 -21.68 -9.41
N LYS J 122 25.64 -21.98 -10.72
CA LYS J 122 24.94 -23.19 -11.11
C LYS J 122 25.66 -24.44 -10.58
N GLU J 123 26.99 -24.47 -10.67
CA GLU J 123 27.77 -25.63 -10.24
C GLU J 123 27.53 -26.05 -8.81
N ILE J 124 27.36 -25.08 -7.91
CA ILE J 124 27.11 -25.42 -6.51
C ILE J 124 25.72 -25.03 -6.02
N ASP J 125 24.76 -24.96 -6.93
CA ASP J 125 23.40 -24.56 -6.56
C ASP J 125 22.75 -25.46 -5.51
N ASN J 126 23.05 -26.76 -5.54
CA ASN J 126 22.40 -27.72 -4.65
C ASN J 126 22.96 -27.67 -3.25
N TYR J 127 23.97 -26.87 -3.03
CA TYR J 127 24.55 -26.81 -1.73
C TYR J 127 24.24 -25.49 -1.09
N THR J 128 23.35 -24.72 -1.69
CA THR J 128 23.07 -23.40 -1.17
C THR J 128 22.60 -23.43 0.28
N GLN J 129 21.70 -24.32 0.61
CA GLN J 129 21.17 -24.34 1.96
C GLN J 129 22.16 -24.96 2.91
N HIS J 130 22.94 -25.91 2.43
CA HIS J 130 23.91 -26.56 3.29
C HIS J 130 24.93 -25.51 3.69
N ILE J 131 25.41 -24.75 2.72
CA ILE J 131 26.40 -23.74 2.96
C ILE J 131 25.85 -22.64 3.80
N TYR J 132 24.65 -22.15 3.52
CA TYR J 132 24.11 -21.08 4.33
C TYR J 132 23.96 -21.53 5.76
N THR J 133 23.53 -22.78 5.96
CA THR J 133 23.37 -23.28 7.30
C THR J 133 24.71 -23.27 7.99
N LEU J 134 25.76 -23.73 7.31
CA LEU J 134 27.08 -23.75 7.91
C LEU J 134 27.62 -22.35 8.17
N LEU J 135 27.30 -21.40 7.32
CA LEU J 135 27.77 -20.04 7.54
C LEU J 135 27.21 -19.46 8.83
N GLU J 136 25.99 -19.83 9.21
CA GLU J 136 25.45 -19.37 10.48
C GLU J 136 25.78 -20.29 11.66
N VAL J 137 25.47 -21.55 11.49
CA VAL J 137 25.57 -22.45 12.61
C VAL J 137 26.99 -22.61 13.00
N SER J 138 27.26 -22.41 14.28
CA SER J 138 28.60 -22.45 14.85
C SER J 138 29.43 -21.24 14.39
N GLN J 139 29.53 -21.01 13.09
CA GLN J 139 30.35 -19.92 12.59
C GLN J 139 29.99 -18.58 13.16
N ILE J 140 28.72 -18.28 13.34
CA ILE J 140 28.43 -17.04 13.98
C ILE J 140 28.06 -17.35 15.42
N GLN J 141 27.30 -18.42 15.62
CA GLN J 141 26.79 -18.71 16.94
C GLN J 141 27.85 -19.06 17.98
N GLN J 142 28.82 -19.86 17.60
CA GLN J 142 29.86 -20.29 18.51
C GLN J 142 30.85 -19.20 18.58
N GLU J 143 31.17 -18.60 17.46
CA GLU J 143 32.15 -17.54 17.51
C GLU J 143 31.71 -16.49 18.50
N LYS J 144 30.43 -16.14 18.49
CA LYS J 144 30.01 -15.14 19.43
C LYS J 144 29.95 -15.67 20.86
N ASN J 145 29.54 -16.93 21.09
CA ASN J 145 29.52 -17.40 22.47
C ASN J 145 30.94 -17.56 23.04
N GLU J 146 31.91 -17.93 22.20
CA GLU J 146 33.26 -18.05 22.69
C GLU J 146 33.79 -16.68 23.02
N GLN J 147 33.43 -15.67 22.22
CA GLN J 147 33.87 -14.33 22.56
C GLN J 147 33.24 -13.90 23.86
N GLU J 148 31.96 -14.24 24.10
CA GLU J 148 31.34 -13.85 25.35
C GLU J 148 32.16 -14.37 26.50
N LEU J 149 32.66 -15.61 26.41
CA LEU J 149 33.47 -16.14 27.48
C LEU J 149 34.84 -15.46 27.60
N LEU J 150 35.46 -15.15 26.47
CA LEU J 150 36.77 -14.50 26.47
C LEU J 150 36.72 -13.09 27.01
N GLU J 151 35.61 -12.43 26.82
CA GLU J 151 35.42 -11.05 27.22
C GLU J 151 35.11 -10.94 28.71
N LEU J 152 35.07 -12.08 29.42
CA LEU J 152 34.77 -12.06 30.85
C LEU J 152 36.07 -11.91 31.61
N ASP J 153 37.18 -11.99 30.91
CA ASP J 153 38.49 -11.89 31.53
C ASP J 153 39.05 -10.48 31.54
N ASP K 1 25.93 -14.64 -62.92
CA ASP K 1 26.64 -13.73 -62.04
C ASP K 1 26.34 -12.28 -62.34
N ILE K 2 26.95 -11.41 -61.54
CA ILE K 2 26.84 -9.97 -61.69
C ILE K 2 28.18 -9.47 -62.14
N VAL K 3 28.18 -8.63 -63.13
CA VAL K 3 29.43 -8.08 -63.59
C VAL K 3 29.44 -6.59 -63.38
N MET K 4 30.38 -6.14 -62.59
CA MET K 4 30.50 -4.74 -62.28
C MET K 4 31.56 -4.09 -63.15
N THR K 5 31.22 -2.94 -63.71
CA THR K 5 32.14 -2.16 -64.52
C THR K 5 32.35 -0.77 -63.94
N GLN K 6 33.60 -0.33 -63.87
CA GLN K 6 33.86 1.00 -63.33
C GLN K 6 34.57 1.85 -64.36
N THR K 7 34.25 3.12 -64.35
CA THR K 7 34.85 4.10 -65.24
C THR K 7 34.64 5.51 -64.67
N PRO K 8 35.51 6.47 -64.96
CA PRO K 8 36.78 6.43 -65.66
C PRO K 8 37.84 5.80 -64.79
N ALA K 9 38.82 5.19 -65.43
CA ALA K 9 40.00 4.66 -64.77
C ALA K 9 41.12 5.68 -64.85
N SER K 10 42.15 5.51 -64.02
CA SER K 10 43.32 6.39 -64.07
C SER K 10 42.95 7.86 -64.01
N VAL K 11 42.17 8.19 -63.00
CA VAL K 11 41.68 9.53 -62.81
C VAL K 11 42.72 10.37 -62.13
N SER K 12 43.01 11.53 -62.69
CA SER K 12 43.97 12.41 -62.06
C SER K 12 43.50 13.83 -62.15
N GLU K 13 43.35 14.43 -60.98
CA GLU K 13 42.82 15.76 -60.81
C GLU K 13 43.70 16.53 -59.82
N PRO K 14 43.72 17.88 -59.88
CA PRO K 14 44.45 18.72 -58.98
C PRO K 14 43.84 18.74 -57.60
N VAL K 15 44.69 18.93 -56.63
CA VAL K 15 44.26 19.02 -55.26
C VAL K 15 43.33 20.21 -55.15
N GLY K 16 42.22 19.98 -54.46
CA GLY K 16 41.19 20.99 -54.24
C GLY K 16 40.02 20.88 -55.23
N GLY K 17 40.13 20.02 -56.23
CA GLY K 17 39.07 19.84 -57.22
C GLY K 17 38.12 18.74 -56.73
N THR K 18 37.33 18.18 -57.67
CA THR K 18 36.37 17.11 -57.33
C THR K 18 36.45 15.96 -58.34
N VAL K 19 36.03 14.78 -57.89
CA VAL K 19 35.98 13.54 -58.70
C VAL K 19 34.71 12.72 -58.60
N THR K 20 34.27 12.19 -59.73
CA THR K 20 33.17 11.25 -59.65
C THR K 20 33.58 9.94 -60.28
N ILE K 21 33.02 8.85 -59.74
CA ILE K 21 33.25 7.52 -60.28
C ILE K 21 31.94 6.90 -60.71
N ASN K 22 31.88 6.44 -61.96
CA ASN K 22 30.70 5.85 -62.58
C ASN K 22 30.70 4.31 -62.61
N CYS K 23 29.78 3.71 -61.87
CA CYS K 23 29.72 2.26 -61.81
C CYS K 23 28.45 1.66 -62.40
N GLN K 24 28.65 0.62 -63.18
CA GLN K 24 27.56 -0.07 -63.83
C GLN K 24 27.40 -1.51 -63.39
N ALA K 25 26.17 -1.93 -63.14
CA ALA K 25 25.95 -3.35 -62.82
C ALA K 25 24.55 -3.79 -63.21
N SER K 26 24.46 -4.87 -63.96
CA SER K 26 23.16 -5.39 -64.37
C SER K 26 22.51 -6.13 -63.23
N GLN K 27 21.22 -6.38 -63.39
CA GLN K 27 20.43 -7.17 -62.45
C GLN K 27 20.49 -6.64 -61.02
N SER K 28 20.41 -5.34 -60.85
CA SER K 28 20.41 -4.82 -59.51
C SER K 28 19.16 -5.27 -58.78
N ARG K 29 19.32 -5.58 -57.51
CA ARG K 29 18.21 -6.01 -56.69
C ARG K 29 17.81 -4.90 -55.73
N GLY K 30 18.37 -3.71 -55.95
CA GLY K 30 18.09 -2.56 -55.10
C GLY K 30 19.35 -1.75 -54.83
N ASN K 31 19.19 -0.59 -54.21
CA ASN K 31 20.34 0.29 -53.95
C ASN K 31 20.96 0.03 -52.58
N ASN K 32 20.38 -0.92 -51.87
CA ASN K 32 20.81 -1.27 -50.53
C ASN K 32 21.78 -2.42 -50.52
N TYR K 33 22.15 -2.87 -51.72
CA TYR K 33 23.03 -4.01 -51.93
C TYR K 33 24.37 -3.59 -52.49
N LEU K 34 24.62 -2.31 -52.47
CA LEU K 34 25.86 -1.79 -53.02
C LEU K 34 26.59 -0.89 -52.02
N SER K 35 27.92 -1.04 -51.99
CA SER K 35 28.84 -0.34 -51.10
C SER K 35 30.14 0.07 -51.81
N TRP K 36 30.94 0.92 -51.15
CA TRP K 36 32.23 1.37 -51.68
C TRP K 36 33.37 1.23 -50.68
N TYR K 37 34.58 0.96 -51.20
CA TYR K 37 35.77 0.84 -50.37
C TYR K 37 36.91 1.74 -50.81
N GLN K 38 37.69 2.24 -49.85
CA GLN K 38 38.87 3.06 -50.14
C GLN K 38 40.17 2.32 -49.81
N GLN K 39 40.96 1.98 -50.83
CA GLN K 39 42.20 1.27 -50.59
C GLN K 39 43.43 2.07 -50.96
N LYS K 40 44.24 2.37 -49.97
CA LYS K 40 45.44 3.11 -50.25
C LYS K 40 46.49 2.05 -50.58
N PRO K 41 47.47 2.32 -51.44
CA PRO K 41 48.49 1.37 -51.80
C PRO K 41 49.20 0.85 -50.58
N GLY K 42 49.36 -0.47 -50.55
CA GLY K 42 50.05 -1.19 -49.49
C GLY K 42 49.16 -1.69 -48.35
N GLN K 43 47.89 -1.28 -48.29
CA GLN K 43 47.06 -1.73 -47.17
C GLN K 43 45.81 -2.46 -47.61
N SER K 44 45.05 -2.91 -46.63
CA SER K 44 43.77 -3.54 -46.87
C SER K 44 42.81 -2.43 -47.27
N PRO K 45 41.72 -2.71 -47.96
CA PRO K 45 40.70 -1.75 -48.29
C PRO K 45 39.92 -1.41 -47.04
N SER K 46 39.39 -0.20 -46.97
CA SER K 46 38.55 0.18 -45.83
C SER K 46 37.15 0.57 -46.25
N LEU K 47 36.16 0.23 -45.43
CA LEU K 47 34.79 0.58 -45.77
C LEU K 47 34.59 2.06 -45.82
N LEU K 48 34.03 2.53 -46.92
CA LEU K 48 33.83 3.93 -47.08
C LEU K 48 32.34 4.22 -47.01
N ILE K 49 31.60 3.49 -47.85
CA ILE K 49 30.16 3.63 -48.03
C ILE K 49 29.53 2.29 -47.83
N TYR K 50 28.40 2.16 -47.13
CA TYR K 50 27.85 0.81 -46.98
C TYR K 50 26.47 0.58 -47.60
N ARG K 51 25.80 1.65 -47.98
CA ARG K 51 24.51 1.59 -48.68
C ARG K 51 24.75 2.57 -49.77
N THR K 52 24.07 2.51 -50.90
CA THR K 52 24.43 3.50 -51.91
C THR K 52 24.48 4.93 -51.39
N SER K 53 23.52 5.33 -50.58
CA SER K 53 23.49 6.70 -50.08
C SER K 53 24.03 6.89 -48.66
N THR K 54 24.57 5.85 -48.04
CA THR K 54 25.01 6.00 -46.64
C THR K 54 26.48 5.69 -46.42
N LEU K 55 27.16 6.65 -45.79
CA LEU K 55 28.58 6.50 -45.51
C LEU K 55 28.87 5.84 -44.19
N ALA K 56 30.04 5.23 -44.11
CA ALA K 56 30.52 4.59 -42.90
C ALA K 56 30.97 5.60 -41.88
N SER K 57 30.83 5.26 -40.60
CA SER K 57 31.30 6.16 -39.58
C SER K 57 32.78 6.42 -39.74
N GLY K 58 33.17 7.68 -39.54
CA GLY K 58 34.55 8.11 -39.64
C GLY K 58 34.88 8.71 -41.01
N VAL K 59 33.97 8.54 -41.96
CA VAL K 59 34.16 9.06 -43.29
C VAL K 59 33.70 10.53 -43.36
N PRO K 60 34.52 11.47 -43.88
CA PRO K 60 34.27 12.89 -44.00
C PRO K 60 33.22 13.19 -45.06
N SER K 61 32.71 14.43 -45.10
CA SER K 61 31.66 14.83 -46.05
C SER K 61 32.10 15.02 -47.49
N ARG K 62 32.44 13.90 -48.07
CA ARG K 62 32.91 13.71 -49.42
C ARG K 62 32.58 12.25 -49.66
N PHE K 63 32.70 11.74 -50.88
CA PHE K 63 32.36 10.36 -51.15
C PHE K 63 30.86 10.19 -50.99
N LYS K 64 30.11 11.15 -51.45
CA LYS K 64 28.68 11.01 -51.37
C LYS K 64 28.26 9.99 -52.38
N GLY K 65 27.47 9.01 -51.96
CA GLY K 65 27.04 8.03 -52.94
C GLY K 65 25.64 8.34 -53.42
N SER K 66 25.35 7.94 -54.63
CA SER K 66 24.03 8.11 -55.21
C SER K 66 23.79 7.07 -56.28
N GLY K 67 22.54 6.87 -56.65
CA GLY K 67 22.27 5.93 -57.72
C GLY K 67 20.82 5.53 -57.84
N SER K 68 20.60 4.68 -58.83
CA SER K 68 19.30 4.12 -59.19
C SER K 68 19.60 2.72 -59.70
N GLY K 69 18.59 1.91 -59.96
CA GLY K 69 18.94 0.54 -60.34
C GLY K 69 19.91 0.51 -61.50
N THR K 70 20.99 -0.25 -61.29
CA THR K 70 22.14 -0.49 -62.18
C THR K 70 23.09 0.70 -62.38
N GLN K 71 22.70 1.89 -61.91
CA GLN K 71 23.46 3.13 -62.11
C GLN K 71 24.01 3.75 -60.83
N PHE K 72 25.31 3.64 -60.60
CA PHE K 72 25.83 4.17 -59.34
C PHE K 72 26.97 5.16 -59.48
N THR K 73 26.95 6.18 -58.64
CA THR K 73 28.01 7.17 -58.65
C THR K 73 28.57 7.49 -57.26
N LEU K 74 29.89 7.66 -57.20
CA LEU K 74 30.50 8.16 -55.96
C LEU K 74 31.06 9.54 -56.24
N THR K 75 30.77 10.52 -55.38
CA THR K 75 31.32 11.86 -55.57
C THR K 75 32.28 12.32 -54.47
N ILE K 76 33.46 12.73 -54.88
CA ILE K 76 34.42 13.22 -53.92
C ILE K 76 34.37 14.73 -54.03
N SER K 77 33.81 15.34 -52.99
CA SER K 77 33.53 16.76 -52.87
C SER K 77 34.75 17.63 -52.61
N ASP K 78 35.81 16.99 -52.16
CA ASP K 78 37.02 17.68 -51.77
C ASP K 78 38.26 16.84 -52.01
N LEU K 79 39.00 17.11 -53.07
CA LEU K 79 40.17 16.28 -53.33
C LEU K 79 41.39 16.65 -52.55
N GLU K 80 41.37 16.24 -51.30
CA GLU K 80 42.49 16.39 -50.39
C GLU K 80 43.46 15.29 -50.80
N CYS K 81 44.76 15.52 -50.77
CA CYS K 81 45.69 14.47 -51.22
C CYS K 81 45.64 13.22 -50.36
N ALA K 82 45.08 13.37 -49.19
CA ALA K 82 44.90 12.33 -48.20
C ALA K 82 44.02 11.22 -48.74
N ASP K 83 43.18 11.54 -49.72
CA ASP K 83 42.24 10.62 -50.31
C ASP K 83 42.73 10.03 -51.61
N ALA K 84 43.99 10.24 -51.98
CA ALA K 84 44.38 9.57 -53.19
C ALA K 84 44.30 8.09 -52.82
N ALA K 85 43.60 7.31 -53.63
CA ALA K 85 43.35 5.91 -53.31
C ALA K 85 42.73 5.20 -54.50
N THR K 86 42.66 3.88 -54.44
CA THR K 86 41.86 3.17 -55.42
C THR K 86 40.52 2.90 -54.79
N TYR K 87 39.47 3.31 -55.47
CA TYR K 87 38.15 3.12 -54.91
C TYR K 87 37.47 1.94 -55.54
N TYR K 88 36.82 1.13 -54.74
CA TYR K 88 36.16 -0.02 -55.30
C TYR K 88 34.68 0.00 -55.11
N CYS K 89 33.99 -0.45 -56.14
CA CYS K 89 32.55 -0.54 -56.00
C CYS K 89 32.16 -2.00 -55.87
N LEU K 90 31.44 -2.30 -54.79
CA LEU K 90 31.01 -3.65 -54.46
C LEU K 90 29.53 -3.90 -54.50
N TYR K 91 29.16 -5.00 -55.11
CA TYR K 91 27.79 -5.44 -55.10
C TYR K 91 27.69 -6.83 -54.48
N GLY K 92 26.63 -7.07 -53.69
CA GLY K 92 26.41 -8.44 -53.24
C GLY K 92 25.02 -8.60 -52.66
N TYR K 93 24.57 -9.83 -52.57
CA TYR K 93 23.26 -10.12 -52.09
C TYR K 93 23.27 -11.46 -51.41
N TYR K 94 23.41 -11.49 -50.11
CA TYR K 94 23.49 -12.83 -49.57
C TYR K 94 22.22 -13.48 -49.86
N SER K 95 22.31 -14.71 -50.29
CA SER K 95 21.18 -15.55 -50.56
C SER K 95 21.57 -16.97 -50.38
N SER K 96 20.62 -17.76 -49.95
CA SER K 96 20.81 -19.19 -49.76
C SER K 96 21.00 -19.87 -51.09
N ARG K 97 20.61 -19.21 -52.18
CA ARG K 97 20.76 -19.76 -53.51
C ARG K 97 21.63 -18.90 -54.44
N ASN K 98 21.61 -17.58 -54.26
CA ASN K 98 22.32 -16.68 -55.19
C ASN K 98 23.10 -15.53 -54.54
N PRO K 99 24.25 -15.75 -53.91
CA PRO K 99 25.06 -14.73 -53.23
C PRO K 99 25.37 -13.49 -54.11
N ASP K 100 25.54 -13.72 -55.42
CA ASP K 100 25.78 -12.64 -56.36
C ASP K 100 26.87 -11.63 -56.00
N PHE K 101 28.01 -12.09 -55.49
CA PHE K 101 29.05 -11.12 -55.16
C PHE K 101 29.95 -10.73 -56.30
N ALA K 102 30.19 -9.43 -56.41
CA ALA K 102 31.11 -8.92 -57.41
C ALA K 102 31.71 -7.59 -57.01
N PHE K 103 32.95 -7.38 -57.41
CA PHE K 103 33.59 -6.10 -57.25
C PHE K 103 33.91 -5.64 -58.63
N GLY K 104 33.98 -4.34 -58.81
CA GLY K 104 34.44 -3.82 -60.07
C GLY K 104 35.94 -3.88 -60.03
N GLY K 105 36.62 -3.37 -61.03
CA GLY K 105 38.08 -3.48 -61.04
C GLY K 105 38.78 -2.44 -60.19
N GLY K 106 38.03 -1.48 -59.66
CA GLY K 106 38.60 -0.41 -58.89
C GLY K 106 38.93 0.78 -59.75
N THR K 107 38.84 1.96 -59.17
CA THR K 107 39.19 3.16 -59.87
C THR K 107 40.27 3.91 -59.15
N GLU K 108 41.37 4.09 -59.82
CA GLU K 108 42.46 4.80 -59.19
C GLU K 108 42.22 6.28 -59.33
N VAL K 109 42.28 6.98 -58.20
CA VAL K 109 42.15 8.41 -58.19
C VAL K 109 43.39 9.05 -57.58
N VAL K 110 44.04 9.86 -58.39
CA VAL K 110 45.25 10.56 -58.04
C VAL K 110 44.98 12.02 -57.79
N VAL K 111 45.46 12.51 -56.66
CA VAL K 111 45.25 13.89 -56.33
C VAL K 111 46.59 14.62 -56.35
N LYS K 112 46.73 15.58 -57.26
CA LYS K 112 47.98 16.30 -57.42
C LYS K 112 47.93 17.70 -56.83
N LEU L 1 40.86 -8.41 -37.12
CA LEU L 1 41.08 -9.79 -37.56
C LEU L 1 42.41 -9.93 -38.21
N GLU L 2 43.00 -11.09 -38.05
CA GLU L 2 44.28 -11.34 -38.71
C GLU L 2 44.32 -12.66 -39.42
N GLU L 3 44.96 -12.68 -40.57
CA GLU L 3 45.14 -13.91 -41.32
C GLU L 3 46.47 -14.55 -40.93
N SER L 4 46.74 -15.70 -41.51
CA SER L 4 47.95 -16.45 -41.22
C SER L 4 48.18 -17.56 -42.24
N GLY L 5 49.38 -18.14 -42.24
CA GLY L 5 49.62 -19.34 -43.07
C GLY L 5 50.09 -19.11 -44.50
N GLY L 6 50.59 -17.94 -44.81
CA GLY L 6 51.05 -17.69 -46.18
C GLY L 6 52.44 -18.22 -46.38
N GLY L 7 53.03 -17.85 -47.51
CA GLY L 7 54.35 -18.36 -47.85
C GLY L 7 54.39 -18.83 -49.29
N LEU L 8 55.46 -19.52 -49.64
CA LEU L 8 55.65 -19.99 -50.99
C LEU L 8 55.25 -21.44 -51.09
N VAL L 9 54.53 -21.75 -52.14
CA VAL L 9 54.07 -23.09 -52.45
C VAL L 9 54.55 -23.42 -53.85
N GLN L 10 54.76 -24.70 -54.13
CA GLN L 10 55.20 -25.07 -55.46
C GLN L 10 53.99 -25.09 -56.41
N PRO L 11 54.18 -25.34 -57.72
CA PRO L 11 53.12 -25.50 -58.68
C PRO L 11 52.28 -26.69 -58.29
N GLU L 12 50.97 -26.52 -58.38
CA GLU L 12 49.96 -27.51 -58.05
C GLU L 12 49.99 -27.93 -56.60
N GLY L 13 50.58 -27.09 -55.73
CA GLY L 13 50.57 -27.40 -54.32
C GLY L 13 49.34 -26.81 -53.67
N SER L 14 49.33 -26.75 -52.34
CA SER L 14 48.18 -26.26 -51.60
C SER L 14 48.58 -25.56 -50.31
N LEU L 15 47.69 -24.70 -49.84
CA LEU L 15 47.82 -23.98 -48.56
C LEU L 15 46.55 -23.96 -47.78
N THR L 16 46.66 -23.81 -46.47
CA THR L 16 45.49 -23.50 -45.69
C THR L 16 45.76 -22.21 -44.94
N LEU L 17 44.90 -21.21 -45.13
CA LEU L 17 45.09 -19.94 -44.44
C LEU L 17 44.13 -19.85 -43.29
N THR L 18 44.53 -19.21 -42.21
CA THR L 18 43.62 -19.08 -41.08
C THR L 18 43.40 -17.65 -40.64
N CYS L 19 42.11 -17.30 -40.54
CA CYS L 19 41.66 -16.00 -40.06
C CYS L 19 41.18 -16.11 -38.61
N LYS L 20 41.81 -15.33 -37.75
CA LYS L 20 41.51 -15.36 -36.33
C LYS L 20 40.71 -14.17 -35.82
N ALA L 21 39.62 -14.48 -35.11
CA ALA L 21 38.77 -13.45 -34.56
C ALA L 21 39.29 -12.89 -33.27
N SER L 22 40.32 -12.08 -33.36
CA SER L 22 41.00 -11.57 -32.18
C SER L 22 40.18 -10.54 -31.41
N GLY L 23 39.16 -11.04 -30.71
CA GLY L 23 38.20 -10.24 -29.96
C GLY L 23 36.97 -9.91 -30.78
N PHE L 24 36.76 -10.64 -31.88
CA PHE L 24 35.63 -10.36 -32.75
C PHE L 24 34.86 -11.63 -33.04
N ASP L 25 34.25 -12.23 -32.04
CA ASP L 25 33.69 -13.56 -32.22
C ASP L 25 32.75 -13.64 -33.39
N PHE L 26 32.94 -14.66 -34.22
CA PHE L 26 32.14 -14.85 -35.41
C PHE L 26 30.85 -15.56 -35.05
N SER L 27 30.03 -14.91 -34.25
CA SER L 27 28.78 -15.53 -33.79
C SER L 27 27.55 -15.01 -34.53
N ASP L 28 27.66 -13.79 -35.02
CA ASP L 28 26.61 -13.07 -35.73
C ASP L 28 27.16 -12.38 -36.95
N TYR L 29 28.35 -12.79 -37.32
CA TYR L 29 29.07 -12.22 -38.43
C TYR L 29 29.29 -13.22 -39.52
N HIS L 30 29.36 -12.72 -40.73
CA HIS L 30 29.73 -13.55 -41.84
C HIS L 30 31.20 -13.36 -42.04
N VAL L 31 31.87 -14.41 -42.45
CA VAL L 31 33.28 -14.31 -42.70
C VAL L 31 33.51 -14.59 -44.15
N GLN L 32 34.13 -13.66 -44.83
CA GLN L 32 34.30 -13.83 -46.25
C GLN L 32 35.74 -13.72 -46.68
N TRP L 33 36.05 -14.45 -47.74
CA TRP L 33 37.37 -14.42 -48.30
C TRP L 33 37.39 -13.75 -49.65
N VAL L 34 38.41 -12.91 -49.84
CA VAL L 34 38.64 -12.22 -51.09
C VAL L 34 40.09 -12.36 -51.51
N ARG L 35 40.35 -12.07 -52.78
CA ARG L 35 41.71 -12.12 -53.30
C ARG L 35 42.12 -10.92 -54.12
N GLN L 36 43.36 -10.47 -53.96
CA GLN L 36 43.85 -9.41 -54.81
C GLN L 36 45.26 -9.67 -55.31
N SER L 37 45.37 -10.08 -56.58
CA SER L 37 46.67 -10.38 -57.15
C SER L 37 47.36 -9.05 -57.41
N PRO L 38 48.68 -8.99 -57.57
CA PRO L 38 49.39 -7.76 -57.80
C PRO L 38 48.87 -7.04 -59.03
N GLY L 39 48.61 -5.75 -58.89
CA GLY L 39 48.14 -4.90 -60.00
C GLY L 39 46.64 -5.02 -60.28
N LYS L 40 45.94 -5.84 -59.51
CA LYS L 40 44.52 -6.08 -59.73
C LYS L 40 43.63 -5.55 -58.63
N GLY L 41 42.33 -5.62 -58.89
CA GLY L 41 41.30 -5.23 -57.95
C GLY L 41 40.90 -6.46 -57.16
N LEU L 42 39.72 -6.48 -56.57
CA LEU L 42 39.38 -7.60 -55.73
C LEU L 42 38.45 -8.61 -56.35
N GLU L 43 38.83 -9.86 -56.21
CA GLU L 43 38.06 -10.99 -56.65
C GLU L 43 37.37 -11.54 -55.41
N PHE L 44 36.21 -12.11 -55.56
CA PHE L 44 35.54 -12.68 -54.40
C PHE L 44 35.73 -14.19 -54.38
N ILE L 45 36.08 -14.79 -53.25
CA ILE L 45 36.27 -16.24 -53.22
C ILE L 45 35.05 -16.97 -52.68
N GLY L 46 34.51 -16.47 -51.59
CA GLY L 46 33.37 -17.13 -50.94
C GLY L 46 33.28 -16.77 -49.46
N GLY L 47 32.48 -17.50 -48.70
CA GLY L 47 32.34 -17.19 -47.28
C GLY L 47 31.36 -18.05 -46.49
N ILE L 48 31.32 -17.77 -45.20
CA ILE L 48 30.47 -18.52 -44.30
C ILE L 48 29.47 -17.62 -43.65
N ALA L 49 28.22 -18.01 -43.72
CA ALA L 49 27.11 -17.32 -43.12
C ALA L 49 27.10 -17.50 -41.62
N TYR L 50 26.47 -16.59 -40.88
CA TYR L 50 26.45 -16.76 -39.42
C TYR L 50 25.69 -18.03 -39.03
N THR L 51 24.85 -18.48 -39.95
CA THR L 51 23.98 -19.62 -39.85
C THR L 51 24.70 -20.93 -40.11
N GLY L 52 25.94 -20.84 -40.59
CA GLY L 52 26.72 -22.01 -40.96
C GLY L 52 26.68 -22.32 -42.45
N ASN L 53 25.80 -21.69 -43.20
CA ASN L 53 25.76 -21.95 -44.63
C ASN L 53 27.06 -21.51 -45.32
N ILE L 54 27.63 -22.39 -46.14
CA ILE L 54 28.87 -22.02 -46.81
C ILE L 54 28.63 -21.86 -48.28
N TYR L 55 29.07 -20.74 -48.82
CA TYR L 55 28.86 -20.45 -50.22
C TYR L 55 30.18 -20.10 -50.90
N TYR L 56 30.22 -20.33 -52.21
CA TYR L 56 31.42 -20.08 -52.98
C TYR L 56 31.23 -19.26 -54.22
N ALA L 57 32.29 -18.58 -54.59
CA ALA L 57 32.35 -17.82 -55.82
C ALA L 57 32.64 -18.71 -57.03
N SER L 58 32.17 -18.23 -58.18
CA SER L 58 32.43 -18.82 -59.47
C SER L 58 33.91 -18.68 -59.85
N TRP L 59 34.62 -17.83 -59.11
CA TRP L 59 36.05 -17.61 -59.22
C TRP L 59 36.84 -18.79 -58.71
N ALA L 60 36.31 -19.47 -57.68
CA ALA L 60 37.01 -20.58 -57.05
C ALA L 60 36.87 -21.82 -57.88
N LYS L 61 35.68 -22.02 -58.41
CA LYS L 61 35.39 -23.17 -59.26
C LYS L 61 35.76 -24.50 -58.60
N GLY L 62 35.53 -24.63 -57.30
CA GLY L 62 35.82 -25.87 -56.59
C GLY L 62 37.28 -26.01 -56.10
N ARG L 63 38.15 -25.04 -56.40
CA ARG L 63 39.56 -25.12 -55.99
C ARG L 63 39.77 -24.64 -54.59
N PHE L 64 38.74 -24.08 -54.00
CA PHE L 64 38.84 -23.56 -52.66
C PHE L 64 37.78 -24.17 -51.78
N THR L 65 38.15 -24.41 -50.53
CA THR L 65 37.23 -24.88 -49.50
C THR L 65 37.21 -23.92 -48.35
N ILE L 66 36.02 -23.54 -47.97
CA ILE L 66 35.84 -22.60 -46.90
C ILE L 66 35.21 -23.28 -45.72
N SER L 67 35.81 -23.14 -44.55
CA SER L 67 35.25 -23.80 -43.38
C SER L 67 35.50 -23.12 -42.06
N LYS L 68 34.49 -23.14 -41.20
CA LYS L 68 34.60 -22.64 -39.85
C LYS L 68 35.07 -23.83 -39.08
N THR L 69 36.20 -23.71 -38.40
CA THR L 69 36.74 -24.87 -37.75
C THR L 69 36.50 -24.85 -36.26
N SER L 70 36.31 -23.66 -35.73
CA SER L 70 36.03 -23.51 -34.32
C SER L 70 35.46 -22.13 -34.10
N SER L 71 34.91 -21.87 -32.93
CA SER L 71 34.51 -20.50 -32.70
C SER L 71 35.79 -19.70 -32.78
N THR L 72 35.70 -18.54 -33.43
CA THR L 72 36.81 -17.59 -33.67
C THR L 72 37.78 -18.01 -34.77
N THR L 73 37.66 -19.24 -35.31
CA THR L 73 38.62 -19.66 -36.32
C THR L 73 38.00 -20.09 -37.64
N VAL L 74 38.40 -19.40 -38.69
CA VAL L 74 37.94 -19.69 -40.04
C VAL L 74 39.09 -19.93 -40.97
N THR L 75 39.01 -20.99 -41.75
CA THR L 75 40.10 -21.24 -42.65
C THR L 75 39.69 -21.29 -44.10
N LEU L 76 40.69 -21.06 -44.94
CA LEU L 76 40.55 -21.16 -46.37
C LEU L 76 41.52 -22.15 -46.92
N GLN L 77 41.02 -23.19 -47.54
CA GLN L 77 41.92 -24.16 -48.13
C GLN L 77 41.98 -23.85 -49.60
N MET L 78 43.15 -23.93 -50.18
CA MET L 78 43.25 -23.73 -51.61
C MET L 78 44.13 -24.79 -52.20
N THR L 79 43.74 -25.31 -53.36
CA THR L 79 44.55 -26.34 -53.99
C THR L 79 44.87 -26.13 -55.44
N THR L 80 45.64 -27.09 -55.96
CA THR L 80 46.13 -27.15 -57.34
C THR L 80 46.43 -25.77 -57.84
N LEU L 81 47.35 -25.10 -57.15
CA LEU L 81 47.67 -23.71 -57.41
C LEU L 81 48.61 -23.43 -58.56
N THR L 82 48.40 -22.30 -59.20
CA THR L 82 49.30 -21.87 -60.27
C THR L 82 49.85 -20.48 -60.10
N ALA L 83 50.67 -20.07 -61.04
CA ALA L 83 51.32 -18.75 -60.96
C ALA L 83 50.31 -17.60 -60.87
N ALA L 84 49.18 -17.78 -61.52
CA ALA L 84 48.11 -16.78 -61.57
C ALA L 84 47.42 -16.62 -60.22
N ASP L 85 47.66 -17.53 -59.29
CA ASP L 85 47.01 -17.49 -58.00
C ASP L 85 47.87 -16.74 -56.97
N THR L 86 49.01 -16.19 -57.41
CA THR L 86 49.79 -15.42 -56.45
C THR L 86 48.99 -14.18 -56.13
N ALA L 87 48.76 -13.97 -54.85
CA ALA L 87 47.93 -12.86 -54.43
C ALA L 87 47.96 -12.63 -52.96
N THR L 88 47.47 -11.48 -52.54
CA THR L 88 47.26 -11.30 -51.13
C THR L 88 45.84 -11.77 -50.86
N TYR L 89 45.70 -12.67 -49.92
CA TYR L 89 44.41 -13.20 -49.55
C TYR L 89 43.97 -12.51 -48.30
N PHE L 90 42.70 -12.18 -48.21
CA PHE L 90 42.19 -11.48 -47.04
C PHE L 90 40.94 -12.07 -46.48
N CYS L 91 40.76 -11.89 -45.18
CA CYS L 91 39.48 -12.19 -44.60
C CYS L 91 38.83 -10.88 -44.21
N ALA L 92 37.52 -10.86 -44.24
CA ALA L 92 36.76 -9.69 -43.84
C ALA L 92 35.44 -10.09 -43.23
N ARG L 93 34.90 -9.21 -42.43
CA ARG L 93 33.65 -9.43 -41.76
C ARG L 93 32.50 -8.70 -42.42
N ALA L 94 31.32 -9.31 -42.35
CA ALA L 94 30.12 -8.62 -42.78
C ALA L 94 29.04 -8.91 -41.76
N TYR L 95 28.11 -8.00 -41.54
CA TYR L 95 27.11 -8.31 -40.53
C TYR L 95 26.08 -9.29 -40.99
N GLY L 96 25.67 -10.19 -40.11
CA GLY L 96 24.55 -11.02 -40.42
C GLY L 96 23.32 -10.26 -39.96
N TYR L 97 22.18 -10.57 -40.53
CA TYR L 97 20.92 -9.99 -40.15
C TYR L 97 19.90 -11.09 -40.01
N ALA L 98 18.85 -10.85 -39.25
CA ALA L 98 17.78 -11.82 -39.11
C ALA L 98 16.85 -11.77 -40.31
N SER L 99 17.37 -12.14 -41.46
CA SER L 99 16.60 -12.04 -42.66
C SER L 99 16.97 -12.98 -43.76
N ALA L 100 16.33 -12.73 -44.89
CA ALA L 100 16.52 -13.48 -46.10
C ALA L 100 17.64 -12.90 -47.00
N PRO L 101 17.52 -11.74 -47.69
CA PRO L 101 18.60 -11.11 -48.40
C PRO L 101 19.46 -10.40 -47.39
N TYR L 102 20.76 -10.28 -47.64
CA TYR L 102 21.61 -9.47 -46.76
C TYR L 102 22.47 -8.53 -47.60
N ALA L 103 22.65 -7.28 -47.20
CA ALA L 103 23.55 -6.41 -47.98
C ALA L 103 24.99 -6.87 -48.02
N GLN L 104 25.46 -7.44 -46.93
CA GLN L 104 26.83 -7.94 -46.86
C GLN L 104 27.90 -6.95 -47.23
N TYR L 105 27.88 -5.78 -46.63
CA TYR L 105 28.96 -4.87 -46.90
C TYR L 105 30.09 -5.26 -45.98
N PHE L 106 31.32 -5.04 -46.40
CA PHE L 106 32.43 -5.45 -45.58
C PHE L 106 32.90 -4.44 -44.59
N ASN L 107 33.41 -4.93 -43.48
CA ASN L 107 34.03 -4.12 -42.47
C ASN L 107 35.11 -4.95 -41.78
N LEU L 108 35.81 -4.33 -40.83
CA LEU L 108 36.78 -5.10 -40.05
C LEU L 108 37.72 -5.89 -40.97
N TRP L 109 38.29 -5.25 -41.96
CA TRP L 109 39.18 -5.93 -42.87
C TRP L 109 40.49 -6.29 -42.21
N GLY L 110 41.00 -7.51 -42.45
CA GLY L 110 42.29 -7.89 -41.90
C GLY L 110 43.42 -7.31 -42.76
N PRO L 111 44.69 -7.40 -42.32
CA PRO L 111 45.87 -6.93 -43.03
C PRO L 111 46.24 -7.71 -44.30
N GLY L 112 45.83 -8.98 -44.40
CA GLY L 112 46.12 -9.78 -45.58
C GLY L 112 47.36 -10.66 -45.47
N THR L 113 47.32 -11.77 -46.19
CA THR L 113 48.41 -12.75 -46.25
C THR L 113 48.87 -13.08 -47.66
N LEU L 114 50.18 -13.04 -47.88
CA LEU L 114 50.68 -13.35 -49.21
C LEU L 114 50.93 -14.82 -49.45
N VAL L 115 50.37 -15.26 -50.55
CA VAL L 115 50.56 -16.58 -51.05
C VAL L 115 51.20 -16.46 -52.41
N THR L 116 52.33 -17.12 -52.59
CA THR L 116 53.00 -17.04 -53.88
C THR L 116 53.34 -18.42 -54.39
N VAL L 117 53.24 -18.59 -55.71
CA VAL L 117 53.49 -19.90 -56.30
C VAL L 117 54.72 -19.86 -57.18
N SER L 118 55.67 -20.77 -56.93
CA SER L 118 56.91 -20.80 -57.70
C SER L 118 57.77 -22.02 -57.44
C1 NAG M . -46.53 -20.95 -15.57
C2 NAG M . -46.45 -22.42 -16.00
C3 NAG M . -45.86 -22.48 -17.40
C4 NAG M . -46.81 -21.72 -18.33
C5 NAG M . -46.91 -20.29 -17.79
C6 NAG M . -47.92 -19.46 -18.54
C7 NAG M . -46.21 -24.12 -14.32
C8 NAG M . -45.33 -24.92 -13.43
N2 NAG M . -45.66 -23.20 -15.07
O3 NAG M . -45.66 -23.85 -17.80
O4 NAG M . -46.26 -21.71 -19.67
O5 NAG M . -47.38 -20.24 -16.45
O6 NAG M . -49.02 -19.17 -17.69
O7 NAG M . -47.44 -24.31 -14.35
C1 NAG M . -47.23 -22.20 -20.72
C2 NAG M . -46.98 -21.43 -22.06
C3 NAG M . -47.98 -21.93 -23.09
C4 NAG M . -47.75 -23.42 -23.27
C5 NAG M . -47.98 -24.10 -21.92
C6 NAG M . -47.79 -25.59 -22.10
C7 NAG M . -46.21 -19.14 -22.01
C8 NAG M . -46.54 -17.70 -21.77
N2 NAG M . -47.17 -20.01 -21.86
O3 NAG M . -47.78 -21.24 -24.33
O4 NAG M . -48.66 -23.95 -24.23
O5 NAG M . -47.05 -23.61 -20.93
O6 NAG M . -48.37 -26.01 -23.32
O7 NAG M . -45.07 -19.49 -22.34
C1 NAG N . -48.87 -5.88 -17.50
C2 NAG N . -49.77 -5.95 -16.23
C3 NAG N . -51.15 -6.36 -16.71
C4 NAG N . -51.71 -5.35 -17.69
C5 NAG N . -50.72 -5.32 -18.86
C6 NAG N . -51.15 -4.34 -19.92
C7 NAG N . -48.81 -6.69 -14.15
C8 NAG N . -48.42 -7.85 -13.28
N2 NAG N . -49.31 -6.98 -15.32
O3 NAG N . -52.01 -6.48 -15.57
O4 NAG N . -52.98 -5.86 -18.13
O5 NAG N . -49.39 -4.94 -18.43
O6 NAG N . -50.11 -4.13 -20.86
O7 NAG N . -48.67 -5.51 -13.81
C1 NAG N . -54.07 -4.83 -18.07
C2 NAG N . -55.32 -5.41 -18.76
C3 NAG N . -56.42 -4.36 -18.75
C4 NAG N . -56.71 -4.05 -17.29
C5 NAG N . -55.43 -3.51 -16.64
C6 NAG N . -55.72 -3.18 -15.20
C7 NAG N . -54.92 -6.98 -20.56
C8 NAG N . -54.50 -7.18 -21.98
N2 NAG N . -54.96 -5.75 -20.13
O3 NAG N . -57.60 -4.88 -19.39
O4 NAG N . -57.73 -3.07 -17.18
O5 NAG N . -54.38 -4.50 -16.70
O6 NAG N . -57.02 -2.63 -15.09
O7 NAG N . -55.20 -7.93 -19.82
C1 NAG O . -13.52 -25.04 31.48
C2 NAG O . -14.51 -25.47 32.58
C3 NAG O . -14.58 -24.32 33.60
C4 NAG O . -13.16 -24.16 34.20
C5 NAG O . -12.22 -23.83 33.04
C6 NAG O . -10.78 -23.73 33.45
C7 NAG O . -16.41 -26.88 32.28
C8 NAG O . -17.69 -27.17 31.59
N2 NAG O . -15.80 -25.76 31.98
O3 NAG O . -15.54 -24.62 34.60
O4 NAG O . -13.15 -23.08 35.13
O5 NAG O . -12.24 -24.85 32.05
O6 NAG O . -10.35 -24.92 34.09
O7 NAG O . -15.93 -27.67 33.10
C1 NAG O . -12.77 -23.52 36.53
C2 NAG O . -12.16 -22.32 37.29
C3 NAG O . -11.79 -22.79 38.71
C4 NAG O . -13.07 -23.26 39.37
C5 NAG O . -13.65 -24.42 38.55
C6 NAG O . -14.91 -24.91 39.21
C7 NAG O . -10.74 -20.67 36.21
C8 NAG O . -9.45 -20.41 35.49
N2 NAG O . -10.94 -21.90 36.62
O3 NAG O . -11.23 -21.71 39.45
O4 NAG O . -12.81 -23.72 40.69
O5 NAG O . -13.95 -23.98 37.21
O6 NAG O . -14.75 -24.89 40.62
O7 NAG O . -11.56 -19.77 36.44
C1 NAG P . -21.98 -17.76 35.22
C2 NAG P . -21.22 -16.74 36.09
C3 NAG P . -21.86 -16.81 37.48
C4 NAG P . -23.35 -16.45 37.42
C5 NAG P . -23.98 -17.45 36.44
C6 NAG P . -25.44 -17.16 36.18
C7 NAG P . -18.88 -16.24 35.91
C8 NAG P . -17.48 -16.74 36.02
N2 NAG P . -19.83 -17.10 36.17
O3 NAG P . -21.17 -15.94 38.37
O4 NAG P . -23.89 -16.67 38.73
O5 NAG P . -23.35 -17.43 35.15
O6 NAG P . -25.67 -15.79 35.93
O7 NAG P . -19.14 -15.08 35.58
C1 NAG P . -24.77 -15.57 39.21
C2 NAG P . -25.70 -16.11 40.32
C3 NAG P . -26.61 -14.98 40.78
C4 NAG P . -25.73 -13.86 41.31
C5 NAG P . -24.81 -13.39 40.19
C6 NAG P . -23.90 -12.29 40.68
C7 NAG P . -26.50 -18.41 40.28
C8 NAG P . -27.36 -19.41 39.60
N2 NAG P . -26.51 -17.19 39.78
O3 NAG P . -27.49 -15.45 41.81
O4 NAG P . -26.54 -12.79 41.75
O5 NAG P . -23.98 -14.49 39.72
O6 NAG P . -24.65 -11.25 41.27
O7 NAG P . -25.80 -18.69 41.26
C1 NAG Q . -24.65 -40.80 2.53
C2 NAG Q . -25.10 -41.98 3.42
C3 NAG Q . -23.88 -42.82 3.72
C4 NAG Q . -23.27 -43.33 2.42
C5 NAG Q . -22.93 -42.08 1.59
C6 NAG Q . -22.33 -42.45 0.27
C7 NAG Q . -26.90 -41.31 4.88
C8 NAG Q . -27.31 -40.77 6.20
N2 NAG Q . -25.63 -41.49 4.68
O3 NAG Q . -24.25 -43.89 4.56
O4 NAG Q . -22.05 -44.03 2.73
O5 NAG Q . -24.08 -41.26 1.31
O6 NAG Q . -22.74 -41.52 -0.73
O7 NAG Q . -27.73 -41.58 4.02
C1 NAG Q . -22.05 -45.46 2.28
C2 NAG Q . -20.59 -45.91 2.09
C3 NAG Q . -20.59 -47.37 1.64
C4 NAG Q . -21.27 -48.18 2.73
C5 NAG Q . -22.70 -47.67 2.90
C6 NAG Q . -23.38 -48.47 3.96
C7 NAG Q . -18.93 -44.36 1.26
C8 NAG Q . -18.43 -43.55 0.11
N2 NAG Q . -19.99 -45.09 1.05
O3 NAG Q . -19.24 -47.82 1.48
O4 NAG Q . -21.29 -49.55 2.40
O5 NAG Q . -22.69 -46.27 3.27
O6 NAG Q . -22.97 -49.83 3.88
O7 NAG Q . -18.37 -44.35 2.37
C1 NAG R . -33.99 -40.77 2.45
C2 NAG R . -33.60 -41.84 1.39
C3 NAG R . -34.87 -42.27 0.67
C4 NAG R . -35.82 -42.90 1.68
C5 NAG R . -36.14 -41.82 2.69
C6 NAG R . -37.06 -42.33 3.78
C7 NAG R . -31.93 -40.35 0.24
C8 NAG R . -31.04 -40.26 -0.94
N2 NAG R . -32.64 -41.46 0.35
O3 NAG R . -34.55 -43.19 -0.38
O4 NAG R . -37.04 -43.35 1.02
O5 NAG R . -34.94 -41.36 3.34
O6 NAG R . -36.66 -43.60 4.25
O7 NAG R . -31.98 -39.43 1.04
C1 NAG R . -37.28 -44.81 1.24
C2 NAG R . -38.77 -45.15 1.11
C3 NAG R . -38.93 -46.63 1.43
C4 NAG R . -38.14 -47.50 0.44
C5 NAG R . -36.68 -47.00 0.57
C6 NAG R . -35.76 -47.69 -0.39
C7 NAG R . -40.58 -43.64 1.66
C8 NAG R . -41.24 -42.74 2.66
N2 NAG R . -39.53 -44.34 2.05
O3 NAG R . -40.31 -46.97 1.39
O4 NAG R . -38.21 -48.86 0.90
O5 NAG R . -36.52 -45.58 0.30
O6 NAG R . -36.27 -47.58 -1.71
O7 NAG R . -40.98 -43.73 0.49
C1 BMA R . -38.61 -49.90 -0.12
C2 BMA R . -40.13 -50.20 -0.04
C3 BMA R . -40.45 -51.37 -0.97
C4 BMA R . -40.03 -50.94 -2.39
C5 BMA R . -38.55 -50.63 -2.38
C6 BMA R . -38.08 -50.29 -3.76
O2 BMA R . -40.87 -49.06 -0.45
O3 BMA R . -41.85 -51.67 -0.93
O4 BMA R . -40.29 -52.00 -3.31
O5 BMA R . -38.23 -49.55 -1.46
O6 BMA R . -38.67 -51.16 -4.71
C1 NAG S . -41.02 -28.50 23.85
C2 NAG S . -41.62 -28.98 25.20
C3 NAG S . -43.13 -28.86 25.08
C4 NAG S . -43.52 -27.39 24.82
C5 NAG S . -42.82 -27.00 23.51
C6 NAG S . -43.07 -25.58 23.11
C7 NAG S . -41.03 -30.81 26.65
C8 NAG S . -40.62 -32.25 26.79
N2 NAG S . -41.21 -30.35 25.45
O3 NAG S . -43.76 -29.34 26.26
O4 NAG S . -44.94 -27.29 24.67
O5 NAG S . -41.39 -27.16 23.60
O6 NAG S . -42.82 -24.68 24.17
O7 NAG S . -41.19 -30.09 27.64
C1 NAG S . -45.55 -26.24 25.55
C2 NAG S . -46.91 -25.78 24.95
C3 NAG S . -47.51 -24.70 25.84
C4 NAG S . -47.73 -25.33 27.22
C5 NAG S . -46.37 -25.79 27.75
C6 NAG S . -46.58 -26.40 29.11
C7 NAG S . -47.32 -25.63 22.58
C8 NAG S . -46.96 -24.98 21.27
N2 NAG S . -46.68 -25.20 23.63
O3 NAG S . -48.76 -24.26 25.31
O4 NAG S . -48.29 -24.40 28.12
O5 NAG S . -45.77 -26.77 26.86
O6 NAG S . -47.58 -25.67 29.82
O7 NAG S . -48.19 -26.51 22.65
C1 NAG T . -41.48 -29.57 11.47
C2 NAG T . -42.37 -28.31 11.48
C3 NAG T . -43.39 -28.57 12.58
C4 NAG T . -44.23 -29.83 12.33
C5 NAG T . -43.20 -30.97 12.24
C6 NAG T . -43.81 -32.30 11.89
C7 NAG T . -41.00 -26.37 10.97
C8 NAG T . -40.09 -25.31 11.50
N2 NAG T . -41.55 -27.17 11.85
O3 NAG T . -44.25 -27.43 12.69
O4 NAG T . -45.06 -29.97 13.49
O5 NAG T . -42.22 -30.76 11.21
O6 NAG T . -42.81 -33.26 11.58
O7 NAG T . -41.24 -26.47 9.76
C1 NAG T . -46.41 -30.53 13.19
C2 NAG T . -46.93 -31.27 14.45
C3 NAG T . -48.29 -31.90 14.14
C4 NAG T . -49.22 -30.75 13.76
C5 NAG T . -48.65 -30.03 12.54
C6 NAG T . -49.58 -28.91 12.16
C7 NAG T . -45.09 -32.16 15.78
C8 NAG T . -44.11 -33.26 15.98
N2 NAG T . -45.97 -32.31 14.81
O3 NAG T . -48.78 -32.60 15.28
O4 NAG T . -50.52 -31.25 13.46
O5 NAG T . -47.33 -29.49 12.84
O6 NAG T . -50.93 -29.32 12.37
O7 NAG T . -45.10 -31.15 16.49
C1 NAG U . -40.38 -38.19 17.06
C2 NAG U . -39.81 -39.30 16.14
C3 NAG U . -40.88 -39.80 15.18
C4 NAG U . -41.97 -40.42 16.06
C5 NAG U . -42.45 -39.32 17.01
C6 NAG U . -43.53 -39.85 17.92
C7 NAG U . -37.61 -39.60 15.30
C8 NAG U . -36.40 -39.06 14.64
N2 NAG U . -38.65 -38.82 15.43
O3 NAG U . -40.29 -40.74 14.27
O4 NAG U . -43.08 -40.83 15.24
O5 NAG U . -41.40 -38.77 17.86
O6 NAG U . -43.84 -38.90 18.93
O7 NAG U . -37.64 -40.76 15.71
C1 NAG U . -43.13 -42.31 14.98
C2 NAG U . -44.54 -42.68 14.46
C3 NAG U . -44.58 -44.18 14.17
C4 NAG U . -43.52 -44.45 13.09
C5 NAG U . -42.16 -44.06 13.63
C6 NAG U . -41.09 -44.28 12.58
C7 NAG U . -46.46 -41.46 15.32
C8 NAG U . -47.35 -41.18 16.49
N2 NAG U . -45.50 -42.35 15.51
O3 NAG U . -45.88 -44.56 13.69
O4 NAG U . -43.54 -45.83 12.76
O5 NAG U . -42.17 -42.65 13.98
O6 NAG U . -41.56 -45.18 11.58
O7 NAG U . -46.62 -40.90 14.24
C1 NAG V . -16.60 -37.17 6.90
C2 NAG V . -15.35 -36.57 6.19
C3 NAG V . -14.80 -37.64 5.24
C4 NAG V . -14.39 -38.83 6.11
C5 NAG V . -15.64 -39.33 6.82
C6 NAG V . -15.31 -40.51 7.70
C7 NAG V . -15.22 -34.19 5.81
C8 NAG V . -15.71 -33.01 5.07
N2 NAG V . -15.68 -35.37 5.46
O3 NAG V . -13.69 -37.10 4.52
O4 NAG V . -13.88 -39.89 5.29
O5 NAG V . -16.22 -38.30 7.67
O6 NAG V . -16.31 -40.72 8.68
O7 NAG V . -14.41 -34.09 6.74
C1 NAG V . -12.41 -40.11 5.50
C2 NAG V . -12.03 -41.49 4.92
C3 NAG V . -10.52 -41.70 5.11
C4 NAG V . -9.81 -40.56 4.36
C5 NAG V . -10.25 -39.22 4.97
C6 NAG V . -9.56 -38.10 4.25
C7 NAG V . -13.34 -43.51 5.06
C8 NAG V . -14.09 -44.47 5.94
N2 NAG V . -12.74 -42.51 5.65
O3 NAG V . -10.11 -42.96 4.56
O4 NAG V . -8.41 -40.68 4.47
O5 NAG V . -11.68 -39.08 4.84
O6 NAG V . -8.23 -38.47 3.94
O7 NAG V . -13.30 -43.65 3.84
C1 NAG W . -18.61 -30.80 3.39
C2 NAG W . -19.37 -29.73 2.59
C3 NAG W . -20.00 -30.41 1.39
C4 NAG W . -18.93 -31.05 0.51
C5 NAG W . -18.21 -32.05 1.41
C6 NAG W . -17.10 -32.75 0.68
C7 NAG W . -20.78 -27.97 3.41
C8 NAG W . -21.86 -27.58 4.37
N2 NAG W . -20.40 -29.21 3.44
O3 NAG W . -20.73 -29.45 0.63
O4 NAG W . -19.57 -31.76 -0.57
O5 NAG W . -17.62 -31.42 2.56
O6 NAG W . -16.25 -33.42 1.59
O7 NAG W . -20.29 -27.16 2.63
C1 NAG W . -19.03 -31.39 -1.92
C2 NAG W . -19.33 -32.53 -2.93
C3 NAG W . -18.74 -32.13 -4.27
C4 NAG W . -19.41 -30.84 -4.73
C5 NAG W . -19.12 -29.78 -3.66
C6 NAG W . -19.76 -28.45 -4.02
C7 NAG W . -19.37 -34.88 -2.42
C8 NAG W . -18.65 -36.07 -1.90
N2 NAG W . -18.71 -33.75 -2.48
O3 NAG W . -18.95 -33.19 -5.22
O4 NAG W . -18.82 -30.44 -5.98
O5 NAG W . -19.65 -30.18 -2.37
O6 NAG W . -19.13 -27.88 -5.15
O7 NAG W . -20.56 -34.93 -2.77
C1 BMA W . -19.77 -30.51 -7.12
C2 BMA W . -19.25 -29.62 -8.27
C3 BMA W . -20.23 -29.69 -9.45
C4 BMA W . -20.27 -31.15 -9.88
C5 BMA W . -20.76 -32.01 -8.73
C6 BMA W . -20.77 -33.47 -9.12
O2 BMA W . -17.97 -30.11 -8.68
O3 BMA W . -19.81 -28.81 -10.52
O4 BMA W . -21.15 -31.28 -10.99
O5 BMA W . -19.88 -31.86 -7.59
O6 BMA W . -21.30 -33.65 -10.42
C1 MAN W . -20.17 -27.38 -10.29
C2 MAN W . -21.23 -26.90 -11.32
C3 MAN W . -20.67 -26.97 -12.74
C4 MAN W . -19.44 -26.06 -12.76
C5 MAN W . -18.43 -26.56 -11.73
C6 MAN W . -17.21 -25.70 -11.75
O2 MAN W . -21.60 -25.57 -11.03
O3 MAN W . -21.65 -26.52 -13.67
O4 MAN W . -18.85 -26.07 -14.04
O5 MAN W . -19.02 -26.54 -10.40
O6 MAN W . -16.81 -25.45 -13.09
C1 NAG X . 2.02 -32.33 24.27
C2 NAG X . 1.01 -33.40 23.85
C3 NAG X . 1.67 -34.36 22.84
C4 NAG X . 2.07 -33.52 21.61
C5 NAG X . 3.05 -32.47 22.12
C6 NAG X . 3.35 -31.48 21.04
C7 NAG X . -0.64 -34.15 25.42
C8 NAG X . -0.95 -34.86 26.69
N2 NAG X . 0.60 -34.13 25.03
O3 NAG X . 0.77 -35.40 22.48
O4 NAG X . 2.75 -34.33 20.63
O5 NAG X . 2.46 -31.65 23.11
O6 NAG X . 2.26 -30.55 20.98
O7 NAG X . -1.52 -33.60 24.75
C1 NAG X . 1.84 -34.89 19.57
C2 NAG X . 2.50 -34.70 18.17
C3 NAG X . 1.59 -35.32 17.11
C4 NAG X . 1.44 -36.80 17.46
C5 NAG X . 0.82 -36.92 18.84
C6 NAG X . 0.67 -38.38 19.17
C7 NAG X . 3.66 -32.81 17.21
C8 NAG X . 3.70 -31.33 16.99
N2 NAG X . 2.65 -33.29 17.90
O3 NAG X . 2.17 -35.18 15.82
O4 NAG X . 0.61 -37.45 16.50
O5 NAG X . 1.66 -36.28 19.83
O6 NAG X . 0.40 -39.11 17.99
O7 NAG X . 4.53 -33.55 16.75
C1 NAG Y . -31.24 -45.35 4.16
C2 NAG Y . -31.99 -46.35 3.27
C3 NAG Y . -30.95 -47.05 2.38
C4 NAG Y . -30.21 -46.03 1.51
C5 NAG Y . -29.54 -45.11 2.52
C6 NAG Y . -28.72 -44.06 1.84
C7 NAG Y . -33.89 -47.46 4.30
C8 NAG Y . -34.37 -48.58 5.16
N2 NAG Y . -32.59 -47.37 4.11
O3 NAG Y . -31.62 -48.01 1.56
O4 NAG Y . -29.18 -46.67 0.73
O5 NAG Y . -30.50 -44.45 3.36
O6 NAG Y . -29.55 -43.06 1.25
O7 NAG Y . -34.67 -46.67 3.79
C1 NAG Y . -29.57 -46.97 -0.69
C2 NAG Y . -28.56 -46.29 -1.66
C3 NAG Y . -28.93 -46.66 -3.10
C4 NAG Y . -28.86 -48.17 -3.22
C5 NAG Y . -29.85 -48.78 -2.24
C6 NAG Y . -29.77 -50.29 -2.33
C7 NAG Y . -27.62 -44.08 -1.75
C8 NAG Y . -27.83 -42.62 -1.55
N2 NAG Y . -28.65 -44.85 -1.53
O3 NAG Y . -28.02 -46.05 -4.01
O4 NAG Y . -29.19 -48.55 -4.55
O5 NAG Y . -29.51 -48.39 -0.89
O6 NAG Y . -29.83 -50.72 -3.68
O7 NAG Y . -26.53 -44.54 -2.09
C1 NAG Z . -48.93 20.94 3.68
C2 NAG Z . -49.37 21.30 5.11
C3 NAG Z . -49.77 20.00 5.81
C4 NAG Z . -50.96 19.41 5.04
C5 NAG Z . -50.48 19.16 3.61
C6 NAG Z . -51.59 18.71 2.70
C7 NAG Z . -48.42 23.23 6.17
C8 NAG Z . -47.33 23.85 6.96
N2 NAG Z . -48.31 21.96 5.82
O3 NAG Z . -50.08 20.28 7.18
O4 NAG Z . -51.35 18.17 5.66
O5 NAG Z . -50.01 20.36 2.97
O6 NAG Z . -51.88 19.73 1.75
O7 NAG Z . -49.42 23.88 5.84
C1 NAG Z . -52.82 18.09 6.00
C2 NAG Z . -53.31 16.63 5.83
C3 NAG Z . -54.81 16.58 6.15
C4 NAG Z . -54.97 17.06 7.59
C5 NAG Z . -54.43 18.48 7.69
C6 NAG Z . -54.63 18.98 9.10
C7 NAG Z . -52.33 15.19 4.15
C8 NAG Z . -52.21 14.83 2.70
N2 NAG Z . -53.12 16.18 4.47
O3 NAG Z . -55.30 15.25 6.01
O4 NAG Z . -56.34 17.04 7.95
O5 NAG Z . -53.03 18.53 7.34
O6 NAG Z . -55.89 18.57 9.58
O7 NAG Z . -51.70 14.57 5.02
C1 NAG AA . -49.54 13.42 -9.72
C2 NAG AA . -49.48 14.81 -10.40
C3 NAG AA . -50.91 15.32 -10.47
C4 NAG AA . -51.78 14.39 -11.28
C5 NAG AA . -51.72 13.04 -10.56
C6 NAG AA . -52.55 11.99 -11.27
C7 NAG AA . -47.58 16.23 -9.99
C8 NAG AA . -46.93 17.24 -9.09
N2 NAG AA . -48.73 15.75 -9.60
O3 NAG AA . -50.90 16.63 -11.05
O4 NAG AA . -53.12 14.91 -11.23
O5 NAG AA . -50.37 12.53 -10.46
O6 NAG AA . -52.28 10.70 -10.74
O7 NAG AA . -47.07 15.86 -11.05
C1 NAG AA . -53.76 15.00 -12.58
C2 NAG AA . -55.25 15.36 -12.38
C3 NAG AA . -55.93 15.40 -13.75
C4 NAG AA . -55.21 16.45 -14.57
C5 NAG AA . -53.73 16.06 -14.69
C6 NAG AA . -53.03 17.10 -15.53
C7 NAG AA . -56.28 14.60 -10.33
C8 NAG AA . -56.86 13.46 -9.57
N2 NAG AA . -55.86 14.35 -11.54
O3 NAG AA . -57.31 15.73 -13.60
O4 NAG AA . -55.79 16.55 -15.86
O5 NAG AA . -53.11 15.98 -13.40
O6 NAG AA . -53.88 17.54 -16.58
O7 NAG AA . -56.20 15.74 -9.85
C1 NAG BA . 4.76 41.63 6.75
C2 NAG BA . 4.59 43.11 6.38
C3 NAG BA . 5.34 43.34 5.07
C4 NAG BA . 6.83 43.02 5.34
C5 NAG BA . 6.91 41.55 5.77
C6 NAG BA . 8.30 41.13 6.15
C7 NAG BA . 2.71 44.48 6.92
C8 NAG BA . 1.25 44.72 6.85
N2 NAG BA . 3.19 43.44 6.29
O3 NAG BA . 5.16 44.69 4.64
O4 NAG BA . 7.59 43.19 4.12
O5 NAG BA . 6.13 41.33 6.94
O6 NAG BA . 8.83 41.97 7.16
O7 NAG BA . 3.46 45.23 7.55
C1 NAG BA . 8.66 44.24 4.24
C2 NAG BA . 9.79 43.93 3.23
C3 NAG BA . 10.86 45.02 3.37
C4 NAG BA . 10.20 46.36 3.06
C5 NAG BA . 9.07 46.58 4.07
C6 NAG BA . 8.42 47.90 3.77
C7 NAG BA . 10.51 41.67 2.71
C8 NAG BA . 11.10 40.40 3.22
N2 NAG BA . 10.40 42.65 3.57
O3 NAG BA . 11.93 44.78 2.45
O4 NAG BA . 11.14 47.42 3.16
O5 NAG BA . 8.09 45.53 3.96
O6 NAG BA . 9.40 48.86 3.40
O7 NAG BA . 10.14 41.80 1.54
C1 NAG CA . 1.63 44.94 -4.10
C2 NAG CA . 2.91 44.73 -4.94
C3 NAG CA . 3.25 46.09 -5.54
C4 NAG CA . 2.11 46.57 -6.46
C5 NAG CA . 0.87 46.65 -5.56
C6 NAG CA . -0.38 47.02 -6.32
C7 NAG CA . 4.69 43.22 -4.35
C8 NAG CA . 5.77 42.87 -3.38
N2 NAG CA . 3.99 44.28 -4.08
O3 NAG CA . 4.47 46.00 -6.29
O4 NAG CA . 2.45 47.92 -6.86
O5 NAG CA . 0.57 45.38 -4.93
O6 NAG CA . -0.48 46.29 -7.53
O7 NAG CA . 4.48 42.55 -5.36
C1 NAG CA . 2.24 48.16 -8.32
C2 NAG CA . 2.11 49.69 -8.56
C3 NAG CA . 1.86 49.91 -10.05
C4 NAG CA . 3.05 49.34 -10.81
C5 NAG CA . 3.15 47.85 -10.49
C6 NAG CA . 4.33 47.25 -11.22
C7 NAG CA . 1.11 51.13 -6.90
C8 NAG CA . -0.14 51.54 -6.18
N2 NAG CA . 0.98 50.20 -7.80
O3 NAG CA . 1.73 51.31 -10.30
O4 NAG CA . 2.86 49.54 -12.20
O5 NAG CA . 3.34 47.64 -9.07
O6 NAG CA . 4.27 47.54 -12.61
O7 NAG CA . 2.20 51.66 -6.65
C1 NAG DA . -24.04 33.26 24.38
C2 NAG DA . -24.04 34.70 24.96
C3 NAG DA . -23.03 34.73 26.08
C4 NAG DA . -23.44 33.73 27.17
C5 NAG DA . -23.48 32.37 26.47
C6 NAG DA . -23.88 31.27 27.43
C7 NAG DA . -24.44 36.31 23.21
C8 NAG DA . -23.86 37.22 22.18
N2 NAG DA . -23.60 35.63 23.94
O3 NAG DA . -22.98 36.06 26.61
O4 NAG DA . -22.41 33.70 28.17
O5 NAG DA . -24.42 32.32 25.37
O6 NAG DA . -24.66 30.30 26.75
O7 NAG DA . -25.65 36.21 23.36
C1 NAG DA . -22.91 34.07 29.53
C2 NAG DA . -21.96 33.44 30.58
C3 NAG DA . -22.46 33.81 31.98
C4 NAG DA . -22.46 35.33 32.07
C5 NAG DA . -23.38 35.88 31.00
C6 NAG DA . -23.39 37.39 31.09
C7 NAG DA . -20.93 31.29 30.18
C8 NAG DA . -21.12 29.82 30.02
N2 NAG DA . -22.00 32.00 30.43
O3 NAG DA . -21.59 33.25 32.96
O4 NAG DA . -22.90 35.75 33.35
O5 NAG DA . -22.93 35.49 29.68
O6 NAG DA . -23.34 37.78 32.46
O7 NAG DA . -19.83 31.82 30.07
C1 NAG EA . -31.33 37.67 20.56
C2 NAG EA . -31.85 37.22 21.96
C3 NAG EA . -33.34 37.50 22.03
C4 NAG EA . -33.56 39.01 21.89
C5 NAG EA . -33.02 39.38 20.51
C6 NAG EA . -33.16 40.86 20.26
C7 NAG EA . -31.02 34.86 21.69
C8 NAG EA . -31.03 33.51 22.33
N2 NAG EA . -31.67 35.80 22.33
O3 NAG EA . -33.87 37.02 23.26
O4 NAG EA . -34.98 39.32 21.97
O5 NAG EA . -31.62 39.05 20.42
O6 NAG EA . -32.76 41.63 21.38
O7 NAG EA . -30.42 35.03 20.64
C1 NAG EA . -35.26 40.30 23.07
C2 NAG EA . -36.55 41.09 22.78
C3 NAG EA . -36.71 42.11 23.90
C4 NAG EA . -36.84 41.40 25.26
C5 NAG EA . -35.55 40.56 25.39
C6 NAG EA . -35.54 39.75 26.65
C7 NAG EA . -37.38 41.62 20.57
C8 NAG EA . -37.15 42.25 19.23
N2 NAG EA . -36.44 41.75 21.50
O3 NAG EA . -37.86 42.91 23.65
O4 NAG EA . -36.84 42.44 26.28
O5 NAG EA . -35.37 39.62 24.32
O6 NAG EA . -36.72 38.97 26.74
O7 NAG EA . -38.42 41.01 20.83
C1 BMA EA . -37.93 42.37 27.32
C2 BMA EA . -39.11 43.30 26.93
C3 BMA EA . -40.11 43.34 28.09
C4 BMA EA . -40.59 41.90 28.31
C5 BMA EA . -39.38 41.04 28.64
C6 BMA EA . -39.80 39.63 28.94
O2 BMA EA . -39.76 42.82 25.76
O3 BMA EA . -41.22 44.18 27.76
O4 BMA EA . -41.51 41.84 29.38
O5 BMA EA . -38.39 41.05 27.57
O6 BMA EA . -40.98 39.65 29.74
C1 NAG FA . -21.79 50.88 0.76
C2 NAG FA . -21.50 52.38 0.52
C3 NAG FA . -22.74 52.97 -0.16
C4 NAG FA . -22.95 52.26 -1.51
C5 NAG FA . -23.15 50.77 -1.17
C6 NAG FA . -23.38 49.91 -2.38
C7 NAG FA . -20.45 54.05 1.91
C8 NAG FA . -20.28 54.64 3.28
N2 NAG FA . -21.26 53.02 1.80
O3 NAG FA . -22.57 54.37 -0.36
O4 NAG FA . -24.14 52.77 -2.15
O5 NAG FA . -22.01 50.22 -0.49
O6 NAG FA . -22.39 50.13 -3.38
O7 NAG FA . -19.86 54.50 0.92
C1 NAG FA . -23.91 53.22 -3.56
C2 NAG FA . -25.25 53.20 -4.33
C3 NAG FA . -25.01 53.63 -5.77
C4 NAG FA . -24.44 55.05 -5.73
C5 NAG FA . -23.14 55.01 -4.93
C6 NAG FA . -22.56 56.41 -4.89
C7 NAG FA . -27.01 51.58 -3.93
C8 NAG FA . -27.42 50.14 -3.95
N2 NAG FA . -25.80 51.86 -4.34
O3 NAG FA . -26.24 53.63 -6.51
O4 NAG FA . -24.18 55.53 -7.03
O5 NAG FA . -23.37 54.54 -3.57
O6 NAG FA . -22.80 57.05 -6.13
O7 NAG FA . -27.77 52.47 -3.54
C1 NAG GA . -29.87 42.52 5.16
C2 NAG GA . -30.36 42.35 3.70
C3 NAG GA . -30.51 43.77 3.18
C4 NAG GA . -31.52 44.58 4.01
C5 NAG GA . -30.95 44.58 5.43
C6 NAG GA . -31.85 45.25 6.44
C7 NAG GA . -29.30 40.39 2.74
C8 NAG GA . -28.10 39.83 2.03
N2 NAG GA . -29.32 41.68 2.94
O3 NAG GA . -30.94 43.72 1.82
O4 NAG GA . -31.49 45.90 3.44
O5 NAG GA . -30.79 43.25 5.95
O6 NAG GA . -31.42 45.00 7.76
O7 NAG GA . -30.24 39.66 3.09
C1 NAG GA . -32.80 46.61 3.46
C2 NAG GA . -32.55 48.14 3.52
C3 NAG GA . -33.89 48.86 3.60
C4 NAG GA . -34.67 48.48 2.34
C5 NAG GA . -34.85 46.97 2.30
C6 NAG GA . -35.64 46.60 1.07
C7 NAG GA . -30.46 48.66 4.63
C8 NAG GA . -29.75 48.86 5.93
N2 NAG GA . -31.76 48.44 4.70
O3 NAG GA . -33.69 50.27 3.66
O4 NAG GA . -35.94 49.11 2.33
O5 NAG GA . -33.57 46.29 2.29
O6 NAG GA . -36.62 47.60 0.80
O7 NAG GA . -29.86 48.70 3.56
C1 NAG HA . -26.97 50.23 11.40
C2 NAG HA . -27.26 49.81 12.85
C3 NAG HA . -28.75 49.86 13.13
C4 NAG HA . -29.16 51.32 12.96
C5 NAG HA . -28.78 51.73 11.53
C6 NAG HA . -29.15 53.17 11.28
C7 NAG HA . -26.11 48.28 14.27
C8 NAG HA . -25.50 46.95 14.48
N2 NAG HA . -26.71 48.50 13.12
O3 NAG HA . -29.01 49.36 14.45
O4 NAG HA . -30.59 51.46 13.10
O5 NAG HA . -27.37 51.59 11.23
O6 NAG HA . -28.63 53.61 10.03
O7 NAG HA . -26.07 49.15 15.13
C1 NAG HA . -31.02 51.99 14.43
C2 NAG HA . -32.49 52.47 14.33
C3 NAG HA . -32.94 52.99 15.71
C4 NAG HA . -32.82 51.84 16.69
C5 NAG HA . -31.36 51.37 16.74
C6 NAG HA . -31.22 50.20 17.68
C7 NAG HA . -33.27 53.44 12.24
C8 NAG HA . -33.20 54.59 11.29
N2 NAG HA . -32.55 53.54 13.34
O3 NAG HA . -34.30 53.45 15.64
O4 NAG HA . -33.26 52.25 17.97
O5 NAG HA . -30.94 50.96 15.42
O6 NAG HA . -32.33 50.13 18.56
O7 NAG HA . -33.96 52.45 12.01
C1 NAG IA . -14.55 30.87 23.25
C2 NAG IA . -13.92 29.46 23.46
C3 NAG IA . -14.24 29.01 24.87
C4 NAG IA . -13.58 30.02 25.82
C5 NAG IA . -14.20 31.39 25.52
C6 NAG IA . -13.59 32.44 26.42
C7 NAG IA . -13.68 27.98 21.57
C8 NAG IA . -14.32 27.09 20.56
N2 NAG IA . -14.44 28.51 22.50
O3 NAG IA . -13.73 27.68 25.09
O4 NAG IA . -13.85 29.68 27.19
O5 NAG IA . -13.97 31.80 24.16
O6 NAG IA . -13.80 33.74 25.91
O7 NAG IA . -12.46 28.21 21.53
C1 NAG IA . -12.62 29.24 27.92
C2 NAG IA . -12.89 29.29 29.44
C3 NAG IA . -11.64 28.80 30.17
C4 NAG IA . -11.36 27.37 29.70
C5 NAG IA . -11.12 27.39 28.19
C6 NAG IA . -10.85 25.98 27.71
C7 NAG IA . -14.15 30.99 30.60
C8 NAG IA . -14.34 32.45 30.86
N2 NAG IA . -13.16 30.66 29.81
O3 NAG IA . -11.86 28.82 31.59
O4 NAG IA . -10.23 26.83 30.35
O5 NAG IA . -12.29 27.90 27.52
O6 NAG IA . -10.06 25.30 28.66
O7 NAG IA . -14.88 30.13 31.10
C1 NAG JA . -17.25 26.19 17.98
C2 NAG JA . -18.16 25.46 16.98
C3 NAG JA . -19.49 25.21 17.66
C4 NAG JA . -19.29 24.35 18.91
C5 NAG JA . -18.34 25.15 19.80
C6 NAG JA . -18.04 24.42 21.07
C7 NAG JA . -18.47 25.89 14.63
C8 NAG JA . -18.66 26.93 13.57
N2 NAG JA . -18.36 26.33 15.85
O3 NAG JA . -20.36 24.54 16.75
O4 NAG JA . -20.56 24.21 19.58
O5 NAG JA . -17.08 25.41 19.15
O6 NAG JA . -16.92 25.00 21.72
O7 NAG JA . -18.43 24.69 14.36
C1 NAG JA . -20.91 22.78 19.88
C2 NAG JA . -21.93 22.73 21.04
C3 NAG JA . -22.24 21.27 21.34
C4 NAG JA . -22.83 20.63 20.08
C5 NAG JA . -21.79 20.77 18.97
C6 NAG JA . -22.28 20.18 17.67
C7 NAG JA . -22.03 24.25 22.89
C8 NAG JA . -21.34 24.85 24.07
N2 NAG JA . -21.37 23.34 22.22
O3 NAG JA . -23.14 21.18 22.44
O4 NAG JA . -23.07 19.24 20.35
O5 NAG JA . -21.47 22.16 18.71
O6 NAG JA . -22.40 18.78 17.77
O7 NAG JA . -23.17 24.59 22.57
C1 BMA JA . -24.52 18.89 20.37
C2 BMA JA . -24.67 17.37 20.15
C3 BMA JA . -26.16 17.01 20.15
C4 BMA JA . -26.69 17.41 21.53
C5 BMA JA . -26.50 18.91 21.73
C6 BMA JA . -26.98 19.32 23.10
O2 BMA JA . -24.01 16.69 21.20
O3 BMA JA . -26.35 15.60 19.90
O4 BMA JA . -28.06 17.08 21.61
O5 BMA JA . -25.10 19.25 21.62
O6 BMA JA . -28.22 18.71 23.43
C1 MAN JA . -26.26 15.25 18.43
C2 MAN JA . -27.64 14.78 17.90
C3 MAN JA . -28.09 13.50 18.61
C4 MAN JA . -27.00 12.46 18.32
C5 MAN JA . -25.67 12.97 18.87
C6 MAN JA . -24.59 11.95 18.62
O2 MAN JA . -27.54 14.53 16.50
O3 MAN JA . -29.35 13.07 18.09
O4 MAN JA . -27.32 11.23 18.95
O5 MAN JA . -25.31 14.22 18.22
O6 MAN JA . -25.06 10.65 18.97
C1 NAG KA . 11.27 32.36 21.53
C2 NAG KA . 10.05 33.05 22.17
C3 NAG KA . 9.80 32.46 23.56
C4 NAG KA . 9.50 30.97 23.37
C5 NAG KA . 10.73 30.36 22.71
C6 NAG KA . 10.46 28.95 22.30
C7 NAG KA . 9.62 35.37 21.67
C8 NAG KA . 10.04 36.78 21.78
N2 NAG KA . 10.35 34.47 22.27
O3 NAG KA . 8.72 33.13 24.20
O4 NAG KA . 9.30 30.30 24.64
O5 NAG KA . 11.02 30.98 21.46
O6 NAG KA . 9.73 28.98 21.07
O7 NAG KA . 8.62 35.02 21.04
C1 NAG KA . 7.86 30.23 25.07
C2 NAG KA . 7.55 28.79 25.58
C3 NAG KA . 6.09 28.75 26.06
C4 NAG KA . 5.96 29.78 27.17
C5 NAG KA . 6.30 31.15 26.61
C6 NAG KA . 6.15 32.17 27.71
C7 NAG KA . 8.15 26.62 24.71
C8 NAG KA . 8.29 25.74 23.51
N2 NAG KA . 7.71 27.84 24.51
O3 NAG KA . 5.78 27.45 26.56
O4 NAG KA . 4.63 29.80 27.67
O5 NAG KA . 7.66 31.18 26.12
O6 NAG KA . 5.11 31.78 28.59
O7 NAG KA . 8.43 26.22 25.85
C1 NAG LA . -28.88 39.81 25.13
C2 NAG LA . -30.16 39.98 25.95
C3 NAG LA . -30.01 39.17 27.24
C4 NAG LA . -29.80 37.69 26.93
C5 NAG LA . -28.52 37.67 26.11
C6 NAG LA . -28.14 36.27 25.74
C7 NAG LA . -31.18 42.19 25.83
C8 NAG LA . -31.21 43.59 26.34
N2 NAG LA . -30.28 41.37 26.33
O3 NAG LA . -31.19 39.35 28.04
O4 NAG LA . -29.58 36.92 28.14
O5 NAG LA . -28.65 38.43 24.89
O6 NAG LA . -28.98 35.76 24.72
O7 NAG LA . -31.98 41.80 24.98
C1 NAG LA . -30.80 36.21 28.65
C2 NAG LA . -30.50 34.69 28.76
C3 NAG LA . -31.72 33.99 29.35
C4 NAG LA . -31.98 34.59 30.73
C5 NAG LA . -32.25 36.09 30.56
C6 NAG LA . -32.48 36.70 31.92
C7 NAG LA . -29.47 33.11 27.26
C8 NAG LA . -29.28 32.65 25.86
N2 NAG LA . -30.26 34.14 27.45
O3 NAG LA . -31.48 32.59 29.48
O4 NAG LA . -33.11 33.95 31.32
O5 NAG LA . -31.10 36.73 29.95
O6 NAG LA . -33.42 35.94 32.66
O7 NAG LA . -28.91 32.56 28.21
C1 NAG MA . -32.43 16.14 -39.17
C2 NAG MA . -31.84 17.22 -40.08
C3 NAG MA . -31.92 18.55 -39.33
C4 NAG MA . -33.41 18.84 -39.09
C5 NAG MA . -33.95 17.68 -38.25
C6 NAG MA . -35.43 17.76 -38.05
C7 NAG MA . -30.15 16.62 -41.68
C8 NAG MA . -28.72 16.38 -42.00
N2 NAG MA . -30.48 16.92 -40.44
O3 NAG MA . -31.27 19.58 -40.10
O4 NAG MA . -33.54 20.09 -38.35
O5 NAG MA . -33.79 16.41 -38.91
O6 NAG MA . -36.09 16.72 -38.76
O7 NAG MA . -31.03 16.54 -42.55
C1 NAG MA . -34.48 21.08 -38.98
C2 NAG MA . -35.19 21.89 -37.87
C3 NAG MA . -36.16 22.86 -38.55
C4 NAG MA . -35.34 23.77 -39.45
C5 NAG MA . -34.64 22.90 -40.49
C6 NAG MA . -33.85 23.79 -41.41
C7 NAG MA . -35.69 20.87 -35.73
C8 NAG MA . -36.53 19.92 -34.95
N2 NAG MA . -35.95 21.01 -37.01
O3 NAG MA . -36.84 23.63 -37.55
O4 NAG MA . -36.18 24.71 -40.12
O5 NAG MA . -33.75 21.95 -39.85
O6 NAG MA . -34.60 24.96 -41.72
O7 NAG MA . -34.76 21.51 -35.20
C1 NAG NA . -42.26 10.20 -28.96
C2 NAG NA . -42.41 9.00 -29.93
C3 NAG NA . -43.48 9.38 -30.94
C4 NAG NA . -44.81 9.66 -30.25
C5 NAG NA . -44.53 10.81 -29.27
C6 NAG NA . -45.77 11.19 -28.50
C7 NAG NA . -40.46 7.71 -30.51
C8 NAG NA . -39.25 7.57 -31.38
N2 NAG NA . -41.19 8.77 -30.67
O3 NAG NA . -43.63 8.33 -31.89
O4 NAG NA . -45.73 10.08 -31.25
O5 NAG NA . -43.51 10.47 -28.31
O6 NAG NA . -45.44 12.06 -27.43
O7 NAG NA . -40.78 6.86 -29.66
C1 NAG NA . -47.04 9.36 -31.19
C2 NAG NA . -48.01 10.05 -32.17
C3 NAG NA . -49.37 9.36 -32.08
C4 NAG NA . -49.14 7.89 -32.46
C5 NAG NA . -48.14 7.28 -31.48
C6 NAG NA . -47.94 5.83 -31.84
C7 NAG NA . -47.68 12.42 -32.55
C8 NAG NA . -47.85 13.80 -32.03
N2 NAG NA . -48.14 11.44 -31.80
O3 NAG NA . -50.30 9.96 -32.99
O4 NAG NA . -50.37 7.17 -32.40
O5 NAG NA . -46.87 7.98 -31.54
O6 NAG NA . -49.17 5.26 -32.25
O7 NAG NA . -47.15 12.19 -33.64
C1 NAG OA . 14.40 -17.29 -35.99
C2 NAG OA . 14.28 -18.19 -37.23
C3 NAG OA . 14.09 -19.63 -36.73
C4 NAG OA . 15.36 -20.00 -35.92
C5 NAG OA . 15.46 -19.01 -34.76
C6 NAG OA . 16.70 -19.20 -33.93
C7 NAG OA . 13.36 -17.56 -39.33
C8 NAG OA . 12.22 -17.02 -40.12
N2 NAG OA . 13.18 -17.74 -38.05
O3 NAG OA . 13.90 -20.51 -37.84
O4 NAG OA . 15.23 -21.34 -35.39
O5 NAG OA . 15.53 -17.67 -35.23
O6 NAG OA . 17.86 -19.10 -34.73
O7 NAG OA . 14.44 -17.82 -39.85
C1 NAG OA . 16.30 -22.27 -35.90
C2 NAG OA . 16.52 -23.40 -34.87
C3 NAG OA . 17.60 -24.33 -35.41
C4 NAG OA . 17.11 -24.89 -36.75
C5 NAG OA . 16.88 -23.71 -37.70
C6 NAG OA . 16.41 -24.25 -39.02
C7 NAG OA . 16.40 -23.04 -32.47
C8 NAG OA . 16.97 -22.34 -31.28
N2 NAG OA . 16.99 -22.83 -33.62
O3 NAG OA . 17.83 -25.41 -34.50
O4 NAG OA . 18.07 -25.77 -37.31
O5 NAG OA . 15.89 -22.82 -37.16
O6 NAG OA . 17.10 -25.45 -39.34
O7 NAG OA . 15.41 -23.78 -32.38
C1 NAG PA . 5.87 -25.35 -36.91
C2 NAG PA . 6.32 -26.48 -35.95
C3 NAG PA . 6.43 -27.74 -36.81
C4 NAG PA . 5.07 -28.10 -37.43
C5 NAG PA . 4.66 -26.87 -38.26
C6 NAG PA . 3.28 -27.01 -38.86
C7 NAG PA . 7.82 -26.19 -34.10
C8 NAG PA . 9.20 -25.82 -33.64
N2 NAG PA . 7.61 -26.15 -35.38
O3 NAG PA . 6.90 -28.82 -36.01
O4 NAG PA . 5.29 -29.21 -38.32
O5 NAG PA . 4.61 -25.67 -37.47
O6 NAG PA . 2.34 -27.50 -37.91
O7 NAG PA . 6.93 -26.50 -33.30
C1 NAG PA . 4.28 -30.29 -38.18
C2 NAG PA . 4.27 -31.13 -39.48
C3 NAG PA . 3.21 -32.22 -39.34
C4 NAG PA . 3.57 -33.07 -38.13
C5 NAG PA . 3.60 -32.18 -36.89
C6 NAG PA . 3.98 -32.98 -35.68
C7 NAG PA . 4.74 -30.12 -41.64
C8 NAG PA . 4.27 -29.20 -42.71
N2 NAG PA . 3.93 -30.28 -40.60
O3 NAG PA . 3.17 -33.02 -40.52
O4 NAG PA . 2.60 -34.10 -37.96
O5 NAG PA . 4.58 -31.12 -37.06
O6 NAG PA . 3.13 -34.12 -35.54
O7 NAG PA . 5.82 -30.73 -41.71
C1 NAG QA . 1.48 13.50 -45.77
C2 NAG QA . 2.06 13.22 -47.18
C3 NAG QA . 3.53 13.56 -47.12
C4 NAG QA . 3.72 15.02 -46.75
C5 NAG QA . 3.05 15.19 -45.39
C6 NAG QA . 3.14 16.60 -44.89
C7 NAG QA . 0.94 11.35 -48.22
C8 NAG QA . 0.90 9.88 -48.46
N2 NAG QA . 1.93 11.82 -47.51
O3 NAG QA . 4.11 13.28 -48.40
O4 NAG QA . 5.13 15.28 -46.61
O5 NAG QA . 1.64 14.85 -45.40
O6 NAG QA . 1.98 16.95 -44.17
O7 NAG QA . 0.08 12.09 -48.65
C1 NAG QA . 5.63 16.35 -47.53
C2 NAG QA . 6.90 16.96 -46.92
C3 NAG QA . 7.43 18.05 -47.85
C4 NAG QA . 7.72 17.38 -49.18
C5 NAG QA . 6.44 16.78 -49.72
C6 NAG QA . 6.73 16.14 -51.05
C7 NAG QA . 7.11 17.20 -44.52
C8 NAG QA . 6.65 17.88 -43.27
N2 NAG QA . 6.55 17.56 -45.64
O3 NAG QA . 8.61 18.62 -47.31
O4 NAG QA . 8.23 18.33 -50.11
O5 NAG QA . 5.93 15.78 -48.81
O6 NAG QA . 7.67 16.92 -51.77
O7 NAG QA . 8.00 16.33 -44.48
C1 NAG RA . -5.82 12.07 -51.41
C2 NAG RA . -5.43 13.56 -51.66
C3 NAG RA . -6.51 14.20 -52.53
C4 NAG RA . -6.53 13.47 -53.88
C5 NAG RA . -6.89 12.02 -53.58
C6 NAG RA . -6.91 11.19 -54.83
C7 NAG RA . -5.33 14.10 -49.20
C8 NAG RA . -5.16 15.22 -48.24
N2 NAG RA . -5.30 14.42 -50.47
O3 NAG RA . -6.25 15.58 -52.70
O4 NAG RA . -7.52 14.05 -54.74
O5 NAG RA . -5.91 11.43 -52.68
O6 NAG RA . -5.80 11.46 -55.67
O7 NAG RA . -5.48 12.96 -48.79
C1 NAG RA . -6.92 14.54 -56.04
C2 NAG RA . -7.98 14.57 -57.16
C3 NAG RA . -7.25 14.98 -58.44
C4 NAG RA . -6.63 16.38 -58.29
C5 NAG RA . -5.68 16.25 -57.08
C6 NAG RA . -5.03 17.57 -56.74
C7 NAG RA . -9.88 13.08 -57.31
C8 NAG RA . -10.41 11.69 -57.36
N2 NAG RA . -8.57 13.25 -57.30
O3 NAG RA . -8.18 14.96 -59.52
O4 NAG RA . -5.85 16.62 -59.48
O5 NAG RA . -6.35 15.82 -55.87
O6 NAG RA . -6.02 18.57 -56.56
O7 NAG RA . -10.62 14.07 -57.27
C1 BMA RA . -6.06 17.94 -60.18
C2 BMA RA . -7.08 17.77 -61.36
C3 BMA RA . -7.15 19.09 -62.13
C4 BMA RA . -7.60 20.17 -61.15
C5 BMA RA . -6.59 20.25 -60.01
C6 BMA RA . -6.97 21.35 -59.06
O2 BMA RA . -8.37 17.47 -60.85
O3 BMA RA . -8.07 18.97 -63.21
O4 BMA RA . -7.68 21.44 -61.80
O5 BMA RA . -6.49 18.98 -59.30
O6 BMA RA . -7.39 22.49 -59.78
C1 NAG SA . -8.41 -13.40 -53.05
C2 NAG SA . -8.09 -14.43 -54.16
C3 NAG SA . -9.38 -14.61 -54.96
C4 NAG SA . -10.48 -15.16 -54.03
C5 NAG SA . -10.66 -14.10 -52.94
C6 NAG SA . -11.71 -14.48 -51.92
C7 NAG SA . -6.16 -14.71 -55.58
C8 NAG SA . -5.11 -14.08 -56.42
N2 NAG SA . -7.02 -13.91 -55.00
O3 NAG SA . -9.15 -15.51 -56.04
O4 NAG SA . -11.71 -15.30 -54.78
O5 NAG SA . -9.44 -13.89 -52.21
O6 NAG SA . -11.51 -15.79 -51.43
O7 NAG SA . -6.23 -15.93 -55.43
C1 NAG SA . -12.32 -16.67 -54.65
C2 NAG SA . -13.83 -16.58 -54.96
C3 NAG SA . -14.46 -17.96 -54.81
C4 NAG SA . -13.77 -18.88 -55.80
C5 NAG SA . -12.27 -18.91 -55.48
C6 NAG SA . -11.58 -19.82 -56.46
C7 NAG SA . -15.20 -14.67 -54.40
C8 NAG SA . -15.76 -13.79 -53.32
N2 NAG SA . -14.47 -15.69 -54.01
O3 NAG SA . -15.86 -17.91 -55.08
O4 NAG SA . -14.29 -20.20 -55.72
O5 NAG SA . -11.70 -17.58 -55.57
O6 NAG SA . -12.43 -20.94 -56.74
O7 NAG SA . -15.41 -14.44 -55.60
C1 NAG TA . -13.32 -2.27 -50.44
C2 NAG TA . -14.61 -3.02 -50.06
C3 NAG TA . -14.82 -4.01 -51.20
C4 NAG TA . -14.98 -3.32 -52.55
C5 NAG TA . -13.66 -2.53 -52.74
C6 NAG TA . -13.64 -1.70 -53.99
C7 NAG TA . -14.69 -3.30 -47.65
C8 NAG TA . -14.28 -4.12 -46.47
N2 NAG TA . -14.37 -3.76 -48.84
O3 NAG TA . -16.00 -4.79 -50.92
O4 NAG TA . -15.09 -4.38 -53.51
O5 NAG TA . -13.43 -1.60 -51.68
O6 NAG TA . -12.53 -0.81 -53.99
O7 NAG TA . -15.30 -2.25 -47.51
C1 NAG TA . -15.99 -4.08 -54.66
C2 NAG TA . -15.51 -4.89 -55.91
C3 NAG TA . -16.39 -4.54 -57.09
C4 NAG TA . -17.82 -4.90 -56.71
C5 NAG TA . -18.21 -4.11 -55.47
C6 NAG TA . -19.64 -4.47 -55.11
C7 NAG TA . -13.12 -5.32 -55.82
C8 NAG TA . -11.74 -4.81 -56.10
N2 NAG TA . -14.12 -4.55 -56.19
O3 NAG TA . -15.97 -5.26 -58.25
O4 NAG TA . -18.71 -4.61 -57.77
O5 NAG TA . -17.35 -4.42 -54.35
O6 NAG TA . -20.41 -4.67 -56.29
O7 NAG TA . -13.31 -6.42 -55.30
C1 NAG UA . -6.05 -2.79 -57.76
C2 NAG UA . -5.45 -1.38 -57.94
C3 NAG UA . -6.42 -0.47 -58.68
C4 NAG UA . -6.61 -1.10 -60.07
C5 NAG UA . -7.13 -2.53 -59.83
C6 NAG UA . -7.34 -3.23 -61.14
C7 NAG UA . -3.93 -0.15 -56.57
C8 NAG UA . -3.53 0.35 -55.24
N2 NAG UA . -5.05 -0.80 -56.68
O3 NAG UA . -5.89 0.85 -58.75
O4 NAG UA . -7.61 -0.38 -60.80
O5 NAG UA . -6.23 -3.36 -59.05
O6 NAG UA . -7.62 -4.61 -60.95
O7 NAG UA . -3.24 0.04 -57.57
C1 NAG UA . -7.05 0.55 -61.84
C2 NAG UA . -8.18 0.95 -62.82
C3 NAG UA . -7.61 1.92 -63.86
C4 NAG UA . -7.10 3.14 -63.10
C5 NAG UA . -6.00 2.70 -62.13
C6 NAG UA . -5.51 3.88 -61.33
C7 NAG UA . -9.90 -0.68 -63.36
C8 NAG UA . -10.25 -1.96 -64.04
N2 NAG UA . -8.66 -0.26 -63.48
O3 NAG UA . -8.63 2.31 -64.80
O4 NAG UA . -6.58 4.10 -64.02
O5 NAG UA . -6.55 1.73 -61.21
O6 NAG UA . -5.83 5.11 -61.98
O7 NAG UA . -10.74 -0.04 -62.72
C1 NAG VA . 7.78 9.26 -39.48
C2 NAG VA . 8.17 9.77 -38.07
C3 NAG VA . 8.71 11.19 -38.23
C4 NAG VA . 9.96 11.08 -39.11
C5 NAG VA . 9.52 10.50 -40.46
C6 NAG VA . 10.70 10.36 -41.38
C7 NAG VA . 6.97 8.99 -36.13
C8 NAG VA . 5.72 8.98 -35.33
N2 NAG VA . 7.03 9.78 -37.18
O3 NAG VA . 9.03 11.74 -36.94
O4 NAG VA . 10.53 12.38 -39.34
O5 NAG VA . 8.92 9.19 -40.31
O6 NAG VA . 10.43 9.47 -42.45
O7 NAG VA . 7.93 8.27 -35.83
C1 NAG VA . 11.87 12.53 -38.67
C2 NAG VA . 12.59 13.76 -39.28
C3 NAG VA . 13.94 13.93 -38.56
C4 NAG VA . 13.63 14.14 -37.08
C5 NAG VA . 12.90 12.91 -36.54
C6 NAG VA . 12.60 13.10 -35.08
C7 NAG VA . 12.59 14.40 -41.61
C8 NAG VA . 12.83 13.98 -43.02
N2 NAG VA . 12.82 13.50 -40.68
O3 NAG VA . 14.63 15.07 -39.08
O4 NAG VA . 14.83 14.33 -36.34
O5 NAG VA . 11.67 12.73 -37.27
O6 NAG VA . 13.69 13.75 -34.44
O7 NAG VA . 12.19 15.53 -41.31
C1 NAG WA . 1.73 8.91 -34.98
C2 NAG WA . 0.29 8.97 -34.43
C3 NAG WA . -0.37 10.23 -34.96
C4 NAG WA . 0.41 11.47 -34.51
C5 NAG WA . 1.83 11.28 -35.07
C6 NAG WA . 2.72 12.42 -34.70
C7 NAG WA . -1.32 7.19 -34.24
C8 NAG WA . -1.94 6.01 -34.90
N2 NAG WA . -0.41 7.83 -34.93
O3 NAG WA . -1.70 10.31 -34.47
O4 NAG WA . -0.18 12.64 -35.11
O5 NAG WA . 2.45 10.07 -34.59
O6 NAG WA . 4.08 12.08 -34.93
O7 NAG WA . -1.64 7.55 -33.12
C1 NAG WA . -0.50 13.70 -34.11
C2 NAG WA . -0.59 15.08 -34.82
C3 NAG WA . -0.87 16.14 -33.78
C4 NAG WA . -2.20 15.81 -33.10
C5 NAG WA . -2.05 14.42 -32.46
C6 NAG WA . -3.32 13.99 -31.77
C7 NAG WA . 0.71 15.75 -36.73
C8 NAG WA . 2.06 16.00 -37.31
N2 NAG WA . 0.66 15.38 -35.47
O3 NAG WA . -0.92 17.43 -34.40
O4 NAG WA . -2.45 16.78 -32.08
O5 NAG WA . -1.74 13.42 -33.46
O6 NAG WA . -3.58 14.79 -30.63
O7 NAG WA . -0.33 15.90 -37.39
C1 BMA WA . -3.62 17.66 -32.37
C2 BMA WA . -4.11 18.31 -31.05
C3 BMA WA . -5.32 19.19 -31.35
C4 BMA WA . -4.83 20.27 -32.32
C5 BMA WA . -4.32 19.61 -33.61
C6 BMA WA . -3.78 20.64 -34.56
O2 BMA WA . -3.05 19.09 -30.51
O3 BMA WA . -5.85 19.77 -30.14
O4 BMA WA . -5.89 21.15 -32.63
O5 BMA WA . -3.24 18.69 -33.29
O6 BMA WA . -4.65 21.77 -34.63
C1 MAN WA . -6.73 18.82 -29.37
C2 MAN WA . -8.20 19.32 -29.37
C3 MAN WA . -8.31 20.67 -28.65
C4 MAN WA . -7.81 20.44 -27.22
C5 MAN WA . -6.36 19.95 -27.29
C6 MAN WA . -5.83 19.74 -25.89
O2 MAN WA . -9.01 18.37 -28.69
O3 MAN WA . -9.67 21.11 -28.64
O4 MAN WA . -7.86 21.64 -26.48
O5 MAN WA . -6.28 18.71 -28.02
O6 MAN WA . -6.19 20.85 -25.07
C1 NAG XA . 27.01 -5.11 -29.71
C2 NAG XA . 26.56 -4.39 -30.99
C3 NAG XA . 27.12 -2.98 -31.00
C4 NAG XA . 26.53 -2.25 -29.77
C5 NAG XA . 26.99 -3.03 -28.54
C6 NAG XA . 26.30 -2.54 -27.32
C7 NAG XA . 26.29 -5.66 -33.01
C8 NAG XA . 26.90 -6.46 -34.11
N2 NAG XA . 27.08 -5.14 -32.12
O3 NAG XA . 26.78 -2.29 -32.20
O4 NAG XA . 27.04 -0.91 -29.66
O5 NAG XA . 26.55 -4.38 -28.60
O6 NAG XA . 25.00 -3.09 -27.28
O7 NAG XA . 25.07 -5.48 -32.94
C1 NAG XA . 26.19 0.14 -30.31
C2 NAG XA . 26.02 1.36 -29.35
C3 NAG XA . 25.19 2.43 -30.04
C4 NAG XA . 25.91 2.81 -31.33
C5 NAG XA . 26.05 1.57 -32.20
C6 NAG XA . 26.78 1.97 -33.46
C7 NAG XA . 25.62 1.47 -26.96
C8 NAG XA . 24.86 0.95 -25.79
N2 NAG XA . 25.35 0.94 -28.14
O3 NAG XA . 25.04 3.56 -29.20
O4 NAG XA . 25.20 3.81 -32.03
O5 NAG XA . 26.81 0.56 -31.53
O6 NAG XA . 26.44 3.31 -33.81
O7 NAG XA . 26.46 2.36 -26.85
C1 NAG YA . -0.79 13.22 -53.61
C2 NAG YA . -1.25 14.36 -54.54
C3 NAG YA . -0.48 15.62 -54.16
C4 NAG YA . -0.74 16.01 -52.71
C5 NAG YA . -0.25 14.80 -51.91
C6 NAG YA . -0.40 15.01 -50.44
C7 NAG YA . -1.77 13.70 -56.82
C8 NAG YA . -1.26 13.42 -58.19
N2 NAG YA . -0.89 14.03 -55.90
O3 NAG YA . -0.87 16.68 -55.03
O4 NAG YA . 0.05 17.15 -52.31
O5 NAG YA . -0.96 13.60 -52.25
O6 NAG YA . -1.76 14.91 -50.04
O7 NAG YA . -2.96 13.64 -56.57
C1 NAG YA . -0.70 18.45 -52.34
C2 NAG YA . -0.64 19.12 -50.95
C3 NAG YA . -1.34 20.48 -51.01
C4 NAG YA . -0.60 21.33 -52.04
C5 NAG YA . -0.67 20.61 -53.40
C6 NAG YA . 0.07 21.42 -54.42
C7 NAG YA . -1.00 18.29 -48.72
C8 NAG YA . -1.79 17.38 -47.82
N2 NAG YA . -1.34 18.30 -49.98
O3 NAG YA . -1.29 21.12 -49.74
O4 NAG YA . -1.22 22.60 -52.14
O5 NAG YA . -0.05 19.31 -53.29
O6 NAG YA . -0.32 22.79 -54.37
O7 NAG YA . -0.08 18.98 -48.29
C1 NAG ZA . 10.74 -29.27 32.06
C2 NAG ZA . 11.85 -29.29 30.97
C3 NAG ZA . 12.68 -30.56 31.22
C4 NAG ZA . 13.26 -30.48 32.63
C5 NAG ZA . 12.12 -30.40 33.63
C6 NAG ZA . 12.66 -30.30 35.03
C7 NAG ZA . 11.93 -29.07 28.57
C8 NAG ZA . 11.17 -29.00 27.29
N2 NAG ZA . 11.24 -29.31 29.65
O3 NAG ZA . 13.75 -30.68 30.28
O4 NAG ZA . 14.04 -31.64 32.89
O5 NAG ZA . 11.30 -29.23 33.37
O6 NAG ZA . 13.57 -31.35 35.29
O7 NAG ZA . 13.16 -28.94 28.60
C1 NAG AB . -42.01 -4.58 3.50
C2 NAG AB . -42.36 -3.99 4.88
C3 NAG AB . -43.03 -5.08 5.73
C4 NAG AB . -44.29 -5.51 5.00
C5 NAG AB . -43.90 -6.04 3.63
C6 NAG AB . -45.15 -6.45 2.88
C7 NAG AB . -41.23 -2.50 6.38
C8 NAG AB . -39.98 -2.12 7.11
N2 NAG AB . -41.17 -3.53 5.57
O3 NAG AB . -43.35 -4.58 7.03
O4 NAG AB . -44.96 -6.50 5.75
O5 NAG AB . -43.22 -5.03 2.88
O6 NAG AB . -46.15 -6.91 3.77
O7 NAG AB . -42.28 -1.88 6.53
C1 NAG BB . -33.27 -32.98 -17.32
C2 NAG BB . -33.01 -34.51 -17.47
C3 NAG BB . -31.87 -34.71 -18.45
C4 NAG BB . -32.29 -34.08 -19.77
C5 NAG BB . -32.57 -32.59 -19.55
C6 NAG BB . -32.97 -31.95 -20.84
C7 NAG BB . -33.51 -35.81 -15.51
C8 NAG BB . -33.10 -36.23 -14.15
N2 NAG BB . -32.68 -35.05 -16.18
O3 NAG BB . -31.61 -36.09 -18.62
O4 NAG BB . -31.27 -34.22 -20.75
O5 NAG BB . -33.63 -32.41 -18.59
O6 NAG BB . -32.10 -32.37 -21.89
O7 NAG BB . -34.58 -36.16 -16.01
C1 NAG CB . -29.82 -46.28 21.43
C2 NAG CB . -30.84 -47.38 21.02
C3 NAG CB . -31.29 -48.16 22.25
C4 NAG CB . -30.03 -48.80 22.82
C5 NAG CB . -29.04 -47.69 23.19
C6 NAG CB . -27.81 -48.32 23.79
C7 NAG CB . -32.18 -46.78 19.15
C8 NAG CB . -33.37 -46.06 18.66
N2 NAG CB . -31.99 -46.76 20.44
O3 NAG CB . -32.25 -49.16 21.90
O4 NAG CB . -30.34 -49.55 23.98
O5 NAG CB . -28.68 -46.92 22.01
O6 NAG CB . -28.19 -49.39 24.64
O7 NAG CB . -31.41 -47.37 18.38
C1 NAG DB . -28.93 -36.52 43.04
C2 NAG DB . -28.65 -35.27 43.93
C3 NAG DB . -27.71 -35.66 45.07
C4 NAG DB . -28.44 -36.73 45.87
C5 NAG DB . -28.73 -37.92 44.96
C6 NAG DB . -29.43 -38.99 45.75
C7 NAG DB . -28.70 -33.15 42.78
C8 NAG DB . -28.04 -32.22 41.83
N2 NAG DB . -28.04 -34.24 43.11
O3 NAG DB . -27.43 -34.52 45.89
O4 NAG DB . -27.65 -37.17 46.96
O5 NAG DB . -29.57 -37.53 43.84
O6 NAG DB . -28.89 -39.06 47.06
O7 NAG DB . -29.81 -32.91 43.27
C1 NAG EB . -35.50 -42.06 36.49
C2 NAG EB . -36.19 -40.77 37.03
C3 NAG EB . -36.17 -40.83 38.56
C4 NAG EB . -36.92 -42.09 38.99
C5 NAG EB . -36.22 -43.30 38.39
C6 NAG EB . -36.93 -44.57 38.79
C7 NAG EB . -35.85 -38.81 35.65
C8 NAG EB . -34.86 -37.77 35.19
N2 NAG EB . -35.43 -39.62 36.59
O3 NAG EB . -36.80 -39.67 39.10
O4 NAG EB . -36.92 -42.18 40.40
O5 NAG EB . -36.21 -43.22 36.94
O6 NAG EB . -37.06 -44.65 40.20
O7 NAG EB . -36.98 -38.90 35.18
C1 NAG FB . 16.80 -6.52 46.83
C2 NAG FB . 16.93 -7.83 47.66
C3 NAG FB . 15.59 -8.11 48.33
C4 NAG FB . 15.26 -6.91 49.20
C5 NAG FB . 15.19 -5.66 48.32
C6 NAG FB . 14.82 -4.47 49.16
C7 NAG FB . 18.50 -9.43 46.76
C8 NAG FB . 18.77 -10.46 45.71
N2 NAG FB . 17.29 -8.92 46.78
O3 NAG FB . 15.67 -9.30 49.12
O4 NAG FB . 14.01 -7.09 49.85
O5 NAG FB . 16.46 -5.41 47.67
O6 NAG FB . 13.84 -4.85 50.13
O7 NAG FB . 19.37 -9.07 47.56
C1 NAG GB . 16.55 -21.69 42.16
C2 NAG GB . 17.52 -22.74 42.78
C3 NAG GB . 16.75 -23.57 43.79
C4 NAG GB . 16.19 -22.62 44.85
C5 NAG GB . 15.28 -21.61 44.17
C6 NAG GB . 14.69 -20.65 45.18
C7 NAG GB . 19.30 -23.61 41.40
C8 NAG GB . 19.67 -24.45 40.21
N2 NAG GB . 18.03 -23.59 41.73
O3 NAG GB . 17.60 -24.54 44.40
O4 NAG GB . 15.45 -23.36 45.82
O5 NAG GB . 16.02 -20.84 43.19
O6 NAG GB . 14.01 -21.37 46.20
O7 NAG GB . 20.15 -22.97 42.03
C1 NAG HB . 7.93 -2.63 38.56
C2 NAG HB . 6.44 -2.73 38.15
C3 NAG HB . 5.76 -3.77 39.04
C4 NAG HB . 6.49 -5.09 38.81
C5 NAG HB . 7.96 -4.92 39.19
C6 NAG HB . 8.68 -6.22 38.96
C7 NAG HB . 5.46 -0.67 37.33
C8 NAG HB . 4.83 0.64 37.66
N2 NAG HB . 5.80 -1.44 38.34
O3 NAG HB . 4.38 -3.89 38.70
O4 NAG HB . 5.92 -6.13 39.59
O5 NAG HB . 8.57 -3.89 38.40
O6 NAG HB . 7.88 -7.31 39.43
O7 NAG HB . 5.67 -1.01 36.16
C1 NAG IB . 21.25 3.36 39.25
C2 NAG IB . 21.89 3.61 40.65
C3 NAG IB . 21.17 4.77 41.31
C4 NAG IB . 21.28 5.99 40.43
C5 NAG IB . 20.65 5.66 39.09
C6 NAG IB . 20.72 6.88 38.19
C7 NAG IB . 22.63 1.86 42.17
C8 NAG IB . 22.21 0.70 43.02
N2 NAG IB . 21.68 2.44 41.49
O3 NAG IB . 21.74 5.03 42.59
O4 NAG IB . 20.61 7.10 41.02
O5 NAG IB . 21.32 4.56 38.47
O6 NAG IB . 20.33 8.04 38.92
O7 NAG IB . 23.80 2.27 42.12
C1 NAG JB . 23.27 32.45 20.16
C2 NAG JB . 23.47 31.12 20.95
C3 NAG JB . 24.06 31.52 22.31
C4 NAG JB . 25.39 32.23 22.06
C5 NAG JB . 25.12 33.47 21.22
C6 NAG JB . 26.42 34.19 20.94
C7 NAG JB . 22.10 29.21 21.49
C8 NAG JB . 20.74 28.61 21.51
N2 NAG JB . 22.19 30.45 21.10
O3 NAG JB . 24.31 30.37 23.12
O4 NAG JB . 25.97 32.60 23.30
O5 NAG JB . 24.52 33.11 19.96
O6 NAG JB . 27.12 34.45 22.15
O7 NAG JB . 23.10 28.58 21.87
C1 NAG KB . -31.20 24.92 -14.26
C2 NAG KB . -30.53 25.83 -15.33
C3 NAG KB . -30.70 27.29 -14.91
C4 NAG KB . -32.20 27.56 -14.85
C5 NAG KB . -32.82 26.63 -13.81
C6 NAG KB . -34.31 26.87 -13.75
C7 NAG KB . -28.50 25.67 -16.59
C8 NAG KB . -27.03 25.44 -16.63
N2 NAG KB . -29.12 25.54 -15.44
O3 NAG KB . -30.08 28.16 -15.86
O4 NAG KB . -32.42 28.92 -14.47
O5 NAG KB . -32.59 25.26 -14.19
O6 NAG KB . -34.61 28.22 -14.03
O7 NAG KB . -29.13 25.98 -17.61
C1 NAG LB . -41.61 19.06 19.99
C2 NAG LB . -41.75 19.56 21.47
C3 NAG LB . -41.48 18.39 22.40
C4 NAG LB . -42.52 17.32 22.08
C5 NAG LB . -42.37 16.91 20.61
C6 NAG LB . -43.36 15.84 20.28
C7 NAG LB . -41.14 21.86 21.80
C8 NAG LB . -40.05 22.86 21.93
N2 NAG LB . -40.78 20.61 21.68
O3 NAG LB . -41.61 18.80 23.76
O4 NAG LB . -42.34 16.18 22.90
O5 NAG LB . -42.57 18.04 19.74
O6 NAG LB . -43.39 14.86 21.30
O7 NAG LB . -42.32 22.19 21.82
C1 NAG MB . -17.39 52.26 21.40
C2 NAG MB . -18.60 52.97 22.05
C3 NAG MB . -18.32 54.46 22.17
C4 NAG MB . -17.10 54.59 23.07
C5 NAG MB . -15.93 53.85 22.41
C6 NAG MB . -14.71 54.00 23.27
C7 NAG MB . -20.69 51.94 21.54
C8 NAG MB . -21.80 51.81 20.58
N2 NAG MB . -19.75 52.79 21.21
O3 NAG MB . -19.44 55.15 22.74
O4 NAG MB . -16.75 55.95 23.25
O5 NAG MB . -16.25 52.44 22.24
O6 NAG MB . -14.65 55.32 23.79
O7 NAG MB . -20.65 51.31 22.59
C1 NAG NB . -1.96 63.02 6.93
C2 NAG NB . -1.00 62.94 5.70
C3 NAG NB . 0.36 63.51 6.08
C4 NAG NB . 0.11 64.96 6.48
C5 NAG NB . -0.86 65.00 7.66
C6 NAG NB . -1.09 66.44 8.06
C7 NAG NB . -1.40 61.10 4.19
C8 NAG NB . -1.33 59.63 3.94
N2 NAG NB . -0.87 61.55 5.30
O3 NAG NB . 1.26 63.44 4.98
O4 NAG NB . 1.33 65.60 6.84
O5 NAG NB . -2.13 64.39 7.30
O6 NAG NB . 0.12 67.17 7.94
O7 NAG NB . -1.93 61.87 3.38
C1 NAG OB . -11.93 64.02 10.96
C2 NAG OB . -11.94 64.13 9.40
C3 NAG OB . -11.00 65.26 9.02
C4 NAG OB . -11.52 66.54 9.67
C5 NAG OB . -11.53 66.35 11.18
C6 NAG OB . -12.04 67.60 11.86
C7 NAG OB . -12.20 62.00 8.27
C8 NAG OB . -11.56 60.70 7.91
N2 NAG OB . -11.43 62.88 8.86
O3 NAG OB . -10.98 65.41 7.60
O4 NAG OB . -10.67 67.64 9.32
O5 NAG OB . -12.39 65.25 11.55
O6 NAG OB . -11.29 68.73 11.46
O7 NAG OB . -13.38 62.25 8.03
C1 NAG PB . 40.59 29.46 -1.38
C2 NAG PB . 40.99 30.63 -0.45
C3 NAG PB . 40.31 31.90 -0.95
C4 NAG PB . 40.78 32.13 -2.39
C5 NAG PB . 40.38 30.92 -3.23
C6 NAG PB . 40.80 31.15 -4.65
C7 NAG PB . 41.41 29.99 1.84
C8 NAG PB . 40.82 29.59 3.15
N2 NAG PB . 40.57 30.34 0.90
O3 NAG PB . 40.67 33.02 -0.14
O4 NAG PB . 40.18 33.30 -2.94
O5 NAG PB . 41.01 29.70 -2.73
O6 NAG PB . 40.57 32.50 -5.01
O7 NAG PB . 42.63 29.99 1.65
C1 NAG QB . 35.15 33.44 12.98
C2 NAG QB . 36.12 33.92 14.10
C3 NAG QB . 36.00 35.44 14.21
C4 NAG QB . 36.37 36.03 12.85
C5 NAG QB . 35.40 35.48 11.80
C6 NAG QB . 35.72 36.04 10.44
C7 NAG QB . 36.51 32.47 16.00
C8 NAG QB . 35.95 31.83 17.22
N2 NAG QB . 35.74 33.32 15.36
O3 NAG QB . 36.88 35.94 15.22
O4 NAG QB . 36.26 37.45 12.90
O5 NAG QB . 35.50 34.03 11.73
O6 NAG QB . 35.70 37.46 10.47
O7 NAG QB . 37.66 32.22 15.61
C1 NAG RB . 29.28 25.78 -5.92
C2 NAG RB . 27.86 26.24 -6.33
C3 NAG RB . 27.71 27.72 -5.96
C4 NAG RB . 27.92 27.83 -4.46
C5 NAG RB . 29.32 27.33 -4.13
C6 NAG RB . 29.53 27.44 -2.63
C7 NAG RB . 26.92 25.12 -8.26
C8 NAG RB . 26.83 25.04 -9.75
N2 NAG RB . 27.67 26.07 -7.75
O3 NAG RB . 26.40 28.19 -6.32
O4 NAG RB . 27.79 29.18 -4.03
O5 NAG RB . 29.48 25.96 -4.52
O6 NAG RB . 29.04 28.68 -2.15
O7 NAG RB . 26.31 24.32 -7.54
C1 NAG SB . 40.98 17.03 -5.85
C2 NAG SB . 42.38 17.63 -6.20
C3 NAG SB . 42.40 17.91 -7.71
C4 NAG SB . 42.14 16.60 -8.46
C5 NAG SB . 40.78 16.09 -8.04
C6 NAG SB . 40.48 14.82 -8.79
C7 NAG SB . 43.59 19.22 -4.86
C8 NAG SB . 43.61 20.60 -4.28
N2 NAG SB . 42.54 18.90 -5.54
O3 NAG SB . 43.67 18.45 -8.09
O4 NAG SB . 42.16 16.84 -9.86
O5 NAG SB . 40.75 15.84 -6.61
O6 NAG SB . 40.80 14.98 -10.16
O7 NAG SB . 44.54 18.43 -4.71
C1 NAG TB . 35.49 -11.93 -24.47
C2 NAG TB . 35.92 -10.80 -23.47
C3 NAG TB . 37.27 -10.28 -23.98
C4 NAG TB . 38.26 -11.45 -23.97
C5 NAG TB . 37.75 -12.52 -24.90
C6 NAG TB . 38.69 -13.70 -24.92
C7 NAG TB . 34.89 -8.83 -22.54
C8 NAG TB . 33.74 -7.88 -22.58
N2 NAG TB . 34.92 -9.77 -23.46
O3 NAG TB . 37.78 -9.25 -23.13
O4 NAG TB . 39.53 -10.99 -24.43
O5 NAG TB . 36.45 -12.99 -24.47
O6 NAG TB . 40.02 -13.27 -25.22
O7 NAG TB . 35.79 -8.73 -21.70
C1 NAG UB . -28.99 -7.46 -30.04
C2 NAG UB . -28.97 -9.01 -30.24
C3 NAG UB . -28.62 -9.31 -31.69
C4 NAG UB . -29.70 -8.68 -32.56
C5 NAG UB . -29.69 -7.17 -32.31
C6 NAG UB . -30.78 -6.53 -33.14
C7 NAG UB . -28.19 -10.83 -28.89
C8 NAG UB . -27.11 -11.45 -28.08
N2 NAG UB . -27.99 -9.63 -29.38
O3 NAG UB . -28.58 -10.73 -31.91
O4 NAG UB . -29.42 -8.95 -33.93
O5 NAG UB . -29.96 -6.90 -30.92
O6 NAG UB . -30.96 -7.23 -34.36
O7 NAG UB . -29.25 -11.42 -29.11
C1 NAG VB . -17.08 25.52 -39.40
C2 NAG VB . -16.21 26.41 -40.31
C3 NAG VB . -15.63 27.54 -39.47
C4 NAG VB . -16.79 28.31 -38.88
C5 NAG VB . -17.63 27.36 -38.03
C6 NAG VB . -18.78 28.10 -37.42
C7 NAG VB . -15.17 25.27 -42.16
C8 NAG VB . -14.09 24.36 -42.62
N2 NAG VB . -15.15 25.62 -40.88
O3 NAG VB . -14.83 28.40 -40.28
O4 NAG VB . -16.33 29.38 -38.07
O5 NAG VB . -18.15 26.27 -38.83
O6 NAG VB . -18.33 29.35 -36.88
O7 NAG VB . -16.03 25.69 -42.92
C1 NAG WB . 7.83 -1.01 -58.55
C2 NAG WB . 7.39 -0.29 -59.86
C3 NAG WB . 7.92 -1.05 -61.07
C4 NAG WB . 9.44 -1.04 -60.94
C5 NAG WB . 9.82 -1.73 -59.63
C6 NAG WB . 11.32 -1.75 -59.52
C7 NAG WB . 5.29 0.83 -59.68
C8 NAG WB . 3.83 0.72 -59.73
N2 NAG WB . 5.96 -0.27 -59.92
O3 NAG WB . 7.51 -0.42 -62.29
O4 NAG WB . 10.04 -1.72 -62.03
O5 NAG WB . 9.25 -1.02 -58.50
O6 NAG WB . 11.89 -2.03 -60.79
O7 NAG WB . 5.88 1.89 -59.42
C1 NAG XB . 12.67 -24.20 -57.25
C2 NAG XB . 12.65 -25.51 -56.41
C3 NAG XB . 14.03 -26.17 -56.47
C4 NAG XB . 14.31 -26.46 -57.94
C5 NAG XB . 14.28 -25.14 -58.72
C6 NAG XB . 14.57 -25.43 -60.18
C7 NAG XB . 11.13 -25.57 -54.55
C8 NAG XB . 10.80 -25.07 -53.19
N2 NAG XB . 12.29 -25.21 -55.05
O3 NAG XB . 14.04 -27.38 -55.71
O4 NAG XB . 15.58 -27.08 -58.10
O5 NAG XB . 12.98 -24.51 -58.62
O6 NAG XB . 15.56 -26.45 -60.28
O7 NAG XB . 10.34 -26.27 -55.19
C1 NAG YB . 7.55 -16.93 -63.38
C2 NAG YB . 6.61 -18.12 -63.01
C3 NAG YB . 7.28 -19.41 -63.50
C4 NAG YB . 7.48 -19.30 -65.01
C5 NAG YB . 8.36 -18.08 -65.30
C6 NAG YB . 8.59 -17.93 -66.78
C7 NAG YB . 5.38 -17.82 -60.95
C8 NAG YB . 5.45 -17.76 -59.46
N2 NAG YB . 6.47 -18.18 -61.58
O3 NAG YB . 6.45 -20.53 -63.19
O4 NAG YB . 8.10 -20.48 -65.50
O5 NAG YB . 7.74 -16.87 -64.80
O6 NAG YB . 9.10 -19.14 -67.34
O7 NAG YB . 4.35 -17.54 -61.57
C1 NAG ZB . 35.32 -34.62 -8.42
C2 NAG ZB . 36.39 -34.70 -9.54
C3 NAG ZB . 35.76 -35.36 -10.77
C4 NAG ZB . 35.27 -36.74 -10.35
C5 NAG ZB . 34.27 -36.59 -9.22
C6 NAG ZB . 33.75 -37.94 -8.82
C7 NAG ZB . 38.01 -32.90 -9.50
C8 NAG ZB . 38.28 -31.48 -9.79
N2 NAG ZB . 36.84 -33.37 -9.86
O3 NAG ZB . 36.71 -35.46 -11.83
O4 NAG ZB . 34.66 -37.40 -11.45
O5 NAG ZB . 34.86 -35.93 -8.06
O6 NAG ZB . 33.57 -38.75 -9.98
O7 NAG ZB . 38.84 -33.64 -8.94
C1 NAG AC . 40.49 -23.37 -18.33
C2 NAG AC . 42.00 -23.25 -18.69
C3 NAG AC . 42.22 -23.84 -20.09
C4 NAG AC . 41.77 -25.30 -20.04
C5 NAG AC . 40.29 -25.34 -19.64
C6 NAG AC . 39.80 -26.76 -19.59
C7 NAG AC . 43.24 -21.35 -17.84
C8 NAG AC . 43.44 -19.87 -17.88
N2 NAG AC . 42.38 -21.85 -18.70
O3 NAG AC . 43.60 -23.76 -20.45
O4 NAG AC . 41.94 -25.89 -21.31
O5 NAG AC . 40.09 -24.74 -18.33
O6 NAG AC . 40.02 -27.41 -20.84
O7 NAG AC . 43.85 -22.07 -17.04
C1 NAG BC . 23.19 -30.76 -8.52
C2 NAG BC . 21.90 -30.60 -9.39
C3 NAG BC . 22.25 -30.97 -10.82
C4 NAG BC . 23.35 -30.02 -11.28
C5 NAG BC . 24.56 -30.21 -10.38
C6 NAG BC . 25.65 -29.27 -10.83
C7 NAG BC . 19.83 -31.03 -8.23
C8 NAG BC . 18.84 -32.04 -7.75
N2 NAG BC . 20.87 -31.48 -8.89
O3 NAG BC . 21.09 -30.84 -11.66
O4 NAG BC . 23.73 -30.29 -12.63
O5 NAG BC . 24.22 -29.92 -9.01
O6 NAG BC . 25.75 -29.28 -12.25
O7 NAG BC . 19.67 -29.83 -8.00
C1 NAG CC . 30.93 -32.13 3.80
C2 NAG CC . 31.89 -33.35 3.96
C3 NAG CC . 31.03 -34.60 4.17
C4 NAG CC . 30.18 -34.40 5.40
C5 NAG CC . 29.29 -33.19 5.17
C6 NAG CC . 28.40 -32.99 6.37
C7 NAG CC . 33.91 -33.71 2.67
C8 NAG CC . 34.50 -33.96 1.32
N2 NAG CC . 32.62 -33.54 2.73
O3 NAG CC . 31.88 -35.74 4.34
O4 NAG CC . 29.37 -35.55 5.63
O5 NAG CC . 30.09 -32.01 4.96
O6 NAG CC . 27.84 -34.24 6.77
O7 NAG CC . 34.61 -33.68 3.70
#